data_1EKZ
#
_entry.id   1EKZ
#
_cell.length_a   1.000
_cell.length_b   1.000
_cell.length_c   1.000
_cell.angle_alpha   90.00
_cell.angle_beta   90.00
_cell.angle_gamma   90.00
#
_symmetry.space_group_name_H-M   'P 1'
#
loop_
_entity.id
_entity.type
_entity.pdbx_description
1 polymer 'STAUFEN DOUBLE-STRANDED RNA BINDING DOMAIN'
2 polymer 'MATERNAL EFFECT PROTEIN (STAUFEN)'
#
loop_
_entity_poly.entity_id
_entity_poly.type
_entity_poly.pdbx_seq_one_letter_code
_entity_poly.pdbx_strand_id
1 'polyribonucleotide' GGACAGCUGUCCCUUCGGGGACAGCUGUCC B
2 'polypeptide(L)' MDEGDKKSPISQVHEIGIKRNMTVHFKVLREEGPAHMKNFITACIVGSIVTEGEGNGKKVSKKRAAEKMLVELQKL A
#
# COMPACT_ATOMS: atom_id res chain seq x y z
N MET B 1 -4.60 3.46 21.99
CA MET B 1 -4.37 2.56 23.16
C MET B 1 -2.98 1.95 23.03
N ASP B 2 -2.00 2.51 23.71
CA ASP B 2 -0.62 1.98 23.58
C ASP B 2 0.07 1.93 24.94
N GLU B 3 1.38 1.82 24.94
CA GLU B 3 2.15 1.75 26.21
C GLU B 3 2.76 3.13 26.52
N GLY B 4 3.62 3.63 25.66
CA GLY B 4 4.26 4.97 25.91
C GLY B 4 5.73 4.78 26.27
N ASP B 5 6.63 5.07 25.36
CA ASP B 5 8.07 4.88 25.66
C ASP B 5 8.76 6.24 25.93
N LYS B 6 9.12 6.98 24.92
CA LYS B 6 9.79 8.31 25.12
C LYS B 6 9.68 9.15 23.84
N LYS B 7 10.21 8.66 22.74
CA LYS B 7 10.14 9.43 21.46
C LYS B 7 10.73 8.57 20.30
N SER B 8 11.14 9.19 19.23
CA SER B 8 11.72 8.41 18.09
C SER B 8 13.20 8.13 18.36
N PRO B 9 13.61 6.91 18.15
CA PRO B 9 15.02 6.49 18.34
C PRO B 9 15.89 6.97 17.18
N ILE B 10 15.36 6.95 15.97
CA ILE B 10 16.15 7.41 14.78
C ILE B 10 16.86 8.74 15.09
N SER B 11 16.14 9.71 15.61
CA SER B 11 16.78 11.01 15.94
C SER B 11 17.97 10.79 16.89
N GLN B 12 17.74 10.19 18.03
CA GLN B 12 18.86 9.95 18.98
C GLN B 12 19.95 9.09 18.32
N VAL B 13 19.59 8.14 17.51
CA VAL B 13 20.65 7.31 16.85
C VAL B 13 21.52 8.23 16.00
N HIS B 14 20.92 9.12 15.25
CA HIS B 14 21.71 10.07 14.43
C HIS B 14 22.47 11.03 15.38
N GLU B 15 21.78 11.54 16.37
CA GLU B 15 22.43 12.46 17.35
C GLU B 15 23.67 11.77 17.96
N ILE B 16 23.52 10.56 18.45
CA ILE B 16 24.69 9.85 19.05
C ILE B 16 25.66 9.43 17.94
N GLY B 17 25.14 8.98 16.81
CA GLY B 17 26.02 8.58 15.68
C GLY B 17 26.93 9.75 15.30
N ILE B 18 26.39 10.93 15.25
CA ILE B 18 27.22 12.14 14.90
C ILE B 18 28.04 12.56 16.12
N LYS B 19 27.42 12.69 17.27
CA LYS B 19 28.16 13.09 18.50
C LYS B 19 29.35 12.14 18.78
N ARG B 20 29.21 10.89 18.43
CA ARG B 20 30.32 9.91 18.67
C ARG B 20 31.13 9.72 17.37
N ASN B 21 30.61 8.94 16.45
CA ASN B 21 31.30 8.68 15.14
C ASN B 21 30.66 7.43 14.52
N MET B 22 29.39 7.47 14.22
CA MET B 22 28.72 6.26 13.66
C MET B 22 27.80 6.65 12.49
N THR B 23 27.96 6.01 11.36
CA THR B 23 27.07 6.32 10.19
C THR B 23 25.70 5.69 10.45
N VAL B 24 24.74 6.48 10.84
CA VAL B 24 23.38 5.94 11.12
C VAL B 24 22.60 5.75 9.81
N HIS B 25 22.43 4.53 9.36
CA HIS B 25 21.69 4.30 8.09
C HIS B 25 20.63 3.21 8.30
N PHE B 26 19.40 3.49 7.95
CA PHE B 26 18.32 2.46 8.11
C PHE B 26 17.86 1.99 6.74
N LYS B 27 17.57 0.72 6.60
CA LYS B 27 17.13 0.20 5.26
C LYS B 27 16.22 -1.04 5.44
N VAL B 28 15.67 -1.54 4.36
CA VAL B 28 14.80 -2.75 4.45
C VAL B 28 15.34 -3.81 3.48
N LEU B 29 15.22 -5.06 3.82
CA LEU B 29 15.76 -6.14 2.92
C LEU B 29 14.63 -6.76 2.09
N ARG B 30 13.41 -6.70 2.56
CA ARG B 30 12.29 -7.31 1.77
C ARG B 30 11.07 -6.39 1.79
N GLU B 31 10.24 -6.49 0.78
CA GLU B 31 9.00 -5.65 0.70
C GLU B 31 9.38 -4.15 0.80
N GLU B 32 8.51 -3.33 1.33
CA GLU B 32 8.82 -1.86 1.45
C GLU B 32 8.92 -1.21 0.05
N GLY B 33 9.55 -0.06 -0.06
CA GLY B 33 9.69 0.64 -1.37
C GLY B 33 9.08 2.05 -1.30
N PRO B 34 8.55 2.50 -2.42
CA PRO B 34 7.92 3.83 -2.52
C PRO B 34 6.51 3.82 -1.89
N ALA B 35 5.50 3.47 -2.65
CA ALA B 35 4.12 3.42 -2.08
C ALA B 35 4.03 2.25 -1.08
N HIS B 36 4.52 2.44 0.11
CA HIS B 36 4.48 1.34 1.12
C HIS B 36 4.57 1.91 2.55
N MET B 37 4.80 1.05 3.52
CA MET B 37 4.91 1.51 4.93
C MET B 37 6.16 0.89 5.54
N LYS B 38 7.26 1.60 5.46
CA LYS B 38 8.57 1.12 6.00
C LYS B 38 8.37 0.19 7.20
N ASN B 39 8.42 -1.10 6.98
CA ASN B 39 8.22 -2.09 8.09
C ASN B 39 8.65 -3.49 7.62
N PHE B 40 8.08 -4.53 8.19
CA PHE B 40 8.42 -5.93 7.78
C PHE B 40 9.86 -6.30 8.20
N ILE B 41 10.84 -5.97 7.40
CA ILE B 41 12.25 -6.32 7.77
C ILE B 41 13.10 -5.04 7.73
N THR B 42 12.94 -4.18 8.71
CA THR B 42 13.74 -2.93 8.73
C THR B 42 15.09 -3.18 9.44
N ALA B 43 16.16 -3.02 8.73
CA ALA B 43 17.51 -3.25 9.35
C ALA B 43 18.22 -1.90 9.50
N CYS B 44 19.10 -1.79 10.48
CA CYS B 44 19.83 -0.51 10.70
C CYS B 44 21.33 -0.79 10.73
N ILE B 45 22.10 0.00 10.03
CA ILE B 45 23.58 -0.22 10.05
C ILE B 45 24.26 0.97 10.74
N VAL B 46 25.30 0.72 11.47
CA VAL B 46 26.01 1.83 12.18
C VAL B 46 27.53 1.62 12.06
N GLY B 47 28.30 2.68 12.15
CA GLY B 47 29.79 2.57 12.03
C GLY B 47 30.37 1.71 13.16
N SER B 48 30.00 0.46 13.20
CA SER B 48 30.51 -0.46 14.27
C SER B 48 29.82 -1.82 14.17
N ILE B 49 28.54 -1.82 13.87
CA ILE B 49 27.79 -3.12 13.76
C ILE B 49 26.50 -2.91 12.96
N VAL B 50 25.72 -3.96 12.81
CA VAL B 50 24.43 -3.84 12.05
C VAL B 50 23.30 -4.38 12.94
N THR B 51 22.07 -4.00 12.69
CA THR B 51 20.94 -4.49 13.54
C THR B 51 19.71 -4.80 12.69
N GLU B 52 19.35 -6.05 12.58
CA GLU B 52 18.14 -6.42 11.79
C GLU B 52 16.90 -6.29 12.69
N GLY B 53 15.78 -5.91 12.14
CA GLY B 53 14.55 -5.77 12.98
C GLY B 53 13.30 -6.17 12.18
N GLU B 54 12.86 -7.39 12.32
CA GLU B 54 11.65 -7.85 11.57
C GLU B 54 10.38 -7.22 12.20
N GLY B 55 10.27 -5.93 12.15
CA GLY B 55 9.06 -5.25 12.73
C GLY B 55 7.83 -5.55 11.86
N ASN B 56 6.81 -6.12 12.44
CA ASN B 56 5.58 -6.44 11.66
C ASN B 56 4.39 -5.66 12.22
N GLY B 57 4.35 -4.37 12.01
CA GLY B 57 3.22 -3.54 12.54
C GLY B 57 3.66 -2.08 12.66
N LYS B 58 2.73 -1.16 12.61
CA LYS B 58 3.06 0.30 12.73
C LYS B 58 3.83 0.61 14.04
N LYS B 59 3.84 -0.29 14.99
CA LYS B 59 4.57 -0.03 16.27
C LYS B 59 5.95 -0.69 16.27
N VAL B 60 6.25 -1.50 15.28
CA VAL B 60 7.59 -2.17 15.23
C VAL B 60 8.24 -1.88 13.86
N SER B 61 9.50 -2.19 13.70
CA SER B 61 10.20 -1.93 12.41
C SER B 61 10.55 -0.45 12.33
N LYS B 62 11.81 -0.17 12.23
CA LYS B 62 12.31 1.24 12.21
C LYS B 62 12.43 1.68 13.66
N LYS B 63 11.34 1.70 14.39
CA LYS B 63 11.42 2.08 15.84
C LYS B 63 12.07 0.91 16.57
N ARG B 64 11.50 -0.26 16.48
CA ARG B 64 12.07 -1.46 17.16
C ARG B 64 13.50 -1.72 16.64
N ALA B 65 13.71 -1.62 15.35
CA ALA B 65 15.07 -1.86 14.79
C ALA B 65 16.06 -0.81 15.33
N ALA B 66 15.77 0.45 15.13
CA ALA B 66 16.68 1.53 15.63
C ALA B 66 16.81 1.43 17.16
N GLU B 67 15.72 1.16 17.84
CA GLU B 67 15.78 1.04 19.33
C GLU B 67 16.82 -0.01 19.73
N LYS B 68 16.79 -1.16 19.10
CA LYS B 68 17.79 -2.21 19.43
C LYS B 68 19.19 -1.64 19.16
N MET B 69 19.37 -0.99 18.04
CA MET B 69 20.70 -0.38 17.75
C MET B 69 21.06 0.59 18.88
N LEU B 70 20.08 1.30 19.40
CA LEU B 70 20.33 2.25 20.52
C LEU B 70 20.65 1.47 21.81
N VAL B 71 19.76 0.59 22.23
CA VAL B 71 20.00 -0.19 23.49
C VAL B 71 21.32 -0.99 23.39
N GLU B 72 21.71 -1.39 22.20
CA GLU B 72 23.00 -2.14 22.07
C GLU B 72 24.15 -1.14 21.96
N LEU B 73 24.04 -0.16 21.08
CA LEU B 73 25.13 0.87 20.95
C LEU B 73 25.32 1.61 22.30
N GLN B 74 24.28 1.72 23.09
CA GLN B 74 24.43 2.41 24.41
C GLN B 74 25.31 1.54 25.35
N LYS B 75 25.60 0.32 24.96
CA LYS B 75 26.44 -0.59 25.80
C LYS B 75 27.90 -0.55 25.32
N LEU B 76 28.11 -0.34 24.04
CA LEU B 76 29.49 -0.30 23.48
C LEU B 76 29.78 1.11 22.90
N MET B 1 -29.89 4.30 17.34
CA MET B 1 -29.08 5.52 17.06
C MET B 1 -28.19 5.29 15.83
N ASP B 2 -27.08 4.60 16.00
CA ASP B 2 -26.16 4.36 14.85
C ASP B 2 -26.05 2.86 14.57
N GLU B 3 -27.16 2.21 14.36
CA GLU B 3 -27.15 0.75 14.08
C GLU B 3 -27.00 0.51 12.57
N GLY B 4 -26.25 1.34 11.87
CA GLY B 4 -26.08 1.14 10.41
C GLY B 4 -25.05 2.13 9.84
N ASP B 5 -23.95 1.60 9.37
CA ASP B 5 -22.88 2.48 8.78
C ASP B 5 -22.09 1.69 7.72
N LYS B 6 -21.13 0.91 8.14
CA LYS B 6 -20.32 0.10 7.17
C LYS B 6 -20.06 -1.29 7.77
N LYS B 7 -20.32 -2.34 7.03
CA LYS B 7 -20.08 -3.72 7.56
C LYS B 7 -18.57 -4.03 7.60
N SER B 8 -17.80 -3.18 8.25
CA SER B 8 -16.31 -3.39 8.36
C SER B 8 -15.69 -2.15 9.01
N PRO B 9 -15.71 -2.12 10.32
CA PRO B 9 -15.17 -0.98 11.09
C PRO B 9 -13.63 -0.96 11.10
N ILE B 10 -13.01 -1.02 9.94
CA ILE B 10 -11.52 -0.97 9.87
C ILE B 10 -11.05 0.44 10.25
N SER B 11 -11.58 1.44 9.61
CA SER B 11 -11.19 2.84 9.95
C SER B 11 -11.56 3.11 11.42
N GLN B 12 -12.79 2.85 11.78
CA GLN B 12 -13.23 3.09 13.19
C GLN B 12 -12.29 2.39 14.20
N VAL B 13 -11.89 1.15 13.94
CA VAL B 13 -10.96 0.47 14.90
C VAL B 13 -9.64 1.24 14.94
N HIS B 14 -9.18 1.69 13.81
CA HIS B 14 -7.93 2.48 13.77
C HIS B 14 -8.19 3.82 14.49
N GLU B 15 -9.38 4.35 14.33
CA GLU B 15 -9.75 5.64 14.99
C GLU B 15 -9.79 5.46 16.51
N ILE B 16 -10.64 4.58 17.00
CA ILE B 16 -10.76 4.38 18.48
C ILE B 16 -9.39 4.03 19.09
N GLY B 17 -8.55 3.34 18.37
CA GLY B 17 -7.20 2.99 18.92
C GLY B 17 -6.34 4.26 19.04
N ILE B 18 -6.28 5.05 18.00
CA ILE B 18 -5.47 6.30 18.01
C ILE B 18 -6.21 7.42 18.77
N LYS B 19 -7.51 7.50 18.65
CA LYS B 19 -8.29 8.57 19.37
C LYS B 19 -8.11 8.44 20.89
N ARG B 20 -7.70 7.29 21.38
CA ARG B 20 -7.52 7.13 22.85
C ARG B 20 -6.05 6.81 23.17
N ASN B 21 -5.62 5.60 22.94
CA ASN B 21 -4.19 5.22 23.21
C ASN B 21 -4.03 3.70 23.04
N MET B 22 -4.26 3.18 21.86
CA MET B 22 -4.11 1.70 21.66
C MET B 22 -3.46 1.40 20.30
N THR B 23 -2.30 0.79 20.32
CA THR B 23 -1.60 0.46 19.03
C THR B 23 -2.41 -0.59 18.28
N VAL B 24 -3.15 -0.18 17.28
CA VAL B 24 -3.97 -1.16 16.50
C VAL B 24 -3.22 -1.59 15.23
N HIS B 25 -2.78 -2.81 15.17
CA HIS B 25 -2.04 -3.28 13.95
C HIS B 25 -2.61 -4.63 13.49
N PHE B 26 -3.01 -4.72 12.25
CA PHE B 26 -3.57 -5.99 11.71
C PHE B 26 -2.60 -6.59 10.67
N LYS B 27 -2.17 -7.81 10.86
CA LYS B 27 -1.22 -8.42 9.88
C LYS B 27 -1.46 -9.94 9.75
N VAL B 28 -1.54 -10.43 8.54
CA VAL B 28 -1.75 -11.90 8.34
C VAL B 28 -0.43 -12.65 8.61
N LEU B 29 -0.51 -13.87 9.07
CA LEU B 29 0.73 -14.65 9.35
C LEU B 29 1.03 -15.60 8.18
N ARG B 30 0.15 -16.53 7.94
CA ARG B 30 0.37 -17.49 6.81
C ARG B 30 -0.95 -18.20 6.46
N GLU B 31 -1.15 -18.50 5.20
CA GLU B 31 -2.40 -19.18 4.76
C GLU B 31 -2.30 -20.70 4.94
N GLU B 32 -3.42 -21.38 4.97
CA GLU B 32 -3.41 -22.86 5.15
C GLU B 32 -3.15 -23.56 3.81
N GLY B 33 -1.98 -23.37 3.25
CA GLY B 33 -1.65 -24.02 1.94
C GLY B 33 -0.73 -23.10 1.12
N PRO B 34 -0.78 -23.24 -0.19
CA PRO B 34 0.04 -22.42 -1.11
C PRO B 34 -0.55 -21.01 -1.31
N ALA B 35 -1.82 -20.82 -1.01
CA ALA B 35 -2.45 -19.47 -1.18
C ALA B 35 -3.77 -19.41 -0.39
N HIS B 36 -4.43 -18.27 -0.44
CA HIS B 36 -5.74 -18.08 0.29
C HIS B 36 -6.53 -19.39 0.38
N MET B 37 -7.08 -19.83 -0.72
CA MET B 37 -7.89 -21.09 -0.73
C MET B 37 -9.18 -20.86 0.05
N LYS B 38 -9.08 -20.67 1.34
CA LYS B 38 -10.29 -20.44 2.18
C LYS B 38 -9.93 -19.83 3.55
N ASN B 39 -9.22 -20.56 4.38
CA ASN B 39 -8.89 -20.05 5.75
C ASN B 39 -7.68 -19.10 5.76
N PHE B 40 -7.81 -17.99 6.44
CA PHE B 40 -6.69 -17.00 6.54
C PHE B 40 -6.52 -16.53 8.00
N ILE B 41 -5.41 -16.84 8.60
CA ILE B 41 -5.17 -16.40 10.02
C ILE B 41 -4.65 -14.95 10.04
N THR B 42 -5.50 -14.01 10.34
CA THR B 42 -5.06 -12.59 10.38
C THR B 42 -4.72 -12.21 11.83
N ALA B 43 -3.49 -11.87 12.10
CA ALA B 43 -3.10 -11.50 13.49
C ALA B 43 -3.51 -10.04 13.78
N CYS B 44 -3.94 -9.77 14.98
CA CYS B 44 -4.37 -8.38 15.32
C CYS B 44 -3.73 -7.95 16.64
N ILE B 45 -2.95 -6.91 16.62
CA ILE B 45 -2.29 -6.45 17.88
C ILE B 45 -2.90 -5.12 18.34
N VAL B 46 -3.21 -5.02 19.59
CA VAL B 46 -3.80 -3.77 20.16
C VAL B 46 -2.80 -3.14 21.15
N GLY B 47 -3.23 -2.17 21.92
CA GLY B 47 -2.31 -1.52 22.91
C GLY B 47 -1.88 -2.55 23.97
N SER B 48 -0.76 -3.19 23.76
CA SER B 48 -0.26 -4.21 24.74
C SER B 48 -1.17 -5.45 24.73
N ILE B 49 -1.82 -5.73 23.62
CA ILE B 49 -2.71 -6.93 23.54
C ILE B 49 -2.58 -7.57 22.15
N VAL B 50 -2.79 -8.85 22.05
CA VAL B 50 -2.70 -9.52 20.70
C VAL B 50 -3.96 -10.38 20.51
N THR B 51 -4.37 -10.58 19.29
CA THR B 51 -5.59 -11.39 19.05
C THR B 51 -5.66 -11.79 17.56
N GLU B 52 -5.62 -13.05 17.27
CA GLU B 52 -5.69 -13.51 15.85
C GLU B 52 -7.15 -13.63 15.40
N GLY B 53 -7.38 -13.64 14.11
CA GLY B 53 -8.80 -13.75 13.60
C GLY B 53 -8.88 -14.78 12.48
N GLU B 54 -9.47 -15.91 12.75
CA GLU B 54 -9.61 -16.98 11.72
C GLU B 54 -10.72 -16.60 10.72
N GLY B 55 -10.43 -15.73 9.80
CA GLY B 55 -11.48 -15.33 8.80
C GLY B 55 -11.34 -16.10 7.49
N ASN B 56 -12.27 -15.92 6.59
CA ASN B 56 -12.24 -16.64 5.27
C ASN B 56 -11.31 -15.92 4.27
N GLY B 57 -10.24 -15.32 4.73
CA GLY B 57 -9.29 -14.64 3.78
C GLY B 57 -9.78 -13.26 3.37
N LYS B 58 -9.49 -12.88 2.15
CA LYS B 58 -9.88 -11.52 1.63
C LYS B 58 -11.41 -11.36 1.59
N LYS B 59 -12.02 -11.15 2.72
CA LYS B 59 -13.51 -10.96 2.79
C LYS B 59 -13.96 -11.03 4.26
N VAL B 60 -13.45 -11.97 5.01
CA VAL B 60 -13.86 -12.09 6.44
C VAL B 60 -12.63 -12.00 7.37
N SER B 61 -11.48 -12.48 6.96
CA SER B 61 -10.27 -12.40 7.86
C SER B 61 -10.03 -10.96 8.31
N LYS B 62 -10.12 -10.01 7.41
CA LYS B 62 -9.91 -8.58 7.82
C LYS B 62 -11.11 -8.08 8.64
N LYS B 63 -12.18 -8.84 8.70
CA LYS B 63 -13.38 -8.40 9.49
C LYS B 63 -13.39 -9.15 10.83
N ARG B 64 -13.61 -10.45 10.81
CA ARG B 64 -13.63 -11.26 12.07
C ARG B 64 -12.44 -10.86 12.97
N ALA B 65 -11.29 -10.61 12.39
CA ALA B 65 -10.12 -10.20 13.21
C ALA B 65 -10.40 -8.82 13.86
N ALA B 66 -10.91 -7.90 13.09
CA ALA B 66 -11.23 -6.54 13.64
C ALA B 66 -12.40 -6.66 14.63
N GLU B 67 -13.42 -7.40 14.27
CA GLU B 67 -14.60 -7.59 15.19
C GLU B 67 -14.09 -7.97 16.58
N LYS B 68 -13.26 -8.99 16.65
CA LYS B 68 -12.70 -9.42 17.96
C LYS B 68 -12.00 -8.25 18.65
N MET B 69 -11.09 -7.60 17.98
CA MET B 69 -10.38 -6.44 18.59
C MET B 69 -11.39 -5.36 19.03
N LEU B 70 -12.44 -5.15 18.25
CA LEU B 70 -13.44 -4.12 18.64
C LEU B 70 -14.18 -4.59 19.90
N VAL B 71 -14.67 -5.80 19.93
CA VAL B 71 -15.37 -6.29 21.15
C VAL B 71 -14.36 -6.37 22.31
N GLU B 72 -13.13 -6.73 22.02
CA GLU B 72 -12.09 -6.79 23.10
C GLU B 72 -11.86 -5.36 23.63
N LEU B 73 -11.69 -4.40 22.75
CA LEU B 73 -11.48 -2.98 23.18
C LEU B 73 -12.78 -2.34 23.70
N GLN B 74 -13.91 -2.80 23.24
CA GLN B 74 -15.21 -2.20 23.70
C GLN B 74 -15.64 -2.74 25.07
N LYS B 75 -14.98 -3.76 25.56
CA LYS B 75 -15.35 -4.34 26.89
C LYS B 75 -14.20 -4.19 27.89
N LEU B 76 -13.02 -3.88 27.42
CA LEU B 76 -11.84 -3.76 28.34
C LEU B 76 -12.08 -2.65 29.39
N MET B 1 21.22 0.22 5.49
CA MET B 1 20.85 -1.14 4.98
C MET B 1 20.65 -2.04 6.18
N ASP B 2 19.48 -2.01 6.75
CA ASP B 2 19.21 -2.80 7.97
C ASP B 2 17.75 -3.28 7.97
N GLU B 3 16.82 -2.42 8.29
CA GLU B 3 15.38 -2.84 8.27
C GLU B 3 15.02 -3.33 6.85
N GLY B 4 15.02 -2.44 5.88
CA GLY B 4 14.67 -2.85 4.49
C GLY B 4 13.17 -2.58 4.26
N ASP B 5 12.66 -2.90 3.11
CA ASP B 5 11.21 -2.65 2.87
C ASP B 5 10.36 -3.55 3.78
N LYS B 6 9.40 -2.97 4.45
CA LYS B 6 8.51 -3.76 5.37
C LYS B 6 7.03 -3.57 5.00
N LYS B 7 6.75 -2.72 4.04
CA LYS B 7 5.32 -2.48 3.63
C LYS B 7 5.28 -2.05 2.17
N SER B 8 4.16 -2.22 1.52
CA SER B 8 4.03 -1.82 0.08
C SER B 8 3.20 -0.51 0.00
N PRO B 9 3.88 0.61 -0.04
CA PRO B 9 3.23 1.93 -0.10
C PRO B 9 2.71 2.24 -1.51
N ILE B 10 1.62 2.96 -1.60
CA ILE B 10 1.05 3.30 -2.95
C ILE B 10 1.84 4.47 -3.56
N SER B 11 2.05 5.54 -2.82
CA SER B 11 2.83 6.71 -3.36
C SER B 11 4.12 6.23 -4.04
N GLN B 12 4.90 5.41 -3.38
CA GLN B 12 6.17 4.92 -4.00
C GLN B 12 5.83 4.18 -5.30
N VAL B 13 4.82 3.34 -5.30
CA VAL B 13 4.44 2.63 -6.57
C VAL B 13 4.10 3.69 -7.62
N HIS B 14 3.36 4.69 -7.25
CA HIS B 14 3.01 5.78 -8.20
C HIS B 14 4.32 6.45 -8.64
N GLU B 15 5.24 6.60 -7.72
CA GLU B 15 6.57 7.22 -8.05
C GLU B 15 7.26 6.40 -9.16
N ILE B 16 7.56 5.14 -8.90
CA ILE B 16 8.23 4.31 -9.96
C ILE B 16 7.36 4.26 -11.23
N GLY B 17 6.06 4.20 -11.08
CA GLY B 17 5.16 4.16 -12.28
C GLY B 17 5.33 5.46 -13.07
N ILE B 18 5.28 6.59 -12.41
CA ILE B 18 5.45 7.90 -13.09
C ILE B 18 6.94 8.10 -13.45
N LYS B 19 7.82 7.65 -12.60
CA LYS B 19 9.28 7.80 -12.87
C LYS B 19 9.69 7.05 -14.14
N ARG B 20 9.07 5.93 -14.42
CA ARG B 20 9.43 5.16 -15.65
C ARG B 20 8.49 5.58 -16.80
N ASN B 21 7.24 5.16 -16.74
CA ASN B 21 6.23 5.51 -17.80
C ASN B 21 5.01 4.58 -17.66
N MET B 22 4.30 4.67 -16.57
CA MET B 22 3.13 3.77 -16.37
C MET B 22 1.92 4.57 -15.87
N THR B 23 0.76 4.24 -16.36
CA THR B 23 -0.49 4.94 -15.93
C THR B 23 -0.72 4.77 -14.43
N VAL B 24 -0.49 3.59 -13.93
CA VAL B 24 -0.70 3.30 -12.46
C VAL B 24 -2.19 3.46 -12.12
N HIS B 25 -3.00 2.52 -12.54
CA HIS B 25 -4.46 2.61 -12.23
C HIS B 25 -4.90 1.39 -11.42
N PHE B 26 -5.37 1.59 -10.22
CA PHE B 26 -5.83 0.46 -9.37
C PHE B 26 -7.33 0.21 -9.58
N LYS B 27 -7.77 -1.01 -9.45
CA LYS B 27 -9.23 -1.29 -9.64
C LYS B 27 -9.62 -2.61 -8.95
N VAL B 28 -10.50 -2.55 -7.99
CA VAL B 28 -10.94 -3.80 -7.29
C VAL B 28 -11.90 -4.57 -8.20
N LEU B 29 -11.68 -5.84 -8.38
CA LEU B 29 -12.59 -6.64 -9.25
C LEU B 29 -13.92 -6.84 -8.51
N ARG B 30 -13.85 -7.26 -7.29
CA ARG B 30 -15.10 -7.48 -6.48
C ARG B 30 -14.74 -8.18 -5.16
N GLU B 31 -15.01 -7.56 -4.05
CA GLU B 31 -14.70 -8.19 -2.74
C GLU B 31 -15.82 -9.20 -2.41
N GLU B 32 -16.16 -9.42 -1.16
CA GLU B 32 -17.23 -10.41 -0.86
C GLU B 32 -18.61 -9.73 -0.93
N GLY B 33 -19.56 -10.44 -1.49
CA GLY B 33 -20.95 -9.89 -1.58
C GLY B 33 -21.71 -10.27 -0.32
N PRO B 34 -21.90 -11.55 -0.11
CA PRO B 34 -22.60 -12.05 1.08
C PRO B 34 -21.60 -12.12 2.25
N ALA B 35 -22.00 -11.78 3.43
CA ALA B 35 -21.05 -11.84 4.59
C ALA B 35 -20.62 -13.30 4.85
N HIS B 36 -19.65 -13.78 4.11
CA HIS B 36 -19.18 -15.19 4.30
C HIS B 36 -17.81 -15.44 3.65
N MET B 37 -17.51 -14.80 2.54
CA MET B 37 -16.19 -15.04 1.87
C MET B 37 -15.29 -13.80 2.02
N LYS B 38 -14.74 -13.61 3.18
CA LYS B 38 -13.84 -12.42 3.44
C LYS B 38 -12.64 -12.41 2.46
N ASN B 39 -12.85 -12.02 1.23
CA ASN B 39 -11.73 -11.96 0.23
C ASN B 39 -11.76 -10.61 -0.49
N PHE B 40 -10.63 -10.09 -0.86
CA PHE B 40 -10.63 -8.77 -1.56
C PHE B 40 -9.71 -8.83 -2.79
N ILE B 41 -10.29 -8.98 -3.95
CA ILE B 41 -9.47 -9.07 -5.21
C ILE B 41 -9.27 -7.66 -5.77
N THR B 42 -8.11 -7.10 -5.56
CA THR B 42 -7.83 -5.72 -6.09
C THR B 42 -6.81 -5.80 -7.21
N ALA B 43 -7.17 -5.42 -8.41
CA ALA B 43 -6.22 -5.49 -9.55
C ALA B 43 -5.60 -4.11 -9.83
N CYS B 44 -4.59 -4.07 -10.65
CA CYS B 44 -3.93 -2.77 -10.99
C CYS B 44 -3.32 -2.84 -12.40
N ILE B 45 -3.24 -1.73 -13.08
CA ILE B 45 -2.65 -1.74 -14.46
C ILE B 45 -1.54 -0.69 -14.56
N VAL B 46 -0.46 -1.01 -15.22
CA VAL B 46 0.66 -0.03 -15.36
C VAL B 46 1.22 -0.07 -16.79
N GLY B 47 0.93 0.94 -17.58
CA GLY B 47 1.44 0.98 -18.99
C GLY B 47 0.68 -0.04 -19.84
N SER B 48 1.25 -1.19 -20.05
CA SER B 48 0.57 -2.24 -20.88
C SER B 48 0.47 -3.56 -20.11
N ILE B 49 0.73 -3.56 -18.82
CA ILE B 49 0.65 -4.83 -18.05
C ILE B 49 -0.35 -4.67 -16.88
N VAL B 50 -1.15 -5.67 -16.63
CA VAL B 50 -2.14 -5.59 -15.51
C VAL B 50 -1.83 -6.69 -14.48
N THR B 51 -2.16 -6.47 -13.24
CA THR B 51 -1.89 -7.51 -12.18
C THR B 51 -3.05 -7.59 -11.19
N GLU B 52 -3.34 -8.76 -10.69
CA GLU B 52 -4.46 -8.93 -9.71
C GLU B 52 -3.88 -9.07 -8.29
N GLY B 53 -4.56 -8.56 -7.30
CA GLY B 53 -4.06 -8.66 -5.89
C GLY B 53 -4.98 -9.56 -5.07
N GLU B 54 -4.48 -10.67 -4.60
CA GLU B 54 -5.31 -11.61 -3.79
C GLU B 54 -5.10 -11.37 -2.30
N GLY B 55 -5.66 -10.30 -1.78
CA GLY B 55 -5.49 -10.01 -0.32
C GLY B 55 -6.72 -10.49 0.47
N ASN B 56 -6.52 -11.35 1.45
CA ASN B 56 -7.69 -11.84 2.26
C ASN B 56 -8.06 -10.79 3.31
N GLY B 57 -8.47 -9.63 2.88
CA GLY B 57 -8.84 -8.55 3.85
C GLY B 57 -8.52 -7.19 3.23
N LYS B 58 -9.21 -6.15 3.66
CA LYS B 58 -8.96 -4.79 3.09
C LYS B 58 -7.46 -4.44 3.15
N LYS B 59 -6.86 -4.52 4.31
CA LYS B 59 -5.40 -4.19 4.43
C LYS B 59 -4.54 -5.11 3.54
N VAL B 60 -4.88 -6.38 3.46
CA VAL B 60 -4.07 -7.32 2.60
C VAL B 60 -4.34 -7.08 1.11
N SER B 61 -5.54 -6.67 0.76
CA SER B 61 -5.89 -6.43 -0.68
C SER B 61 -4.90 -5.45 -1.35
N LYS B 62 -5.04 -4.17 -1.08
CA LYS B 62 -4.13 -3.16 -1.69
C LYS B 62 -2.66 -3.58 -1.49
N LYS B 63 -2.36 -4.23 -0.39
CA LYS B 63 -0.95 -4.68 -0.16
C LYS B 63 -0.61 -5.78 -1.16
N ARG B 64 -1.24 -6.93 -1.06
CA ARG B 64 -0.94 -8.04 -2.03
C ARG B 64 -0.99 -7.51 -3.46
N ALA B 65 -1.93 -6.64 -3.75
CA ALA B 65 -2.02 -6.08 -5.13
C ALA B 65 -0.76 -5.26 -5.45
N ALA B 66 -0.39 -4.36 -4.56
CA ALA B 66 0.83 -3.51 -4.80
C ALA B 66 2.10 -4.38 -4.78
N GLU B 67 2.24 -5.26 -3.84
CA GLU B 67 3.46 -6.14 -3.78
C GLU B 67 3.68 -6.82 -5.14
N LYS B 68 2.67 -7.50 -5.62
CA LYS B 68 2.78 -8.19 -6.95
C LYS B 68 3.24 -7.18 -8.01
N MET B 69 2.66 -6.01 -8.03
CA MET B 69 3.06 -4.98 -9.02
C MET B 69 4.54 -4.60 -8.80
N LEU B 70 4.88 -4.20 -7.61
CA LEU B 70 6.30 -3.82 -7.31
C LEU B 70 7.25 -5.00 -7.61
N VAL B 71 6.92 -6.17 -7.17
CA VAL B 71 7.79 -7.37 -7.40
C VAL B 71 8.13 -7.49 -8.91
N GLU B 72 7.17 -7.27 -9.77
CA GLU B 72 7.46 -7.37 -11.24
C GLU B 72 7.99 -6.03 -11.76
N LEU B 73 7.31 -4.95 -11.45
CA LEU B 73 7.76 -3.60 -11.92
C LEU B 73 9.19 -3.31 -11.46
N GLN B 74 9.63 -3.89 -10.36
CA GLN B 74 11.03 -3.66 -9.89
C GLN B 74 11.97 -4.68 -10.55
N LYS B 75 11.43 -5.73 -11.12
CA LYS B 75 12.28 -6.76 -11.80
C LYS B 75 12.32 -6.50 -13.31
N LEU B 76 11.31 -5.84 -13.83
CA LEU B 76 11.26 -5.57 -15.30
C LEU B 76 11.49 -4.06 -15.58
N MET B 1 -29.43 -2.81 -2.96
CA MET B 1 -28.26 -1.90 -3.10
C MET B 1 -27.54 -1.78 -1.75
N ASP B 2 -26.54 -2.59 -1.52
CA ASP B 2 -25.79 -2.51 -0.22
C ASP B 2 -26.78 -2.78 0.94
N GLU B 3 -27.43 -3.92 0.92
CA GLU B 3 -28.42 -4.27 1.98
C GLU B 3 -27.73 -4.51 3.35
N GLY B 4 -27.06 -3.53 3.89
CA GLY B 4 -26.37 -3.70 5.20
C GLY B 4 -25.26 -2.67 5.37
N ASP B 5 -24.90 -2.36 6.59
CA ASP B 5 -23.82 -1.35 6.81
C ASP B 5 -22.47 -1.94 6.33
N LYS B 6 -21.53 -1.11 5.97
CA LYS B 6 -20.21 -1.65 5.52
C LYS B 6 -19.44 -2.13 6.74
N LYS B 7 -19.94 -3.15 7.39
CA LYS B 7 -19.29 -3.70 8.61
C LYS B 7 -17.78 -3.87 8.40
N SER B 8 -17.00 -2.98 8.95
CA SER B 8 -15.51 -3.07 8.81
C SER B 8 -14.84 -2.27 9.93
N PRO B 9 -14.79 -2.85 11.12
CA PRO B 9 -14.18 -2.19 12.29
C PRO B 9 -12.64 -2.19 12.19
N ILE B 10 -12.11 -1.47 11.24
CA ILE B 10 -10.63 -1.42 11.06
C ILE B 10 -10.18 0.05 11.12
N SER B 11 -10.67 0.86 10.21
CA SER B 11 -10.28 2.31 10.19
C SER B 11 -10.51 2.94 11.57
N GLN B 12 -11.74 3.05 12.00
CA GLN B 12 -12.03 3.64 13.36
C GLN B 12 -11.09 3.03 14.42
N VAL B 13 -10.84 1.74 14.35
CA VAL B 13 -9.92 1.10 15.35
C VAL B 13 -8.51 1.71 15.18
N HIS B 14 -8.04 1.81 13.97
CA HIS B 14 -6.71 2.42 13.73
C HIS B 14 -6.75 3.89 14.16
N GLU B 15 -7.86 4.55 13.91
CA GLU B 15 -8.01 5.98 14.31
C GLU B 15 -7.96 6.10 15.84
N ILE B 16 -8.80 5.39 16.55
CA ILE B 16 -8.77 5.46 18.04
C ILE B 16 -7.44 4.88 18.56
N GLY B 17 -6.91 3.89 17.87
CA GLY B 17 -5.61 3.30 18.32
C GLY B 17 -4.52 4.36 18.18
N ILE B 18 -4.37 4.95 17.02
CA ILE B 18 -3.34 6.01 16.82
C ILE B 18 -3.65 7.20 17.74
N LYS B 19 -4.88 7.65 17.75
CA LYS B 19 -5.26 8.80 18.63
C LYS B 19 -4.95 8.49 20.11
N ARG B 20 -5.15 7.25 20.52
CA ARG B 20 -4.88 6.90 21.95
C ARG B 20 -3.47 6.30 22.10
N ASN B 21 -2.59 6.51 21.15
CA ASN B 21 -1.20 5.94 21.25
C ASN B 21 -1.26 4.41 21.44
N MET B 22 -2.22 3.76 20.84
CA MET B 22 -2.35 2.29 20.98
C MET B 22 -1.89 1.61 19.68
N THR B 23 -0.79 0.91 19.73
CA THR B 23 -0.26 0.22 18.51
C THR B 23 -1.25 -0.86 18.03
N VAL B 24 -2.09 -0.52 17.09
CA VAL B 24 -3.08 -1.52 16.57
C VAL B 24 -2.42 -2.37 15.47
N HIS B 25 -2.13 -3.62 15.76
CA HIS B 25 -1.47 -4.49 14.74
C HIS B 25 -2.22 -5.81 14.59
N PHE B 26 -2.64 -6.15 13.39
CA PHE B 26 -3.37 -7.44 13.17
C PHE B 26 -2.50 -8.37 12.33
N LYS B 27 -2.23 -9.56 12.80
CA LYS B 27 -1.39 -10.50 12.01
C LYS B 27 -1.84 -11.96 12.23
N VAL B 28 -2.33 -12.60 11.21
CA VAL B 28 -2.77 -14.02 11.37
C VAL B 28 -1.54 -14.94 11.32
N LEU B 29 -1.62 -16.10 11.92
CA LEU B 29 -0.47 -17.06 11.91
C LEU B 29 -0.33 -17.62 10.48
N ARG B 30 -1.45 -17.77 9.81
CA ARG B 30 -1.45 -18.31 8.43
C ARG B 30 -1.12 -19.80 8.48
N GLU B 31 -1.98 -20.56 9.11
CA GLU B 31 -1.78 -22.03 9.24
C GLU B 31 -1.89 -22.72 7.88
N GLU B 32 -3.09 -22.87 7.37
CA GLU B 32 -3.28 -23.54 6.05
C GLU B 32 -2.70 -22.66 4.92
N GLY B 33 -2.44 -23.24 3.77
CA GLY B 33 -1.88 -22.44 2.63
C GLY B 33 -1.84 -23.25 1.33
N PRO B 34 -3.00 -23.64 0.84
CA PRO B 34 -3.11 -24.41 -0.42
C PRO B 34 -2.97 -23.46 -1.64
N ALA B 35 -3.68 -22.37 -1.61
CA ALA B 35 -3.61 -21.38 -2.73
C ALA B 35 -3.56 -19.97 -2.12
N HIS B 36 -4.62 -19.54 -1.49
CA HIS B 36 -4.63 -18.20 -0.83
C HIS B 36 -4.45 -18.40 0.68
N MET B 37 -4.13 -17.36 1.42
CA MET B 37 -3.93 -17.52 2.89
C MET B 37 -4.45 -16.29 3.65
N LYS B 38 -5.72 -16.23 3.92
CA LYS B 38 -6.28 -15.05 4.64
C LYS B 38 -7.33 -15.46 5.68
N ASN B 39 -7.00 -16.32 6.61
CA ASN B 39 -8.02 -16.72 7.65
C ASN B 39 -7.36 -17.47 8.82
N PHE B 40 -8.18 -18.02 9.71
CA PHE B 40 -7.69 -18.81 10.89
C PHE B 40 -7.45 -17.92 12.12
N ILE B 41 -6.68 -18.40 13.07
CA ILE B 41 -6.43 -17.62 14.32
C ILE B 41 -5.63 -16.34 14.01
N THR B 42 -6.31 -15.26 13.77
CA THR B 42 -5.61 -13.97 13.50
C THR B 42 -5.11 -13.40 14.83
N ALA B 43 -3.82 -13.23 14.97
CA ALA B 43 -3.28 -12.67 16.24
C ALA B 43 -3.14 -11.14 16.11
N CYS B 44 -3.79 -10.40 16.97
CA CYS B 44 -3.69 -8.91 16.87
C CYS B 44 -3.35 -8.30 18.22
N ILE B 45 -2.74 -7.16 18.21
CA ILE B 45 -2.37 -6.47 19.48
C ILE B 45 -2.73 -4.98 19.38
N VAL B 46 -3.03 -4.36 20.48
CA VAL B 46 -3.39 -2.90 20.46
C VAL B 46 -2.72 -2.20 21.64
N GLY B 47 -1.55 -1.65 21.43
CA GLY B 47 -0.83 -0.95 22.53
C GLY B 47 -0.31 -1.99 23.54
N SER B 48 -1.06 -2.25 24.57
CA SER B 48 -0.61 -3.26 25.60
C SER B 48 -1.61 -4.42 25.71
N ILE B 49 -2.59 -4.49 24.83
CA ILE B 49 -3.58 -5.61 24.89
C ILE B 49 -3.42 -6.53 23.68
N VAL B 50 -3.47 -7.82 23.88
CA VAL B 50 -3.32 -8.76 22.72
C VAL B 50 -4.59 -9.60 22.58
N THR B 51 -4.95 -9.96 21.37
CA THR B 51 -6.18 -10.78 21.16
C THR B 51 -6.03 -11.59 19.86
N GLU B 52 -6.22 -12.87 19.92
CA GLU B 52 -6.10 -13.70 18.69
C GLU B 52 -7.37 -14.53 18.47
N GLY B 53 -7.50 -15.16 17.34
CA GLY B 53 -8.73 -15.98 17.07
C GLY B 53 -9.37 -15.55 15.75
N GLU B 54 -10.10 -14.47 15.75
CA GLU B 54 -10.77 -13.97 14.50
C GLU B 54 -11.83 -15.00 14.03
N GLY B 55 -11.43 -16.00 13.29
CA GLY B 55 -12.43 -17.01 12.81
C GLY B 55 -11.84 -17.86 11.67
N ASN B 56 -12.63 -18.73 11.10
CA ASN B 56 -12.13 -19.60 9.99
C ASN B 56 -13.24 -19.81 8.95
N GLY B 57 -13.41 -18.88 8.04
CA GLY B 57 -14.47 -19.02 7.00
C GLY B 57 -14.51 -17.77 6.11
N LYS B 58 -15.37 -17.75 5.12
CA LYS B 58 -15.46 -16.58 4.20
C LYS B 58 -16.30 -15.44 4.84
N LYS B 59 -16.62 -15.53 6.09
CA LYS B 59 -17.43 -14.45 6.74
C LYS B 59 -16.60 -13.75 7.83
N VAL B 60 -15.29 -13.91 7.80
CA VAL B 60 -14.42 -13.26 8.84
C VAL B 60 -13.04 -12.94 8.22
N SER B 61 -12.10 -12.54 9.05
CA SER B 61 -10.70 -12.22 8.58
C SER B 61 -10.52 -10.71 8.46
N LYS B 62 -9.58 -10.18 9.20
CA LYS B 62 -9.32 -8.70 9.20
C LYS B 62 -10.64 -7.99 9.49
N LYS B 63 -11.34 -8.47 10.48
CA LYS B 63 -12.66 -7.90 10.87
C LYS B 63 -13.16 -8.65 12.09
N ARG B 64 -13.09 -9.94 12.04
CA ARG B 64 -13.53 -10.80 13.18
C ARG B 64 -12.68 -10.48 14.42
N ALA B 65 -11.39 -10.62 14.31
CA ALA B 65 -10.49 -10.32 15.47
C ALA B 65 -10.68 -8.86 15.88
N ALA B 66 -10.78 -7.96 14.93
CA ALA B 66 -10.97 -6.51 15.23
C ALA B 66 -12.27 -6.32 16.05
N GLU B 67 -13.37 -6.85 15.58
CA GLU B 67 -14.66 -6.73 16.34
C GLU B 67 -14.46 -7.29 17.74
N LYS B 68 -13.79 -8.40 17.85
CA LYS B 68 -13.54 -9.02 19.19
C LYS B 68 -12.64 -8.08 20.02
N MET B 69 -11.64 -7.50 19.41
CA MET B 69 -10.74 -6.58 20.16
C MET B 69 -11.52 -5.33 20.59
N LEU B 70 -12.22 -4.71 19.68
CA LEU B 70 -13.01 -3.48 20.02
C LEU B 70 -13.91 -3.77 21.24
N VAL B 71 -14.64 -4.86 21.24
CA VAL B 71 -15.54 -5.19 22.41
C VAL B 71 -14.70 -5.55 23.64
N GLU B 72 -13.45 -5.89 23.47
CA GLU B 72 -12.61 -6.24 24.66
C GLU B 72 -11.90 -4.99 25.19
N LEU B 73 -11.14 -4.31 24.36
CA LEU B 73 -10.42 -3.09 24.83
C LEU B 73 -11.40 -1.97 25.23
N GLN B 74 -12.58 -1.95 24.66
CA GLN B 74 -13.57 -0.89 25.06
C GLN B 74 -14.21 -1.25 26.40
N LYS B 75 -13.71 -2.26 27.07
CA LYS B 75 -14.27 -2.66 28.40
C LYS B 75 -13.29 -2.26 29.53
N LEU B 76 -12.09 -1.83 29.20
CA LEU B 76 -11.10 -1.45 30.25
C LEU B 76 -11.12 0.08 30.46
N MET B 1 -29.53 11.46 -23.61
CA MET B 1 -29.45 12.14 -24.93
C MET B 1 -28.13 12.90 -25.00
N ASP B 2 -27.67 13.25 -26.18
CA ASP B 2 -26.39 14.01 -26.29
C ASP B 2 -25.30 13.28 -25.48
N GLU B 3 -25.18 11.99 -25.68
CA GLU B 3 -24.18 11.18 -24.92
C GLU B 3 -22.77 11.37 -25.50
N GLY B 4 -21.75 11.24 -24.68
CA GLY B 4 -20.35 11.39 -25.17
C GLY B 4 -19.92 10.10 -25.88
N ASP B 5 -18.65 9.77 -25.86
CA ASP B 5 -18.23 8.50 -26.54
C ASP B 5 -18.65 7.29 -25.68
N LYS B 6 -19.80 6.73 -25.97
CA LYS B 6 -20.27 5.55 -25.18
C LYS B 6 -19.47 4.30 -25.54
N LYS B 7 -18.18 4.34 -25.34
CA LYS B 7 -17.31 3.15 -25.66
C LYS B 7 -15.86 3.42 -25.20
N SER B 8 -15.41 2.72 -24.20
CA SER B 8 -14.02 2.91 -23.69
C SER B 8 -13.01 2.68 -24.83
N PRO B 9 -12.30 3.72 -25.21
CA PRO B 9 -11.30 3.64 -26.31
C PRO B 9 -10.07 2.85 -25.85
N ILE B 10 -9.37 3.30 -24.84
CA ILE B 10 -8.16 2.56 -24.35
C ILE B 10 -8.55 1.12 -24.02
N SER B 11 -9.57 0.92 -23.21
CA SER B 11 -10.00 -0.46 -22.87
C SER B 11 -10.27 -1.26 -24.14
N GLN B 12 -11.05 -0.73 -25.06
CA GLN B 12 -11.33 -1.47 -26.32
C GLN B 12 -10.02 -1.88 -27.01
N VAL B 13 -9.07 -1.00 -27.12
CA VAL B 13 -7.77 -1.37 -27.78
C VAL B 13 -7.12 -2.50 -26.99
N HIS B 14 -7.11 -2.41 -25.69
CA HIS B 14 -6.52 -3.50 -24.86
C HIS B 14 -7.36 -4.77 -25.05
N GLU B 15 -8.65 -4.63 -25.09
CA GLU B 15 -9.57 -5.80 -25.28
C GLU B 15 -9.32 -6.46 -26.64
N ILE B 16 -9.34 -5.70 -27.72
CA ILE B 16 -9.10 -6.31 -29.06
C ILE B 16 -7.74 -7.02 -29.10
N GLY B 17 -6.77 -6.52 -28.37
CA GLY B 17 -5.44 -7.17 -28.35
C GLY B 17 -5.49 -8.40 -27.44
N ILE B 18 -6.10 -8.27 -26.29
CA ILE B 18 -6.20 -9.43 -25.33
C ILE B 18 -7.20 -10.47 -25.86
N LYS B 19 -8.32 -10.03 -26.40
CA LYS B 19 -9.34 -11.00 -26.94
C LYS B 19 -8.71 -11.90 -28.00
N ARG B 20 -7.77 -11.39 -28.76
CA ARG B 20 -7.12 -12.22 -29.82
C ARG B 20 -5.80 -12.80 -29.27
N ASN B 21 -4.79 -11.98 -29.13
CA ASN B 21 -3.46 -12.46 -28.59
C ASN B 21 -2.38 -11.40 -28.84
N MET B 22 -2.62 -10.18 -28.43
CA MET B 22 -1.61 -9.10 -28.66
C MET B 22 -1.49 -8.20 -27.42
N THR B 23 -0.30 -8.04 -26.92
CA THR B 23 -0.08 -7.18 -25.71
C THR B 23 -0.35 -5.71 -26.10
N VAL B 24 -1.24 -5.06 -25.39
CA VAL B 24 -1.55 -3.63 -25.71
C VAL B 24 -0.93 -2.71 -24.65
N HIS B 25 -0.07 -1.82 -25.06
CA HIS B 25 0.58 -0.89 -24.07
C HIS B 25 0.54 0.55 -24.59
N PHE B 26 0.01 1.46 -23.82
CA PHE B 26 -0.05 2.90 -24.24
C PHE B 26 0.83 3.75 -23.33
N LYS B 27 1.45 4.79 -23.84
CA LYS B 27 2.32 5.64 -22.99
C LYS B 27 2.66 6.96 -23.70
N VAL B 28 2.82 8.03 -22.97
CA VAL B 28 3.17 9.34 -23.60
C VAL B 28 4.69 9.45 -23.69
N LEU B 29 5.19 10.18 -24.66
CA LEU B 29 6.69 10.30 -24.80
C LEU B 29 7.16 11.63 -24.20
N ARG B 30 6.36 12.66 -24.29
CA ARG B 30 6.79 13.98 -23.72
C ARG B 30 5.58 14.81 -23.26
N GLU B 31 5.37 14.89 -21.97
CA GLU B 31 4.23 15.70 -21.44
C GLU B 31 4.81 16.90 -20.65
N GLU B 32 3.99 17.59 -19.90
CA GLU B 32 4.51 18.76 -19.11
C GLU B 32 5.37 18.27 -17.92
N GLY B 33 5.71 19.16 -17.01
CA GLY B 33 6.55 18.74 -15.84
C GLY B 33 5.73 17.82 -14.91
N PRO B 34 4.79 18.39 -14.20
CA PRO B 34 3.92 17.63 -13.27
C PRO B 34 2.80 16.91 -14.05
N ALA B 35 3.14 16.16 -15.06
CA ALA B 35 2.12 15.43 -15.88
C ALA B 35 1.23 16.45 -16.63
N HIS B 36 0.48 17.25 -15.91
CA HIS B 36 -0.39 18.27 -16.57
C HIS B 36 -1.26 17.61 -17.66
N MET B 37 -2.13 16.71 -17.27
CA MET B 37 -2.99 16.00 -18.27
C MET B 37 -2.10 15.22 -19.26
N LYS B 38 -1.72 14.03 -18.90
CA LYS B 38 -0.83 13.19 -19.77
C LYS B 38 -1.32 13.21 -21.24
N ASN B 39 -0.73 14.03 -22.07
CA ASN B 39 -1.15 14.10 -23.50
C ASN B 39 0.09 14.36 -24.39
N PHE B 40 -0.01 15.26 -25.36
CA PHE B 40 1.15 15.55 -26.25
C PHE B 40 1.53 14.28 -27.05
N ILE B 41 2.78 14.13 -27.44
CA ILE B 41 3.17 12.92 -28.23
C ILE B 41 2.83 11.63 -27.46
N THR B 42 1.83 10.92 -27.92
CA THR B 42 1.43 9.65 -27.24
C THR B 42 1.81 8.46 -28.12
N ALA B 43 2.26 7.39 -27.53
CA ALA B 43 2.65 6.19 -28.34
C ALA B 43 1.90 4.96 -27.84
N CYS B 44 1.71 3.98 -28.68
CA CYS B 44 0.97 2.75 -28.26
C CYS B 44 1.55 1.51 -28.98
N ILE B 45 1.54 0.38 -28.33
CA ILE B 45 2.04 -0.87 -28.97
C ILE B 45 0.99 -1.96 -28.84
N VAL B 46 0.85 -2.79 -29.86
CA VAL B 46 -0.16 -3.88 -29.80
C VAL B 46 0.43 -5.17 -30.39
N GLY B 47 0.70 -6.13 -29.55
CA GLY B 47 1.29 -7.43 -30.02
C GLY B 47 2.64 -7.19 -30.69
N SER B 48 2.64 -7.01 -32.00
CA SER B 48 3.92 -6.76 -32.72
C SER B 48 3.82 -5.49 -33.57
N ILE B 49 2.90 -4.60 -33.25
CA ILE B 49 2.77 -3.34 -34.05
C ILE B 49 2.83 -2.14 -33.10
N VAL B 50 3.66 -1.17 -33.41
CA VAL B 50 3.76 0.04 -32.54
C VAL B 50 3.23 1.25 -33.32
N THR B 51 2.70 2.23 -32.65
CA THR B 51 2.16 3.43 -33.37
C THR B 51 2.26 4.68 -32.49
N GLU B 52 2.16 5.83 -33.10
CA GLU B 52 2.26 7.11 -32.33
C GLU B 52 0.98 7.94 -32.50
N GLY B 53 0.84 8.98 -31.72
CA GLY B 53 -0.36 9.85 -31.83
C GLY B 53 -0.13 11.16 -31.08
N GLU B 54 0.25 12.20 -31.78
CA GLU B 54 0.49 13.51 -31.10
C GLU B 54 -0.87 14.11 -30.69
N GLY B 55 -1.45 13.60 -29.64
CA GLY B 55 -2.77 14.12 -29.18
C GLY B 55 -2.56 15.34 -28.30
N ASN B 56 -3.27 16.40 -28.56
CA ASN B 56 -3.12 17.63 -27.72
C ASN B 56 -3.74 17.41 -26.33
N GLY B 57 -4.04 18.47 -25.62
CA GLY B 57 -4.64 18.32 -24.26
C GLY B 57 -6.09 17.83 -24.35
N LYS B 58 -6.89 18.15 -23.36
CA LYS B 58 -8.33 17.71 -23.36
C LYS B 58 -8.44 16.16 -23.36
N LYS B 59 -7.35 15.47 -23.16
CA LYS B 59 -7.37 13.96 -23.16
C LYS B 59 -7.55 13.40 -24.58
N VAL B 60 -7.50 14.25 -25.58
CA VAL B 60 -7.66 13.79 -27.00
C VAL B 60 -6.61 12.71 -27.34
N SER B 61 -5.39 12.92 -26.90
CA SER B 61 -4.29 11.94 -27.19
C SER B 61 -4.72 10.50 -26.87
N LYS B 62 -5.40 10.27 -25.78
CA LYS B 62 -5.84 8.88 -25.44
C LYS B 62 -6.93 8.40 -26.42
N LYS B 63 -7.55 9.29 -27.13
CA LYS B 63 -8.60 8.87 -28.10
C LYS B 63 -8.00 8.80 -29.52
N ARG B 64 -7.57 9.92 -30.06
CA ARG B 64 -6.98 9.94 -31.44
C ARG B 64 -5.86 8.88 -31.58
N ALA B 65 -5.04 8.70 -30.56
CA ALA B 65 -3.95 7.68 -30.67
C ALA B 65 -4.60 6.29 -30.78
N ALA B 66 -5.51 5.97 -29.90
CA ALA B 66 -6.19 4.64 -29.96
C ALA B 66 -6.98 4.53 -31.28
N GLU B 67 -7.60 5.60 -31.71
CA GLU B 67 -8.38 5.57 -32.99
C GLU B 67 -7.48 5.08 -34.13
N LYS B 68 -6.34 5.70 -34.31
CA LYS B 68 -5.40 5.28 -35.39
C LYS B 68 -5.06 3.78 -35.26
N MET B 69 -4.74 3.35 -34.07
CA MET B 69 -4.40 1.89 -33.88
C MET B 69 -5.64 1.01 -34.09
N LEU B 70 -6.75 1.37 -33.51
CA LEU B 70 -8.00 0.55 -33.68
C LEU B 70 -8.41 0.56 -35.16
N VAL B 71 -8.28 1.67 -35.83
CA VAL B 71 -8.67 1.73 -37.28
C VAL B 71 -7.86 0.69 -38.06
N GLU B 72 -6.56 0.66 -37.87
CA GLU B 72 -5.71 -0.35 -38.59
C GLU B 72 -5.99 -1.75 -38.04
N LEU B 73 -5.98 -1.92 -36.73
CA LEU B 73 -6.24 -3.26 -36.13
C LEU B 73 -7.62 -3.79 -36.57
N GLN B 74 -8.60 -2.92 -36.68
CA GLN B 74 -9.96 -3.39 -37.14
C GLN B 74 -9.90 -3.81 -38.61
N LYS B 75 -8.79 -3.59 -39.26
CA LYS B 75 -8.64 -3.98 -40.69
C LYS B 75 -8.04 -5.40 -40.78
N LEU B 76 -7.59 -5.96 -39.68
CA LEU B 76 -6.99 -7.32 -39.70
C LEU B 76 -7.73 -8.27 -38.73
N MET B 1 -29.15 6.01 4.76
CA MET B 1 -28.44 6.80 3.71
C MET B 1 -27.64 5.84 2.83
N ASP B 2 -26.64 5.19 3.38
CA ASP B 2 -25.82 4.23 2.58
C ASP B 2 -26.16 2.80 3.03
N GLU B 3 -26.10 2.55 4.31
CA GLU B 3 -26.45 1.20 4.87
C GLU B 3 -25.57 0.09 4.24
N GLY B 4 -25.93 -1.16 4.42
CA GLY B 4 -25.11 -2.28 3.85
C GLY B 4 -24.46 -3.08 4.97
N ASP B 5 -23.94 -4.23 4.66
CA ASP B 5 -23.27 -5.09 5.69
C ASP B 5 -22.20 -4.29 6.45
N LYS B 6 -22.39 -4.10 7.73
CA LYS B 6 -21.39 -3.33 8.53
C LYS B 6 -21.57 -3.63 10.03
N LYS B 7 -21.46 -4.87 10.42
CA LYS B 7 -21.62 -5.24 11.87
C LYS B 7 -20.60 -4.46 12.73
N SER B 8 -19.33 -4.70 12.53
CA SER B 8 -18.29 -3.96 13.34
C SER B 8 -17.70 -2.82 12.51
N PRO B 9 -18.00 -1.60 12.90
CA PRO B 9 -17.51 -0.38 12.21
C PRO B 9 -16.04 -0.11 12.56
N ILE B 10 -15.13 -0.51 11.71
CA ILE B 10 -13.67 -0.28 11.97
C ILE B 10 -13.41 1.21 12.26
N SER B 11 -13.85 2.08 11.40
CA SER B 11 -13.63 3.55 11.63
C SER B 11 -14.13 3.95 13.03
N GLN B 12 -15.25 3.41 13.44
CA GLN B 12 -15.79 3.74 14.80
C GLN B 12 -14.83 3.23 15.88
N VAL B 13 -14.41 1.99 15.82
CA VAL B 13 -13.45 1.47 16.84
C VAL B 13 -12.18 2.34 16.79
N HIS B 14 -11.76 2.69 15.61
CA HIS B 14 -10.55 3.55 15.46
C HIS B 14 -10.80 4.91 16.11
N GLU B 15 -11.87 5.57 15.75
CA GLU B 15 -12.17 6.90 16.36
C GLU B 15 -12.35 6.77 17.87
N ILE B 16 -13.02 5.73 18.34
CA ILE B 16 -13.22 5.57 19.81
C ILE B 16 -11.87 5.26 20.49
N GLY B 17 -11.12 4.33 19.95
CA GLY B 17 -9.80 3.98 20.56
C GLY B 17 -8.88 5.22 20.51
N ILE B 18 -8.73 5.83 19.37
CA ILE B 18 -7.86 7.04 19.27
C ILE B 18 -8.39 8.13 20.20
N LYS B 19 -9.68 8.40 20.17
CA LYS B 19 -10.27 9.44 21.07
C LYS B 19 -9.92 9.12 22.54
N ARG B 20 -9.93 7.86 22.90
CA ARG B 20 -9.61 7.47 24.31
C ARG B 20 -8.08 7.35 24.50
N ASN B 21 -7.29 7.97 23.66
CA ASN B 21 -5.80 7.87 23.81
C ASN B 21 -5.32 6.42 23.65
N MET B 22 -6.01 5.63 22.87
CA MET B 22 -5.60 4.21 22.69
C MET B 22 -5.16 3.99 21.23
N THR B 23 -3.97 3.47 21.03
CA THR B 23 -3.48 3.23 19.64
C THR B 23 -4.35 2.15 18.96
N VAL B 24 -4.95 2.46 17.85
CA VAL B 24 -5.80 1.45 17.15
C VAL B 24 -5.19 1.09 15.79
N HIS B 25 -4.63 -0.08 15.67
CA HIS B 25 -3.99 -0.49 14.38
C HIS B 25 -4.65 -1.78 13.87
N PHE B 26 -5.03 -1.82 12.61
CA PHE B 26 -5.68 -3.06 12.05
C PHE B 26 -4.95 -3.50 10.76
N LYS B 27 -3.97 -4.35 10.87
CA LYS B 27 -3.22 -4.81 9.66
C LYS B 27 -3.33 -6.35 9.53
N VAL B 28 -3.85 -6.82 8.43
CA VAL B 28 -3.98 -8.31 8.22
C VAL B 28 -2.58 -8.92 8.00
N LEU B 29 -2.43 -10.19 8.31
CA LEU B 29 -1.08 -10.83 8.12
C LEU B 29 -1.03 -11.46 6.72
N ARG B 30 -1.86 -12.44 6.47
CA ARG B 30 -1.87 -13.12 5.15
C ARG B 30 -2.94 -14.22 5.13
N GLU B 31 -2.99 -15.00 4.09
CA GLU B 31 -4.00 -16.10 3.99
C GLU B 31 -3.51 -17.34 4.75
N GLU B 32 -4.40 -18.23 5.10
CA GLU B 32 -3.99 -19.47 5.84
C GLU B 32 -3.87 -20.64 4.86
N GLY B 33 -3.07 -20.48 3.82
CA GLY B 33 -2.91 -21.59 2.83
C GLY B 33 -3.27 -21.08 1.42
N PRO B 34 -3.04 -21.92 0.44
CA PRO B 34 -3.32 -21.57 -0.97
C PRO B 34 -4.83 -21.59 -1.29
N ALA B 35 -5.39 -22.73 -1.60
CA ALA B 35 -6.85 -22.77 -1.95
C ALA B 35 -7.64 -23.62 -0.94
N HIS B 36 -7.11 -24.74 -0.53
CA HIS B 36 -7.84 -25.62 0.44
C HIS B 36 -7.87 -25.00 1.86
N MET B 37 -8.38 -23.79 1.98
CA MET B 37 -8.45 -23.14 3.34
C MET B 37 -9.12 -21.75 3.21
N LYS B 38 -8.59 -20.91 2.37
CA LYS B 38 -9.15 -19.55 2.17
C LYS B 38 -9.38 -18.81 3.51
N ASN B 39 -8.59 -19.11 4.52
CA ASN B 39 -8.74 -18.42 5.84
C ASN B 39 -7.81 -17.19 5.86
N PHE B 40 -8.04 -16.25 6.73
CA PHE B 40 -7.16 -15.04 6.78
C PHE B 40 -6.97 -14.55 8.22
N ILE B 41 -5.76 -14.55 8.71
CA ILE B 41 -5.52 -14.06 10.11
C ILE B 41 -5.32 -12.55 10.09
N THR B 42 -6.10 -11.83 10.83
CA THR B 42 -5.96 -10.34 10.87
C THR B 42 -5.19 -9.93 12.12
N ALA B 43 -4.40 -8.88 12.05
CA ALA B 43 -3.64 -8.46 13.25
C ALA B 43 -4.06 -7.03 13.65
N CYS B 44 -4.55 -6.86 14.85
CA CYS B 44 -4.96 -5.50 15.29
C CYS B 44 -4.43 -5.25 16.70
N ILE B 45 -4.20 -4.02 17.04
CA ILE B 45 -3.68 -3.72 18.40
C ILE B 45 -4.48 -2.55 19.02
N VAL B 46 -4.84 -2.68 20.26
CA VAL B 46 -5.63 -1.60 20.95
C VAL B 46 -5.68 -1.88 22.46
N GLY B 47 -5.39 -0.88 23.26
CA GLY B 47 -5.41 -1.07 24.74
C GLY B 47 -4.53 -2.26 25.14
N SER B 48 -5.12 -3.39 25.41
CA SER B 48 -4.32 -4.59 25.81
C SER B 48 -4.56 -5.76 24.83
N ILE B 49 -5.13 -5.50 23.68
CA ILE B 49 -5.39 -6.61 22.71
C ILE B 49 -4.44 -6.49 21.51
N VAL B 50 -4.01 -7.60 20.97
CA VAL B 50 -3.10 -7.60 19.80
C VAL B 50 -3.59 -8.61 18.76
N THR B 51 -3.10 -8.50 17.55
CA THR B 51 -3.48 -9.45 16.43
C THR B 51 -4.88 -10.02 16.67
N GLU B 52 -4.96 -11.17 17.28
CA GLU B 52 -6.28 -11.82 17.61
C GLU B 52 -7.29 -11.77 16.45
N GLY B 53 -6.85 -11.59 15.25
CA GLY B 53 -7.81 -11.51 14.10
C GLY B 53 -8.12 -12.91 13.55
N GLU B 54 -9.04 -13.61 14.14
CA GLU B 54 -9.38 -14.99 13.63
C GLU B 54 -10.45 -14.90 12.52
N GLY B 55 -10.06 -14.46 11.36
CA GLY B 55 -11.02 -14.35 10.21
C GLY B 55 -11.17 -15.72 9.53
N ASN B 56 -12.37 -16.22 9.42
CA ASN B 56 -12.56 -17.56 8.78
C ASN B 56 -12.83 -17.41 7.27
N GLY B 57 -12.40 -16.34 6.65
CA GLY B 57 -12.63 -16.15 5.17
C GLY B 57 -14.12 -16.01 4.83
N LYS B 58 -14.95 -16.87 5.35
CA LYS B 58 -16.42 -16.83 5.05
C LYS B 58 -17.03 -15.43 5.34
N LYS B 59 -16.89 -14.51 4.42
CA LYS B 59 -17.46 -13.13 4.60
C LYS B 59 -16.96 -12.48 5.91
N VAL B 60 -15.85 -12.93 6.45
CA VAL B 60 -15.34 -12.31 7.70
C VAL B 60 -13.81 -12.32 7.75
N SER B 61 -13.27 -11.46 8.56
CA SER B 61 -11.79 -11.36 8.74
C SER B 61 -11.48 -10.11 9.57
N LYS B 62 -11.34 -8.97 8.94
CA LYS B 62 -11.08 -7.72 9.71
C LYS B 62 -12.21 -7.50 10.73
N LYS B 63 -13.44 -7.66 10.29
CA LYS B 63 -14.61 -7.49 11.20
C LYS B 63 -14.42 -8.33 12.48
N ARG B 64 -14.31 -9.64 12.33
CA ARG B 64 -14.12 -10.53 13.52
C ARG B 64 -13.00 -9.99 14.42
N ALA B 65 -11.88 -9.63 13.85
CA ALA B 65 -10.75 -9.08 14.67
C ALA B 65 -11.26 -7.86 15.46
N ALA B 66 -11.96 -6.96 14.81
CA ALA B 66 -12.50 -5.75 15.49
C ALA B 66 -13.56 -6.15 16.52
N GLU B 67 -14.44 -7.06 16.18
CA GLU B 67 -15.51 -7.50 17.14
C GLU B 67 -14.86 -7.97 18.44
N LYS B 68 -13.78 -8.71 18.34
CA LYS B 68 -13.08 -9.18 19.57
C LYS B 68 -12.53 -7.97 20.34
N MET B 69 -12.00 -7.00 19.65
CA MET B 69 -11.46 -5.78 20.33
C MET B 69 -12.61 -4.98 20.96
N LEU B 70 -13.71 -4.82 20.25
CA LEU B 70 -14.86 -4.05 20.81
C LEU B 70 -15.36 -4.71 22.11
N VAL B 71 -15.66 -5.99 22.07
CA VAL B 71 -16.15 -6.67 23.32
C VAL B 71 -15.12 -6.49 24.45
N GLU B 72 -13.85 -6.47 24.13
CA GLU B 72 -12.81 -6.27 25.19
C GLU B 72 -12.82 -4.81 25.65
N LEU B 73 -12.63 -3.88 24.74
CA LEU B 73 -12.63 -2.43 25.12
C LEU B 73 -13.96 -2.06 25.81
N GLN B 74 -15.02 -2.75 25.49
CA GLN B 74 -16.34 -2.46 26.15
C GLN B 74 -16.45 -3.26 27.46
N LYS B 75 -15.38 -3.87 27.89
CA LYS B 75 -15.41 -4.68 29.15
C LYS B 75 -14.48 -4.04 30.21
N LEU B 76 -13.59 -3.17 29.82
CA LEU B 76 -12.65 -2.53 30.80
C LEU B 76 -13.34 -1.33 31.47
N MET B 1 -35.30 0.48 -26.47
CA MET B 1 -34.80 1.07 -27.75
C MET B 1 -34.00 2.32 -27.39
N ASP B 2 -32.71 2.19 -27.27
CA ASP B 2 -31.87 3.32 -26.85
C ASP B 2 -30.69 3.49 -27.82
N GLU B 3 -30.32 4.70 -28.13
CA GLU B 3 -29.20 4.93 -29.10
C GLU B 3 -27.96 5.50 -28.39
N GLY B 4 -26.82 5.36 -29.00
CA GLY B 4 -25.56 5.88 -28.38
C GLY B 4 -24.34 5.41 -29.19
N ASP B 5 -23.17 5.60 -28.66
CA ASP B 5 -21.95 5.17 -29.39
C ASP B 5 -21.42 3.83 -28.82
N LYS B 6 -20.33 3.35 -29.33
CA LYS B 6 -19.76 2.06 -28.84
C LYS B 6 -18.80 2.33 -27.68
N LYS B 7 -19.27 2.22 -26.47
CA LYS B 7 -18.39 2.46 -25.29
C LYS B 7 -17.37 1.32 -25.15
N SER B 8 -16.56 1.10 -26.14
CA SER B 8 -15.55 -0.01 -26.06
C SER B 8 -14.24 0.41 -26.74
N PRO B 9 -13.56 1.37 -26.15
CA PRO B 9 -12.28 1.87 -26.68
C PRO B 9 -11.15 0.86 -26.40
N ILE B 10 -11.07 0.36 -25.19
CA ILE B 10 -10.00 -0.63 -24.85
C ILE B 10 -10.55 -2.06 -25.00
N SER B 11 -11.75 -2.32 -24.55
CA SER B 11 -12.33 -3.70 -24.68
C SER B 11 -12.20 -4.22 -26.12
N GLN B 12 -12.76 -3.52 -27.08
CA GLN B 12 -12.67 -3.97 -28.51
C GLN B 12 -11.19 -4.09 -28.93
N VAL B 13 -10.34 -3.17 -28.54
CA VAL B 13 -8.90 -3.28 -28.91
C VAL B 13 -8.35 -4.61 -28.37
N HIS B 14 -8.71 -4.98 -27.16
CA HIS B 14 -8.24 -6.27 -26.61
C HIS B 14 -8.89 -7.40 -27.42
N GLU B 15 -10.12 -7.21 -27.83
CA GLU B 15 -10.83 -8.22 -28.64
C GLU B 15 -10.09 -8.45 -29.97
N ILE B 16 -9.83 -7.41 -30.71
CA ILE B 16 -9.09 -7.56 -32.02
C ILE B 16 -7.64 -7.98 -31.74
N GLY B 17 -7.03 -7.44 -30.71
CA GLY B 17 -5.62 -7.82 -30.38
C GLY B 17 -5.58 -9.31 -30.04
N ILE B 18 -6.42 -9.73 -29.13
CA ILE B 18 -6.49 -11.18 -28.76
C ILE B 18 -7.30 -11.92 -29.84
N LYS B 19 -6.84 -11.90 -31.05
CA LYS B 19 -7.58 -12.57 -32.16
C LYS B 19 -6.68 -12.65 -33.40
N ARG B 20 -6.14 -11.54 -33.83
CA ARG B 20 -5.24 -11.55 -35.03
C ARG B 20 -3.76 -11.61 -34.55
N ASN B 21 -3.50 -12.31 -33.47
CA ASN B 21 -2.10 -12.43 -32.94
C ASN B 21 -1.50 -11.03 -32.72
N MET B 22 -2.17 -10.20 -31.96
CA MET B 22 -1.64 -8.83 -31.71
C MET B 22 -1.42 -8.60 -30.21
N THR B 23 -0.29 -8.08 -29.83
CA THR B 23 0.00 -7.84 -28.38
C THR B 23 -0.58 -6.49 -27.95
N VAL B 24 -1.71 -6.48 -27.31
CA VAL B 24 -2.31 -5.18 -26.86
C VAL B 24 -1.48 -4.63 -25.70
N HIS B 25 -0.55 -3.74 -25.96
CA HIS B 25 0.30 -3.20 -24.87
C HIS B 25 0.07 -1.68 -24.73
N PHE B 26 -1.01 -1.29 -24.12
CA PHE B 26 -1.31 0.17 -23.92
C PHE B 26 -0.31 0.78 -22.94
N LYS B 27 -0.16 2.09 -22.95
CA LYS B 27 0.78 2.76 -22.01
C LYS B 27 0.69 4.29 -22.15
N VAL B 28 1.46 5.01 -21.38
CA VAL B 28 1.42 6.50 -21.46
C VAL B 28 2.86 7.03 -21.55
N LEU B 29 3.06 8.17 -22.16
CA LEU B 29 4.44 8.73 -22.26
C LEU B 29 4.69 9.69 -21.12
N ARG B 30 3.82 10.65 -20.94
CA ARG B 30 3.97 11.63 -19.82
C ARG B 30 2.86 12.69 -19.89
N GLU B 31 2.25 12.97 -18.77
CA GLU B 31 1.15 14.00 -18.73
C GLU B 31 1.65 15.27 -18.00
N GLU B 32 2.94 15.35 -17.73
CA GLU B 32 3.51 16.53 -17.02
C GLU B 32 2.87 16.72 -15.63
N GLY B 33 3.15 17.82 -14.97
CA GLY B 33 2.56 18.05 -13.62
C GLY B 33 1.09 18.49 -13.75
N PRO B 34 0.21 17.71 -13.15
CA PRO B 34 -1.24 17.99 -13.18
C PRO B 34 -1.61 19.14 -12.23
N ALA B 35 -1.87 20.30 -12.77
CA ALA B 35 -2.25 21.47 -11.91
C ALA B 35 -3.19 22.39 -12.69
N HIS B 36 -2.70 23.03 -13.73
CA HIS B 36 -3.57 23.94 -14.53
C HIS B 36 -3.44 23.62 -16.03
N MET B 37 -4.37 22.87 -16.58
CA MET B 37 -4.32 22.52 -18.04
C MET B 37 -3.12 21.62 -18.35
N LYS B 38 -3.35 20.34 -18.52
CA LYS B 38 -2.23 19.41 -18.81
C LYS B 38 -2.53 18.63 -20.11
N ASN B 39 -1.66 17.72 -20.48
CA ASN B 39 -1.86 16.91 -21.72
C ASN B 39 -1.52 15.44 -21.44
N PHE B 40 -2.37 14.52 -21.82
CA PHE B 40 -2.08 13.08 -21.54
C PHE B 40 -1.68 12.34 -22.83
N ILE B 41 -0.40 12.31 -23.14
CA ILE B 41 0.06 11.60 -24.37
C ILE B 41 -0.03 10.08 -24.15
N THR B 42 -1.05 9.46 -24.65
CA THR B 42 -1.21 7.98 -24.47
C THR B 42 -0.59 7.21 -25.64
N ALA B 43 -0.01 6.06 -25.38
CA ALA B 43 0.62 5.25 -26.47
C ALA B 43 0.22 3.77 -26.32
N CYS B 44 0.29 3.01 -27.37
CA CYS B 44 -0.07 1.56 -27.29
C CYS B 44 0.71 0.77 -28.34
N ILE B 45 1.48 -0.20 -27.93
CA ILE B 45 2.26 -0.99 -28.93
C ILE B 45 1.57 -2.33 -29.19
N VAL B 46 1.46 -2.72 -30.43
CA VAL B 46 0.79 -4.01 -30.78
C VAL B 46 1.63 -4.72 -31.84
N GLY B 47 2.21 -5.85 -31.51
CA GLY B 47 3.06 -6.58 -32.51
C GLY B 47 4.20 -5.66 -32.98
N SER B 48 4.82 -4.94 -32.08
CA SER B 48 5.94 -4.01 -32.44
C SER B 48 5.42 -2.66 -32.94
N ILE B 49 4.29 -2.63 -33.61
CA ILE B 49 3.76 -1.32 -34.11
C ILE B 49 3.01 -0.59 -32.99
N VAL B 50 3.48 0.58 -32.60
CA VAL B 50 2.78 1.32 -31.51
C VAL B 50 1.98 2.48 -32.09
N THR B 51 1.03 2.96 -31.35
CA THR B 51 0.18 4.11 -31.80
C THR B 51 0.28 5.25 -30.79
N GLU B 52 0.30 6.47 -31.25
CA GLU B 52 0.38 7.64 -30.32
C GLU B 52 -0.99 8.35 -30.28
N GLY B 53 -1.47 8.67 -29.11
CA GLY B 53 -2.79 9.36 -28.99
C GLY B 53 -2.66 10.59 -28.11
N GLU B 54 -2.44 11.74 -28.71
CA GLU B 54 -2.30 13.00 -27.91
C GLU B 54 -3.65 13.37 -27.29
N GLY B 55 -3.97 12.79 -26.17
CA GLY B 55 -5.27 13.11 -25.49
C GLY B 55 -5.10 14.35 -24.61
N ASN B 56 -6.08 15.21 -24.57
CA ASN B 56 -5.97 16.44 -23.72
C ASN B 56 -5.83 16.06 -22.24
N GLY B 57 -6.87 15.56 -21.63
CA GLY B 57 -6.77 15.17 -20.19
C GLY B 57 -8.16 14.97 -19.57
N LYS B 58 -8.34 13.90 -18.83
CA LYS B 58 -9.67 13.60 -18.19
C LYS B 58 -10.74 13.29 -19.24
N LYS B 59 -10.80 14.02 -20.33
CA LYS B 59 -11.84 13.74 -21.38
C LYS B 59 -11.25 12.82 -22.45
N VAL B 60 -10.05 13.11 -22.92
CA VAL B 60 -9.44 12.26 -23.98
C VAL B 60 -8.02 11.82 -23.59
N SER B 61 -7.62 10.66 -24.04
CA SER B 61 -6.25 10.11 -23.76
C SER B 61 -6.23 8.65 -24.21
N LYS B 62 -6.63 7.74 -23.37
CA LYS B 62 -6.66 6.29 -23.77
C LYS B 62 -7.62 6.13 -24.95
N LYS B 63 -8.76 6.78 -24.91
CA LYS B 63 -9.75 6.69 -26.03
C LYS B 63 -9.08 7.15 -27.34
N ARG B 64 -8.53 8.34 -27.36
CA ARG B 64 -7.86 8.85 -28.60
C ARG B 64 -6.73 7.89 -29.02
N ALA B 65 -5.91 7.47 -28.09
CA ALA B 65 -4.79 6.55 -28.44
C ALA B 65 -5.36 5.28 -29.11
N ALA B 66 -6.41 4.73 -28.56
CA ALA B 66 -7.04 3.51 -29.14
C ALA B 66 -7.77 3.86 -30.45
N GLU B 67 -8.48 4.95 -30.49
CA GLU B 67 -9.20 5.35 -31.74
C GLU B 67 -8.23 5.34 -32.92
N LYS B 68 -7.14 6.04 -32.81
CA LYS B 68 -6.14 6.07 -33.91
C LYS B 68 -5.64 4.65 -34.22
N MET B 69 -5.32 3.88 -33.21
CA MET B 69 -4.84 2.48 -33.46
C MET B 69 -5.93 1.68 -34.19
N LEU B 70 -7.13 1.66 -33.66
CA LEU B 70 -8.24 0.92 -34.31
C LEU B 70 -8.48 1.48 -35.72
N VAL B 71 -8.50 2.78 -35.87
CA VAL B 71 -8.70 3.39 -37.21
C VAL B 71 -7.66 2.84 -38.20
N GLU B 72 -6.45 2.66 -37.76
CA GLU B 72 -5.38 2.13 -38.67
C GLU B 72 -5.52 0.60 -38.82
N LEU B 73 -5.51 -0.13 -37.72
CA LEU B 73 -5.63 -1.64 -37.83
C LEU B 73 -6.97 -2.06 -38.46
N GLN B 74 -8.00 -1.24 -38.38
CA GLN B 74 -9.31 -1.62 -38.99
C GLN B 74 -9.26 -1.44 -40.52
N LYS B 75 -8.11 -1.14 -41.07
CA LYS B 75 -8.00 -0.95 -42.55
C LYS B 75 -7.28 -2.16 -43.19
N LEU B 76 -6.59 -2.95 -42.41
CA LEU B 76 -5.86 -4.12 -42.96
C LEU B 76 -6.36 -5.41 -42.28
N MET B 1 7.54 15.19 37.18
CA MET B 1 7.80 16.63 36.85
C MET B 1 8.83 16.67 35.73
N ASP B 2 8.37 16.60 34.51
CA ASP B 2 9.30 16.56 33.35
C ASP B 2 8.85 17.56 32.27
N GLU B 3 9.62 17.68 31.21
CA GLU B 3 9.24 18.65 30.13
C GLU B 3 9.48 18.00 28.74
N GLY B 4 9.04 18.65 27.70
CA GLY B 4 9.24 18.11 26.32
C GLY B 4 8.21 17.00 26.03
N ASP B 5 8.48 16.17 25.06
CA ASP B 5 7.53 15.08 24.71
C ASP B 5 8.31 13.76 24.56
N LYS B 6 7.67 12.64 24.77
CA LYS B 6 8.37 11.34 24.63
C LYS B 6 8.20 10.80 23.19
N LYS B 7 8.07 11.66 22.22
CA LYS B 7 7.91 11.20 20.80
C LYS B 7 9.12 11.65 19.97
N SER B 8 10.31 11.49 20.50
CA SER B 8 11.54 11.90 19.75
C SER B 8 12.43 10.67 19.50
N PRO B 9 12.05 9.87 18.52
CA PRO B 9 12.78 8.64 18.17
C PRO B 9 14.02 8.98 17.32
N ILE B 10 13.83 9.57 16.16
CA ILE B 10 15.00 9.91 15.30
C ILE B 10 15.89 10.96 15.99
N SER B 11 15.31 12.02 16.48
CA SER B 11 16.11 13.09 17.15
C SER B 11 16.93 12.49 18.32
N GLN B 12 16.28 11.99 19.33
CA GLN B 12 17.03 11.40 20.49
C GLN B 12 18.11 10.42 20.01
N VAL B 13 17.81 9.60 19.02
CA VAL B 13 18.84 8.65 18.51
C VAL B 13 20.05 9.46 18.01
N HIS B 14 19.79 10.47 17.22
CA HIS B 14 20.90 11.34 16.72
C HIS B 14 21.56 12.04 17.92
N GLU B 15 20.76 12.48 18.87
CA GLU B 15 21.30 13.14 20.08
C GLU B 15 22.28 12.20 20.80
N ILE B 16 21.87 10.99 21.09
CA ILE B 16 22.78 10.02 21.79
C ILE B 16 23.99 9.73 20.89
N GLY B 17 23.78 9.52 19.61
CA GLY B 17 24.92 9.25 18.69
C GLY B 17 25.89 10.44 18.67
N ILE B 18 25.37 11.63 18.60
CA ILE B 18 26.25 12.85 18.59
C ILE B 18 26.76 13.14 20.01
N LYS B 19 25.96 12.87 21.02
CA LYS B 19 26.39 13.14 22.42
C LYS B 19 27.72 12.44 22.75
N ARG B 20 28.07 11.40 22.03
CA ARG B 20 29.35 10.70 22.31
C ARG B 20 30.24 10.72 21.06
N ASN B 21 29.92 9.92 20.07
CA ASN B 21 30.73 9.86 18.82
C ASN B 21 30.28 8.69 17.94
N MET B 22 29.00 8.53 17.75
CA MET B 22 28.51 7.40 16.92
C MET B 22 27.75 7.91 15.69
N THR B 23 28.38 7.93 14.54
CA THR B 23 27.70 8.42 13.31
C THR B 23 26.48 7.53 13.03
N VAL B 24 25.30 8.08 13.14
CA VAL B 24 24.06 7.27 12.91
C VAL B 24 23.66 7.35 11.42
N HIS B 25 23.51 6.22 10.77
CA HIS B 25 23.12 6.21 9.33
C HIS B 25 21.86 5.35 9.14
N PHE B 26 20.74 5.96 8.86
CA PHE B 26 19.48 5.17 8.65
C PHE B 26 19.28 4.90 7.16
N LYS B 27 19.41 3.67 6.73
CA LYS B 27 19.21 3.36 5.29
C LYS B 27 18.67 1.93 5.12
N VAL B 28 17.49 1.81 4.55
CA VAL B 28 16.92 0.45 4.34
C VAL B 28 17.92 -0.40 3.53
N LEU B 29 17.99 -1.67 3.79
CA LEU B 29 18.94 -2.54 3.03
C LEU B 29 18.24 -3.05 1.75
N ARG B 30 16.99 -3.40 1.87
CA ARG B 30 16.22 -3.88 0.68
C ARG B 30 14.75 -4.03 1.07
N GLU B 31 13.88 -3.24 0.50
CA GLU B 31 12.42 -3.32 0.84
C GLU B 31 11.71 -4.25 -0.15
N GLU B 32 10.52 -4.66 0.19
CA GLU B 32 9.74 -5.56 -0.73
C GLU B 32 8.79 -4.70 -1.58
N GLY B 33 7.98 -5.30 -2.42
CA GLY B 33 7.02 -4.50 -3.26
C GLY B 33 5.97 -3.83 -2.36
N PRO B 34 6.04 -2.53 -2.24
CA PRO B 34 5.09 -1.77 -1.39
C PRO B 34 3.70 -1.69 -2.06
N ALA B 35 2.99 -2.78 -2.11
CA ALA B 35 1.64 -2.77 -2.74
C ALA B 35 0.72 -3.80 -2.06
N HIS B 36 1.08 -5.06 -2.10
CA HIS B 36 0.21 -6.11 -1.47
C HIS B 36 0.67 -6.44 -0.05
N MET B 37 0.35 -5.58 0.91
CA MET B 37 0.72 -5.82 2.34
C MET B 37 2.15 -6.38 2.49
N LYS B 38 3.14 -5.51 2.49
CA LYS B 38 4.54 -5.98 2.64
C LYS B 38 5.20 -5.28 3.84
N ASN B 39 6.20 -5.91 4.42
CA ASN B 39 6.90 -5.30 5.59
C ASN B 39 8.12 -4.50 5.13
N PHE B 40 8.52 -3.51 5.90
CA PHE B 40 9.70 -2.69 5.51
C PHE B 40 10.90 -2.98 6.45
N ILE B 41 11.96 -3.54 5.93
CA ILE B 41 13.15 -3.83 6.80
C ILE B 41 14.18 -2.70 6.64
N THR B 42 14.31 -1.87 7.64
CA THR B 42 15.29 -0.73 7.55
C THR B 42 16.62 -1.12 8.18
N ALA B 43 17.71 -0.71 7.59
CA ALA B 43 19.04 -1.03 8.17
C ALA B 43 19.64 0.27 8.73
N CYS B 44 20.35 0.19 9.82
CA CYS B 44 20.94 1.43 10.40
C CYS B 44 22.33 1.14 10.99
N ILE B 45 23.18 2.12 10.97
CA ILE B 45 24.56 1.93 11.52
C ILE B 45 24.87 3.06 12.51
N VAL B 46 25.66 2.80 13.51
CA VAL B 46 25.99 3.85 14.51
C VAL B 46 27.48 3.78 14.87
N GLY B 47 28.28 4.66 14.30
CA GLY B 47 29.75 4.64 14.59
C GLY B 47 30.38 3.36 14.04
N SER B 48 30.38 2.30 14.82
CA SER B 48 30.98 1.01 14.34
C SER B 48 30.01 -0.16 14.59
N ILE B 49 28.74 0.11 14.80
CA ILE B 49 27.76 -1.00 15.04
C ILE B 49 26.63 -0.92 14.00
N VAL B 50 26.17 -2.06 13.55
CA VAL B 50 25.06 -2.06 12.53
C VAL B 50 23.84 -2.78 13.12
N THR B 51 22.67 -2.37 12.72
CA THR B 51 21.42 -3.02 13.24
C THR B 51 20.24 -2.67 12.33
N GLU B 52 19.30 -3.54 12.17
CA GLU B 52 18.15 -3.26 11.27
C GLU B 52 16.81 -3.36 12.04
N GLY B 53 15.73 -3.10 11.38
CA GLY B 53 14.38 -3.18 12.04
C GLY B 53 13.34 -3.74 11.08
N GLU B 54 12.63 -4.76 11.50
CA GLU B 54 11.59 -5.38 10.62
C GLU B 54 10.21 -4.72 10.86
N GLY B 55 10.19 -3.43 11.07
CA GLY B 55 8.88 -2.72 11.30
C GLY B 55 7.93 -2.98 10.14
N ASN B 56 6.64 -3.02 10.41
CA ASN B 56 5.64 -3.27 9.31
C ASN B 56 5.84 -2.26 8.18
N GLY B 57 5.57 -1.00 8.44
CA GLY B 57 5.77 0.03 7.38
C GLY B 57 6.94 0.93 7.76
N LYS B 58 7.39 1.77 6.85
CA LYS B 58 8.54 2.67 7.18
C LYS B 58 8.26 3.46 8.47
N LYS B 59 7.02 3.83 8.70
CA LYS B 59 6.65 4.57 9.94
C LYS B 59 7.06 3.74 11.19
N VAL B 60 7.22 2.46 11.04
CA VAL B 60 7.62 1.59 12.20
C VAL B 60 9.03 1.04 11.96
N SER B 61 9.31 0.62 10.74
CA SER B 61 10.65 0.05 10.39
C SER B 61 11.80 0.87 10.97
N LYS B 62 11.91 2.11 10.58
CA LYS B 62 13.03 2.97 11.09
C LYS B 62 12.93 3.15 12.62
N LYS B 63 11.74 3.36 13.14
CA LYS B 63 11.59 3.55 14.61
C LYS B 63 11.96 2.25 15.33
N ARG B 64 11.43 1.14 14.90
CA ARG B 64 11.76 -0.17 15.55
C ARG B 64 13.28 -0.41 15.53
N ALA B 65 13.93 -0.15 14.42
CA ALA B 65 15.40 -0.37 14.33
C ALA B 65 16.13 0.66 15.22
N ALA B 66 15.75 1.90 15.14
CA ALA B 66 16.44 2.96 15.95
C ALA B 66 16.36 2.64 17.45
N GLU B 67 15.18 2.61 18.02
CA GLU B 67 15.05 2.31 19.48
C GLU B 67 15.80 1.01 19.82
N LYS B 68 15.59 -0.02 19.05
CA LYS B 68 16.30 -1.32 19.30
C LYS B 68 17.82 -1.09 19.35
N MET B 69 18.35 -0.22 18.54
CA MET B 69 19.82 0.03 18.57
C MET B 69 20.20 0.68 19.90
N LEU B 70 19.54 1.75 20.25
CA LEU B 70 19.83 2.44 21.54
C LEU B 70 19.64 1.45 22.69
N VAL B 71 18.61 0.65 22.63
CA VAL B 71 18.37 -0.35 23.71
C VAL B 71 19.61 -1.27 23.86
N GLU B 72 20.27 -1.57 22.77
CA GLU B 72 21.49 -2.45 22.84
C GLU B 72 22.72 -1.60 23.18
N LEU B 73 23.01 -0.63 22.36
CA LEU B 73 24.19 0.26 22.59
C LEU B 73 24.15 0.90 23.99
N GLN B 74 22.97 1.18 24.50
CA GLN B 74 22.89 1.77 25.88
C GLN B 74 22.94 0.64 26.93
N LYS B 75 23.51 -0.47 26.57
CA LYS B 75 23.60 -1.64 27.50
C LYS B 75 25.03 -2.24 27.49
N LEU B 76 25.89 -1.80 26.60
CA LEU B 76 27.26 -2.36 26.52
C LEU B 76 28.26 -1.38 27.19
N MET B 1 20.96 8.79 1.77
CA MET B 1 19.58 9.34 1.97
C MET B 1 18.59 8.33 1.41
N ASP B 2 18.43 7.24 2.10
CA ASP B 2 17.55 6.16 1.61
C ASP B 2 16.70 5.61 2.78
N GLU B 3 15.40 5.65 2.64
CA GLU B 3 14.51 5.14 3.74
C GLU B 3 13.66 3.97 3.22
N GLY B 4 13.00 3.28 4.10
CA GLY B 4 12.15 2.12 3.67
C GLY B 4 10.77 2.20 4.33
N ASP B 5 9.99 3.19 3.97
CA ASP B 5 8.62 3.34 4.55
C ASP B 5 7.60 2.58 3.70
N LYS B 6 7.62 2.79 2.40
CA LYS B 6 6.65 2.11 1.49
C LYS B 6 5.21 2.50 1.83
N LYS B 7 4.78 3.67 1.40
CA LYS B 7 3.39 4.13 1.68
C LYS B 7 2.37 3.23 0.97
N SER B 8 2.24 1.99 1.39
CA SER B 8 1.27 1.03 0.76
C SER B 8 1.83 0.51 -0.58
N PRO B 9 1.35 -0.64 -0.99
CA PRO B 9 1.78 -1.28 -2.25
C PRO B 9 1.10 -0.63 -3.47
N ILE B 10 -0.21 -0.54 -3.47
CA ILE B 10 -0.95 0.08 -4.63
C ILE B 10 -0.36 1.45 -4.97
N SER B 11 -0.15 2.29 -3.99
CA SER B 11 0.42 3.65 -4.24
C SER B 11 1.75 3.53 -4.99
N GLN B 12 2.74 2.86 -4.42
CA GLN B 12 4.04 2.72 -5.13
C GLN B 12 3.84 2.08 -6.51
N VAL B 13 2.93 1.14 -6.63
CA VAL B 13 2.67 0.53 -7.98
C VAL B 13 2.17 1.62 -8.92
N HIS B 14 1.28 2.45 -8.45
CA HIS B 14 0.79 3.57 -9.29
C HIS B 14 1.95 4.54 -9.54
N GLU B 15 2.76 4.78 -8.53
CA GLU B 15 3.92 5.70 -8.67
C GLU B 15 4.87 5.17 -9.75
N ILE B 16 5.32 3.93 -9.64
CA ILE B 16 6.25 3.37 -10.68
C ILE B 16 5.55 3.32 -12.04
N GLY B 17 4.27 3.01 -12.08
CA GLY B 17 3.53 2.98 -13.37
C GLY B 17 3.48 4.39 -13.96
N ILE B 18 3.02 5.34 -13.17
CA ILE B 18 2.96 6.76 -13.66
C ILE B 18 4.39 7.23 -13.96
N LYS B 19 5.32 6.92 -13.11
CA LYS B 19 6.75 7.32 -13.34
C LYS B 19 7.29 6.66 -14.63
N ARG B 20 6.64 5.65 -15.13
CA ARG B 20 7.12 4.97 -16.37
C ARG B 20 6.07 5.07 -17.49
N ASN B 21 5.17 6.03 -17.41
CA ASN B 21 4.13 6.19 -18.47
C ASN B 21 3.31 4.89 -18.62
N MET B 22 3.00 4.23 -17.54
CA MET B 22 2.21 2.96 -17.62
C MET B 22 0.80 3.19 -17.06
N THR B 23 -0.21 2.73 -17.75
CA THR B 23 -1.61 2.91 -17.26
C THR B 23 -1.89 1.96 -16.09
N VAL B 24 -1.58 2.38 -14.90
CA VAL B 24 -1.81 1.51 -13.70
C VAL B 24 -3.19 1.84 -13.10
N HIS B 25 -4.12 0.92 -13.20
CA HIS B 25 -5.48 1.19 -12.63
C HIS B 25 -5.90 0.00 -11.77
N PHE B 26 -6.28 0.25 -10.54
CA PHE B 26 -6.70 -0.86 -9.63
C PHE B 26 -8.23 -0.93 -9.55
N LYS B 27 -8.76 -2.11 -9.37
CA LYS B 27 -10.25 -2.27 -9.28
C LYS B 27 -10.57 -3.52 -8.44
N VAL B 28 -11.11 -3.33 -7.26
CA VAL B 28 -11.44 -4.51 -6.41
C VAL B 28 -12.84 -5.03 -6.78
N LEU B 29 -13.02 -6.32 -6.82
CA LEU B 29 -14.35 -6.89 -7.18
C LEU B 29 -15.17 -7.14 -5.92
N ARG B 30 -14.54 -7.64 -4.88
CA ARG B 30 -15.27 -7.90 -3.61
C ARG B 30 -14.28 -7.96 -2.43
N GLU B 31 -14.42 -7.06 -1.47
CA GLU B 31 -13.49 -7.08 -0.29
C GLU B 31 -14.23 -7.63 0.95
N GLU B 32 -15.08 -8.61 0.75
CA GLU B 32 -15.85 -9.20 1.90
C GLU B 32 -16.81 -10.27 1.35
N GLY B 33 -17.93 -9.84 0.87
CA GLY B 33 -18.95 -10.77 0.31
C GLY B 33 -19.78 -11.38 1.44
N PRO B 34 -19.69 -12.68 1.61
CA PRO B 34 -20.40 -13.40 2.67
C PRO B 34 -19.63 -13.29 3.98
N ALA B 35 -20.24 -12.74 5.01
CA ALA B 35 -19.55 -12.58 6.34
C ALA B 35 -18.71 -13.83 6.70
N HIS B 36 -19.09 -15.00 6.22
CA HIS B 36 -18.30 -16.24 6.53
C HIS B 36 -17.09 -16.36 5.59
N MET B 37 -17.31 -16.31 4.30
CA MET B 37 -16.18 -16.43 3.33
C MET B 37 -15.68 -15.03 2.96
N LYS B 38 -15.09 -14.35 3.91
CA LYS B 38 -14.58 -12.97 3.67
C LYS B 38 -13.37 -13.02 2.72
N ASN B 39 -13.61 -13.08 1.44
CA ASN B 39 -12.47 -13.11 0.45
C ASN B 39 -12.27 -11.71 -0.16
N PHE B 40 -11.11 -11.44 -0.68
CA PHE B 40 -10.85 -10.10 -1.27
C PHE B 40 -10.38 -10.25 -2.73
N ILE B 41 -11.26 -10.09 -3.67
CA ILE B 41 -10.84 -10.20 -5.11
C ILE B 41 -10.40 -8.83 -5.64
N THR B 42 -9.11 -8.64 -5.81
CA THR B 42 -8.62 -7.31 -6.31
C THR B 42 -8.09 -7.45 -7.75
N ALA B 43 -8.63 -6.70 -8.67
CA ALA B 43 -8.14 -6.77 -10.08
C ALA B 43 -7.34 -5.49 -10.40
N CYS B 44 -6.31 -5.60 -11.18
CA CYS B 44 -5.49 -4.38 -11.50
C CYS B 44 -5.03 -4.42 -12.96
N ILE B 45 -4.82 -3.28 -13.56
CA ILE B 45 -4.34 -3.23 -14.96
C ILE B 45 -3.01 -2.46 -15.02
N VAL B 46 -2.08 -2.92 -15.82
CA VAL B 46 -0.77 -2.22 -15.91
C VAL B 46 -0.38 -2.02 -17.39
N GLY B 47 -1.02 -1.08 -18.05
CA GLY B 47 -0.73 -0.78 -19.49
C GLY B 47 -0.57 -2.05 -20.33
N SER B 48 0.62 -2.58 -20.38
CA SER B 48 0.90 -3.82 -21.19
C SER B 48 -0.17 -4.90 -20.98
N ILE B 49 -0.61 -5.14 -19.77
CA ILE B 49 -1.64 -6.22 -19.57
C ILE B 49 -2.49 -5.98 -18.31
N VAL B 50 -3.45 -6.84 -18.08
CA VAL B 50 -4.33 -6.72 -16.87
C VAL B 50 -4.19 -8.00 -16.05
N THR B 51 -4.31 -7.91 -14.74
CA THR B 51 -4.17 -9.13 -13.89
C THR B 51 -5.03 -8.98 -12.62
N GLU B 52 -5.62 -10.05 -12.17
CA GLU B 52 -6.46 -9.98 -10.93
C GLU B 52 -5.77 -10.75 -9.80
N GLY B 53 -6.24 -10.60 -8.59
CA GLY B 53 -5.60 -11.32 -7.44
C GLY B 53 -6.62 -11.57 -6.33
N GLU B 54 -7.05 -12.80 -6.18
CA GLU B 54 -8.03 -13.12 -5.09
C GLU B 54 -7.28 -13.39 -3.79
N GLY B 55 -6.86 -12.35 -3.12
CA GLY B 55 -6.09 -12.53 -1.84
C GLY B 55 -7.08 -12.51 -0.65
N ASN B 56 -6.66 -12.98 0.48
CA ASN B 56 -7.57 -12.99 1.67
C ASN B 56 -7.62 -11.58 2.29
N GLY B 57 -8.16 -11.45 3.48
CA GLY B 57 -8.24 -10.11 4.14
C GLY B 57 -6.85 -9.68 4.60
N LYS B 58 -6.77 -8.96 5.70
CA LYS B 58 -5.42 -8.50 6.21
C LYS B 58 -4.64 -7.82 5.07
N LYS B 59 -5.33 -7.20 4.14
CA LYS B 59 -4.65 -6.51 2.99
C LYS B 59 -3.94 -7.53 2.07
N VAL B 60 -4.16 -8.81 2.25
CA VAL B 60 -3.49 -9.83 1.38
C VAL B 60 -3.89 -9.58 -0.10
N SER B 61 -5.15 -9.46 -0.36
CA SER B 61 -5.62 -9.22 -1.77
C SER B 61 -5.03 -7.92 -2.33
N LYS B 62 -5.35 -6.81 -1.72
CA LYS B 62 -4.81 -5.49 -2.21
C LYS B 62 -3.28 -5.54 -2.33
N LYS B 63 -2.63 -6.28 -1.48
CA LYS B 63 -1.14 -6.37 -1.55
C LYS B 63 -0.73 -7.41 -2.60
N ARG B 64 -1.13 -8.65 -2.41
CA ARG B 64 -0.76 -9.74 -3.38
C ARG B 64 -1.09 -9.31 -4.82
N ALA B 65 -2.24 -8.72 -5.03
CA ALA B 65 -2.61 -8.29 -6.41
C ALA B 65 -1.55 -7.30 -6.93
N ALA B 66 -1.20 -6.32 -6.13
CA ALA B 66 -0.16 -5.33 -6.55
C ALA B 66 1.22 -6.00 -6.65
N GLU B 67 1.60 -6.78 -5.68
CA GLU B 67 2.93 -7.47 -5.72
C GLU B 67 3.08 -8.23 -7.04
N LYS B 68 2.08 -9.00 -7.41
CA LYS B 68 2.16 -9.78 -8.69
C LYS B 68 2.34 -8.79 -9.86
N MET B 69 1.62 -7.70 -9.86
CA MET B 69 1.74 -6.70 -10.97
C MET B 69 3.14 -6.04 -10.90
N LEU B 70 3.61 -5.77 -9.71
CA LEU B 70 4.96 -5.13 -9.56
C LEU B 70 6.02 -5.94 -10.30
N VAL B 71 6.13 -7.21 -10.03
CA VAL B 71 7.14 -8.06 -10.73
C VAL B 71 6.83 -8.11 -12.24
N GLU B 72 5.57 -8.07 -12.60
CA GLU B 72 5.19 -8.10 -14.04
C GLU B 72 5.66 -6.81 -14.75
N LEU B 73 5.18 -5.66 -14.31
CA LEU B 73 5.61 -4.38 -14.98
C LEU B 73 7.12 -4.14 -14.79
N GLN B 74 7.71 -4.65 -13.75
CA GLN B 74 9.18 -4.43 -13.52
C GLN B 74 10.01 -5.44 -14.32
N LYS B 75 9.40 -6.47 -14.85
CA LYS B 75 10.17 -7.48 -15.64
C LYS B 75 9.95 -7.24 -17.14
N LEU B 76 8.83 -6.65 -17.51
CA LEU B 76 8.51 -6.38 -18.94
C LEU B 76 8.62 -7.65 -19.80
N MET B 1 0.54 6.81 35.78
CA MET B 1 -0.06 6.85 34.41
C MET B 1 1.03 6.58 33.36
N ASP B 2 0.65 6.25 32.15
CA ASP B 2 1.66 5.94 31.10
C ASP B 2 2.23 7.25 30.52
N GLU B 3 3.25 7.15 29.70
CA GLU B 3 3.87 8.35 29.05
C GLU B 3 5.01 7.92 28.11
N GLY B 4 5.79 6.93 28.49
CA GLY B 4 6.91 6.46 27.61
C GLY B 4 8.27 6.82 28.23
N ASP B 5 8.86 5.90 28.93
CA ASP B 5 10.18 6.16 29.60
C ASP B 5 11.32 6.32 28.56
N LYS B 6 12.40 6.93 28.99
CA LYS B 6 13.62 7.15 28.11
C LYS B 6 13.23 7.31 26.62
N LYS B 7 12.46 8.31 26.29
CA LYS B 7 12.09 8.53 24.86
C LYS B 7 13.31 9.05 24.08
N SER B 8 14.12 8.15 23.60
CA SER B 8 15.35 8.55 22.83
C SER B 8 15.23 8.09 21.36
N PRO B 9 14.65 8.93 20.53
CA PRO B 9 14.47 8.63 19.10
C PRO B 9 15.76 8.88 18.28
N ILE B 10 15.96 10.07 17.78
CA ILE B 10 17.19 10.36 16.96
C ILE B 10 18.03 11.46 17.61
N SER B 11 17.42 12.55 18.00
CA SER B 11 18.20 13.66 18.64
C SER B 11 19.13 13.11 19.73
N GLN B 12 18.59 12.33 20.64
CA GLN B 12 19.44 11.76 21.73
C GLN B 12 20.51 10.83 21.12
N VAL B 13 20.15 9.99 20.18
CA VAL B 13 21.17 9.08 19.56
C VAL B 13 22.30 9.93 18.97
N HIS B 14 21.96 11.06 18.37
CA HIS B 14 23.01 11.97 17.82
C HIS B 14 23.76 12.59 18.99
N GLU B 15 23.05 12.99 20.02
CA GLU B 15 23.69 13.57 21.23
C GLU B 15 24.82 12.65 21.72
N ILE B 16 24.53 11.37 21.82
CA ILE B 16 25.58 10.39 22.28
C ILE B 16 26.76 10.40 21.30
N GLY B 17 26.48 10.30 20.02
CA GLY B 17 27.59 10.32 19.01
C GLY B 17 28.35 11.64 19.10
N ILE B 18 27.65 12.75 19.04
CA ILE B 18 28.32 14.09 19.13
C ILE B 18 29.10 14.18 20.44
N LYS B 19 28.50 13.81 21.55
CA LYS B 19 29.21 13.87 22.87
C LYS B 19 30.57 13.15 22.76
N ARG B 20 30.62 12.05 22.05
CA ARG B 20 31.91 11.31 21.89
C ARG B 20 32.58 11.65 20.54
N ASN B 21 32.28 12.81 19.99
CA ASN B 21 32.88 13.21 18.68
C ASN B 21 32.68 12.11 17.62
N MET B 22 31.58 11.39 17.70
CA MET B 22 31.32 10.30 16.72
C MET B 22 30.28 10.77 15.68
N THR B 23 30.64 10.80 14.43
CA THR B 23 29.69 11.25 13.38
C THR B 23 28.49 10.31 13.32
N VAL B 24 27.29 10.84 13.44
CA VAL B 24 26.07 9.98 13.39
C VAL B 24 25.36 10.18 12.04
N HIS B 25 25.24 9.15 11.25
CA HIS B 25 24.56 9.30 9.93
C HIS B 25 23.48 8.22 9.75
N PHE B 26 22.28 8.61 9.44
CA PHE B 26 21.19 7.61 9.24
C PHE B 26 20.95 7.40 7.74
N LYS B 27 20.59 6.22 7.33
CA LYS B 27 20.35 5.95 5.88
C LYS B 27 19.42 4.75 5.70
N VAL B 28 18.33 4.94 5.00
CA VAL B 28 17.38 3.79 4.77
C VAL B 28 17.98 2.84 3.72
N LEU B 29 17.70 1.56 3.83
CA LEU B 29 18.27 0.60 2.83
C LEU B 29 17.24 0.32 1.73
N ARG B 30 16.00 0.15 2.11
CA ARG B 30 14.94 -0.11 1.10
C ARG B 30 13.55 -0.17 1.76
N GLU B 31 12.53 0.23 1.04
CA GLU B 31 11.15 0.22 1.58
C GLU B 31 10.28 -0.80 0.80
N GLU B 32 10.54 -2.06 0.97
CA GLU B 32 9.73 -3.08 0.24
C GLU B 32 8.34 -3.24 0.88
N GLY B 33 7.31 -2.80 0.20
CA GLY B 33 5.93 -2.92 0.78
C GLY B 33 4.88 -2.22 -0.09
N PRO B 34 4.52 -2.86 -1.17
CA PRO B 34 3.50 -2.32 -2.11
C PRO B 34 2.07 -2.55 -1.56
N ALA B 35 1.87 -3.64 -0.88
CA ALA B 35 0.52 -3.95 -0.29
C ALA B 35 0.63 -5.20 0.58
N HIS B 36 0.89 -6.33 -0.01
CA HIS B 36 1.03 -7.59 0.78
C HIS B 36 2.45 -7.66 1.37
N MET B 37 2.58 -7.44 2.66
CA MET B 37 3.93 -7.50 3.32
C MET B 37 4.74 -6.20 3.03
N LYS B 38 4.77 -5.28 3.96
CA LYS B 38 5.52 -4.01 3.76
C LYS B 38 6.53 -3.82 4.89
N ASN B 39 7.79 -3.69 4.58
CA ASN B 39 8.83 -3.48 5.64
C ASN B 39 9.68 -2.24 5.31
N PHE B 40 10.39 -1.72 6.30
CA PHE B 40 11.25 -0.52 6.06
C PHE B 40 12.60 -0.70 6.78
N ILE B 41 13.60 -1.17 6.09
CA ILE B 41 14.93 -1.38 6.75
C ILE B 41 15.72 -0.05 6.82
N THR B 42 15.98 0.44 7.99
CA THR B 42 16.74 1.73 8.12
C THR B 42 18.12 1.46 8.75
N ALA B 43 19.17 1.95 8.16
CA ALA B 43 20.53 1.72 8.73
C ALA B 43 21.09 3.03 9.31
N CYS B 44 22.14 2.95 10.08
CA CYS B 44 22.74 4.18 10.68
C CYS B 44 24.19 3.92 11.11
N ILE B 45 25.00 4.95 11.13
CA ILE B 45 26.43 4.78 11.55
C ILE B 45 26.77 5.82 12.63
N VAL B 46 27.56 5.46 13.60
CA VAL B 46 27.94 6.42 14.68
C VAL B 46 29.44 6.35 14.96
N GLY B 47 30.19 7.32 14.51
CA GLY B 47 31.67 7.33 14.73
C GLY B 47 32.33 6.18 13.95
N SER B 48 32.47 5.04 14.56
CA SER B 48 33.09 3.88 13.85
C SER B 48 32.22 2.62 13.99
N ILE B 49 30.94 2.78 14.24
CA ILE B 49 30.04 1.59 14.39
C ILE B 49 28.81 1.75 13.49
N VAL B 50 28.41 0.72 12.81
CA VAL B 50 27.20 0.80 11.92
C VAL B 50 26.13 -0.17 12.42
N THR B 51 24.88 0.21 12.33
CA THR B 51 23.76 -0.68 12.79
C THR B 51 22.46 -0.29 12.08
N GLU B 52 21.63 -1.23 11.75
CA GLU B 52 20.35 -0.88 11.07
C GLU B 52 19.14 -1.39 11.88
N GLY B 53 17.95 -1.25 11.35
CA GLY B 53 16.74 -1.71 12.07
C GLY B 53 15.67 -2.13 11.06
N GLU B 54 15.28 -3.38 11.07
CA GLU B 54 14.23 -3.85 10.12
C GLU B 54 12.85 -3.45 10.64
N GLY B 55 12.52 -2.19 10.55
CA GLY B 55 11.18 -1.71 11.04
C GLY B 55 10.07 -2.12 10.08
N ASN B 56 8.84 -1.89 10.47
CA ASN B 56 7.69 -2.27 9.60
C ASN B 56 7.09 -1.03 8.88
N GLY B 57 7.71 0.12 8.96
CA GLY B 57 7.16 1.32 8.26
C GLY B 57 7.65 2.62 8.91
N LYS B 58 6.84 3.65 8.88
CA LYS B 58 7.23 4.98 9.47
C LYS B 58 7.71 4.80 10.93
N LYS B 59 7.10 3.92 11.67
CA LYS B 59 7.53 3.70 13.08
C LYS B 59 8.31 2.38 13.17
N VAL B 60 8.87 2.07 14.32
CA VAL B 60 9.64 0.80 14.50
C VAL B 60 10.97 0.84 13.73
N SER B 61 10.96 1.13 12.46
CA SER B 61 12.25 1.16 11.68
C SER B 61 13.23 2.18 12.28
N LYS B 62 12.94 3.44 12.15
CA LYS B 62 13.86 4.49 12.70
C LYS B 62 14.05 4.30 14.22
N LYS B 63 13.02 3.90 14.92
CA LYS B 63 13.15 3.69 16.39
C LYS B 63 13.94 2.40 16.69
N ARG B 64 13.42 1.27 16.30
CA ARG B 64 14.14 -0.03 16.55
C ARG B 64 15.59 0.04 16.04
N ALA B 65 15.80 0.66 14.90
CA ALA B 65 17.20 0.78 14.35
C ALA B 65 18.09 1.48 15.41
N ALA B 66 17.65 2.62 15.88
CA ALA B 66 18.46 3.37 16.90
C ALA B 66 18.42 2.61 18.24
N GLU B 67 17.29 2.05 18.60
CA GLU B 67 17.19 1.29 19.89
C GLU B 67 18.26 0.20 19.91
N LYS B 68 18.32 -0.61 18.88
CA LYS B 68 19.37 -1.68 18.83
C LYS B 68 20.76 -1.04 18.96
N MET B 69 20.99 0.03 18.27
CA MET B 69 22.32 0.71 18.34
C MET B 69 22.59 1.22 19.77
N LEU B 70 21.69 2.00 20.33
CA LEU B 70 21.89 2.53 21.72
C LEU B 70 21.91 1.38 22.74
N VAL B 71 20.94 0.51 22.70
CA VAL B 71 20.90 -0.63 23.67
C VAL B 71 22.28 -1.28 23.78
N GLU B 72 22.92 -1.55 22.67
CA GLU B 72 24.27 -2.17 22.72
C GLU B 72 25.35 -1.10 22.98
N LEU B 73 25.29 0.00 22.27
CA LEU B 73 26.32 1.08 22.49
C LEU B 73 26.34 1.51 23.97
N GLN B 74 25.22 1.40 24.65
CA GLN B 74 25.18 1.78 26.10
C GLN B 74 25.60 0.57 26.96
N LYS B 75 25.68 -0.59 26.36
CA LYS B 75 26.07 -1.82 27.12
C LYS B 75 27.53 -2.21 26.79
N LEU B 76 28.02 -1.80 25.64
CA LEU B 76 29.41 -2.10 25.25
C LEU B 76 29.66 -3.64 25.25
N MET B 1 -28.95 8.24 6.84
CA MET B 1 -30.43 8.07 6.81
C MET B 1 -31.03 8.62 8.11
N ASP B 2 -32.24 8.27 8.42
CA ASP B 2 -32.88 8.75 9.68
C ASP B 2 -32.10 8.14 10.86
N GLU B 3 -31.42 8.94 11.64
CA GLU B 3 -30.62 8.39 12.79
C GLU B 3 -29.49 7.49 12.24
N GLY B 4 -28.91 6.62 13.04
CA GLY B 4 -27.81 5.74 12.52
C GLY B 4 -27.39 4.72 13.58
N ASP B 5 -26.11 4.48 13.70
CA ASP B 5 -25.61 3.48 14.69
C ASP B 5 -24.13 3.77 15.02
N LYS B 6 -23.23 3.52 14.10
CA LYS B 6 -21.79 3.77 14.37
C LYS B 6 -20.96 3.41 13.14
N LYS B 7 -21.04 2.17 12.71
CA LYS B 7 -20.28 1.71 11.51
C LYS B 7 -18.83 2.23 11.57
N SER B 8 -18.08 1.81 12.56
CA SER B 8 -16.67 2.27 12.68
C SER B 8 -15.71 1.08 12.49
N PRO B 9 -15.53 0.67 11.25
CA PRO B 9 -14.64 -0.46 10.91
C PRO B 9 -13.15 -0.08 10.94
N ILE B 10 -12.69 0.77 10.04
CA ILE B 10 -11.23 1.11 10.03
C ILE B 10 -11.00 2.61 10.30
N SER B 11 -11.19 3.46 9.32
CA SER B 11 -10.95 4.94 9.51
C SER B 11 -11.39 5.39 10.90
N GLN B 12 -12.66 5.32 11.21
CA GLN B 12 -13.14 5.75 12.57
C GLN B 12 -12.29 5.12 13.68
N VAL B 13 -11.91 3.87 13.53
CA VAL B 13 -11.05 3.22 14.57
C VAL B 13 -9.71 3.96 14.62
N HIS B 14 -9.12 4.22 13.48
CA HIS B 14 -7.83 4.95 13.43
C HIS B 14 -8.04 6.34 14.05
N GLU B 15 -9.06 7.05 13.58
CA GLU B 15 -9.36 8.40 14.15
C GLU B 15 -9.45 8.31 15.67
N ILE B 16 -10.19 7.37 16.18
CA ILE B 16 -10.31 7.20 17.67
C ILE B 16 -8.93 6.87 18.24
N GLY B 17 -8.17 6.07 17.55
CA GLY B 17 -6.81 5.68 18.03
C GLY B 17 -5.95 6.93 18.26
N ILE B 18 -5.85 7.80 17.29
CA ILE B 18 -5.04 9.03 17.45
C ILE B 18 -5.79 10.02 18.36
N LYS B 19 -7.09 10.12 18.21
CA LYS B 19 -7.86 11.06 19.07
C LYS B 19 -7.69 10.70 20.55
N ARG B 20 -7.45 9.44 20.85
CA ARG B 20 -7.27 9.03 22.27
C ARG B 20 -5.79 8.77 22.56
N ASN B 21 -5.19 7.81 21.86
CA ASN B 21 -3.72 7.48 22.05
C ASN B 21 -3.44 6.01 21.63
N MET B 22 -4.43 5.26 21.20
CA MET B 22 -4.17 3.84 20.80
C MET B 22 -3.42 3.77 19.46
N THR B 23 -2.59 2.77 19.29
CA THR B 23 -1.81 2.63 18.02
C THR B 23 -2.74 2.35 16.83
N VAL B 24 -3.50 1.28 16.91
CA VAL B 24 -4.43 0.91 15.79
C VAL B 24 -3.61 0.51 14.55
N HIS B 25 -3.25 -0.73 14.44
CA HIS B 25 -2.45 -1.19 13.26
C HIS B 25 -3.15 -2.40 12.60
N PHE B 26 -3.43 -2.31 11.33
CA PHE B 26 -4.12 -3.45 10.62
C PHE B 26 -3.17 -4.05 9.59
N LYS B 27 -3.05 -5.36 9.56
CA LYS B 27 -2.14 -6.02 8.56
C LYS B 27 -2.69 -7.40 8.18
N VAL B 28 -2.89 -7.64 6.91
CA VAL B 28 -3.43 -8.97 6.47
C VAL B 28 -2.33 -10.05 6.53
N LEU B 29 -2.69 -11.28 6.71
CA LEU B 29 -1.67 -12.38 6.78
C LEU B 29 -1.82 -13.32 5.56
N ARG B 30 -3.04 -13.53 5.12
CA ARG B 30 -3.28 -14.42 3.94
C ARG B 30 -4.40 -13.83 3.06
N GLU B 31 -4.12 -13.61 1.80
CA GLU B 31 -5.15 -13.05 0.89
C GLU B 31 -5.13 -13.82 -0.44
N GLU B 32 -5.50 -15.07 -0.41
CA GLU B 32 -5.48 -15.91 -1.65
C GLU B 32 -6.19 -15.16 -2.80
N GLY B 33 -5.59 -15.15 -3.97
CA GLY B 33 -6.20 -14.44 -5.13
C GLY B 33 -7.39 -15.24 -5.70
N PRO B 34 -7.46 -15.29 -7.01
CA PRO B 34 -8.54 -16.00 -7.71
C PRO B 34 -8.28 -17.52 -7.72
N ALA B 35 -9.31 -18.32 -7.70
CA ALA B 35 -9.14 -19.81 -7.71
C ALA B 35 -10.51 -20.49 -7.53
N HIS B 36 -11.00 -20.56 -6.32
CA HIS B 36 -12.33 -21.20 -6.07
C HIS B 36 -13.00 -20.54 -4.86
N MET B 37 -12.56 -20.85 -3.66
CA MET B 37 -13.18 -20.23 -2.44
C MET B 37 -12.10 -19.55 -1.58
N LYS B 38 -11.23 -20.32 -0.98
CA LYS B 38 -10.14 -19.80 -0.14
C LYS B 38 -10.69 -18.84 0.94
N ASN B 39 -9.84 -18.18 1.69
CA ASN B 39 -10.34 -17.25 2.75
C ASN B 39 -9.44 -16.00 2.85
N PHE B 40 -9.66 -15.19 3.85
CA PHE B 40 -8.82 -13.96 4.02
C PHE B 40 -8.57 -13.72 5.51
N ILE B 41 -7.35 -13.88 5.97
CA ILE B 41 -7.08 -13.65 7.43
C ILE B 41 -6.30 -12.34 7.60
N THR B 42 -6.85 -11.43 8.37
CA THR B 42 -6.15 -10.13 8.60
C THR B 42 -5.93 -9.93 10.11
N ALA B 43 -4.72 -9.63 10.51
CA ALA B 43 -4.44 -9.42 11.98
C ALA B 43 -4.38 -7.92 12.28
N CYS B 44 -4.74 -7.53 13.48
CA CYS B 44 -4.70 -6.08 13.84
C CYS B 44 -4.35 -5.91 15.32
N ILE B 45 -3.61 -4.88 15.65
CA ILE B 45 -3.22 -4.64 17.08
C ILE B 45 -3.54 -3.19 17.48
N VAL B 46 -3.96 -2.99 18.70
CA VAL B 46 -4.29 -1.60 19.16
C VAL B 46 -3.67 -1.36 20.54
N GLY B 47 -2.60 -0.60 20.60
CA GLY B 47 -1.95 -0.33 21.92
C GLY B 47 -1.24 -1.60 22.41
N SER B 48 -1.95 -2.46 23.09
CA SER B 48 -1.32 -3.72 23.60
C SER B 48 -2.29 -4.91 23.43
N ILE B 49 -3.26 -4.78 22.56
CA ILE B 49 -4.23 -5.89 22.33
C ILE B 49 -4.21 -6.28 20.84
N VAL B 50 -4.29 -7.55 20.54
CA VAL B 50 -4.29 -8.00 19.11
C VAL B 50 -5.56 -8.81 18.80
N THR B 51 -6.05 -8.71 17.60
CA THR B 51 -7.28 -9.49 17.21
C THR B 51 -7.21 -9.86 15.73
N GLU B 52 -7.32 -11.12 15.43
CA GLU B 52 -7.24 -11.56 14.00
C GLU B 52 -8.64 -11.54 13.34
N GLY B 53 -8.67 -11.48 12.03
CA GLY B 53 -9.97 -11.46 11.29
C GLY B 53 -9.91 -12.47 10.15
N GLU B 54 -10.41 -13.66 10.36
CA GLU B 54 -10.38 -14.72 9.31
C GLU B 54 -11.59 -14.60 8.35
N GLY B 55 -12.08 -13.40 8.13
CA GLY B 55 -13.25 -13.20 7.19
C GLY B 55 -13.05 -14.03 5.91
N ASN B 56 -14.06 -14.75 5.50
CA ASN B 56 -13.93 -15.59 4.26
C ASN B 56 -13.82 -14.70 3.00
N GLY B 57 -14.52 -13.59 2.99
CA GLY B 57 -14.47 -12.68 1.81
C GLY B 57 -13.55 -11.48 2.10
N LYS B 58 -12.92 -10.95 1.09
CA LYS B 58 -12.01 -9.77 1.30
C LYS B 58 -12.72 -8.69 2.13
N LYS B 59 -13.95 -8.40 1.82
CA LYS B 59 -14.72 -7.36 2.58
C LYS B 59 -15.05 -7.83 4.00
N VAL B 60 -14.76 -9.07 4.34
CA VAL B 60 -15.06 -9.57 5.72
C VAL B 60 -13.77 -9.52 6.56
N SER B 61 -12.68 -9.99 6.01
CA SER B 61 -11.39 -9.99 6.76
C SER B 61 -10.95 -8.55 7.06
N LYS B 62 -10.93 -7.70 6.06
CA LYS B 62 -10.53 -6.28 6.31
C LYS B 62 -11.71 -5.50 6.91
N LYS B 63 -12.23 -5.98 8.00
CA LYS B 63 -13.39 -5.32 8.67
C LYS B 63 -13.76 -6.12 9.92
N ARG B 64 -14.20 -7.35 9.75
CA ARG B 64 -14.56 -8.20 10.93
C ARG B 64 -13.45 -8.13 11.99
N ALA B 65 -12.21 -8.12 11.58
CA ALA B 65 -11.08 -8.04 12.56
C ALA B 65 -11.13 -6.68 13.29
N ALA B 66 -11.43 -5.64 12.58
CA ALA B 66 -11.50 -4.28 13.21
C ALA B 66 -12.80 -4.13 14.00
N GLU B 67 -13.94 -4.31 13.37
CA GLU B 67 -15.24 -4.18 14.10
C GLU B 67 -15.19 -5.01 15.38
N LYS B 68 -14.84 -6.27 15.26
CA LYS B 68 -14.73 -7.16 16.45
C LYS B 68 -13.81 -6.49 17.50
N MET B 69 -12.66 -6.02 17.08
CA MET B 69 -11.73 -5.33 18.04
C MET B 69 -12.47 -4.17 18.74
N LEU B 70 -13.14 -3.34 18.00
CA LEU B 70 -13.91 -2.22 18.65
C LEU B 70 -15.00 -2.82 19.54
N VAL B 71 -15.59 -3.92 19.12
CA VAL B 71 -16.66 -4.56 19.93
C VAL B 71 -16.10 -4.91 21.33
N GLU B 72 -15.02 -5.65 21.38
CA GLU B 72 -14.42 -6.00 22.71
C GLU B 72 -13.85 -4.73 23.38
N LEU B 73 -13.17 -3.89 22.63
CA LEU B 73 -12.60 -2.64 23.23
C LEU B 73 -13.71 -1.75 23.81
N GLN B 74 -14.89 -1.79 23.25
CA GLN B 74 -16.01 -0.95 23.79
C GLN B 74 -16.66 -1.65 25.01
N LYS B 75 -16.08 -2.74 25.45
CA LYS B 75 -16.67 -3.47 26.62
C LYS B 75 -15.61 -3.71 27.72
N LEU B 76 -14.41 -3.19 27.54
CA LEU B 76 -13.34 -3.38 28.55
C LEU B 76 -13.33 -2.20 29.54
N MET B 1 0.80 21.31 28.95
CA MET B 1 -0.21 20.51 28.17
C MET B 1 0.55 19.41 27.43
N ASP B 2 1.05 18.45 28.15
CA ASP B 2 1.87 17.38 27.51
C ASP B 2 1.66 16.04 28.25
N GLU B 3 2.11 14.97 27.67
CA GLU B 3 1.96 13.63 28.31
C GLU B 3 3.13 12.72 27.90
N GLY B 4 3.83 12.17 28.85
CA GLY B 4 4.98 11.26 28.52
C GLY B 4 6.22 12.10 28.16
N ASP B 5 7.19 11.48 27.52
CA ASP B 5 8.43 12.21 27.13
C ASP B 5 8.96 11.63 25.81
N LYS B 6 9.70 12.41 25.04
CA LYS B 6 10.24 11.91 23.74
C LYS B 6 9.09 11.58 22.78
N LYS B 7 9.38 10.85 21.72
CA LYS B 7 8.29 10.49 20.75
C LYS B 7 8.66 9.23 19.96
N SER B 8 9.70 9.30 19.17
CA SER B 8 10.11 8.10 18.35
C SER B 8 11.64 7.96 18.33
N PRO B 9 12.09 6.79 17.95
CA PRO B 9 13.54 6.50 17.85
C PRO B 9 14.12 7.13 16.57
N ILE B 10 15.24 6.64 16.10
CA ILE B 10 15.88 7.19 14.86
C ILE B 10 16.44 8.59 15.14
N SER B 11 15.60 9.52 15.55
CA SER B 11 16.09 10.91 15.84
C SER B 11 17.23 10.83 16.86
N GLN B 12 16.95 10.45 18.09
CA GLN B 12 18.04 10.35 19.12
C GLN B 12 19.16 9.45 18.58
N VAL B 13 18.85 8.54 17.69
CA VAL B 13 19.93 7.66 17.12
C VAL B 13 20.83 8.52 16.23
N HIS B 14 20.25 9.43 15.49
CA HIS B 14 21.07 10.34 14.64
C HIS B 14 21.91 11.22 15.58
N GLU B 15 21.28 11.74 16.61
CA GLU B 15 22.01 12.60 17.60
C GLU B 15 23.12 11.80 18.29
N ILE B 16 22.78 10.72 18.96
CA ILE B 16 23.80 9.89 19.65
C ILE B 16 24.77 9.30 18.61
N GLY B 17 24.27 8.92 17.47
CA GLY B 17 25.15 8.35 16.41
C GLY B 17 26.20 9.39 16.02
N ILE B 18 25.77 10.55 15.60
CA ILE B 18 26.77 11.63 15.24
C ILE B 18 27.63 11.94 16.48
N LYS B 19 27.01 12.10 17.62
CA LYS B 19 27.79 12.40 18.87
C LYS B 19 28.87 11.33 19.11
N ARG B 20 28.63 10.11 18.70
CA ARG B 20 29.65 9.04 18.91
C ARG B 20 30.34 8.69 17.57
N ASN B 21 30.34 9.60 16.62
CA ASN B 21 31.00 9.32 15.30
C ASN B 21 30.40 8.03 14.69
N MET B 22 29.13 7.81 14.88
CA MET B 22 28.48 6.59 14.34
C MET B 22 27.47 6.96 13.25
N THR B 23 27.77 6.65 12.01
CA THR B 23 26.82 6.98 10.90
C THR B 23 25.58 6.09 11.01
N VAL B 24 24.48 6.63 11.46
CA VAL B 24 23.24 5.81 11.61
C VAL B 24 22.69 5.42 10.22
N HIS B 25 22.97 4.22 9.79
CA HIS B 25 22.49 3.76 8.45
C HIS B 25 21.29 2.82 8.62
N PHE B 26 20.09 3.33 8.49
CA PHE B 26 18.87 2.47 8.63
C PHE B 26 18.50 1.90 7.25
N LYS B 27 18.47 0.60 7.11
CA LYS B 27 18.11 0.02 5.77
C LYS B 27 17.44 -1.35 5.95
N VAL B 28 16.42 -1.62 5.18
CA VAL B 28 15.73 -2.95 5.25
C VAL B 28 16.54 -3.98 4.47
N LEU B 29 16.52 -5.22 4.89
CA LEU B 29 17.29 -6.28 4.17
C LEU B 29 16.47 -6.74 2.95
N ARG B 30 15.19 -6.88 3.15
CA ARG B 30 14.28 -7.32 2.04
C ARG B 30 12.84 -6.90 2.34
N GLU B 31 12.28 -6.04 1.53
CA GLU B 31 10.89 -5.57 1.75
C GLU B 31 9.99 -5.97 0.57
N GLU B 32 8.81 -5.39 0.47
CA GLU B 32 7.89 -5.74 -0.65
C GLU B 32 7.92 -4.63 -1.72
N GLY B 33 8.32 -4.95 -2.93
CA GLY B 33 8.36 -3.92 -4.02
C GLY B 33 9.39 -2.84 -3.68
N PRO B 34 9.21 -1.67 -4.26
CA PRO B 34 10.13 -0.53 -4.04
C PRO B 34 9.82 0.16 -2.69
N ALA B 35 8.59 0.19 -2.29
CA ALA B 35 8.23 0.85 -0.99
C ALA B 35 6.85 0.38 -0.48
N HIS B 36 6.53 -0.88 -0.63
CA HIS B 36 5.22 -1.37 -0.13
C HIS B 36 5.31 -1.58 1.39
N MET B 37 5.29 -0.51 2.15
CA MET B 37 5.39 -0.63 3.64
C MET B 37 6.71 -1.32 4.04
N LYS B 38 7.77 -0.57 4.17
CA LYS B 38 9.08 -1.19 4.56
C LYS B 38 8.93 -1.93 5.91
N ASN B 39 8.94 -3.25 5.87
CA ASN B 39 8.78 -4.05 7.13
C ASN B 39 9.63 -5.34 7.04
N PHE B 40 9.33 -6.31 7.89
CA PHE B 40 10.05 -7.62 7.88
C PHE B 40 11.39 -7.55 8.62
N ILE B 41 12.42 -7.01 8.02
CA ILE B 41 13.73 -6.95 8.72
C ILE B 41 14.46 -5.65 8.41
N THR B 42 14.53 -4.76 9.36
CA THR B 42 15.23 -3.46 9.16
C THR B 42 16.58 -3.52 9.89
N ALA B 43 17.67 -3.34 9.18
CA ALA B 43 19.01 -3.40 9.83
C ALA B 43 19.60 -1.99 9.91
N CYS B 44 20.17 -1.64 11.04
CA CYS B 44 20.77 -0.29 11.19
C CYS B 44 22.26 -0.42 11.52
N ILE B 45 23.13 0.12 10.71
CA ILE B 45 24.59 0.02 11.01
C ILE B 45 25.13 1.39 11.45
N VAL B 46 26.08 1.38 12.35
CA VAL B 46 26.66 2.67 12.84
C VAL B 46 28.19 2.55 12.88
N GLY B 47 28.87 3.26 12.02
CA GLY B 47 30.37 3.19 11.99
C GLY B 47 30.83 1.83 11.47
N SER B 48 30.86 0.83 12.33
CA SER B 48 31.32 -0.53 11.89
C SER B 48 30.50 -1.63 12.58
N ILE B 49 29.37 -1.31 13.15
CA ILE B 49 28.53 -2.35 13.83
C ILE B 49 27.07 -2.16 13.43
N VAL B 50 26.36 -3.22 13.17
CA VAL B 50 24.92 -3.08 12.77
C VAL B 50 24.00 -3.86 13.70
N THR B 51 22.77 -3.45 13.75
CA THR B 51 21.75 -4.14 14.61
C THR B 51 20.56 -4.54 13.74
N GLU B 52 20.52 -5.77 13.32
CA GLU B 52 19.38 -6.23 12.46
C GLU B 52 18.19 -6.62 13.35
N GLY B 53 16.99 -6.31 12.94
CA GLY B 53 15.81 -6.67 13.78
C GLY B 53 14.52 -6.15 13.16
N GLU B 54 13.76 -5.39 13.92
CA GLU B 54 12.46 -4.83 13.41
C GLU B 54 11.35 -5.91 13.57
N GLY B 55 10.37 -5.93 12.72
CA GLY B 55 9.27 -6.93 12.87
C GLY B 55 8.35 -6.94 11.65
N ASN B 56 7.10 -6.60 11.83
CA ASN B 56 6.14 -6.60 10.68
C ASN B 56 5.36 -5.27 10.65
N GLY B 57 4.35 -5.20 9.83
CA GLY B 57 3.55 -3.93 9.74
C GLY B 57 2.45 -3.92 10.82
N LYS B 58 1.34 -3.28 10.55
CA LYS B 58 0.21 -3.21 11.54
C LYS B 58 0.59 -2.29 12.73
N LYS B 59 1.68 -2.56 13.40
CA LYS B 59 2.09 -1.70 14.56
C LYS B 59 3.62 -1.82 14.79
N VAL B 60 4.38 -1.76 13.73
CA VAL B 60 5.88 -1.87 13.85
C VAL B 60 6.54 -1.36 12.56
N SER B 61 7.83 -1.60 12.39
CA SER B 61 8.55 -1.16 11.18
C SER B 61 8.86 0.32 11.27
N LYS B 62 10.12 0.65 11.20
CA LYS B 62 10.55 2.09 11.28
C LYS B 62 10.47 2.55 12.75
N LYS B 63 10.67 1.61 13.64
CA LYS B 63 10.61 1.90 15.10
C LYS B 63 11.20 0.69 15.82
N ARG B 64 10.56 -0.44 15.63
CA ARG B 64 11.03 -1.72 16.25
C ARG B 64 12.57 -1.89 16.10
N ALA B 65 13.08 -1.73 14.91
CA ALA B 65 14.56 -1.89 14.70
C ALA B 65 15.33 -0.73 15.37
N ALA B 66 14.92 0.49 15.15
CA ALA B 66 15.63 1.65 15.78
C ALA B 66 15.63 1.52 17.31
N GLU B 67 14.53 1.15 17.89
CA GLU B 67 14.46 0.99 19.38
C GLU B 67 15.51 -0.04 19.82
N LYS B 68 15.51 -1.19 19.21
CA LYS B 68 16.51 -2.22 19.57
C LYS B 68 17.93 -1.67 19.37
N MET B 69 18.13 -0.90 18.34
CA MET B 69 19.49 -0.32 18.10
C MET B 69 19.86 0.61 19.25
N LEU B 70 18.94 1.45 19.67
CA LEU B 70 19.24 2.39 20.79
C LEU B 70 19.72 1.61 22.02
N VAL B 71 18.99 0.63 22.46
CA VAL B 71 19.43 -0.15 23.66
C VAL B 71 20.79 -0.84 23.36
N GLU B 72 21.07 -1.16 22.12
CA GLU B 72 22.37 -1.81 21.79
C GLU B 72 23.50 -0.76 21.76
N LEU B 73 23.31 0.34 21.07
CA LEU B 73 24.38 1.39 21.01
C LEU B 73 24.50 2.12 22.37
N GLN B 74 23.48 2.09 23.18
CA GLN B 74 23.54 2.79 24.51
C GLN B 74 24.39 1.99 25.50
N LYS B 75 24.76 0.77 25.17
CA LYS B 75 25.59 -0.05 26.11
C LYS B 75 27.09 0.18 25.84
N LEU B 76 27.43 0.58 24.64
CA LEU B 76 28.85 0.81 24.28
C LEU B 76 29.12 2.33 24.11
N MET B 1 11.35 4.29 40.15
CA MET B 1 12.82 4.05 40.16
C MET B 1 13.37 4.15 38.73
N ASP B 2 12.54 3.92 37.76
CA ASP B 2 12.95 3.98 36.34
C ASP B 2 12.88 5.43 35.83
N GLU B 3 13.54 5.71 34.73
CA GLU B 3 13.51 7.08 34.14
C GLU B 3 13.31 6.97 32.62
N GLY B 4 12.86 8.01 32.00
CA GLY B 4 12.65 7.98 30.52
C GLY B 4 12.13 9.34 30.06
N ASP B 5 10.87 9.42 29.67
CA ASP B 5 10.29 10.72 29.22
C ASP B 5 11.19 11.35 28.11
N LYS B 6 10.81 12.48 27.57
CA LYS B 6 11.65 13.11 26.49
C LYS B 6 11.77 12.13 25.30
N LYS B 7 10.66 11.64 24.79
CA LYS B 7 10.70 10.66 23.64
C LYS B 7 11.65 11.16 22.54
N SER B 8 12.87 10.70 22.55
CA SER B 8 13.87 11.13 21.52
C SER B 8 14.62 9.90 21.00
N PRO B 9 14.04 9.25 20.02
CA PRO B 9 14.62 8.03 19.41
C PRO B 9 15.77 8.36 18.44
N ILE B 10 15.91 9.60 18.03
CA ILE B 10 17.01 9.97 17.08
C ILE B 10 17.79 11.17 17.60
N SER B 11 17.12 12.26 17.87
CA SER B 11 17.81 13.49 18.39
C SER B 11 18.83 13.12 19.48
N GLN B 12 18.38 12.67 20.61
CA GLN B 12 19.31 12.31 21.71
C GLN B 12 20.38 11.32 21.20
N VAL B 13 20.02 10.40 20.34
CA VAL B 13 21.05 9.45 19.80
C VAL B 13 22.14 10.28 19.12
N HIS B 14 21.76 11.30 18.40
CA HIS B 14 22.76 12.18 17.74
C HIS B 14 23.49 12.99 18.80
N GLU B 15 22.76 13.61 19.70
CA GLU B 15 23.40 14.41 20.79
C GLU B 15 24.40 13.56 21.59
N ILE B 16 24.05 12.33 21.91
CA ILE B 16 25.01 11.47 22.69
C ILE B 16 26.02 10.87 21.72
N GLY B 17 25.58 10.47 20.55
CA GLY B 17 26.52 9.87 19.55
C GLY B 17 27.65 10.84 19.23
N ILE B 18 27.32 12.04 18.82
CA ILE B 18 28.38 13.05 18.51
C ILE B 18 29.27 13.26 19.75
N LYS B 19 28.68 13.49 20.89
CA LYS B 19 29.47 13.70 22.13
C LYS B 19 30.29 12.44 22.47
N ARG B 20 29.74 11.27 22.24
CA ARG B 20 30.50 10.01 22.56
C ARG B 20 31.39 9.58 21.38
N ASN B 21 31.70 10.49 20.47
CA ASN B 21 32.57 10.14 19.30
C ASN B 21 31.93 9.00 18.49
N MET B 22 30.63 8.97 18.40
CA MET B 22 29.95 7.89 17.62
C MET B 22 29.56 8.42 16.24
N THR B 23 29.75 7.63 15.21
CA THR B 23 29.38 8.06 13.83
C THR B 23 27.90 8.43 13.76
N VAL B 24 27.04 7.55 14.22
CA VAL B 24 25.57 7.83 14.19
C VAL B 24 25.11 7.95 12.72
N HIS B 25 25.06 6.85 12.01
CA HIS B 25 24.62 6.91 10.58
C HIS B 25 23.37 6.06 10.38
N PHE B 26 22.30 6.66 9.94
CA PHE B 26 21.03 5.89 9.69
C PHE B 26 20.81 5.74 8.19
N LYS B 27 20.65 4.52 7.73
CA LYS B 27 20.43 4.31 6.26
C LYS B 27 19.42 3.17 6.05
N VAL B 28 18.42 3.39 5.25
CA VAL B 28 17.42 2.32 5.00
C VAL B 28 17.91 1.45 3.84
N LEU B 29 17.68 0.17 3.90
CA LEU B 29 18.15 -0.75 2.80
C LEU B 29 17.05 -0.88 1.74
N ARG B 30 15.82 -0.93 2.16
CA ARG B 30 14.69 -1.06 1.19
C ARG B 30 13.41 -0.47 1.79
N GLU B 31 12.76 0.40 1.06
CA GLU B 31 11.50 1.03 1.55
C GLU B 31 10.38 0.74 0.53
N GLU B 32 9.37 -0.01 0.92
CA GLU B 32 8.26 -0.35 -0.04
C GLU B 32 8.83 -1.29 -1.14
N GLY B 33 8.16 -1.42 -2.24
CA GLY B 33 8.67 -2.33 -3.33
C GLY B 33 8.00 -1.98 -4.66
N PRO B 34 7.40 -2.98 -5.27
CA PRO B 34 6.70 -2.80 -6.56
C PRO B 34 5.33 -2.13 -6.35
N ALA B 35 4.46 -2.78 -5.62
CA ALA B 35 3.11 -2.20 -5.37
C ALA B 35 2.34 -3.07 -4.36
N HIS B 36 3.01 -3.55 -3.34
CA HIS B 36 2.33 -4.41 -2.30
C HIS B 36 3.35 -4.90 -1.26
N MET B 37 4.27 -4.07 -0.85
CA MET B 37 5.28 -4.51 0.16
C MET B 37 4.90 -3.96 1.55
N LYS B 38 4.71 -2.68 1.65
CA LYS B 38 4.33 -2.04 2.94
C LYS B 38 5.33 -2.41 4.05
N ASN B 39 6.56 -2.73 3.71
CA ASN B 39 7.57 -3.07 4.75
C ASN B 39 8.82 -2.19 4.54
N PHE B 40 9.47 -1.81 5.61
CA PHE B 40 10.70 -0.95 5.48
C PHE B 40 11.81 -1.49 6.39
N ILE B 41 13.03 -1.56 5.90
CA ILE B 41 14.14 -2.07 6.75
C ILE B 41 15.15 -0.94 7.02
N THR B 42 15.06 -0.33 8.17
CA THR B 42 16.00 0.80 8.52
C THR B 42 17.27 0.26 9.16
N ALA B 43 18.41 0.50 8.58
CA ALA B 43 19.68 0.03 9.19
C ALA B 43 20.37 1.23 9.86
N CYS B 44 20.97 1.03 11.00
CA CYS B 44 21.64 2.17 11.70
C CYS B 44 23.01 1.73 12.25
N ILE B 45 24.02 2.54 12.06
CA ILE B 45 25.38 2.18 12.58
C ILE B 45 25.88 3.28 13.52
N VAL B 46 26.40 2.90 14.66
CA VAL B 46 26.91 3.92 15.63
C VAL B 46 28.34 3.55 16.06
N GLY B 47 29.32 4.23 15.53
CA GLY B 47 30.74 3.93 15.89
C GLY B 47 31.14 2.58 15.30
N SER B 48 31.34 1.59 16.13
CA SER B 48 31.74 0.25 15.62
C SER B 48 30.59 -0.76 15.78
N ILE B 49 29.38 -0.30 15.92
CA ILE B 49 28.23 -1.25 16.10
C ILE B 49 27.13 -0.92 15.06
N VAL B 50 26.59 -1.93 14.42
CA VAL B 50 25.51 -1.68 13.42
C VAL B 50 24.26 -2.49 13.81
N THR B 51 23.10 -1.96 13.56
CA THR B 51 21.83 -2.68 13.92
C THR B 51 20.78 -2.47 12.83
N GLU B 52 20.10 -3.52 12.44
CA GLU B 52 19.05 -3.40 11.39
C GLU B 52 17.66 -3.35 12.05
N GLY B 53 16.76 -2.57 11.52
CA GLY B 53 15.39 -2.48 12.12
C GLY B 53 14.33 -2.76 11.07
N GLU B 54 13.95 -4.00 10.90
CA GLU B 54 12.90 -4.34 9.88
C GLU B 54 11.54 -3.78 10.30
N GLY B 55 11.34 -2.50 10.18
CA GLY B 55 10.02 -1.89 10.55
C GLY B 55 8.95 -2.38 9.56
N ASN B 56 8.49 -3.59 9.73
CA ASN B 56 7.45 -4.15 8.80
C ASN B 56 6.19 -3.27 8.82
N GLY B 57 5.63 -3.02 9.97
CA GLY B 57 4.40 -2.16 10.02
C GLY B 57 4.00 -1.90 11.47
N LYS B 58 2.96 -1.11 11.67
CA LYS B 58 2.47 -0.78 13.05
C LYS B 58 3.45 0.17 13.77
N LYS B 59 3.62 1.37 13.27
CA LYS B 59 4.52 2.39 13.92
C LYS B 59 6.00 1.91 13.92
N VAL B 60 6.53 1.55 12.79
CA VAL B 60 7.97 1.11 12.76
C VAL B 60 8.68 1.67 11.52
N SER B 61 9.95 1.35 11.38
CA SER B 61 10.78 1.82 10.24
C SER B 61 11.27 3.23 10.54
N LYS B 62 12.56 3.38 10.60
CA LYS B 62 13.19 4.70 10.92
C LYS B 62 13.15 4.90 12.45
N LYS B 63 12.01 4.67 13.06
CA LYS B 63 11.92 4.80 14.55
C LYS B 63 12.30 3.46 15.20
N ARG B 64 11.61 2.40 14.83
CA ARG B 64 11.89 1.04 15.41
C ARG B 64 13.40 0.72 15.39
N ALA B 65 14.07 0.98 14.30
CA ALA B 65 15.54 0.67 14.21
C ALA B 65 16.33 1.52 15.22
N ALA B 66 15.97 2.76 15.39
CA ALA B 66 16.70 3.65 16.35
C ALA B 66 16.38 3.22 17.79
N GLU B 67 15.12 3.05 18.10
CA GLU B 67 14.73 2.65 19.50
C GLU B 67 15.55 1.44 19.93
N LYS B 68 15.54 0.39 19.15
CA LYS B 68 16.32 -0.82 19.51
C LYS B 68 17.80 -0.44 19.69
N MET B 69 18.37 0.34 18.79
CA MET B 69 19.81 0.75 18.94
C MET B 69 20.05 1.29 20.36
N LEU B 70 19.24 2.21 20.82
CA LEU B 70 19.43 2.76 22.20
C LEU B 70 19.15 1.65 23.24
N VAL B 71 18.14 0.85 23.00
CA VAL B 71 17.80 -0.24 23.97
C VAL B 71 18.97 -1.22 24.10
N GLU B 72 19.56 -1.62 23.00
CA GLU B 72 20.71 -2.58 23.07
C GLU B 72 21.95 -1.83 23.60
N LEU B 73 22.23 -0.67 23.07
CA LEU B 73 23.43 0.11 23.54
C LEU B 73 23.31 0.39 25.05
N GLN B 74 22.12 0.63 25.55
CA GLN B 74 21.96 0.90 27.01
C GLN B 74 21.96 -0.42 27.78
N LYS B 75 21.76 -1.53 27.11
CA LYS B 75 21.75 -2.85 27.82
C LYS B 75 23.11 -3.53 27.67
N LEU B 76 23.76 -3.36 26.54
CA LEU B 76 25.08 -3.99 26.30
C LEU B 76 25.05 -5.48 26.72
N MET B 1 -16.40 12.17 -31.03
CA MET B 1 -17.51 12.00 -30.04
C MET B 1 -17.02 12.40 -28.64
N ASP B 2 -17.86 13.01 -27.85
CA ASP B 2 -17.43 13.43 -26.47
C ASP B 2 -18.50 13.02 -25.43
N GLU B 3 -19.67 13.59 -25.49
CA GLU B 3 -20.75 13.24 -24.52
C GLU B 3 -21.18 11.79 -24.75
N GLY B 4 -21.03 10.93 -23.77
CA GLY B 4 -21.44 9.51 -23.96
C GLY B 4 -21.39 8.75 -22.63
N ASP B 5 -21.85 7.53 -22.66
CA ASP B 5 -21.85 6.68 -21.43
C ASP B 5 -20.75 5.61 -21.52
N LYS B 6 -20.74 4.88 -22.60
CA LYS B 6 -19.74 3.79 -22.78
C LYS B 6 -18.38 4.35 -23.23
N LYS B 7 -17.33 3.75 -22.75
CA LYS B 7 -15.96 4.21 -23.13
C LYS B 7 -15.48 3.39 -24.34
N SER B 8 -16.11 3.57 -25.48
CA SER B 8 -15.71 2.82 -26.70
C SER B 8 -14.22 3.05 -27.03
N PRO B 9 -13.78 4.29 -27.03
CA PRO B 9 -12.37 4.63 -27.31
C PRO B 9 -11.47 4.28 -26.11
N ILE B 10 -10.27 3.84 -26.38
CA ILE B 10 -9.30 3.47 -25.28
C ILE B 10 -9.77 2.20 -24.57
N SER B 11 -10.93 2.24 -23.98
CA SER B 11 -11.45 1.03 -23.25
C SER B 11 -11.66 -0.13 -24.24
N GLN B 12 -12.69 -0.09 -25.05
CA GLN B 12 -12.92 -1.20 -26.03
C GLN B 12 -11.65 -1.45 -26.83
N VAL B 13 -10.90 -0.42 -27.12
CA VAL B 13 -9.61 -0.60 -27.87
C VAL B 13 -8.67 -1.47 -27.02
N HIS B 14 -8.55 -1.17 -25.77
CA HIS B 14 -7.66 -1.99 -24.88
C HIS B 14 -8.29 -3.41 -24.77
N GLU B 15 -9.59 -3.47 -24.68
CA GLU B 15 -10.30 -4.79 -24.59
C GLU B 15 -10.03 -5.64 -25.84
N ILE B 16 -10.25 -5.09 -27.02
CA ILE B 16 -10.02 -5.90 -28.27
C ILE B 16 -8.51 -5.97 -28.55
N GLY B 17 -7.76 -4.96 -28.20
CA GLY B 17 -6.29 -5.00 -28.43
C GLY B 17 -5.72 -6.12 -27.55
N ILE B 18 -6.03 -6.11 -26.29
CA ILE B 18 -5.56 -7.20 -25.39
C ILE B 18 -6.67 -8.26 -25.32
N LYS B 19 -7.15 -8.71 -26.44
CA LYS B 19 -8.25 -9.70 -26.39
C LYS B 19 -7.73 -11.13 -26.26
N ARG B 20 -7.80 -11.63 -25.07
CA ARG B 20 -7.37 -13.04 -24.75
C ARG B 20 -6.08 -13.44 -25.48
N ASN B 21 -5.12 -12.56 -25.62
CA ASN B 21 -3.84 -12.93 -26.32
C ASN B 21 -2.99 -11.70 -26.66
N MET B 22 -3.47 -10.88 -27.57
CA MET B 22 -2.68 -9.67 -27.99
C MET B 22 -2.40 -8.76 -26.79
N THR B 23 -1.49 -7.83 -26.95
CA THR B 23 -1.14 -6.89 -25.83
C THR B 23 -1.33 -5.45 -26.30
N VAL B 24 -1.63 -4.56 -25.39
CA VAL B 24 -1.84 -3.12 -25.78
C VAL B 24 -1.02 -2.22 -24.83
N HIS B 25 -0.18 -1.38 -25.38
CA HIS B 25 0.63 -0.48 -24.51
C HIS B 25 0.39 0.98 -24.92
N PHE B 26 0.01 1.81 -23.99
CA PHE B 26 -0.26 3.26 -24.31
C PHE B 26 0.61 4.17 -23.43
N LYS B 27 1.62 4.79 -23.99
CA LYS B 27 2.48 5.69 -23.15
C LYS B 27 2.68 7.04 -23.86
N VAL B 28 2.56 8.11 -23.13
CA VAL B 28 2.76 9.46 -23.74
C VAL B 28 4.26 9.70 -23.95
N LEU B 29 4.63 10.33 -25.03
CA LEU B 29 6.08 10.61 -25.29
C LEU B 29 6.44 11.92 -24.60
N ARG B 30 5.52 12.85 -24.58
CA ARG B 30 5.78 14.16 -23.93
C ARG B 30 5.06 14.22 -22.57
N GLU B 31 5.76 14.65 -21.55
CA GLU B 31 5.14 14.76 -20.19
C GLU B 31 4.87 13.37 -19.58
N GLU B 32 3.85 12.68 -20.02
CA GLU B 32 3.54 11.33 -19.45
C GLU B 32 3.23 11.45 -17.94
N GLY B 33 3.46 10.41 -17.18
CA GLY B 33 3.18 10.47 -15.71
C GLY B 33 1.68 10.23 -15.44
N PRO B 34 1.35 10.07 -14.18
CA PRO B 34 -0.05 9.83 -13.75
C PRO B 34 -0.83 11.17 -13.70
N ALA B 35 -0.84 11.83 -12.57
CA ALA B 35 -1.57 13.13 -12.46
C ALA B 35 -0.68 14.27 -12.98
N HIS B 36 -0.46 14.32 -14.26
CA HIS B 36 0.39 15.40 -14.85
C HIS B 36 -0.24 15.92 -16.14
N MET B 37 0.45 16.74 -16.89
CA MET B 37 -0.14 17.26 -18.17
C MET B 37 -0.54 16.09 -19.09
N LYS B 38 0.24 15.03 -19.12
CA LYS B 38 -0.07 13.82 -19.96
C LYS B 38 -0.81 14.20 -21.27
N ASN B 39 -0.10 14.80 -22.21
CA ASN B 39 -0.74 15.19 -23.51
C ASN B 39 0.35 15.32 -24.60
N PHE B 40 0.04 16.03 -25.67
CA PHE B 40 1.03 16.26 -26.78
C PHE B 40 1.13 15.04 -27.72
N ILE B 41 1.93 14.07 -27.41
CA ILE B 41 2.06 12.89 -28.33
C ILE B 41 2.10 11.58 -27.51
N THR B 42 1.29 10.63 -27.89
CA THR B 42 1.27 9.32 -27.16
C THR B 42 1.56 8.19 -28.15
N ALA B 43 2.44 7.29 -27.78
CA ALA B 43 2.77 6.15 -28.69
C ALA B 43 2.11 4.88 -28.14
N CYS B 44 1.25 4.26 -28.89
CA CYS B 44 0.59 3.02 -28.40
C CYS B 44 0.89 1.83 -29.32
N ILE B 45 0.92 0.64 -28.76
CA ILE B 45 1.19 -0.57 -29.59
C ILE B 45 0.16 -1.65 -29.28
N VAL B 46 -0.26 -2.39 -30.27
CA VAL B 46 -1.26 -3.47 -30.05
C VAL B 46 -0.81 -4.73 -30.83
N GLY B 47 -0.47 -5.78 -30.12
CA GLY B 47 -0.03 -7.04 -30.80
C GLY B 47 1.20 -6.77 -31.68
N SER B 48 1.01 -6.63 -32.96
CA SER B 48 2.18 -6.37 -33.88
C SER B 48 1.98 -5.05 -34.66
N ILE B 49 1.21 -4.14 -34.13
CA ILE B 49 0.98 -2.84 -34.85
C ILE B 49 1.21 -1.68 -33.86
N VAL B 50 1.88 -0.65 -34.29
CA VAL B 50 2.12 0.52 -33.39
C VAL B 50 1.38 1.74 -33.95
N THR B 51 0.89 2.60 -33.10
CA THR B 51 0.15 3.81 -33.59
C THR B 51 0.40 5.00 -32.65
N GLU B 52 0.86 6.10 -33.18
CA GLU B 52 1.10 7.29 -32.32
C GLU B 52 0.09 8.39 -32.66
N GLY B 53 -0.24 9.20 -31.69
CA GLY B 53 -1.23 10.31 -31.93
C GLY B 53 -1.33 11.21 -30.69
N GLU B 54 -2.45 11.16 -30.02
CA GLU B 54 -2.69 11.99 -28.78
C GLU B 54 -3.20 13.39 -29.18
N GLY B 55 -2.32 14.30 -29.54
CA GLY B 55 -2.78 15.66 -29.93
C GLY B 55 -2.26 16.71 -28.93
N ASN B 56 -2.34 17.97 -29.27
CA ASN B 56 -1.86 19.04 -28.34
C ASN B 56 -3.06 19.77 -27.71
N GLY B 57 -3.75 19.14 -26.80
CA GLY B 57 -4.94 19.80 -26.15
C GLY B 57 -5.58 18.81 -25.17
N LYS B 58 -5.91 19.25 -23.98
CA LYS B 58 -6.53 18.31 -22.98
C LYS B 58 -7.64 17.47 -23.61
N LYS B 59 -8.43 18.02 -24.51
CA LYS B 59 -9.53 17.23 -25.14
C LYS B 59 -8.96 16.20 -26.14
N VAL B 60 -7.86 16.51 -26.79
CA VAL B 60 -7.25 15.54 -27.75
C VAL B 60 -6.09 14.82 -27.09
N SER B 61 -6.22 13.53 -26.92
CA SER B 61 -5.13 12.73 -26.30
C SER B 61 -5.53 11.26 -26.32
N LYS B 62 -5.91 10.70 -25.20
CA LYS B 62 -6.32 9.27 -25.18
C LYS B 62 -7.40 9.04 -26.24
N LYS B 63 -8.27 10.00 -26.43
CA LYS B 63 -9.33 9.87 -27.48
C LYS B 63 -8.69 9.89 -28.86
N ARG B 64 -7.93 10.92 -29.17
CA ARG B 64 -7.27 11.01 -30.50
C ARG B 64 -6.25 9.87 -30.68
N ALA B 65 -5.51 9.55 -29.65
CA ALA B 65 -4.50 8.44 -29.77
C ALA B 65 -5.24 7.11 -30.02
N ALA B 66 -6.24 6.83 -29.23
CA ALA B 66 -7.01 5.56 -29.42
C ALA B 66 -7.77 5.61 -30.75
N GLU B 67 -8.52 6.67 -31.00
CA GLU B 67 -9.27 6.77 -32.29
C GLU B 67 -8.29 6.63 -33.47
N LYS B 68 -7.22 7.37 -33.44
CA LYS B 68 -6.21 7.27 -34.54
C LYS B 68 -5.80 5.80 -34.74
N MET B 69 -5.60 5.07 -33.67
CA MET B 69 -5.23 3.62 -33.84
C MET B 69 -6.47 2.85 -34.31
N LEU B 70 -7.63 3.18 -33.82
CA LEU B 70 -8.86 2.47 -34.27
C LEU B 70 -9.02 2.66 -35.78
N VAL B 71 -8.94 3.88 -36.27
CA VAL B 71 -9.07 4.11 -37.74
C VAL B 71 -7.88 3.48 -38.49
N GLU B 72 -6.78 3.27 -37.83
CA GLU B 72 -5.59 2.64 -38.49
C GLU B 72 -5.83 1.13 -38.58
N LEU B 73 -6.11 0.51 -37.47
CA LEU B 73 -6.38 -0.97 -37.44
C LEU B 73 -7.62 -1.31 -38.27
N GLN B 74 -8.60 -0.44 -38.33
CA GLN B 74 -9.83 -0.75 -39.13
C GLN B 74 -9.58 -0.56 -40.64
N LYS B 75 -8.35 -0.40 -41.06
CA LYS B 75 -8.08 -0.21 -42.52
C LYS B 75 -7.02 -1.20 -43.03
N LEU B 76 -6.40 -1.96 -42.16
CA LEU B 76 -5.36 -2.93 -42.62
C LEU B 76 -5.86 -4.37 -42.44
N MET B 1 -0.92 15.38 22.58
CA MET B 1 0.45 15.09 23.10
C MET B 1 0.57 15.68 24.51
N ASP B 2 1.26 15.01 25.38
CA ASP B 2 1.39 15.49 26.78
C ASP B 2 2.81 15.17 27.29
N GLU B 3 3.07 13.92 27.62
CA GLU B 3 4.44 13.54 28.07
C GLU B 3 5.27 13.13 26.83
N GLY B 4 5.19 11.88 26.42
CA GLY B 4 5.95 11.45 25.20
C GLY B 4 7.29 10.80 25.57
N ASP B 5 7.26 9.55 25.91
CA ASP B 5 8.54 8.85 26.28
C ASP B 5 9.06 8.06 25.05
N LYS B 6 10.32 7.68 25.08
CA LYS B 6 10.91 6.91 23.95
C LYS B 6 10.78 7.67 22.62
N LYS B 7 10.62 8.97 22.65
CA LYS B 7 10.49 9.74 21.38
C LYS B 7 11.88 10.23 20.92
N SER B 8 12.87 9.36 20.97
CA SER B 8 14.25 9.75 20.54
C SER B 8 14.70 8.88 19.36
N PRO B 9 14.02 9.00 18.24
CA PRO B 9 14.34 8.21 17.03
C PRO B 9 15.55 8.78 16.27
N ILE B 10 15.57 10.07 16.02
CA ILE B 10 16.73 10.64 15.26
C ILE B 10 17.28 11.88 15.97
N SER B 11 16.54 12.96 16.02
CA SER B 11 17.04 14.21 16.69
C SER B 11 17.75 13.87 18.01
N GLN B 12 17.04 13.38 18.98
CA GLN B 12 17.67 13.02 20.29
C GLN B 12 18.88 12.11 20.07
N VAL B 13 18.79 11.17 19.15
CA VAL B 13 19.96 10.28 18.87
C VAL B 13 21.13 11.16 18.42
N HIS B 14 20.86 12.12 17.57
CA HIS B 14 21.93 13.06 17.11
C HIS B 14 22.42 13.87 18.32
N GLU B 15 21.49 14.36 19.12
CA GLU B 15 21.88 15.14 20.34
C GLU B 15 22.83 14.30 21.20
N ILE B 16 22.46 13.07 21.48
CA ILE B 16 23.34 12.18 22.31
C ILE B 16 24.66 11.90 21.54
N GLY B 17 24.56 11.59 20.27
CA GLY B 17 25.79 11.33 19.46
C GLY B 17 26.72 12.53 19.53
N ILE B 18 26.21 13.70 19.21
CA ILE B 18 27.06 14.93 19.27
C ILE B 18 27.52 15.15 20.73
N LYS B 19 26.63 15.01 21.67
CA LYS B 19 27.01 15.19 23.12
C LYS B 19 28.20 14.27 23.45
N ARG B 20 28.15 13.03 23.04
CA ARG B 20 29.28 12.10 23.33
C ARG B 20 30.30 12.12 22.18
N ASN B 21 30.24 13.10 21.31
CA ASN B 21 31.21 13.17 20.17
C ASN B 21 31.24 11.82 19.41
N MET B 22 30.10 11.19 19.28
CA MET B 22 30.03 9.87 18.57
C MET B 22 29.60 10.08 17.11
N THR B 23 30.26 9.45 16.19
CA THR B 23 29.88 9.59 14.75
C THR B 23 28.58 8.80 14.51
N VAL B 24 27.46 9.36 14.88
CA VAL B 24 26.16 8.66 14.67
C VAL B 24 25.60 8.99 13.29
N HIS B 25 25.81 8.13 12.33
CA HIS B 25 25.31 8.42 10.95
C HIS B 25 24.58 7.18 10.40
N PHE B 26 23.30 7.29 10.14
CA PHE B 26 22.54 6.11 9.61
C PHE B 26 21.72 6.51 8.37
N LYS B 27 21.44 5.56 7.52
CA LYS B 27 20.63 5.86 6.29
C LYS B 27 20.18 4.55 5.62
N VAL B 28 19.08 4.57 4.93
CA VAL B 28 18.59 3.32 4.26
C VAL B 28 19.42 3.05 2.99
N LEU B 29 19.56 1.81 2.62
CA LEU B 29 20.35 1.47 1.39
C LEU B 29 19.37 1.29 0.21
N ARG B 30 18.28 0.61 0.46
CA ARG B 30 17.28 0.39 -0.63
C ARG B 30 15.88 0.29 0.00
N GLU B 31 14.91 0.85 -0.67
CA GLU B 31 13.51 0.81 -0.14
C GLU B 31 12.71 -0.27 -0.90
N GLU B 32 11.68 -0.78 -0.28
CA GLU B 32 10.85 -1.85 -0.94
C GLU B 32 10.36 -1.35 -2.31
N GLY B 33 10.47 -2.17 -3.31
CA GLY B 33 10.02 -1.76 -4.68
C GLY B 33 8.60 -2.29 -4.94
N PRO B 34 8.49 -3.60 -5.07
CA PRO B 34 7.20 -4.26 -5.31
C PRO B 34 6.41 -4.39 -4.00
N ALA B 35 5.18 -3.98 -3.98
CA ALA B 35 4.36 -4.09 -2.72
C ALA B 35 4.16 -5.58 -2.37
N HIS B 36 5.14 -6.21 -1.81
CA HIS B 36 5.03 -7.65 -1.45
C HIS B 36 5.68 -7.92 -0.09
N MET B 37 6.94 -7.59 0.06
CA MET B 37 7.64 -7.83 1.36
C MET B 37 7.50 -6.60 2.28
N LYS B 38 7.58 -5.42 1.72
CA LYS B 38 7.43 -4.17 2.50
C LYS B 38 8.33 -4.16 3.76
N ASN B 39 9.61 -4.36 3.58
CA ASN B 39 10.54 -4.33 4.76
C ASN B 39 11.49 -3.13 4.64
N PHE B 40 12.26 -2.86 5.67
CA PHE B 40 13.21 -1.70 5.61
C PHE B 40 14.60 -2.11 6.11
N ILE B 41 15.63 -1.47 5.61
CA ILE B 41 17.02 -1.80 6.04
C ILE B 41 17.84 -0.51 6.10
N THR B 42 18.13 -0.02 7.28
CA THR B 42 18.92 1.25 7.39
C THR B 42 20.33 0.96 7.92
N ALA B 43 21.33 1.39 7.19
CA ALA B 43 22.74 1.18 7.65
C ALA B 43 23.05 2.28 8.67
N CYS B 44 23.43 1.91 9.87
CA CYS B 44 23.71 2.95 10.91
C CYS B 44 25.13 2.81 11.46
N ILE B 45 25.81 3.91 11.61
CA ILE B 45 27.19 3.91 12.15
C ILE B 45 27.22 4.70 13.47
N VAL B 46 27.86 4.15 14.47
CA VAL B 46 27.95 4.87 15.77
C VAL B 46 29.40 4.82 16.27
N GLY B 47 30.20 5.80 15.87
CA GLY B 47 31.63 5.85 16.30
C GLY B 47 32.33 4.51 16.08
N SER B 48 32.64 4.17 14.85
CA SER B 48 33.34 2.87 14.55
C SER B 48 32.36 1.70 14.55
N ILE B 49 31.45 1.62 15.50
CA ILE B 49 30.48 0.48 15.50
C ILE B 49 29.47 0.66 14.37
N VAL B 50 29.17 -0.39 13.63
CA VAL B 50 28.20 -0.24 12.50
C VAL B 50 27.21 -1.41 12.49
N THR B 51 26.00 -1.13 12.05
CA THR B 51 24.95 -2.19 11.98
C THR B 51 23.92 -1.75 10.93
N GLU B 52 23.17 -2.66 10.37
CA GLU B 52 22.17 -2.22 9.35
C GLU B 52 20.93 -3.13 9.37
N GLY B 53 19.82 -2.64 8.87
CA GLY B 53 18.55 -3.44 8.87
C GLY B 53 17.45 -2.60 9.49
N GLU B 54 16.21 -3.00 9.35
CA GLU B 54 15.11 -2.20 9.95
C GLU B 54 13.82 -3.04 10.09
N GLY B 55 12.71 -2.40 10.30
CA GLY B 55 11.41 -3.14 10.49
C GLY B 55 10.66 -3.31 9.16
N ASN B 56 9.36 -3.45 9.24
CA ASN B 56 8.54 -3.65 7.99
C ASN B 56 7.57 -2.46 7.80
N GLY B 57 8.00 -1.25 8.09
CA GLY B 57 7.09 -0.08 7.92
C GLY B 57 7.76 1.20 8.46
N LYS B 58 7.34 2.34 7.99
CA LYS B 58 7.93 3.65 8.45
C LYS B 58 7.96 3.75 9.99
N LYS B 59 6.97 3.20 10.67
CA LYS B 59 6.96 3.28 12.17
C LYS B 59 8.00 2.31 12.76
N VAL B 60 8.16 1.15 12.17
CA VAL B 60 9.15 0.15 12.68
C VAL B 60 10.49 0.30 11.93
N SER B 61 10.64 1.32 11.14
CA SER B 61 11.90 1.52 10.37
C SER B 61 12.92 2.30 11.23
N LYS B 62 13.16 3.56 10.93
CA LYS B 62 14.15 4.37 11.73
C LYS B 62 13.96 4.16 13.24
N LYS B 63 12.74 4.05 13.70
CA LYS B 63 12.50 3.84 15.16
C LYS B 63 13.14 2.52 15.60
N ARG B 64 13.08 1.50 14.79
CA ARG B 64 13.68 0.19 15.16
C ARG B 64 15.20 0.23 14.98
N ALA B 65 15.68 0.74 13.87
CA ALA B 65 17.15 0.79 13.62
C ALA B 65 17.82 1.78 14.61
N ALA B 66 17.28 2.97 14.75
CA ALA B 66 17.90 3.97 15.67
C ALA B 66 17.76 3.54 17.15
N GLU B 67 16.56 3.29 17.62
CA GLU B 67 16.38 2.87 19.06
C GLU B 67 17.26 1.65 19.36
N LYS B 68 17.34 0.71 18.45
CA LYS B 68 18.20 -0.49 18.69
C LYS B 68 19.65 -0.02 18.93
N MET B 69 20.16 0.84 18.10
CA MET B 69 21.55 1.36 18.30
C MET B 69 21.62 2.14 19.62
N LEU B 70 20.68 3.02 19.87
CA LEU B 70 20.68 3.82 21.14
C LEU B 70 20.57 2.89 22.35
N VAL B 71 19.79 1.83 22.26
CA VAL B 71 19.65 0.88 23.41
C VAL B 71 21.02 0.24 23.72
N GLU B 72 21.67 -0.30 22.73
CA GLU B 72 23.01 -0.92 22.96
C GLU B 72 23.98 0.15 23.48
N LEU B 73 24.01 1.30 22.85
CA LEU B 73 24.92 2.40 23.29
C LEU B 73 24.43 3.02 24.61
N GLN B 74 23.26 2.68 25.06
CA GLN B 74 22.74 3.25 26.35
C GLN B 74 23.59 2.77 27.53
N LYS B 75 24.39 1.74 27.34
CA LYS B 75 25.24 1.22 28.46
C LYS B 75 26.73 1.24 28.07
N LEU B 76 27.06 1.58 26.85
CA LEU B 76 28.50 1.59 26.44
C LEU B 76 29.01 3.04 26.27
N MET B 1 6.99 7.10 31.64
CA MET B 1 6.83 7.01 30.16
C MET B 1 5.53 6.27 29.83
N ASP B 2 4.44 6.73 30.39
CA ASP B 2 3.12 6.08 30.17
C ASP B 2 2.28 6.91 29.18
N GLU B 3 2.93 7.46 28.19
CA GLU B 3 2.22 8.30 27.19
C GLU B 3 1.46 7.41 26.21
N GLY B 4 0.41 7.92 25.62
CA GLY B 4 -0.40 7.13 24.64
C GLY B 4 0.48 6.75 23.45
N ASP B 5 1.04 7.73 22.78
CA ASP B 5 1.92 7.43 21.62
C ASP B 5 3.39 7.48 22.08
N LYS B 6 4.30 7.11 21.21
CA LYS B 6 5.75 7.11 21.58
C LYS B 6 6.59 7.50 20.36
N LYS B 7 6.83 8.78 20.15
CA LYS B 7 7.62 9.23 18.96
C LYS B 7 8.97 8.49 18.89
N SER B 8 9.48 8.31 17.71
CA SER B 8 10.80 7.60 17.56
C SER B 8 11.94 8.51 18.07
N PRO B 9 12.84 7.94 18.83
CA PRO B 9 14.00 8.68 19.40
C PRO B 9 15.12 8.88 18.37
N ILE B 10 14.82 8.80 17.09
CA ILE B 10 15.88 9.00 16.03
C ILE B 10 16.70 10.27 16.34
N SER B 11 16.03 11.36 16.60
CA SER B 11 16.77 12.63 16.92
C SER B 11 17.75 12.37 18.07
N GLN B 12 17.24 11.98 19.22
CA GLN B 12 18.13 11.70 20.39
C GLN B 12 19.23 10.71 19.99
N VAL B 13 18.91 9.69 19.22
CA VAL B 13 19.96 8.73 18.79
C VAL B 13 21.03 9.49 18.00
N HIS B 14 20.61 10.34 17.10
CA HIS B 14 21.58 11.15 16.31
C HIS B 14 22.35 12.07 17.27
N GLU B 15 21.64 12.70 18.18
CA GLU B 15 22.30 13.60 19.18
C GLU B 15 23.36 12.82 19.97
N ILE B 16 23.00 11.66 20.47
CA ILE B 16 23.97 10.83 21.24
C ILE B 16 25.19 10.49 20.36
N GLY B 17 24.96 10.08 19.15
CA GLY B 17 26.10 9.75 18.23
C GLY B 17 26.92 11.02 17.98
N ILE B 18 26.27 12.10 17.63
CA ILE B 18 27.01 13.38 17.38
C ILE B 18 27.72 13.83 18.66
N LYS B 19 27.02 13.86 19.77
CA LYS B 19 27.65 14.28 21.06
C LYS B 19 28.90 13.44 21.35
N ARG B 20 28.86 12.17 21.06
CA ARG B 20 30.05 11.29 21.31
C ARG B 20 30.95 11.23 20.05
N ASN B 21 30.80 12.18 19.15
CA ASN B 21 31.64 12.18 17.90
C ASN B 21 31.55 10.82 17.20
N MET B 22 30.40 10.21 17.20
CA MET B 22 30.24 8.88 16.54
C MET B 22 29.58 9.05 15.17
N THR B 23 30.05 8.33 14.18
CA THR B 23 29.45 8.43 12.81
C THR B 23 27.94 8.13 12.87
N VAL B 24 27.10 9.11 12.67
CA VAL B 24 25.64 8.84 12.72
C VAL B 24 25.19 8.29 11.36
N HIS B 25 25.59 7.08 11.04
CA HIS B 25 25.19 6.48 9.73
C HIS B 25 23.81 5.81 9.83
N PHE B 26 22.76 6.57 9.67
CA PHE B 26 21.38 6.00 9.75
C PHE B 26 20.77 6.00 8.34
N LYS B 27 20.50 4.86 7.76
CA LYS B 27 19.92 4.82 6.39
C LYS B 27 19.12 3.54 6.16
N VAL B 28 18.02 3.62 5.46
CA VAL B 28 17.20 2.40 5.19
C VAL B 28 17.73 1.70 3.93
N LEU B 29 17.76 0.39 3.92
CA LEU B 29 18.27 -0.35 2.73
C LEU B 29 17.11 -0.73 1.81
N ARG B 30 16.01 -1.16 2.36
CA ARG B 30 14.85 -1.56 1.51
C ARG B 30 13.52 -1.33 2.26
N GLU B 31 12.66 -0.51 1.70
CA GLU B 31 11.34 -0.26 2.34
C GLU B 31 10.22 -0.76 1.40
N GLU B 32 9.25 -1.47 1.94
CA GLU B 32 8.09 -2.02 1.13
C GLU B 32 8.31 -1.92 -0.39
N GLY B 33 8.79 -2.98 -1.02
CA GLY B 33 8.98 -2.95 -2.51
C GLY B 33 7.64 -3.21 -3.19
N PRO B 34 7.18 -4.44 -3.12
CA PRO B 34 5.88 -4.84 -3.70
C PRO B 34 4.75 -4.44 -2.74
N ALA B 35 4.28 -3.21 -2.82
CA ALA B 35 3.21 -2.71 -1.91
C ALA B 35 2.17 -3.81 -1.61
N HIS B 36 2.17 -4.32 -0.39
CA HIS B 36 1.21 -5.39 0.01
C HIS B 36 1.42 -5.72 1.49
N MET B 37 2.60 -6.16 1.86
CA MET B 37 2.91 -6.50 3.28
C MET B 37 4.35 -7.05 3.37
N LYS B 38 5.31 -6.21 3.12
CA LYS B 38 6.74 -6.66 3.16
C LYS B 38 7.43 -6.18 4.46
N ASN B 39 8.74 -6.12 4.47
CA ASN B 39 9.47 -5.66 5.69
C ASN B 39 10.37 -4.48 5.31
N PHE B 40 10.64 -3.61 6.25
CA PHE B 40 11.52 -2.44 5.95
C PHE B 40 12.92 -2.68 6.54
N ILE B 41 13.95 -2.60 5.74
CA ILE B 41 15.33 -2.83 6.29
C ILE B 41 16.03 -1.50 6.62
N THR B 42 15.89 -1.04 7.83
CA THR B 42 16.56 0.24 8.23
C THR B 42 17.89 -0.09 8.90
N ALA B 43 18.97 0.51 8.47
CA ALA B 43 20.29 0.20 9.08
C ALA B 43 20.86 1.40 9.84
N CYS B 44 21.89 1.14 10.61
CA CYS B 44 22.57 2.21 11.38
C CYS B 44 24.03 1.80 11.60
N ILE B 45 24.89 2.74 11.89
CA ILE B 45 26.33 2.37 12.11
C ILE B 45 27.11 3.57 12.67
N VAL B 46 28.04 3.31 13.55
CA VAL B 46 28.87 4.40 14.15
C VAL B 46 30.34 3.97 14.14
N GLY B 47 31.07 4.36 13.13
CA GLY B 47 32.51 3.97 13.03
C GLY B 47 32.63 2.46 12.80
N SER B 48 32.65 1.69 13.85
CA SER B 48 32.75 0.20 13.69
C SER B 48 31.69 -0.51 14.54
N ILE B 49 30.58 0.13 14.81
CA ILE B 49 29.51 -0.53 15.63
C ILE B 49 28.18 -0.49 14.86
N VAL B 50 27.33 -1.47 15.08
CA VAL B 50 26.00 -1.53 14.38
C VAL B 50 26.21 -1.89 12.89
N THR B 51 25.16 -2.00 12.13
CA THR B 51 25.26 -2.35 10.67
C THR B 51 23.88 -2.14 10.03
N GLU B 52 22.96 -3.06 10.22
CA GLU B 52 21.59 -2.90 9.63
C GLU B 52 20.53 -3.63 10.48
N GLY B 53 19.28 -3.43 10.17
CA GLY B 53 18.18 -4.10 10.96
C GLY B 53 16.92 -4.25 10.09
N GLU B 54 16.62 -5.45 9.68
CA GLU B 54 15.41 -5.68 8.82
C GLU B 54 14.14 -5.58 9.68
N GLY B 55 13.80 -4.40 10.14
CA GLY B 55 12.58 -4.23 10.99
C GLY B 55 11.35 -4.81 10.28
N ASN B 56 10.63 -5.67 10.94
CA ASN B 56 9.41 -6.28 10.33
C ASN B 56 8.41 -5.18 9.92
N GLY B 57 7.63 -5.43 8.91
CA GLY B 57 6.62 -4.40 8.44
C GLY B 57 5.42 -4.35 9.40
N LYS B 58 5.25 -5.33 10.24
CA LYS B 58 4.08 -5.33 11.18
C LYS B 58 4.19 -4.17 12.19
N LYS B 59 5.39 -3.85 12.62
CA LYS B 59 5.56 -2.72 13.61
C LYS B 59 7.04 -2.60 14.01
N VAL B 60 7.92 -2.45 13.05
CA VAL B 60 9.39 -2.33 13.36
C VAL B 60 10.10 -1.61 12.21
N SER B 61 11.40 -1.42 12.32
CA SER B 61 12.18 -0.73 11.26
C SER B 61 12.22 0.76 11.54
N LYS B 62 13.41 1.28 11.61
CA LYS B 62 13.60 2.73 11.93
C LYS B 62 13.49 2.88 13.46
N LYS B 63 12.37 2.49 14.01
CA LYS B 63 12.22 2.54 15.50
C LYS B 63 13.13 1.47 16.10
N ARG B 64 13.00 0.25 15.63
CA ARG B 64 13.86 -0.87 16.14
C ARG B 64 15.34 -0.62 15.78
N ALA B 65 15.62 -0.17 14.58
CA ALA B 65 17.03 0.11 14.20
C ALA B 65 17.63 1.09 15.22
N ALA B 66 16.90 2.12 15.56
CA ALA B 66 17.39 3.09 16.57
C ALA B 66 17.41 2.42 17.95
N GLU B 67 16.35 1.70 18.29
CA GLU B 67 16.29 0.99 19.60
C GLU B 67 17.60 0.22 19.82
N LYS B 68 17.99 -0.58 18.86
CA LYS B 68 19.26 -1.35 19.01
C LYS B 68 20.44 -0.36 19.08
N MET B 69 20.53 0.56 18.15
CA MET B 69 21.63 1.57 18.17
C MET B 69 21.76 2.20 19.57
N LEU B 70 20.65 2.51 20.20
CA LEU B 70 20.71 3.13 21.56
C LEU B 70 21.23 2.10 22.58
N VAL B 71 20.62 0.94 22.69
CA VAL B 71 21.13 -0.07 23.67
C VAL B 71 22.60 -0.39 23.38
N GLU B 72 22.99 -0.38 22.12
CA GLU B 72 24.42 -0.66 21.79
C GLU B 72 25.28 0.53 22.21
N LEU B 73 24.91 1.72 21.79
CA LEU B 73 25.69 2.95 22.19
C LEU B 73 25.61 3.14 23.71
N GLN B 74 24.61 2.60 24.35
CA GLN B 74 24.50 2.76 25.84
C GLN B 74 25.28 1.63 26.53
N LYS B 75 25.62 0.59 25.82
CA LYS B 75 26.40 -0.53 26.43
C LYS B 75 27.88 -0.44 25.97
N LEU B 76 28.15 0.32 24.94
CA LEU B 76 29.54 0.45 24.42
C LEU B 76 29.97 1.94 24.46
N MET B 1 -1.84 20.65 20.31
CA MET B 1 -1.40 20.28 21.69
C MET B 1 -0.27 19.27 21.59
N ASP B 2 0.91 19.76 21.35
CA ASP B 2 2.09 18.89 21.18
C ASP B 2 3.26 19.47 22.01
N GLU B 3 2.96 20.29 22.98
CA GLU B 3 4.02 20.93 23.82
C GLU B 3 4.59 19.90 24.82
N GLY B 4 5.26 18.88 24.34
CA GLY B 4 5.85 17.85 25.25
C GLY B 4 6.15 16.57 24.48
N ASP B 5 7.35 16.06 24.59
CA ASP B 5 7.71 14.80 23.87
C ASP B 5 7.86 13.63 24.86
N LYS B 6 8.64 12.64 24.52
CA LYS B 6 8.84 11.45 25.43
C LYS B 6 9.67 10.38 24.69
N LYS B 7 9.41 10.19 23.42
CA LYS B 7 10.18 9.18 22.63
C LYS B 7 11.28 9.88 21.83
N SER B 8 12.48 9.93 22.36
CA SER B 8 13.59 10.61 21.64
C SER B 8 14.67 9.59 21.20
N PRO B 9 14.35 8.80 20.20
CA PRO B 9 15.27 7.77 19.67
C PRO B 9 16.40 8.44 18.87
N ILE B 10 16.08 9.07 17.76
CA ILE B 10 17.13 9.74 16.94
C ILE B 10 17.76 10.87 17.78
N SER B 11 16.96 11.63 18.50
CA SER B 11 17.52 12.74 19.34
C SER B 11 18.59 12.17 20.28
N GLN B 12 18.23 11.28 21.17
CA GLN B 12 19.24 10.70 22.10
C GLN B 12 20.44 10.14 21.31
N VAL B 13 20.20 9.46 20.21
CA VAL B 13 21.34 8.93 19.41
C VAL B 13 22.23 10.12 19.00
N HIS B 14 21.64 11.22 18.62
CA HIS B 14 22.44 12.42 18.26
C HIS B 14 23.09 12.96 19.55
N GLU B 15 22.33 12.99 20.62
CA GLU B 15 22.87 13.49 21.94
C GLU B 15 24.12 12.67 22.33
N ILE B 16 24.08 11.37 22.17
CA ILE B 16 25.27 10.54 22.53
C ILE B 16 26.29 10.53 21.37
N GLY B 17 25.84 10.68 20.15
CA GLY B 17 26.78 10.69 18.98
C GLY B 17 27.55 12.01 18.98
N ILE B 18 26.85 13.11 18.97
CA ILE B 18 27.53 14.45 19.00
C ILE B 18 28.02 14.72 20.43
N LYS B 19 28.93 13.90 20.89
CA LYS B 19 29.45 14.06 22.27
C LYS B 19 30.65 13.12 22.47
N ARG B 20 30.49 11.87 22.13
CA ARG B 20 31.61 10.89 22.27
C ARG B 20 32.32 10.70 20.91
N ASN B 21 32.38 11.74 20.11
CA ASN B 21 33.05 11.64 18.77
C ASN B 21 32.49 10.44 17.99
N MET B 22 31.19 10.31 17.91
CA MET B 22 30.59 9.15 17.18
C MET B 22 29.77 9.67 15.98
N THR B 23 30.19 9.32 14.78
CA THR B 23 29.45 9.78 13.57
C THR B 23 28.16 8.97 13.41
N VAL B 24 27.06 9.48 13.90
CA VAL B 24 25.77 8.75 13.78
C VAL B 24 25.14 9.00 12.40
N HIS B 25 25.16 8.01 11.53
CA HIS B 25 24.57 8.19 10.17
C HIS B 25 23.62 7.03 9.85
N PHE B 26 22.34 7.30 9.83
CA PHE B 26 21.34 6.22 9.52
C PHE B 26 21.27 5.97 8.00
N LYS B 27 20.74 4.85 7.59
CA LYS B 27 20.66 4.54 6.12
C LYS B 27 19.58 3.47 5.87
N VAL B 28 18.95 3.51 4.73
CA VAL B 28 17.91 2.46 4.42
C VAL B 28 18.41 1.63 3.23
N LEU B 29 18.41 0.34 3.35
CA LEU B 29 18.90 -0.52 2.23
C LEU B 29 17.80 -0.64 1.16
N ARG B 30 16.66 -1.14 1.54
CA ARG B 30 15.54 -1.29 0.55
C ARG B 30 14.26 -1.78 1.25
N GLU B 31 13.13 -1.62 0.61
CA GLU B 31 11.84 -2.07 1.21
C GLU B 31 11.33 -3.30 0.43
N GLU B 32 10.70 -4.23 1.10
CA GLU B 32 10.18 -5.44 0.39
C GLU B 32 8.78 -5.80 0.93
N GLY B 33 8.00 -6.50 0.14
CA GLY B 33 6.62 -6.88 0.58
C GLY B 33 5.58 -6.41 -0.45
N PRO B 34 4.34 -6.76 -0.20
CA PRO B 34 3.22 -6.39 -1.09
C PRO B 34 2.82 -4.92 -0.89
N ALA B 35 1.98 -4.40 -1.74
CA ALA B 35 1.54 -2.97 -1.61
C ALA B 35 0.58 -2.83 -0.41
N HIS B 36 1.02 -3.17 0.77
CA HIS B 36 0.16 -3.06 1.99
C HIS B 36 1.05 -2.78 3.21
N MET B 37 1.96 -3.67 3.49
CA MET B 37 2.89 -3.50 4.65
C MET B 37 4.26 -4.06 4.27
N LYS B 38 5.10 -3.25 3.69
CA LYS B 38 6.44 -3.74 3.25
C LYS B 38 7.45 -3.64 4.41
N ASN B 39 8.40 -4.55 4.46
CA ASN B 39 9.43 -4.53 5.53
C ASN B 39 10.49 -3.47 5.21
N PHE B 40 10.89 -2.68 6.18
CA PHE B 40 11.91 -1.62 5.91
C PHE B 40 13.19 -1.87 6.73
N ILE B 41 14.23 -2.31 6.08
CA ILE B 41 15.52 -2.56 6.82
C ILE B 41 16.36 -1.27 6.85
N THR B 42 16.71 -0.81 8.03
CA THR B 42 17.52 0.44 8.15
C THR B 42 18.90 0.14 8.72
N ALA B 43 19.95 0.50 8.03
CA ALA B 43 21.33 0.24 8.53
C ALA B 43 21.87 1.50 9.24
N CYS B 44 22.17 1.40 10.51
CA CYS B 44 22.68 2.59 11.26
C CYS B 44 24.20 2.47 11.47
N ILE B 45 24.92 3.55 11.28
CA ILE B 45 26.39 3.52 11.48
C ILE B 45 26.77 4.58 12.53
N VAL B 46 27.67 4.26 13.42
CA VAL B 46 28.08 5.24 14.47
C VAL B 46 29.60 5.21 14.64
N GLY B 47 30.29 6.16 14.07
CA GLY B 47 31.78 6.21 14.20
C GLY B 47 32.41 5.03 13.44
N SER B 48 32.77 3.99 14.14
CA SER B 48 33.38 2.80 13.47
C SER B 48 32.52 1.54 13.69
N ILE B 49 31.24 1.70 13.90
CA ILE B 49 30.35 0.52 14.13
C ILE B 49 29.08 0.63 13.28
N VAL B 50 28.54 -0.47 12.83
CA VAL B 50 27.29 -0.43 12.01
C VAL B 50 26.31 -1.49 12.52
N THR B 51 25.04 -1.19 12.50
CA THR B 51 24.02 -2.19 12.97
C THR B 51 22.75 -2.06 12.14
N GLU B 52 22.24 -3.16 11.64
CA GLU B 52 21.00 -3.11 10.82
C GLU B 52 19.75 -3.20 11.69
N GLY B 53 18.70 -2.52 11.31
CA GLY B 53 17.43 -2.55 12.09
C GLY B 53 16.27 -2.89 11.14
N GLU B 54 15.78 -4.09 11.20
CA GLU B 54 14.67 -4.51 10.28
C GLU B 54 13.31 -3.96 10.78
N GLY B 55 12.96 -2.75 10.40
CA GLY B 55 11.64 -2.18 10.84
C GLY B 55 10.51 -2.89 10.09
N ASN B 56 9.64 -3.58 10.79
CA ASN B 56 8.53 -4.31 10.12
C ASN B 56 7.25 -3.46 10.09
N GLY B 57 7.29 -2.32 9.46
CA GLY B 57 6.08 -1.44 9.38
C GLY B 57 5.65 -1.00 10.79
N LYS B 58 4.37 -0.81 11.00
CA LYS B 58 3.87 -0.39 12.36
C LYS B 58 4.76 0.72 12.96
N LYS B 59 5.18 1.67 12.15
CA LYS B 59 6.05 2.78 12.67
C LYS B 59 7.41 2.23 13.14
N VAL B 60 7.84 1.10 12.61
CA VAL B 60 9.16 0.53 13.00
C VAL B 60 10.14 0.65 11.83
N SER B 61 11.41 0.83 12.12
CA SER B 61 12.47 0.97 11.06
C SER B 61 13.61 1.79 11.64
N LYS B 62 13.56 3.09 11.50
CA LYS B 62 14.63 3.96 12.06
C LYS B 62 14.73 3.70 13.57
N LYS B 63 13.61 3.49 14.22
CA LYS B 63 13.64 3.19 15.69
C LYS B 63 14.33 1.84 15.91
N ARG B 64 13.69 0.76 15.54
CA ARG B 64 14.31 -0.60 15.71
C ARG B 64 15.79 -0.57 15.31
N ALA B 65 16.13 0.15 14.28
CA ALA B 65 17.56 0.22 13.85
C ALA B 65 18.35 1.07 14.88
N ALA B 66 17.83 2.20 15.26
CA ALA B 66 18.54 3.07 16.26
C ALA B 66 18.58 2.35 17.62
N GLU B 67 17.46 1.83 18.07
CA GLU B 67 17.42 1.09 19.37
C GLU B 67 18.52 0.03 19.39
N LYS B 68 18.63 -0.75 18.35
CA LYS B 68 19.70 -1.80 18.30
C LYS B 68 21.07 -1.12 18.47
N MET B 69 21.35 -0.11 17.68
CA MET B 69 22.65 0.61 17.79
C MET B 69 22.83 1.13 19.23
N LEU B 70 21.85 1.82 19.75
CA LEU B 70 21.94 2.35 21.15
C LEU B 70 22.21 1.19 22.11
N VAL B 71 21.39 0.17 22.06
CA VAL B 71 21.59 -1.01 22.96
C VAL B 71 23.01 -1.56 22.78
N GLU B 72 23.46 -1.66 21.55
CA GLU B 72 24.84 -2.19 21.28
C GLU B 72 25.92 -1.34 21.99
N LEU B 73 26.04 -0.09 21.66
CA LEU B 73 27.09 0.77 22.30
C LEU B 73 26.76 1.08 23.76
N GLN B 74 25.49 1.23 24.10
CA GLN B 74 25.14 1.52 25.52
C GLN B 74 25.36 0.27 26.37
N LYS B 75 25.49 -0.89 25.75
CA LYS B 75 25.72 -2.12 26.54
C LYS B 75 27.23 -2.39 26.63
N LEU B 76 27.89 -2.51 25.51
CA LEU B 76 29.35 -2.77 25.48
C LEU B 76 29.73 -3.93 26.42
N MET B 1 -27.23 8.61 -19.71
CA MET B 1 -28.69 8.64 -19.44
C MET B 1 -29.30 7.30 -19.87
N ASP B 2 -29.94 6.61 -18.95
CA ASP B 2 -30.58 5.29 -19.27
C ASP B 2 -29.75 4.52 -20.32
N GLU B 3 -30.33 4.20 -21.46
CA GLU B 3 -29.56 3.46 -22.52
C GLU B 3 -28.44 4.36 -23.09
N GLY B 4 -27.37 4.54 -22.36
CA GLY B 4 -26.26 5.41 -22.85
C GLY B 4 -24.98 4.60 -23.10
N ASP B 5 -25.10 3.43 -23.67
CA ASP B 5 -23.88 2.60 -23.93
C ASP B 5 -22.93 3.35 -24.88
N LYS B 6 -21.65 3.20 -24.69
CA LYS B 6 -20.66 3.90 -25.56
C LYS B 6 -19.30 3.17 -25.48
N LYS B 7 -19.32 1.86 -25.39
CA LYS B 7 -18.04 1.08 -25.30
C LYS B 7 -17.61 0.60 -26.71
N SER B 8 -16.34 0.51 -26.95
CA SER B 8 -15.85 0.05 -28.29
C SER B 8 -14.31 0.14 -28.37
N PRO B 9 -13.76 1.32 -28.12
CA PRO B 9 -12.29 1.54 -28.17
C PRO B 9 -11.57 0.88 -26.98
N ILE B 10 -12.27 0.21 -26.11
CA ILE B 10 -11.58 -0.45 -24.96
C ILE B 10 -11.76 -1.98 -25.07
N SER B 11 -12.96 -2.47 -24.91
CA SER B 11 -13.18 -3.95 -25.01
C SER B 11 -12.86 -4.44 -26.43
N GLN B 12 -13.71 -4.15 -27.38
CA GLN B 12 -13.48 -4.59 -28.80
C GLN B 12 -12.02 -4.38 -29.21
N VAL B 13 -11.45 -3.25 -28.88
CA VAL B 13 -10.01 -2.99 -29.25
C VAL B 13 -9.13 -4.06 -28.59
N HIS B 14 -9.27 -4.25 -27.30
CA HIS B 14 -8.47 -5.29 -26.60
C HIS B 14 -8.80 -6.66 -27.21
N GLU B 15 -10.06 -6.89 -27.54
CA GLU B 15 -10.46 -8.18 -28.18
C GLU B 15 -9.66 -8.35 -29.49
N ILE B 16 -9.69 -7.34 -30.33
CA ILE B 16 -8.92 -7.41 -31.61
C ILE B 16 -7.43 -7.61 -31.29
N GLY B 17 -6.94 -6.94 -30.27
CA GLY B 17 -5.51 -7.12 -29.88
C GLY B 17 -5.25 -8.61 -29.63
N ILE B 18 -6.14 -9.26 -28.92
CA ILE B 18 -5.99 -10.72 -28.66
C ILE B 18 -6.79 -11.49 -29.72
N LYS B 19 -6.60 -11.16 -30.97
CA LYS B 19 -7.35 -11.84 -32.05
C LYS B 19 -6.54 -11.78 -33.35
N ARG B 20 -6.23 -10.60 -33.82
CA ARG B 20 -5.43 -10.46 -35.07
C ARG B 20 -3.93 -10.36 -34.72
N ASN B 21 -3.51 -11.02 -33.66
CA ASN B 21 -2.08 -10.97 -33.24
C ASN B 21 -1.60 -9.52 -33.16
N MET B 22 -2.45 -8.64 -32.71
CA MET B 22 -2.06 -7.19 -32.60
C MET B 22 -1.51 -6.88 -31.20
N THR B 23 -1.92 -7.62 -30.20
CA THR B 23 -1.42 -7.35 -28.80
C THR B 23 -1.59 -5.87 -28.47
N VAL B 24 -2.79 -5.36 -28.58
CA VAL B 24 -3.03 -3.91 -28.30
C VAL B 24 -2.88 -3.62 -26.80
N HIS B 25 -1.91 -2.80 -26.44
CA HIS B 25 -1.71 -2.46 -24.99
C HIS B 25 -1.78 -0.94 -24.81
N PHE B 26 -2.72 -0.47 -24.02
CA PHE B 26 -2.87 1.01 -23.81
C PHE B 26 -2.19 1.42 -22.49
N LYS B 27 -1.28 2.35 -22.53
CA LYS B 27 -0.60 2.79 -21.28
C LYS B 27 -0.24 4.29 -21.37
N VAL B 28 -0.09 4.94 -20.24
CA VAL B 28 0.27 6.39 -20.26
C VAL B 28 1.79 6.54 -20.03
N LEU B 29 2.36 7.64 -20.44
CA LEU B 29 3.83 7.84 -20.25
C LEU B 29 4.06 8.80 -19.08
N ARG B 30 3.58 10.01 -19.21
CA ARG B 30 3.75 11.04 -18.12
C ARG B 30 3.38 12.43 -18.67
N GLU B 31 2.99 13.34 -17.81
CA GLU B 31 2.61 14.70 -18.28
C GLU B 31 3.72 15.70 -17.94
N GLU B 32 3.60 16.92 -18.39
CA GLU B 32 4.64 17.96 -18.09
C GLU B 32 4.45 18.47 -16.65
N GLY B 33 4.40 17.58 -15.68
CA GLY B 33 4.19 18.03 -14.27
C GLY B 33 2.71 18.35 -14.06
N PRO B 34 2.02 17.47 -13.35
CA PRO B 34 0.58 17.64 -13.07
C PRO B 34 0.34 18.77 -12.05
N ALA B 35 0.85 19.94 -12.32
CA ALA B 35 0.65 21.09 -11.38
C ALA B 35 0.71 22.43 -12.14
N HIS B 36 0.57 22.43 -13.45
CA HIS B 36 0.63 23.72 -14.20
C HIS B 36 -0.11 23.62 -15.55
N MET B 37 -1.38 23.29 -15.51
CA MET B 37 -2.19 23.19 -16.78
C MET B 37 -1.38 22.58 -17.93
N LYS B 38 -1.29 21.28 -17.98
CA LYS B 38 -0.51 20.63 -19.08
C LYS B 38 -1.38 19.63 -19.85
N ASN B 39 -0.98 19.33 -21.06
CA ASN B 39 -1.75 18.37 -21.91
C ASN B 39 -1.35 16.92 -21.53
N PHE B 40 -2.07 15.95 -22.04
CA PHE B 40 -1.72 14.53 -21.71
C PHE B 40 -1.44 13.76 -23.01
N ILE B 41 -0.55 12.79 -22.95
CA ILE B 41 -0.22 11.99 -24.17
C ILE B 41 -0.39 10.50 -23.85
N THR B 42 -1.21 9.80 -24.59
CA THR B 42 -1.42 8.35 -24.34
C THR B 42 -0.50 7.51 -25.23
N ALA B 43 -0.24 6.29 -24.87
CA ALA B 43 0.65 5.42 -25.71
C ALA B 43 0.01 4.03 -25.89
N CYS B 44 0.03 3.49 -27.09
CA CYS B 44 -0.59 2.14 -27.30
C CYS B 44 0.39 1.24 -28.07
N ILE B 45 0.39 -0.03 -27.76
CA ILE B 45 1.29 -0.98 -28.47
C ILE B 45 0.50 -1.70 -29.58
N VAL B 46 0.99 -1.67 -30.79
CA VAL B 46 0.28 -2.35 -31.92
C VAL B 46 1.23 -3.36 -32.59
N GLY B 47 0.92 -4.64 -32.45
CA GLY B 47 1.75 -5.76 -33.04
C GLY B 47 2.88 -5.27 -33.94
N SER B 48 3.94 -4.74 -33.35
CA SER B 48 5.10 -4.22 -34.14
C SER B 48 5.87 -3.20 -33.29
N ILE B 49 5.24 -2.11 -32.96
CA ILE B 49 5.92 -1.06 -32.14
C ILE B 49 4.87 -0.27 -31.34
N VAL B 50 5.25 0.82 -30.73
CA VAL B 50 4.26 1.64 -29.95
C VAL B 50 3.82 2.83 -30.80
N THR B 51 2.62 3.28 -30.58
CA THR B 51 2.09 4.46 -31.34
C THR B 51 0.82 4.95 -30.67
N GLU B 52 0.63 6.25 -30.59
CA GLU B 52 -0.59 6.81 -29.95
C GLU B 52 -0.46 8.33 -29.79
N GLY B 53 -0.68 8.85 -28.61
CA GLY B 53 -0.59 10.32 -28.39
C GLY B 53 -1.97 10.84 -27.97
N GLU B 54 -2.35 11.99 -28.46
CA GLU B 54 -3.68 12.57 -28.12
C GLU B 54 -3.84 12.73 -26.59
N GLY B 55 -4.91 13.36 -26.17
CA GLY B 55 -5.15 13.56 -24.70
C GLY B 55 -5.40 15.05 -24.43
N ASN B 56 -6.61 15.50 -24.62
CA ASN B 56 -6.94 16.95 -24.37
C ASN B 56 -6.92 17.29 -22.86
N GLY B 57 -6.66 16.33 -21.99
CA GLY B 57 -6.64 16.63 -20.52
C GLY B 57 -8.06 16.55 -19.93
N LYS B 58 -9.02 17.16 -20.56
CA LYS B 58 -10.43 17.11 -20.03
C LYS B 58 -10.99 15.69 -20.14
N LYS B 59 -10.51 14.79 -19.32
CA LYS B 59 -10.99 13.36 -19.34
C LYS B 59 -10.72 12.70 -20.71
N VAL B 60 -9.78 13.22 -21.47
CA VAL B 60 -9.48 12.60 -22.79
C VAL B 60 -8.06 12.04 -22.79
N SER B 61 -7.87 10.94 -23.46
CA SER B 61 -6.54 10.26 -23.57
C SER B 61 -6.78 8.78 -23.86
N LYS B 62 -6.95 7.96 -22.86
CA LYS B 62 -7.21 6.50 -23.08
C LYS B 62 -8.29 6.31 -24.15
N LYS B 63 -9.31 7.13 -24.13
CA LYS B 63 -10.40 7.02 -25.16
C LYS B 63 -9.87 7.52 -26.52
N ARG B 64 -9.81 8.82 -26.70
CA ARG B 64 -9.31 9.40 -27.99
C ARG B 64 -8.13 8.59 -28.54
N ALA B 65 -7.21 8.19 -27.70
CA ALA B 65 -6.05 7.38 -28.18
C ALA B 65 -6.57 6.10 -28.82
N ALA B 66 -7.16 5.22 -28.06
CA ALA B 66 -7.70 3.94 -28.64
C ALA B 66 -8.60 4.26 -29.85
N GLU B 67 -9.47 5.23 -29.73
CA GLU B 67 -10.35 5.60 -30.88
C GLU B 67 -9.49 5.84 -32.13
N LYS B 68 -8.50 6.67 -32.03
CA LYS B 68 -7.60 6.96 -33.19
C LYS B 68 -6.77 5.72 -33.55
N MET B 69 -6.13 5.13 -32.59
CA MET B 69 -5.29 3.92 -32.87
C MET B 69 -6.10 2.86 -33.62
N LEU B 70 -7.23 2.46 -33.10
CA LEU B 70 -8.04 1.42 -33.79
C LEU B 70 -8.71 1.96 -35.06
N VAL B 71 -9.24 3.15 -35.04
CA VAL B 71 -9.89 3.68 -36.30
C VAL B 71 -8.90 3.56 -37.47
N GLU B 72 -7.61 3.64 -37.20
CA GLU B 72 -6.60 3.51 -38.28
C GLU B 72 -6.17 2.03 -38.41
N LEU B 73 -5.80 1.42 -37.31
CA LEU B 73 -5.37 -0.02 -37.33
C LEU B 73 -6.52 -0.96 -37.74
N GLN B 74 -7.74 -0.52 -37.66
CA GLN B 74 -8.88 -1.41 -38.04
C GLN B 74 -9.01 -1.50 -39.57
N LYS B 75 -8.03 -1.01 -40.30
CA LYS B 75 -8.10 -1.05 -41.80
C LYS B 75 -6.94 -1.88 -42.37
N LEU B 76 -5.75 -1.69 -41.86
CA LEU B 76 -4.56 -2.44 -42.38
C LEU B 76 -4.21 -3.60 -41.45
N MET B 1 -27.96 2.92 -14.97
CA MET B 1 -28.70 4.17 -15.34
C MET B 1 -27.85 5.04 -16.29
N ASP B 2 -26.67 5.42 -15.88
CA ASP B 2 -25.80 6.27 -16.74
C ASP B 2 -24.91 5.35 -17.61
N GLU B 3 -25.52 4.40 -18.28
CA GLU B 3 -24.76 3.43 -19.13
C GLU B 3 -24.11 4.14 -20.32
N GLY B 4 -22.96 4.74 -20.12
CA GLY B 4 -22.26 5.46 -21.23
C GLY B 4 -21.61 4.46 -22.19
N ASP B 5 -22.39 3.59 -22.78
CA ASP B 5 -21.83 2.58 -23.73
C ASP B 5 -21.55 3.27 -25.08
N LYS B 6 -20.48 4.03 -25.16
CA LYS B 6 -20.16 4.74 -26.45
C LYS B 6 -19.00 5.72 -26.22
N LYS B 7 -18.11 5.83 -27.18
CA LYS B 7 -16.95 6.76 -27.05
C LYS B 7 -15.98 6.21 -25.97
N SER B 8 -15.09 7.03 -25.46
CA SER B 8 -14.13 6.54 -24.41
C SER B 8 -13.13 5.55 -25.02
N PRO B 9 -12.05 6.07 -25.53
CA PRO B 9 -10.99 5.24 -26.16
C PRO B 9 -10.11 4.56 -25.08
N ILE B 10 -10.70 3.78 -24.22
CA ILE B 10 -9.91 3.09 -23.15
C ILE B 10 -10.37 1.63 -23.02
N SER B 11 -11.57 1.41 -22.52
CA SER B 11 -12.09 0.01 -22.37
C SER B 11 -12.02 -0.72 -23.71
N GLN B 12 -12.72 -0.22 -24.69
CA GLN B 12 -12.72 -0.87 -26.04
C GLN B 12 -11.27 -1.07 -26.54
N VAL B 13 -10.38 -0.17 -26.20
CA VAL B 13 -8.95 -0.34 -26.65
C VAL B 13 -8.40 -1.62 -26.00
N HIS B 14 -8.62 -1.78 -24.72
CA HIS B 14 -8.14 -3.00 -24.01
C HIS B 14 -8.93 -4.21 -24.55
N GLU B 15 -10.21 -4.04 -24.81
CA GLU B 15 -11.04 -5.16 -25.35
C GLU B 15 -10.48 -5.58 -26.72
N ILE B 16 -10.19 -4.63 -27.58
CA ILE B 16 -9.62 -4.97 -28.92
C ILE B 16 -8.29 -5.71 -28.73
N GLY B 17 -7.42 -5.19 -27.90
CA GLY B 17 -6.12 -5.89 -27.65
C GLY B 17 -6.40 -7.28 -27.08
N ILE B 18 -7.23 -7.36 -26.07
CA ILE B 18 -7.57 -8.69 -25.48
C ILE B 18 -8.19 -9.57 -26.57
N LYS B 19 -9.05 -9.01 -27.39
CA LYS B 19 -9.71 -9.78 -28.49
C LYS B 19 -8.67 -10.63 -29.24
N ARG B 20 -7.54 -10.06 -29.58
CA ARG B 20 -6.51 -10.85 -30.31
C ARG B 20 -5.33 -11.17 -29.37
N ASN B 21 -5.55 -11.10 -28.07
CA ASN B 21 -4.46 -11.40 -27.09
C ASN B 21 -3.28 -10.44 -27.31
N MET B 22 -3.56 -9.16 -27.34
CA MET B 22 -2.50 -8.14 -27.57
C MET B 22 -2.50 -7.11 -26.42
N THR B 23 -1.41 -7.00 -25.71
CA THR B 23 -1.34 -6.03 -24.57
C THR B 23 -1.37 -4.60 -25.12
N VAL B 24 -2.15 -3.73 -24.51
CA VAL B 24 -2.23 -2.32 -25.00
C VAL B 24 -1.52 -1.38 -23.99
N HIS B 25 -0.41 -0.81 -24.37
CA HIS B 25 0.33 0.09 -23.43
C HIS B 25 0.72 1.41 -24.14
N PHE B 26 0.14 2.51 -23.73
CA PHE B 26 0.47 3.83 -24.37
C PHE B 26 1.72 4.46 -23.72
N LYS B 27 2.20 5.55 -24.26
CA LYS B 27 3.40 6.24 -23.69
C LYS B 27 3.75 7.46 -24.57
N VAL B 28 4.23 8.53 -23.99
CA VAL B 28 4.58 9.74 -24.81
C VAL B 28 6.04 9.67 -25.29
N LEU B 29 6.75 8.66 -24.89
CA LEU B 29 8.19 8.46 -25.30
C LEU B 29 9.09 9.45 -24.56
N ARG B 30 8.63 10.65 -24.37
CA ARG B 30 9.46 11.67 -23.65
C ARG B 30 8.55 12.78 -23.10
N GLU B 31 9.13 13.69 -22.36
CA GLU B 31 8.36 14.84 -21.78
C GLU B 31 7.35 14.31 -20.74
N GLU B 32 6.08 14.24 -21.08
CA GLU B 32 5.05 13.73 -20.10
C GLU B 32 5.04 14.61 -18.84
N GLY B 33 4.27 14.26 -17.85
CA GLY B 33 4.21 15.10 -16.60
C GLY B 33 3.21 14.50 -15.61
N PRO B 34 3.45 14.77 -14.34
CA PRO B 34 2.59 14.27 -13.25
C PRO B 34 1.27 15.05 -13.18
N ALA B 35 1.32 16.27 -12.71
CA ALA B 35 0.06 17.09 -12.63
C ALA B 35 -0.29 17.63 -14.03
N HIS B 36 0.61 18.36 -14.64
CA HIS B 36 0.36 18.90 -16.01
C HIS B 36 1.33 18.26 -17.02
N MET B 37 1.47 18.84 -18.19
CA MET B 37 2.42 18.30 -19.22
C MET B 37 1.94 16.93 -19.74
N LYS B 38 0.69 16.80 -20.12
CA LYS B 38 0.19 15.49 -20.64
C LYS B 38 -0.18 15.62 -22.12
N ASN B 39 0.80 15.72 -22.98
CA ASN B 39 0.53 15.87 -24.46
C ASN B 39 1.80 15.45 -25.25
N PHE B 40 1.90 15.87 -26.49
CA PHE B 40 3.10 15.57 -27.35
C PHE B 40 3.01 14.17 -28.01
N ILE B 41 4.08 13.76 -28.66
CA ILE B 41 4.11 12.44 -29.38
C ILE B 41 3.52 11.32 -28.52
N THR B 42 2.53 10.64 -29.00
CA THR B 42 1.95 9.51 -28.21
C THR B 42 2.18 8.20 -28.96
N ALA B 43 2.68 7.20 -28.30
CA ALA B 43 2.93 5.89 -28.97
C ALA B 43 2.16 4.77 -28.26
N CYS B 44 1.57 3.87 -29.00
CA CYS B 44 0.80 2.76 -28.37
C CYS B 44 1.40 1.42 -28.80
N ILE B 45 1.33 0.44 -27.95
CA ILE B 45 1.87 -0.91 -28.32
C ILE B 45 0.75 -1.94 -28.21
N VAL B 46 0.50 -2.68 -29.26
CA VAL B 46 -0.60 -3.71 -29.22
C VAL B 46 -0.09 -5.03 -29.82
N GLY B 47 0.36 -5.93 -28.98
CA GLY B 47 0.86 -7.25 -29.48
C GLY B 47 2.16 -7.08 -30.27
N SER B 48 2.04 -6.76 -31.54
CA SER B 48 3.27 -6.59 -32.39
C SER B 48 3.31 -5.21 -33.03
N ILE B 49 2.21 -4.51 -33.11
CA ILE B 49 2.21 -3.15 -33.73
C ILE B 49 2.43 -2.09 -32.66
N VAL B 50 3.33 -1.17 -32.87
CA VAL B 50 3.58 -0.11 -31.85
C VAL B 50 3.59 1.29 -32.49
N THR B 51 3.82 2.31 -31.70
CA THR B 51 3.81 3.71 -32.18
C THR B 51 2.36 4.16 -32.24
N GLU B 52 2.08 5.42 -32.29
CA GLU B 52 0.66 5.81 -32.35
C GLU B 52 0.46 7.06 -33.22
N GLY B 53 0.79 8.18 -32.67
CA GLY B 53 0.64 9.48 -33.40
C GLY B 53 0.91 10.64 -32.44
N GLU B 54 1.19 11.79 -32.97
CA GLU B 54 1.49 12.98 -32.11
C GLU B 54 0.22 13.45 -31.36
N GLY B 55 0.14 13.22 -30.08
CA GLY B 55 -1.04 13.67 -29.30
C GLY B 55 -0.72 15.00 -28.62
N ASN B 56 -0.72 16.08 -29.37
CA ASN B 56 -0.40 17.41 -28.76
C ASN B 56 -1.38 18.48 -29.25
N GLY B 57 -2.11 19.08 -28.34
CA GLY B 57 -3.07 20.14 -28.76
C GLY B 57 -4.14 20.38 -27.69
N LYS B 58 -3.78 21.04 -26.62
CA LYS B 58 -4.75 21.33 -25.51
C LYS B 58 -5.14 20.03 -24.76
N LYS B 59 -5.83 19.13 -25.41
CA LYS B 59 -6.24 17.86 -24.73
C LYS B 59 -5.95 16.67 -25.66
N VAL B 60 -4.70 16.34 -25.82
CA VAL B 60 -4.31 15.19 -26.69
C VAL B 60 -3.26 14.33 -25.97
N SER B 61 -3.10 13.09 -26.39
CA SER B 61 -2.12 12.16 -25.75
C SER B 61 -2.80 11.39 -24.63
N LYS B 62 -2.81 10.09 -24.74
CA LYS B 62 -3.50 9.20 -23.74
C LYS B 62 -5.01 9.19 -24.05
N LYS B 63 -5.36 9.72 -25.19
CA LYS B 63 -6.77 9.76 -25.66
C LYS B 63 -6.70 9.73 -27.18
N ARG B 64 -6.20 10.79 -27.76
CA ARG B 64 -6.02 10.86 -29.25
C ARG B 64 -5.32 9.59 -29.76
N ALA B 65 -4.27 9.18 -29.09
CA ALA B 65 -3.53 7.96 -29.51
C ALA B 65 -4.48 6.75 -29.54
N ALA B 66 -5.22 6.53 -28.47
CA ALA B 66 -6.17 5.38 -28.42
C ALA B 66 -7.21 5.48 -29.55
N GLU B 67 -7.79 6.63 -29.76
CA GLU B 67 -8.81 6.76 -30.87
C GLU B 67 -8.19 6.31 -32.20
N LYS B 68 -7.00 6.76 -32.50
CA LYS B 68 -6.32 6.35 -33.76
C LYS B 68 -6.08 4.83 -33.76
N MET B 69 -5.53 4.31 -32.69
CA MET B 69 -5.29 2.83 -32.62
C MET B 69 -6.62 2.09 -32.74
N LEU B 70 -7.66 2.57 -32.11
CA LEU B 70 -8.99 1.90 -32.19
C LEU B 70 -9.52 1.97 -33.62
N VAL B 71 -9.63 3.15 -34.19
CA VAL B 71 -10.13 3.28 -35.59
C VAL B 71 -9.25 2.45 -36.54
N GLU B 72 -7.97 2.39 -36.27
CA GLU B 72 -7.06 1.59 -37.14
C GLU B 72 -7.36 0.09 -36.97
N LEU B 73 -7.31 -0.40 -35.76
CA LEU B 73 -7.61 -1.85 -35.51
C LEU B 73 -9.04 -2.19 -35.94
N GLN B 74 -9.96 -1.25 -35.84
CA GLN B 74 -11.36 -1.55 -36.25
C GLN B 74 -11.55 -1.32 -37.76
N LYS B 75 -10.59 -0.71 -38.42
CA LYS B 75 -10.71 -0.46 -39.89
C LYS B 75 -9.69 -1.31 -40.67
N LEU B 76 -8.61 -1.73 -40.02
CA LEU B 76 -7.58 -2.55 -40.68
C LEU B 76 -7.01 -1.83 -41.93
N MET B 1 15.26 -11.04 2.02
CA MET B 1 15.19 -9.58 1.70
C MET B 1 14.20 -9.39 0.56
N ASP B 2 12.96 -9.21 0.88
CA ASP B 2 11.91 -9.10 -0.16
C ASP B 2 10.76 -8.22 0.37
N GLU B 3 9.93 -8.75 1.24
CA GLU B 3 8.82 -7.92 1.79
C GLU B 3 9.40 -6.94 2.83
N GLY B 4 9.09 -5.67 2.70
CA GLY B 4 9.65 -4.68 3.69
C GLY B 4 8.90 -3.34 3.63
N ASP B 5 9.62 -2.27 3.37
CA ASP B 5 9.00 -0.91 3.33
C ASP B 5 8.50 -0.55 4.75
N LYS B 6 7.64 0.42 4.87
CA LYS B 6 7.14 0.80 6.23
C LYS B 6 5.76 1.47 6.09
N LYS B 7 4.94 0.97 5.20
CA LYS B 7 3.58 1.55 4.98
C LYS B 7 2.88 0.80 3.82
N SER B 8 2.15 1.50 2.98
CA SER B 8 1.48 0.82 1.84
C SER B 8 2.24 1.16 0.55
N PRO B 9 2.46 0.16 -0.28
CA PRO B 9 3.20 0.33 -1.56
C PRO B 9 2.35 1.07 -2.61
N ILE B 10 1.92 2.26 -2.29
CA ILE B 10 1.10 3.05 -3.28
C ILE B 10 1.91 4.25 -3.78
N SER B 11 2.45 5.05 -2.88
CA SER B 11 3.26 6.25 -3.30
C SER B 11 4.30 5.85 -4.35
N GLN B 12 5.23 5.00 -4.00
CA GLN B 12 6.28 4.58 -4.99
C GLN B 12 5.63 4.13 -6.30
N VAL B 13 4.54 3.40 -6.25
CA VAL B 13 3.87 2.99 -7.50
C VAL B 13 3.49 4.24 -8.30
N HIS B 14 2.94 5.22 -7.62
CA HIS B 14 2.57 6.49 -8.30
C HIS B 14 3.86 7.19 -8.77
N GLU B 15 4.87 7.22 -7.93
CA GLU B 15 6.17 7.86 -8.32
C GLU B 15 6.70 7.17 -9.59
N ILE B 16 6.65 5.87 -9.66
CA ILE B 16 7.13 5.14 -10.87
C ILE B 16 6.14 5.41 -12.03
N GLY B 17 4.86 5.41 -11.75
CA GLY B 17 3.85 5.68 -12.81
C GLY B 17 4.11 7.07 -13.42
N ILE B 18 4.24 8.07 -12.59
CA ILE B 18 4.54 9.45 -13.10
C ILE B 18 6.03 9.55 -13.41
N LYS B 19 6.54 8.63 -14.17
CA LYS B 19 7.99 8.65 -14.51
C LYS B 19 8.20 7.90 -15.83
N ARG B 20 7.74 6.68 -15.89
CA ARG B 20 7.87 5.89 -17.15
C ARG B 20 6.60 6.06 -18.00
N ASN B 21 5.94 7.19 -17.88
CA ASN B 21 4.68 7.44 -18.66
C ASN B 21 3.67 6.30 -18.42
N MET B 22 3.38 5.98 -17.18
CA MET B 22 2.42 4.87 -16.90
C MET B 22 1.31 5.37 -15.96
N THR B 23 0.10 5.45 -16.45
CA THR B 23 -1.05 5.90 -15.59
C THR B 23 -1.29 4.85 -14.50
N VAL B 24 -1.18 5.23 -13.26
CA VAL B 24 -1.41 4.25 -12.14
C VAL B 24 -2.82 4.41 -11.57
N HIS B 25 -3.69 3.45 -11.79
CA HIS B 25 -5.08 3.56 -11.26
C HIS B 25 -5.47 2.25 -10.54
N PHE B 26 -5.91 2.35 -9.31
CA PHE B 26 -6.32 1.11 -8.55
C PHE B 26 -7.83 0.88 -8.73
N LYS B 27 -8.25 -0.35 -8.79
CA LYS B 27 -9.70 -0.65 -8.96
C LYS B 27 -10.06 -2.01 -8.33
N VAL B 28 -11.06 -2.03 -7.48
CA VAL B 28 -11.47 -3.32 -6.85
C VAL B 28 -12.47 -4.04 -7.78
N LEU B 29 -12.35 -5.33 -7.92
CA LEU B 29 -13.29 -6.07 -8.83
C LEU B 29 -14.65 -6.21 -8.14
N ARG B 30 -14.68 -6.76 -6.96
CA ARG B 30 -15.99 -6.94 -6.25
C ARG B 30 -15.77 -7.45 -4.81
N GLU B 31 -16.72 -7.20 -3.95
CA GLU B 31 -16.62 -7.67 -2.54
C GLU B 31 -17.70 -8.74 -2.29
N GLU B 32 -17.51 -9.58 -1.31
CA GLU B 32 -18.54 -10.64 -1.03
C GLU B 32 -19.85 -10.01 -0.53
N GLY B 33 -20.91 -10.78 -0.50
CA GLY B 33 -22.23 -10.24 -0.03
C GLY B 33 -22.39 -10.44 1.49
N PRO B 34 -22.43 -11.68 1.91
CA PRO B 34 -22.58 -12.03 3.34
C PRO B 34 -21.23 -11.93 4.06
N ALA B 35 -21.18 -12.31 5.32
CA ALA B 35 -19.88 -12.24 6.07
C ALA B 35 -19.05 -13.52 5.82
N HIS B 36 -19.18 -14.11 4.66
CA HIS B 36 -18.43 -15.36 4.34
C HIS B 36 -17.28 -15.03 3.35
N MET B 37 -16.66 -16.04 2.79
CA MET B 37 -15.53 -15.84 1.81
C MET B 37 -14.89 -14.44 1.95
N LYS B 38 -14.17 -14.22 3.02
CA LYS B 38 -13.52 -12.90 3.23
C LYS B 38 -12.32 -12.75 2.28
N ASN B 39 -12.57 -12.36 1.05
CA ASN B 39 -11.47 -12.20 0.06
C ASN B 39 -11.57 -10.82 -0.62
N PHE B 40 -10.52 -10.05 -0.62
CA PHE B 40 -10.57 -8.69 -1.26
C PHE B 40 -9.75 -8.68 -2.56
N ILE B 41 -10.38 -8.95 -3.67
CA ILE B 41 -9.64 -8.95 -4.97
C ILE B 41 -9.52 -7.52 -5.50
N THR B 42 -8.33 -6.96 -5.46
CA THR B 42 -8.15 -5.56 -5.97
C THR B 42 -7.21 -5.58 -7.17
N ALA B 43 -7.58 -4.94 -8.24
CA ALA B 43 -6.72 -4.92 -9.46
C ALA B 43 -6.13 -3.52 -9.65
N CYS B 44 -5.02 -3.42 -10.33
CA CYS B 44 -4.39 -2.09 -10.57
C CYS B 44 -3.98 -1.96 -12.04
N ILE B 45 -4.18 -0.81 -12.62
CA ILE B 45 -3.78 -0.61 -14.05
C ILE B 45 -2.60 0.37 -14.08
N VAL B 46 -1.57 0.03 -14.83
CA VAL B 46 -0.38 0.92 -14.91
C VAL B 46 0.02 1.13 -16.39
N GLY B 47 -0.19 2.31 -16.89
CA GLY B 47 0.14 2.59 -18.33
C GLY B 47 -0.65 1.65 -19.25
N SER B 48 0.00 0.68 -19.82
CA SER B 48 -0.72 -0.29 -20.73
C SER B 48 -0.70 -1.70 -20.13
N ILE B 49 -0.54 -1.82 -18.83
CA ILE B 49 -0.52 -3.17 -18.20
C ILE B 49 -1.45 -3.20 -16.98
N VAL B 50 -2.00 -4.34 -16.66
CA VAL B 50 -2.91 -4.43 -15.47
C VAL B 50 -2.45 -5.57 -14.55
N THR B 51 -2.67 -5.44 -13.27
CA THR B 51 -2.24 -6.52 -12.32
C THR B 51 -3.27 -6.72 -11.22
N GLU B 52 -3.72 -7.92 -11.02
CA GLU B 52 -4.74 -8.19 -9.95
C GLU B 52 -4.05 -8.62 -8.65
N GLY B 53 -4.64 -8.30 -7.53
CA GLY B 53 -4.05 -8.69 -6.20
C GLY B 53 -5.14 -9.19 -5.26
N GLU B 54 -5.18 -10.47 -5.00
CA GLU B 54 -6.23 -11.03 -4.10
C GLU B 54 -5.84 -10.81 -2.62
N GLY B 55 -6.05 -9.63 -2.11
CA GLY B 55 -5.70 -9.35 -0.68
C GLY B 55 -6.77 -9.92 0.26
N ASN B 56 -6.46 -9.99 1.54
CA ASN B 56 -7.45 -10.52 2.52
C ASN B 56 -7.82 -9.43 3.53
N GLY B 57 -6.84 -8.89 4.23
CA GLY B 57 -7.13 -7.81 5.23
C GLY B 57 -7.61 -6.54 4.52
N LYS B 58 -8.42 -5.74 5.19
CA LYS B 58 -8.97 -4.48 4.60
C LYS B 58 -7.93 -3.77 3.70
N LYS B 59 -6.77 -3.45 4.21
CA LYS B 59 -5.75 -2.76 3.37
C LYS B 59 -4.65 -3.74 2.91
N VAL B 60 -5.00 -4.99 2.70
CA VAL B 60 -3.99 -6.00 2.25
C VAL B 60 -4.04 -6.13 0.72
N SER B 61 -5.22 -6.05 0.14
CA SER B 61 -5.33 -6.17 -1.35
C SER B 61 -4.48 -5.10 -2.03
N LYS B 62 -4.70 -3.85 -1.69
CA LYS B 62 -3.89 -2.75 -2.29
C LYS B 62 -2.39 -3.03 -2.08
N LYS B 63 -2.03 -3.58 -0.94
CA LYS B 63 -0.59 -3.91 -0.68
C LYS B 63 -0.13 -5.03 -1.63
N ARG B 64 -0.70 -6.21 -1.50
CA ARG B 64 -0.30 -7.35 -2.38
C ARG B 64 -0.54 -6.99 -3.86
N ALA B 65 -1.60 -6.26 -4.15
CA ALA B 65 -1.87 -5.88 -5.57
C ALA B 65 -0.73 -5.00 -6.08
N ALA B 66 -0.36 -3.99 -5.31
CA ALA B 66 0.76 -3.09 -5.72
C ALA B 66 2.08 -3.88 -5.68
N GLU B 67 2.26 -4.71 -4.68
CA GLU B 67 3.51 -5.53 -4.57
C GLU B 67 3.76 -6.22 -5.91
N LYS B 68 2.79 -6.97 -6.36
CA LYS B 68 2.94 -7.67 -7.67
C LYS B 68 3.18 -6.64 -8.78
N MET B 69 2.37 -5.61 -8.84
CA MET B 69 2.56 -4.56 -9.89
C MET B 69 4.02 -4.08 -9.90
N LEU B 70 4.56 -3.73 -8.76
CA LEU B 70 5.98 -3.25 -8.71
C LEU B 70 6.94 -4.42 -8.99
N VAL B 71 6.71 -5.57 -8.41
CA VAL B 71 7.62 -6.74 -8.64
C VAL B 71 7.61 -7.11 -10.13
N GLU B 72 6.48 -7.04 -10.77
CA GLU B 72 6.40 -7.38 -12.23
C GLU B 72 6.89 -6.17 -13.05
N LEU B 73 6.51 -4.98 -12.66
CA LEU B 73 6.95 -3.76 -13.41
C LEU B 73 8.48 -3.65 -13.36
N GLN B 74 9.09 -4.02 -12.27
CA GLN B 74 10.59 -3.94 -12.17
C GLN B 74 11.23 -5.04 -13.05
N LYS B 75 10.44 -5.84 -13.71
CA LYS B 75 10.98 -6.91 -14.59
C LYS B 75 11.04 -6.41 -16.05
N LEU B 76 10.33 -5.35 -16.35
CA LEU B 76 10.32 -4.80 -17.74
C LEU B 76 10.74 -3.33 -17.73
N MET B 1 -26.07 6.10 -23.11
CA MET B 1 -26.70 4.98 -22.32
C MET B 1 -26.71 3.70 -23.18
N ASP B 2 -27.23 3.79 -24.37
CA ASP B 2 -27.27 2.62 -25.29
C ASP B 2 -25.89 2.47 -25.95
N GLU B 3 -25.82 2.32 -27.24
CA GLU B 3 -24.50 2.20 -27.92
C GLU B 3 -24.35 3.34 -28.94
N GLY B 4 -24.84 4.51 -28.62
CA GLY B 4 -24.73 5.67 -29.56
C GLY B 4 -23.45 6.44 -29.23
N ASP B 5 -23.39 7.01 -28.06
CA ASP B 5 -22.16 7.77 -27.65
C ASP B 5 -20.96 6.82 -27.68
N LYS B 6 -19.93 7.13 -28.45
CA LYS B 6 -18.75 6.22 -28.54
C LYS B 6 -17.45 7.03 -28.72
N LYS B 7 -17.17 7.47 -29.92
CA LYS B 7 -15.92 8.27 -30.19
C LYS B 7 -14.67 7.50 -29.72
N SER B 8 -14.24 6.53 -30.50
CA SER B 8 -13.00 5.74 -30.15
C SER B 8 -13.21 4.92 -28.86
N PRO B 9 -13.94 3.83 -28.98
CA PRO B 9 -14.23 2.92 -27.84
C PRO B 9 -13.03 1.98 -27.57
N ILE B 10 -12.29 2.25 -26.52
CA ILE B 10 -11.10 1.39 -26.17
C ILE B 10 -11.49 -0.09 -26.13
N SER B 11 -12.47 -0.47 -25.33
CA SER B 11 -12.88 -1.91 -25.25
C SER B 11 -13.08 -2.50 -26.65
N GLN B 12 -13.80 -1.82 -27.52
CA GLN B 12 -14.01 -2.37 -28.90
C GLN B 12 -12.64 -2.62 -29.56
N VAL B 13 -11.71 -1.70 -29.43
CA VAL B 13 -10.35 -1.90 -30.02
C VAL B 13 -9.70 -3.14 -29.38
N HIS B 14 -9.85 -3.29 -28.09
CA HIS B 14 -9.28 -4.46 -27.39
C HIS B 14 -9.95 -5.75 -27.92
N GLU B 15 -11.26 -5.72 -28.03
CA GLU B 15 -12.00 -6.92 -28.54
C GLU B 15 -11.60 -7.21 -29.99
N ILE B 16 -11.61 -6.22 -30.86
CA ILE B 16 -11.22 -6.48 -32.29
C ILE B 16 -9.78 -7.00 -32.34
N GLY B 17 -8.93 -6.55 -31.44
CA GLY B 17 -7.52 -7.05 -31.42
C GLY B 17 -7.53 -8.50 -30.93
N ILE B 18 -8.07 -8.75 -29.76
CA ILE B 18 -8.13 -10.14 -29.23
C ILE B 18 -8.89 -11.03 -30.22
N LYS B 19 -9.95 -10.51 -30.80
CA LYS B 19 -10.74 -11.31 -31.79
C LYS B 19 -9.82 -11.82 -32.91
N ARG B 20 -8.73 -11.14 -33.17
CA ARG B 20 -7.78 -11.60 -34.23
C ARG B 20 -6.54 -12.23 -33.58
N ASN B 21 -6.67 -12.71 -32.36
CA ASN B 21 -5.50 -13.34 -31.66
C ASN B 21 -4.39 -12.29 -31.42
N MET B 22 -4.76 -11.03 -31.28
CA MET B 22 -3.73 -9.97 -31.06
C MET B 22 -3.79 -9.47 -29.61
N THR B 23 -2.66 -9.40 -28.97
CA THR B 23 -2.64 -8.92 -27.54
C THR B 23 -2.89 -7.41 -27.49
N VAL B 24 -3.94 -6.99 -26.83
CA VAL B 24 -4.24 -5.53 -26.74
C VAL B 24 -4.14 -5.07 -25.29
N HIS B 25 -3.10 -4.35 -24.94
CA HIS B 25 -2.94 -3.87 -23.53
C HIS B 25 -2.87 -2.34 -23.50
N PHE B 26 -3.63 -1.71 -22.64
CA PHE B 26 -3.64 -0.22 -22.56
C PHE B 26 -3.25 0.23 -21.14
N LYS B 27 -2.08 0.78 -20.96
CA LYS B 27 -1.66 1.25 -19.61
C LYS B 27 -0.69 2.44 -19.73
N VAL B 28 -0.34 3.07 -18.63
CA VAL B 28 0.60 4.22 -18.71
C VAL B 28 1.98 3.80 -18.21
N LEU B 29 3.00 4.12 -18.95
CA LEU B 29 4.39 3.74 -18.54
C LEU B 29 4.99 4.80 -17.59
N ARG B 30 4.47 6.00 -17.61
CA ARG B 30 5.02 7.07 -16.72
C ARG B 30 4.19 8.35 -16.86
N GLU B 31 4.00 9.08 -15.80
CA GLU B 31 3.21 10.34 -15.86
C GLU B 31 4.15 11.54 -16.07
N GLU B 32 3.69 12.73 -15.82
CA GLU B 32 4.56 13.95 -16.00
C GLU B 32 5.72 13.93 -15.00
N GLY B 33 5.42 14.15 -13.78
CA GLY B 33 6.48 14.16 -12.70
C GLY B 33 6.61 15.55 -12.05
N PRO B 34 6.93 16.54 -12.85
CA PRO B 34 7.12 17.93 -12.34
C PRO B 34 5.77 18.63 -12.04
N ALA B 35 5.22 18.38 -10.88
CA ALA B 35 3.93 19.03 -10.48
C ALA B 35 2.74 18.57 -11.36
N HIS B 36 2.93 17.57 -12.20
CA HIS B 36 1.81 17.06 -13.06
C HIS B 36 1.24 18.22 -13.91
N MET B 37 1.80 18.46 -15.07
CA MET B 37 1.30 19.58 -15.94
C MET B 37 0.01 19.14 -16.68
N LYS B 38 0.13 18.55 -17.84
CA LYS B 38 -1.05 18.10 -18.61
C LYS B 38 -0.63 17.28 -19.85
N ASN B 39 0.44 16.56 -19.76
CA ASN B 39 0.89 15.73 -20.92
C ASN B 39 1.13 14.29 -20.45
N PHE B 40 0.22 13.41 -20.70
CA PHE B 40 0.39 12.00 -20.25
C PHE B 40 0.72 11.09 -21.44
N ILE B 41 1.46 10.03 -21.21
CA ILE B 41 1.81 9.10 -22.32
C ILE B 41 1.21 7.72 -22.03
N THR B 42 0.16 7.38 -22.73
CA THR B 42 -0.48 6.05 -22.53
C THR B 42 0.24 5.00 -23.37
N ALA B 43 0.76 3.98 -22.76
CA ALA B 43 1.46 2.91 -23.53
C ALA B 43 0.42 1.87 -24.00
N CYS B 44 0.19 1.78 -25.28
CA CYS B 44 -0.81 0.79 -25.77
C CYS B 44 -0.11 -0.24 -26.66
N ILE B 45 -0.35 -1.49 -26.43
CA ILE B 45 0.32 -2.52 -27.29
C ILE B 45 -0.75 -3.36 -28.01
N VAL B 46 -0.67 -3.41 -29.31
CA VAL B 46 -1.67 -4.19 -30.10
C VAL B 46 -1.00 -4.78 -31.36
N GLY B 47 -0.08 -5.69 -31.17
CA GLY B 47 0.62 -6.35 -32.33
C GLY B 47 1.33 -5.33 -33.23
N SER B 48 0.60 -4.70 -34.12
CA SER B 48 1.24 -3.71 -35.06
C SER B 48 1.51 -2.38 -34.36
N ILE B 49 0.83 -2.06 -33.29
CA ILE B 49 1.09 -0.74 -32.62
C ILE B 49 1.56 -0.95 -31.18
N VAL B 50 2.38 -0.06 -30.69
CA VAL B 50 2.89 -0.17 -29.28
C VAL B 50 2.88 1.22 -28.64
N THR B 51 2.91 1.25 -27.33
CA THR B 51 2.93 2.54 -26.56
C THR B 51 2.40 3.71 -27.41
N GLU B 52 3.26 4.60 -27.85
CA GLU B 52 2.88 5.76 -28.71
C GLU B 52 1.54 6.42 -28.31
N GLY B 53 1.12 6.25 -27.11
CA GLY B 53 -0.17 6.87 -26.69
C GLY B 53 0.08 8.24 -26.06
N GLU B 54 -0.47 9.27 -26.62
CA GLU B 54 -0.28 10.62 -26.03
C GLU B 54 -1.38 10.88 -24.99
N GLY B 55 -1.95 12.05 -24.97
CA GLY B 55 -3.03 12.36 -23.99
C GLY B 55 -2.63 13.52 -23.06
N ASN B 56 -3.58 14.03 -22.33
CA ASN B 56 -3.29 15.15 -21.38
C ASN B 56 -3.37 14.64 -19.92
N GLY B 57 -3.81 13.42 -19.71
CA GLY B 57 -3.91 12.88 -18.32
C GLY B 57 -5.38 12.61 -17.96
N LYS B 58 -5.85 13.16 -16.87
CA LYS B 58 -7.28 12.93 -16.45
C LYS B 58 -8.23 13.71 -17.38
N LYS B 59 -8.29 13.30 -18.62
CA LYS B 59 -9.18 13.96 -19.63
C LYS B 59 -9.07 13.21 -20.96
N VAL B 60 -7.85 12.99 -21.41
CA VAL B 60 -7.63 12.25 -22.68
C VAL B 60 -6.26 11.58 -22.65
N SER B 61 -6.15 10.45 -23.28
CA SER B 61 -4.87 9.68 -23.34
C SER B 61 -5.16 8.31 -23.93
N LYS B 62 -5.73 7.41 -23.16
CA LYS B 62 -6.07 6.05 -23.68
C LYS B 62 -6.87 6.22 -25.00
N LYS B 63 -7.79 7.14 -25.02
CA LYS B 63 -8.60 7.40 -26.25
C LYS B 63 -7.68 7.89 -27.38
N ARG B 64 -7.13 9.06 -27.25
CA ARG B 64 -6.21 9.61 -28.30
C ARG B 64 -5.18 8.55 -28.71
N ALA B 65 -4.55 7.92 -27.74
CA ALA B 65 -3.55 6.88 -28.07
C ALA B 65 -4.22 5.77 -28.91
N ALA B 66 -5.40 5.36 -28.51
CA ALA B 66 -6.14 4.29 -29.27
C ALA B 66 -6.49 4.80 -30.68
N GLU B 67 -6.83 6.06 -30.80
CA GLU B 67 -7.16 6.63 -32.15
C GLU B 67 -5.99 6.33 -33.09
N LYS B 68 -4.79 6.55 -32.62
CA LYS B 68 -3.58 6.26 -33.44
C LYS B 68 -3.60 4.77 -33.83
N MET B 69 -3.85 3.90 -32.88
CA MET B 69 -3.89 2.43 -33.17
C MET B 69 -4.96 2.12 -34.22
N LEU B 70 -6.18 2.52 -33.98
CA LEU B 70 -7.27 2.23 -34.98
C LEU B 70 -6.97 2.88 -36.33
N VAL B 71 -6.57 4.13 -36.34
CA VAL B 71 -6.27 4.83 -37.65
C VAL B 71 -5.30 3.99 -38.48
N GLU B 72 -4.22 3.53 -37.89
CA GLU B 72 -3.23 2.73 -38.67
C GLU B 72 -3.74 1.29 -38.85
N LEU B 73 -4.19 0.66 -37.80
CA LEU B 73 -4.70 -0.75 -37.91
C LEU B 73 -5.86 -0.84 -38.92
N GLN B 74 -6.66 0.19 -39.05
CA GLN B 74 -7.78 0.14 -40.04
C GLN B 74 -7.26 0.56 -41.44
N LYS B 75 -5.97 0.75 -41.58
CA LYS B 75 -5.40 1.16 -42.90
C LYS B 75 -4.31 0.18 -43.36
N LEU B 76 -4.03 -0.85 -42.59
CA LEU B 76 -2.98 -1.83 -42.97
C LEU B 76 -3.62 -3.05 -43.67
N MET B 1 11.27 -8.20 8.32
CA MET B 1 11.18 -6.81 8.89
C MET B 1 9.82 -6.24 8.52
N ASP B 2 8.81 -6.63 9.24
CA ASP B 2 7.43 -6.21 8.92
C ASP B 2 6.79 -5.51 10.14
N GLU B 3 5.48 -5.50 10.22
CA GLU B 3 4.77 -4.85 11.37
C GLU B 3 5.23 -3.39 11.50
N GLY B 4 4.86 -2.57 10.55
CA GLY B 4 5.27 -1.13 10.59
C GLY B 4 5.36 -0.59 9.17
N ASP B 5 4.31 0.03 8.69
CA ASP B 5 4.32 0.57 7.30
C ASP B 5 5.44 1.60 7.14
N LYS B 6 6.11 1.57 6.02
CA LYS B 6 7.23 2.53 5.79
C LYS B 6 7.04 3.27 4.46
N LYS B 7 6.67 2.58 3.42
CA LYS B 7 6.47 3.24 2.10
C LYS B 7 5.16 2.76 1.45
N SER B 8 4.51 3.61 0.72
CA SER B 8 3.24 3.20 0.04
C SER B 8 3.54 2.53 -1.31
N PRO B 9 2.90 1.42 -1.56
CA PRO B 9 3.07 0.68 -2.83
C PRO B 9 2.34 1.41 -3.97
N ILE B 10 1.12 1.81 -3.72
CA ILE B 10 0.33 2.54 -4.77
C ILE B 10 1.10 3.79 -5.22
N SER B 11 1.59 4.59 -4.30
CA SER B 11 2.36 5.82 -4.71
C SER B 11 3.60 5.39 -5.51
N GLN B 12 4.40 4.50 -4.98
CA GLN B 12 5.62 4.05 -5.72
C GLN B 12 5.19 3.46 -7.08
N VAL B 13 4.14 2.68 -7.11
CA VAL B 13 3.66 2.12 -8.42
C VAL B 13 3.21 3.30 -9.30
N HIS B 14 2.53 4.24 -8.71
CA HIS B 14 2.09 5.45 -9.47
C HIS B 14 3.32 6.14 -10.05
N GLU B 15 4.38 6.23 -9.27
CA GLU B 15 5.64 6.86 -9.76
C GLU B 15 6.17 6.10 -10.98
N ILE B 16 6.41 4.81 -10.84
CA ILE B 16 6.92 3.99 -11.99
C ILE B 16 6.09 4.28 -13.25
N GLY B 17 4.79 4.37 -13.13
CA GLY B 17 3.93 4.67 -14.32
C GLY B 17 4.09 6.14 -14.70
N ILE B 18 3.94 7.03 -13.75
CA ILE B 18 4.10 8.50 -14.03
C ILE B 18 5.60 8.85 -14.07
N LYS B 19 6.36 8.13 -14.83
CA LYS B 19 7.83 8.43 -14.93
C LYS B 19 8.33 8.05 -16.32
N ARG B 20 7.95 6.91 -16.81
CA ARG B 20 8.38 6.49 -18.18
C ARG B 20 7.30 6.93 -19.17
N ASN B 21 6.17 6.25 -19.15
CA ASN B 21 5.03 6.62 -20.06
C ASN B 21 3.92 5.56 -19.93
N MET B 22 3.44 5.31 -18.74
CA MET B 22 2.37 4.27 -18.58
C MET B 22 1.37 4.69 -17.49
N THR B 23 0.10 4.62 -17.79
CA THR B 23 -0.94 4.99 -16.79
C THR B 23 -1.07 3.88 -15.75
N VAL B 24 -1.50 4.20 -14.56
CA VAL B 24 -1.64 3.16 -13.50
C VAL B 24 -3.05 3.22 -12.90
N HIS B 25 -3.89 2.27 -13.22
CA HIS B 25 -5.29 2.29 -12.67
C HIS B 25 -5.52 1.07 -11.78
N PHE B 26 -5.86 1.29 -10.53
CA PHE B 26 -6.12 0.14 -9.60
C PHE B 26 -7.59 0.14 -9.19
N LYS B 27 -8.23 -0.99 -9.21
CA LYS B 27 -9.69 -1.05 -8.83
C LYS B 27 -10.07 -2.44 -8.31
N VAL B 28 -10.76 -2.50 -7.21
CA VAL B 28 -11.19 -3.83 -6.66
C VAL B 28 -12.43 -4.32 -7.43
N LEU B 29 -12.56 -5.60 -7.61
CA LEU B 29 -13.74 -6.13 -8.36
C LEU B 29 -14.87 -6.46 -7.38
N ARG B 30 -14.61 -7.32 -6.44
CA ARG B 30 -15.64 -7.68 -5.42
C ARG B 30 -15.10 -8.74 -4.44
N GLU B 31 -15.97 -9.32 -3.65
CA GLU B 31 -15.53 -10.34 -2.65
C GLU B 31 -16.02 -11.74 -3.07
N GLU B 32 -15.43 -12.77 -2.53
CA GLU B 32 -15.85 -14.16 -2.88
C GLU B 32 -17.16 -14.52 -2.15
N GLY B 33 -18.23 -13.83 -2.46
CA GLY B 33 -19.54 -14.10 -1.78
C GLY B 33 -19.90 -12.93 -0.85
N PRO B 34 -20.76 -13.20 0.10
CA PRO B 34 -21.21 -12.18 1.07
C PRO B 34 -20.12 -11.93 2.16
N ALA B 35 -20.17 -12.64 3.25
CA ALA B 35 -19.14 -12.42 4.32
C ALA B 35 -18.90 -13.72 5.10
N HIS B 36 -17.85 -14.43 4.80
CA HIS B 36 -17.56 -15.72 5.52
C HIS B 36 -16.20 -16.28 5.10
N MET B 37 -15.12 -15.75 5.65
CA MET B 37 -13.75 -16.26 5.30
C MET B 37 -13.55 -16.30 3.77
N LYS B 38 -13.20 -15.17 3.20
CA LYS B 38 -13.00 -15.10 1.73
C LYS B 38 -11.94 -14.03 1.40
N ASN B 39 -11.14 -14.27 0.39
CA ASN B 39 -10.09 -13.28 0.01
C ASN B 39 -10.72 -12.19 -0.88
N PHE B 40 -9.98 -11.16 -1.18
CA PHE B 40 -10.52 -10.07 -2.05
C PHE B 40 -9.90 -10.18 -3.45
N ILE B 41 -10.16 -9.22 -4.31
CA ILE B 41 -9.58 -9.26 -5.69
C ILE B 41 -9.45 -7.82 -6.23
N THR B 42 -8.24 -7.35 -6.34
CA THR B 42 -8.01 -5.96 -6.84
C THR B 42 -7.36 -6.01 -8.23
N ALA B 43 -8.00 -5.45 -9.21
CA ALA B 43 -7.43 -5.46 -10.58
C ALA B 43 -6.63 -4.17 -10.82
N CYS B 44 -5.64 -4.22 -11.66
CA CYS B 44 -4.82 -3.00 -11.93
C CYS B 44 -4.40 -2.97 -13.41
N ILE B 45 -4.37 -1.82 -14.00
CA ILE B 45 -3.98 -1.75 -15.44
C ILE B 45 -2.83 -0.74 -15.66
N VAL B 46 -1.93 -1.09 -16.55
CA VAL B 46 -0.78 -0.19 -16.86
C VAL B 46 -1.04 0.44 -18.24
N GLY B 47 -0.23 1.40 -18.64
CA GLY B 47 -0.42 2.06 -19.98
C GLY B 47 -0.88 1.05 -21.04
N SER B 48 -0.26 -0.10 -21.11
CA SER B 48 -0.67 -1.12 -22.13
C SER B 48 -0.57 -2.53 -21.54
N ILE B 49 -0.92 -2.70 -20.28
CA ILE B 49 -0.85 -4.05 -19.64
C ILE B 49 -1.96 -4.18 -18.59
N VAL B 50 -2.39 -5.38 -18.29
CA VAL B 50 -3.46 -5.57 -17.26
C VAL B 50 -3.00 -6.63 -16.25
N THR B 51 -3.27 -6.43 -14.99
CA THR B 51 -2.84 -7.43 -13.96
C THR B 51 -3.88 -7.47 -12.82
N GLU B 52 -3.83 -8.50 -12.02
CA GLU B 52 -4.81 -8.61 -10.89
C GLU B 52 -4.04 -8.84 -9.57
N GLY B 53 -4.73 -8.75 -8.46
CA GLY B 53 -4.05 -8.95 -7.14
C GLY B 53 -5.06 -9.41 -6.09
N GLU B 54 -4.94 -10.63 -5.61
CA GLU B 54 -5.89 -11.18 -4.59
C GLU B 54 -6.06 -10.18 -3.42
N GLY B 55 -5.12 -10.14 -2.51
CA GLY B 55 -5.24 -9.22 -1.34
C GLY B 55 -6.25 -9.79 -0.34
N ASN B 56 -5.81 -10.57 0.61
CA ASN B 56 -6.73 -11.19 1.63
C ASN B 56 -7.92 -10.26 1.95
N GLY B 57 -7.67 -9.11 2.52
CA GLY B 57 -8.79 -8.17 2.85
C GLY B 57 -8.22 -6.88 3.45
N LYS B 58 -8.88 -5.77 3.22
CA LYS B 58 -8.40 -4.45 3.76
C LYS B 58 -6.99 -4.15 3.23
N LYS B 59 -5.98 -4.71 3.83
CA LYS B 59 -4.58 -4.48 3.36
C LYS B 59 -4.18 -5.62 2.42
N VAL B 60 -2.89 -5.89 2.28
CA VAL B 60 -2.41 -7.00 1.38
C VAL B 60 -2.76 -6.69 -0.08
N SER B 61 -4.03 -6.58 -0.41
CA SER B 61 -4.47 -6.29 -1.81
C SER B 61 -3.64 -5.15 -2.43
N LYS B 62 -3.73 -3.97 -1.88
CA LYS B 62 -2.98 -2.80 -2.43
C LYS B 62 -1.45 -3.04 -2.36
N LYS B 63 -1.00 -4.05 -1.65
CA LYS B 63 0.47 -4.34 -1.59
C LYS B 63 0.80 -5.50 -2.52
N ARG B 64 0.21 -6.65 -2.30
CA ARG B 64 0.48 -7.85 -3.16
C ARG B 64 0.15 -7.52 -4.62
N ALA B 65 -0.97 -6.90 -4.88
CA ALA B 65 -1.35 -6.54 -6.28
C ALA B 65 -0.26 -5.63 -6.87
N ALA B 66 0.13 -4.62 -6.14
CA ALA B 66 1.18 -3.68 -6.64
C ALA B 66 2.53 -4.40 -6.76
N GLU B 67 2.84 -5.28 -5.83
CA GLU B 67 4.14 -6.02 -5.89
C GLU B 67 4.31 -6.71 -7.25
N LYS B 68 3.33 -7.44 -7.68
CA LYS B 68 3.44 -8.12 -9.00
C LYS B 68 3.49 -7.07 -10.13
N MET B 69 2.69 -6.04 -10.03
CA MET B 69 2.71 -4.99 -11.10
C MET B 69 4.09 -4.30 -11.14
N LEU B 70 4.63 -3.97 -10.00
CA LEU B 70 5.97 -3.29 -9.96
C LEU B 70 7.05 -4.16 -10.61
N VAL B 71 7.12 -5.43 -10.26
CA VAL B 71 8.15 -6.32 -10.88
C VAL B 71 7.91 -6.38 -12.41
N GLU B 72 6.68 -6.21 -12.84
CA GLU B 72 6.39 -6.22 -14.32
C GLU B 72 6.82 -4.86 -14.91
N LEU B 73 6.24 -3.79 -14.43
CA LEU B 73 6.59 -2.43 -14.91
C LEU B 73 8.11 -2.18 -14.79
N GLN B 74 8.78 -2.88 -13.92
CA GLN B 74 10.26 -2.70 -13.76
C GLN B 74 10.96 -2.90 -15.12
N LYS B 75 10.46 -3.80 -15.94
CA LYS B 75 11.09 -4.04 -17.27
C LYS B 75 10.17 -3.53 -18.39
N LEU B 76 8.88 -3.58 -18.20
CA LEU B 76 7.94 -3.09 -19.26
C LEU B 76 7.53 -1.64 -18.97
N MET B 1 -35.83 5.00 -19.73
CA MET B 1 -34.63 4.35 -19.12
C MET B 1 -33.62 4.07 -20.24
N ASP B 2 -32.36 4.13 -19.93
CA ASP B 2 -31.33 3.92 -20.98
C ASP B 2 -30.46 2.69 -20.63
N GLU B 3 -30.08 1.93 -21.63
CA GLU B 3 -29.24 0.71 -21.39
C GLU B 3 -27.76 1.08 -21.24
N GLY B 4 -27.17 1.66 -22.26
CA GLY B 4 -25.72 2.03 -22.19
C GLY B 4 -25.49 3.37 -22.90
N ASP B 5 -25.27 4.42 -22.15
CA ASP B 5 -25.03 5.76 -22.78
C ASP B 5 -23.51 5.94 -23.05
N LYS B 6 -22.67 5.45 -22.17
CA LYS B 6 -21.18 5.58 -22.39
C LYS B 6 -20.74 4.59 -23.50
N LYS B 7 -19.46 4.44 -23.70
CA LYS B 7 -18.96 3.49 -24.74
C LYS B 7 -17.60 2.93 -24.29
N SER B 8 -17.38 1.66 -24.48
CA SER B 8 -16.08 1.05 -24.05
C SER B 8 -15.23 0.67 -25.27
N PRO B 9 -14.44 1.61 -25.75
CA PRO B 9 -13.55 1.39 -26.90
C PRO B 9 -12.32 0.56 -26.49
N ILE B 10 -11.70 0.90 -25.38
CA ILE B 10 -10.50 0.13 -24.91
C ILE B 10 -10.80 -1.37 -24.92
N SER B 11 -11.87 -1.78 -24.28
CA SER B 11 -12.23 -3.23 -24.26
C SER B 11 -12.36 -3.75 -25.70
N GLN B 12 -13.30 -3.22 -26.45
CA GLN B 12 -13.48 -3.68 -27.86
C GLN B 12 -12.15 -3.62 -28.62
N VAL B 13 -11.34 -2.62 -28.38
CA VAL B 13 -10.01 -2.55 -29.08
C VAL B 13 -9.19 -3.79 -28.71
N HIS B 14 -9.10 -4.10 -27.43
CA HIS B 14 -8.35 -5.31 -27.01
C HIS B 14 -9.06 -6.55 -27.58
N GLU B 15 -10.38 -6.53 -27.59
CA GLU B 15 -11.16 -7.66 -28.13
C GLU B 15 -10.82 -7.87 -29.62
N ILE B 16 -10.97 -6.85 -30.43
CA ILE B 16 -10.67 -7.00 -31.89
C ILE B 16 -9.18 -7.36 -32.10
N GLY B 17 -8.31 -6.84 -31.27
CA GLY B 17 -6.86 -7.16 -31.43
C GLY B 17 -6.63 -8.66 -31.22
N ILE B 18 -7.16 -9.21 -30.16
CA ILE B 18 -6.97 -10.67 -29.88
C ILE B 18 -7.98 -11.50 -30.71
N LYS B 19 -9.17 -10.99 -30.95
CA LYS B 19 -10.16 -11.77 -31.74
C LYS B 19 -9.62 -12.04 -33.17
N ARG B 20 -8.65 -11.28 -33.61
CA ARG B 20 -8.07 -11.50 -34.96
C ARG B 20 -6.60 -11.94 -34.84
N ASN B 21 -5.70 -11.01 -34.58
CA ASN B 21 -4.25 -11.36 -34.44
C ASN B 21 -3.40 -10.09 -34.25
N MET B 22 -3.76 -9.24 -33.33
CA MET B 22 -2.97 -7.99 -33.12
C MET B 22 -2.73 -7.72 -31.63
N THR B 23 -1.50 -7.63 -31.22
CA THR B 23 -1.17 -7.35 -29.78
C THR B 23 -1.36 -5.86 -29.52
N VAL B 24 -2.42 -5.48 -28.87
CA VAL B 24 -2.66 -4.02 -28.59
C VAL B 24 -2.18 -3.67 -27.17
N HIS B 25 -1.24 -2.77 -27.06
CA HIS B 25 -0.71 -2.39 -25.71
C HIS B 25 -0.66 -0.86 -25.58
N PHE B 26 -1.36 -0.31 -24.59
CA PHE B 26 -1.36 1.18 -24.39
C PHE B 26 -0.49 1.55 -23.19
N LYS B 27 0.79 1.72 -23.40
CA LYS B 27 1.71 2.07 -22.27
C LYS B 27 1.96 3.60 -22.20
N VAL B 28 2.33 4.09 -21.04
CA VAL B 28 2.62 5.54 -20.89
C VAL B 28 4.14 5.73 -20.77
N LEU B 29 4.64 6.91 -21.01
CA LEU B 29 6.11 7.13 -20.93
C LEU B 29 6.45 7.95 -19.67
N ARG B 30 6.06 9.20 -19.65
CA ARG B 30 6.34 10.09 -18.48
C ARG B 30 5.85 11.51 -18.80
N GLU B 31 4.58 11.76 -18.62
CA GLU B 31 4.04 13.12 -18.93
C GLU B 31 3.71 13.88 -17.65
N GLU B 32 3.67 15.19 -17.74
CA GLU B 32 3.34 16.05 -16.55
C GLU B 32 4.35 15.81 -15.41
N GLY B 33 4.02 16.19 -14.21
CA GLY B 33 4.94 16.03 -13.05
C GLY B 33 5.11 17.36 -12.32
N PRO B 34 5.70 18.32 -13.00
CA PRO B 34 5.94 19.67 -12.44
C PRO B 34 4.68 20.56 -12.54
N ALA B 35 3.52 19.99 -12.81
CA ALA B 35 2.26 20.80 -12.91
C ALA B 35 2.44 21.97 -13.90
N HIS B 36 3.37 21.85 -14.82
CA HIS B 36 3.60 22.96 -15.81
C HIS B 36 3.58 22.40 -17.24
N MET B 37 3.09 21.20 -17.43
CA MET B 37 3.05 20.60 -18.81
C MET B 37 1.60 20.36 -19.23
N LYS B 38 0.76 19.92 -18.33
CA LYS B 38 -0.67 19.68 -18.64
C LYS B 38 -0.84 18.99 -20.00
N ASN B 39 -0.06 17.96 -20.27
CA ASN B 39 -0.17 17.25 -21.58
C ASN B 39 0.18 15.77 -21.40
N PHE B 40 -0.57 14.87 -22.01
CA PHE B 40 -0.28 13.40 -21.85
C PHE B 40 -0.05 12.75 -23.23
N ILE B 41 0.71 11.68 -23.27
CA ILE B 41 0.97 10.98 -24.57
C ILE B 41 1.13 9.47 -24.31
N THR B 42 0.04 8.75 -24.26
CA THR B 42 0.13 7.27 -24.04
C THR B 42 0.54 6.58 -25.33
N ALA B 43 1.66 5.90 -25.32
CA ALA B 43 2.12 5.19 -26.56
C ALA B 43 1.30 3.90 -26.75
N CYS B 44 0.87 3.63 -27.95
CA CYS B 44 0.06 2.40 -28.20
C CYS B 44 0.70 1.53 -29.28
N ILE B 45 0.86 0.27 -29.02
CA ILE B 45 1.46 -0.64 -30.04
C ILE B 45 0.42 -1.69 -30.47
N VAL B 46 0.40 -2.03 -31.73
CA VAL B 46 -0.59 -3.03 -32.22
C VAL B 46 0.14 -4.07 -33.08
N GLY B 47 -0.41 -5.25 -33.23
CA GLY B 47 0.25 -6.33 -34.05
C GLY B 47 0.34 -5.89 -35.52
N SER B 48 1.13 -4.90 -35.79
CA SER B 48 1.29 -4.40 -37.20
C SER B 48 2.05 -3.06 -37.19
N ILE B 49 1.80 -2.21 -36.23
CA ILE B 49 2.50 -0.89 -36.18
C ILE B 49 2.45 -0.28 -34.77
N VAL B 50 3.00 0.90 -34.60
CA VAL B 50 2.98 1.58 -33.27
C VAL B 50 2.71 3.08 -33.48
N THR B 51 1.96 3.68 -32.60
CA THR B 51 1.67 5.15 -32.72
C THR B 51 1.60 5.79 -31.33
N GLU B 52 1.82 7.07 -31.24
CA GLU B 52 1.75 7.74 -29.90
C GLU B 52 0.34 8.30 -29.66
N GLY B 53 -0.21 8.04 -28.52
CA GLY B 53 -1.58 8.54 -28.21
C GLY B 53 -1.51 9.84 -27.42
N GLU B 54 -1.29 10.93 -28.09
CA GLU B 54 -1.20 12.25 -27.40
C GLU B 54 -2.60 12.73 -26.98
N GLY B 55 -2.70 13.25 -25.78
CA GLY B 55 -4.00 13.78 -25.26
C GLY B 55 -3.72 14.96 -24.35
N ASN B 56 -4.45 16.03 -24.49
CA ASN B 56 -4.21 17.24 -23.63
C ASN B 56 -4.12 16.85 -22.14
N GLY B 57 -5.19 16.38 -21.56
CA GLY B 57 -5.17 16.00 -20.11
C GLY B 57 -6.47 16.43 -19.44
N LYS B 58 -7.08 17.49 -19.91
CA LYS B 58 -8.37 17.97 -19.30
C LYS B 58 -9.47 16.92 -19.55
N LYS B 59 -9.42 15.82 -18.84
CA LYS B 59 -10.44 14.74 -19.02
C LYS B 59 -10.09 13.87 -20.26
N VAL B 60 -9.02 14.17 -20.95
CA VAL B 60 -8.64 13.36 -22.15
C VAL B 60 -7.19 12.90 -22.05
N SER B 61 -6.88 11.85 -22.76
CA SER B 61 -5.49 11.28 -22.78
C SER B 61 -5.54 9.86 -23.36
N LYS B 62 -5.70 8.86 -22.53
CA LYS B 62 -5.77 7.45 -23.04
C LYS B 62 -6.90 7.35 -24.09
N LYS B 63 -7.99 8.05 -23.89
CA LYS B 63 -9.10 8.00 -24.89
C LYS B 63 -8.58 8.49 -26.24
N ARG B 64 -8.13 9.73 -26.31
CA ARG B 64 -7.58 10.28 -27.59
C ARG B 64 -6.44 9.38 -28.10
N ALA B 65 -5.73 8.74 -27.21
CA ALA B 65 -4.61 7.84 -27.62
C ALA B 65 -5.19 6.61 -28.35
N ALA B 66 -6.12 5.91 -27.72
CA ALA B 66 -6.75 4.72 -28.35
C ALA B 66 -7.55 5.16 -29.58
N GLU B 67 -8.26 6.26 -29.48
CA GLU B 67 -9.06 6.77 -30.63
C GLU B 67 -8.17 6.85 -31.87
N LYS B 68 -7.00 7.42 -31.73
CA LYS B 68 -6.06 7.51 -32.88
C LYS B 68 -5.74 6.10 -33.40
N MET B 69 -5.25 5.25 -32.54
CA MET B 69 -4.92 3.84 -32.97
C MET B 69 -6.10 3.21 -33.73
N LEU B 70 -7.28 3.21 -33.15
CA LEU B 70 -8.45 2.61 -33.86
C LEU B 70 -8.72 3.38 -35.16
N VAL B 71 -8.75 4.69 -35.12
CA VAL B 71 -8.99 5.48 -36.37
C VAL B 71 -7.93 5.08 -37.42
N GLU B 72 -6.70 4.93 -37.01
CA GLU B 72 -5.63 4.53 -37.97
C GLU B 72 -5.87 3.10 -38.47
N LEU B 73 -5.98 2.15 -37.56
CA LEU B 73 -6.21 0.73 -37.96
C LEU B 73 -7.56 0.55 -38.69
N GLN B 74 -8.52 1.39 -38.42
CA GLN B 74 -9.84 1.25 -39.12
C GLN B 74 -9.82 1.99 -40.47
N LYS B 75 -8.68 2.51 -40.87
CA LYS B 75 -8.61 3.24 -42.18
C LYS B 75 -7.40 2.77 -43.02
N LEU B 76 -6.67 1.79 -42.55
CA LEU B 76 -5.50 1.28 -43.32
C LEU B 76 -5.86 -0.01 -44.06
N MET B 1 -34.63 -6.92 12.70
CA MET B 1 -34.13 -8.19 12.09
C MET B 1 -32.70 -7.99 11.59
N ASP B 2 -32.50 -7.03 10.74
CA ASP B 2 -31.14 -6.76 10.21
C ASP B 2 -30.68 -5.40 10.76
N GLU B 3 -31.37 -4.35 10.37
CA GLU B 3 -31.06 -2.98 10.87
C GLU B 3 -29.64 -2.55 10.41
N GLY B 4 -28.62 -3.28 10.75
CA GLY B 4 -27.25 -2.93 10.30
C GLY B 4 -27.09 -3.29 8.82
N ASP B 5 -27.81 -2.62 7.97
CA ASP B 5 -27.74 -2.92 6.50
C ASP B 5 -26.29 -2.80 6.00
N LYS B 6 -25.63 -3.93 5.86
CA LYS B 6 -24.20 -3.96 5.37
C LYS B 6 -23.45 -2.63 5.60
N LYS B 7 -23.03 -2.37 6.81
CA LYS B 7 -22.28 -1.11 7.08
C LYS B 7 -20.81 -1.45 7.40
N SER B 8 -19.95 -0.47 7.49
CA SER B 8 -18.52 -0.74 7.78
C SER B 8 -18.23 -0.58 9.29
N PRO B 9 -17.94 -1.70 9.94
CA PRO B 9 -17.64 -1.71 11.39
C PRO B 9 -16.22 -1.20 11.66
N ILE B 10 -15.27 -1.58 10.84
CA ILE B 10 -13.86 -1.11 11.04
C ILE B 10 -13.83 0.41 11.22
N SER B 11 -14.61 1.12 10.44
CA SER B 11 -14.64 2.61 10.57
C SER B 11 -14.98 2.99 12.01
N GLN B 12 -16.12 2.58 12.50
CA GLN B 12 -16.50 2.90 13.91
C GLN B 12 -15.51 2.25 14.88
N VAL B 13 -14.98 1.09 14.55
CA VAL B 13 -13.99 0.43 15.47
C VAL B 13 -12.82 1.40 15.68
N HIS B 14 -12.28 1.94 14.61
CA HIS B 14 -11.16 2.91 14.75
C HIS B 14 -11.70 4.15 15.48
N GLU B 15 -12.89 4.57 15.16
CA GLU B 15 -13.49 5.76 15.82
C GLU B 15 -13.58 5.53 17.34
N ILE B 16 -14.12 4.41 17.78
CA ILE B 16 -14.22 4.16 19.24
C ILE B 16 -12.82 3.96 19.83
N GLY B 17 -11.93 3.30 19.12
CA GLY B 17 -10.54 3.11 19.64
C GLY B 17 -9.89 4.48 19.84
N ILE B 18 -9.91 5.31 18.82
CA ILE B 18 -9.32 6.68 18.93
C ILE B 18 -10.12 7.50 19.95
N LYS B 19 -11.42 7.38 19.94
CA LYS B 19 -12.27 8.16 20.90
C LYS B 19 -12.05 7.66 22.34
N ARG B 20 -11.81 6.39 22.53
CA ARG B 20 -11.58 5.86 23.91
C ARG B 20 -10.07 5.79 24.21
N ASN B 21 -9.24 6.43 23.43
CA ASN B 21 -7.77 6.40 23.67
C ASN B 21 -7.27 4.93 23.71
N MET B 22 -7.78 4.10 22.83
CA MET B 22 -7.34 2.67 22.81
C MET B 22 -6.54 2.39 21.53
N THR B 23 -5.40 1.76 21.66
CA THR B 23 -4.57 1.45 20.45
C THR B 23 -5.29 0.43 19.55
N VAL B 24 -5.37 0.71 18.28
CA VAL B 24 -6.06 -0.24 17.34
C VAL B 24 -5.13 -0.50 16.13
N HIS B 25 -4.30 -1.51 16.21
CA HIS B 25 -3.37 -1.80 15.08
C HIS B 25 -3.89 -2.97 14.23
N PHE B 26 -4.52 -2.68 13.12
CA PHE B 26 -5.03 -3.76 12.22
C PHE B 26 -3.91 -4.22 11.27
N LYS B 27 -3.31 -5.36 11.52
CA LYS B 27 -2.21 -5.81 10.62
C LYS B 27 -2.35 -7.32 10.28
N VAL B 28 -1.96 -7.70 9.08
CA VAL B 28 -2.04 -9.15 8.69
C VAL B 28 -0.63 -9.76 8.77
N LEU B 29 -0.53 -11.07 8.82
CA LEU B 29 0.82 -11.71 8.90
C LEU B 29 1.23 -12.19 7.50
N ARG B 30 0.64 -13.26 7.04
CA ARG B 30 0.98 -13.81 5.69
C ARG B 30 0.02 -14.94 5.33
N GLU B 31 0.34 -16.11 5.77
CA GLU B 31 -0.53 -17.32 5.52
C GLU B 31 -0.45 -17.77 4.05
N GLU B 32 -0.66 -19.04 3.81
CA GLU B 32 -0.61 -19.57 2.41
C GLU B 32 -1.99 -19.44 1.76
N GLY B 33 -2.53 -18.26 1.74
CA GLY B 33 -3.89 -18.03 1.12
C GLY B 33 -3.97 -18.66 -0.28
N PRO B 34 -3.03 -18.33 -1.14
CA PRO B 34 -2.99 -18.84 -2.52
C PRO B 34 -2.44 -20.28 -2.56
N ALA B 35 -2.72 -20.99 -3.63
CA ALA B 35 -2.22 -22.40 -3.78
C ALA B 35 -3.02 -23.38 -2.91
N HIS B 36 -2.85 -23.36 -1.61
CA HIS B 36 -3.62 -24.30 -0.74
C HIS B 36 -3.94 -23.66 0.62
N MET B 37 -5.12 -23.93 1.15
CA MET B 37 -5.54 -23.34 2.47
C MET B 37 -5.89 -21.85 2.29
N LYS B 38 -7.06 -21.59 1.75
CA LYS B 38 -7.49 -20.16 1.53
C LYS B 38 -7.93 -19.55 2.87
N ASN B 39 -7.00 -19.29 3.75
CA ASN B 39 -7.37 -18.69 5.07
C ASN B 39 -6.43 -17.53 5.39
N PHE B 40 -6.97 -16.40 5.78
CA PHE B 40 -6.09 -15.23 6.10
C PHE B 40 -6.33 -14.75 7.53
N ILE B 41 -5.48 -15.15 8.44
CA ILE B 41 -5.63 -14.72 9.86
C ILE B 41 -5.24 -13.24 10.01
N THR B 42 -6.16 -12.41 10.40
CA THR B 42 -5.86 -10.96 10.57
C THR B 42 -5.53 -10.68 12.04
N ALA B 43 -4.43 -10.04 12.32
CA ALA B 43 -4.06 -9.75 13.73
C ALA B 43 -4.27 -8.27 14.05
N CYS B 44 -5.22 -7.96 14.89
CA CYS B 44 -5.47 -6.52 15.26
C CYS B 44 -5.00 -6.30 16.70
N ILE B 45 -4.01 -5.46 16.90
CA ILE B 45 -3.51 -5.22 18.28
C ILE B 45 -4.36 -4.16 18.99
N VAL B 46 -4.87 -4.48 20.15
CA VAL B 46 -5.68 -3.51 20.94
C VAL B 46 -4.76 -2.87 21.98
N GLY B 47 -5.10 -1.71 22.49
CA GLY B 47 -4.22 -1.05 23.52
C GLY B 47 -4.14 -1.90 24.79
N SER B 48 -3.47 -3.03 24.70
CA SER B 48 -3.33 -3.97 25.87
C SER B 48 -2.87 -5.34 25.37
N ILE B 49 -3.43 -5.81 24.28
CA ILE B 49 -3.04 -7.14 23.71
C ILE B 49 -3.43 -7.18 22.22
N VAL B 50 -3.69 -8.34 21.67
CA VAL B 50 -4.07 -8.40 20.22
C VAL B 50 -5.24 -9.38 20.03
N THR B 51 -6.04 -9.12 19.05
CA THR B 51 -7.21 -10.01 18.74
C THR B 51 -7.03 -10.60 17.33
N GLU B 52 -6.91 -11.89 17.24
CA GLU B 52 -6.71 -12.52 15.89
C GLU B 52 -8.07 -12.83 15.24
N GLY B 53 -8.17 -12.65 13.95
CA GLY B 53 -9.45 -12.93 13.23
C GLY B 53 -9.17 -13.80 12.00
N GLU B 54 -9.43 -15.08 12.09
CA GLU B 54 -9.17 -16.00 10.94
C GLU B 54 -10.21 -15.77 9.83
N GLY B 55 -10.03 -14.73 9.04
CA GLY B 55 -11.00 -14.45 7.94
C GLY B 55 -10.65 -15.29 6.70
N ASN B 56 -11.62 -15.56 5.85
CA ASN B 56 -11.36 -16.37 4.62
C ASN B 56 -10.47 -15.61 3.63
N GLY B 57 -10.31 -14.31 3.81
CA GLY B 57 -9.44 -13.53 2.87
C GLY B 57 -10.28 -12.49 2.12
N LYS B 58 -10.70 -12.80 0.91
CA LYS B 58 -11.52 -11.84 0.12
C LYS B 58 -12.95 -11.76 0.67
N LYS B 59 -13.46 -12.83 1.22
CA LYS B 59 -14.86 -12.80 1.77
C LYS B 59 -14.83 -12.23 3.21
N VAL B 60 -13.89 -12.64 4.01
CA VAL B 60 -13.80 -12.12 5.41
C VAL B 60 -12.32 -11.98 5.80
N SER B 61 -12.01 -11.01 6.61
CA SER B 61 -10.60 -10.79 7.05
C SER B 61 -10.57 -9.66 8.09
N LYS B 62 -10.39 -8.43 7.65
CA LYS B 62 -10.38 -7.29 8.60
C LYS B 62 -11.71 -7.29 9.38
N LYS B 63 -12.78 -7.68 8.74
CA LYS B 63 -14.11 -7.74 9.42
C LYS B 63 -14.06 -8.79 10.54
N ARG B 64 -13.55 -9.97 10.25
CA ARG B 64 -13.45 -11.03 11.31
C ARG B 64 -12.53 -10.55 12.43
N ALA B 65 -11.41 -9.97 12.08
CA ALA B 65 -10.48 -9.45 13.12
C ALA B 65 -11.22 -8.38 13.94
N ALA B 66 -11.93 -7.50 13.27
CA ALA B 66 -12.70 -6.44 13.99
C ALA B 66 -13.77 -7.10 14.89
N GLU B 67 -14.39 -8.15 14.41
CA GLU B 67 -15.44 -8.85 15.22
C GLU B 67 -14.85 -9.25 16.58
N LYS B 68 -13.63 -9.72 16.61
CA LYS B 68 -13.00 -10.10 17.91
C LYS B 68 -12.79 -8.83 18.74
N MET B 69 -12.07 -7.87 18.21
CA MET B 69 -11.82 -6.59 18.95
C MET B 69 -13.14 -6.03 19.51
N LEU B 70 -14.15 -5.91 18.67
CA LEU B 70 -15.46 -5.35 19.14
C LEU B 70 -16.14 -6.27 20.17
N VAL B 71 -16.23 -7.55 19.91
CA VAL B 71 -16.90 -8.47 20.89
C VAL B 71 -16.09 -8.54 22.20
N GLU B 72 -14.79 -8.55 22.12
CA GLU B 72 -13.96 -8.61 23.37
C GLU B 72 -14.09 -7.30 24.14
N LEU B 73 -13.78 -6.19 23.52
CA LEU B 73 -13.89 -4.87 24.23
C LEU B 73 -15.32 -4.64 24.74
N GLN B 74 -16.31 -5.29 24.16
CA GLN B 74 -17.71 -5.11 24.67
C GLN B 74 -17.69 -5.45 26.17
N LYS B 75 -16.87 -6.42 26.54
CA LYS B 75 -16.73 -6.80 27.97
C LYS B 75 -15.38 -7.49 28.19
N LEU B 76 -14.39 -6.71 28.47
CA LEU B 76 -13.02 -7.26 28.71
C LEU B 76 -12.93 -7.85 30.14
N MET B 1 15.30 6.09 10.91
CA MET B 1 16.59 5.37 11.17
C MET B 1 17.20 4.96 9.82
N ASP B 2 17.24 3.68 9.52
CA ASP B 2 17.77 3.23 8.21
C ASP B 2 16.68 2.36 7.55
N GLU B 3 15.53 2.95 7.35
CA GLU B 3 14.40 2.20 6.74
C GLU B 3 14.06 2.74 5.34
N GLY B 4 15.00 3.38 4.69
CA GLY B 4 14.76 3.93 3.32
C GLY B 4 14.69 2.80 2.28
N ASP B 5 15.02 1.59 2.66
CA ASP B 5 14.97 0.45 1.70
C ASP B 5 13.52 0.25 1.22
N LYS B 6 12.61 -0.04 2.12
CA LYS B 6 11.18 -0.24 1.72
C LYS B 6 10.47 1.11 1.63
N LYS B 7 9.23 1.13 1.20
CA LYS B 7 8.47 2.42 1.07
C LYS B 7 7.12 2.14 0.38
N SER B 8 6.54 3.15 -0.23
CA SER B 8 5.25 2.95 -0.94
C SER B 8 5.53 2.74 -2.44
N PRO B 9 5.37 1.52 -2.89
CA PRO B 9 5.61 1.18 -4.32
C PRO B 9 4.49 1.74 -5.20
N ILE B 10 3.27 1.72 -4.72
CA ILE B 10 2.13 2.28 -5.51
C ILE B 10 2.47 3.70 -5.99
N SER B 11 3.12 4.50 -5.17
CA SER B 11 3.48 5.89 -5.60
C SER B 11 4.34 5.82 -6.85
N GLN B 12 5.53 5.27 -6.75
CA GLN B 12 6.41 5.16 -7.95
C GLN B 12 5.69 4.39 -9.06
N VAL B 13 4.87 3.42 -8.71
CA VAL B 13 4.12 2.67 -9.76
C VAL B 13 3.15 3.64 -10.45
N HIS B 14 2.55 4.53 -9.71
CA HIS B 14 1.63 5.52 -10.33
C HIS B 14 2.44 6.50 -11.17
N GLU B 15 3.51 7.02 -10.62
CA GLU B 15 4.39 7.96 -11.39
C GLU B 15 4.92 7.26 -12.65
N ILE B 16 5.44 6.07 -12.51
CA ILE B 16 5.95 5.34 -13.71
C ILE B 16 4.75 4.91 -14.57
N GLY B 17 3.64 4.62 -13.93
CA GLY B 17 2.41 4.20 -14.67
C GLY B 17 2.10 5.21 -15.77
N ILE B 18 2.23 6.49 -15.49
CA ILE B 18 1.97 7.51 -16.55
C ILE B 18 3.28 7.74 -17.31
N LYS B 19 4.38 7.84 -16.60
CA LYS B 19 5.70 8.07 -17.26
C LYS B 19 5.96 7.02 -18.35
N ARG B 20 5.52 5.80 -18.14
CA ARG B 20 5.76 4.73 -19.16
C ARG B 20 4.48 4.43 -19.96
N ASN B 21 3.57 5.37 -20.06
CA ASN B 21 2.30 5.15 -20.84
C ASN B 21 1.61 3.85 -20.38
N MET B 22 1.63 3.57 -19.10
CA MET B 22 0.96 2.32 -18.59
C MET B 22 -0.41 2.68 -18.00
N THR B 23 -0.53 3.82 -17.36
CA THR B 23 -1.84 4.23 -16.76
C THR B 23 -2.23 3.27 -15.63
N VAL B 24 -1.47 3.26 -14.56
CA VAL B 24 -1.78 2.35 -13.42
C VAL B 24 -3.11 2.78 -12.78
N HIS B 25 -4.18 2.07 -13.07
CA HIS B 25 -5.51 2.44 -12.49
C HIS B 25 -5.93 1.41 -11.43
N PHE B 26 -5.97 1.80 -10.18
CA PHE B 26 -6.37 0.85 -9.10
C PHE B 26 -7.90 0.88 -8.90
N LYS B 27 -8.51 -0.26 -8.73
CA LYS B 27 -9.99 -0.31 -8.52
C LYS B 27 -10.35 -1.54 -7.68
N VAL B 28 -11.03 -1.35 -6.57
CA VAL B 28 -11.42 -2.51 -5.72
C VAL B 28 -12.79 -3.05 -6.17
N LEU B 29 -12.92 -4.35 -6.28
CA LEU B 29 -14.24 -4.94 -6.70
C LEU B 29 -15.16 -5.05 -5.48
N ARG B 30 -14.60 -5.37 -4.33
CA ARG B 30 -15.42 -5.49 -3.09
C ARG B 30 -14.49 -5.57 -1.87
N GLU B 31 -14.85 -4.94 -0.79
CA GLU B 31 -14.00 -4.97 0.43
C GLU B 31 -14.72 -5.72 1.55
N GLU B 32 -14.05 -6.69 2.14
CA GLU B 32 -14.67 -7.47 3.25
C GLU B 32 -16.06 -8.01 2.82
N GLY B 33 -16.96 -8.20 3.76
CA GLY B 33 -18.32 -8.71 3.40
C GLY B 33 -19.24 -8.66 4.63
N PRO B 34 -20.49 -9.00 4.43
CA PRO B 34 -21.50 -8.99 5.52
C PRO B 34 -21.28 -10.16 6.49
N ALA B 35 -20.78 -11.27 6.01
CA ALA B 35 -20.54 -12.43 6.90
C ALA B 35 -19.74 -13.51 6.16
N HIS B 36 -18.82 -14.15 6.86
CA HIS B 36 -17.98 -15.23 6.23
C HIS B 36 -17.03 -14.64 5.16
N MET B 37 -16.11 -15.44 4.69
CA MET B 37 -15.12 -15.01 3.64
C MET B 37 -14.73 -13.53 3.79
N LYS B 38 -13.93 -13.21 4.77
CA LYS B 38 -13.49 -11.79 4.95
C LYS B 38 -12.16 -11.59 4.21
N ASN B 39 -12.20 -11.02 3.03
CA ASN B 39 -10.93 -10.81 2.24
C ASN B 39 -11.03 -9.54 1.40
N PHE B 40 -9.92 -8.92 1.08
CA PHE B 40 -9.94 -7.67 0.26
C PHE B 40 -9.44 -7.98 -1.17
N ILE B 41 -10.20 -7.61 -2.17
CA ILE B 41 -9.75 -7.89 -3.58
C ILE B 41 -9.55 -6.56 -4.33
N THR B 42 -8.33 -6.07 -4.37
CA THR B 42 -8.06 -4.78 -5.08
C THR B 42 -7.55 -5.07 -6.49
N ALA B 43 -8.20 -4.56 -7.51
CA ALA B 43 -7.74 -4.80 -8.90
C ALA B 43 -7.01 -3.57 -9.44
N CYS B 44 -6.34 -3.69 -10.55
CA CYS B 44 -5.61 -2.53 -11.13
C CYS B 44 -5.33 -2.75 -12.63
N ILE B 45 -5.18 -1.69 -13.39
CA ILE B 45 -4.92 -1.84 -14.86
C ILE B 45 -3.47 -1.41 -15.18
N VAL B 46 -2.76 -2.22 -15.92
CA VAL B 46 -1.35 -1.87 -16.28
C VAL B 46 -1.20 -1.83 -17.81
N GLY B 47 -1.30 -0.66 -18.39
CA GLY B 47 -1.18 -0.53 -19.88
C GLY B 47 -2.36 -1.19 -20.58
N SER B 48 -2.17 -2.38 -21.08
CA SER B 48 -3.30 -3.09 -21.78
C SER B 48 -3.62 -4.41 -21.06
N ILE B 49 -3.32 -4.49 -19.79
CA ILE B 49 -3.61 -5.75 -19.03
C ILE B 49 -4.19 -5.38 -17.66
N VAL B 50 -4.96 -6.27 -17.08
CA VAL B 50 -5.55 -5.98 -15.73
C VAL B 50 -5.03 -7.01 -14.73
N THR B 51 -4.84 -6.60 -13.51
CA THR B 51 -4.34 -7.54 -12.47
C THR B 51 -5.04 -7.26 -11.15
N GLU B 52 -5.16 -8.25 -10.30
CA GLU B 52 -5.83 -8.02 -8.99
C GLU B 52 -4.88 -8.38 -7.84
N GLY B 53 -5.20 -7.97 -6.64
CA GLY B 53 -4.32 -8.27 -5.48
C GLY B 53 -5.17 -8.69 -4.28
N GLU B 54 -5.12 -9.94 -3.92
CA GLU B 54 -5.92 -10.45 -2.76
C GLU B 54 -5.33 -9.89 -1.44
N GLY B 55 -5.43 -8.60 -1.24
CA GLY B 55 -4.89 -7.98 0.00
C GLY B 55 -5.65 -8.48 1.24
N ASN B 56 -4.98 -8.59 2.34
CA ASN B 56 -5.64 -9.07 3.59
C ASN B 56 -6.66 -8.04 4.12
N GLY B 57 -6.70 -6.85 3.55
CA GLY B 57 -7.68 -5.82 4.03
C GLY B 57 -6.95 -4.74 4.85
N LYS B 58 -7.21 -4.68 6.13
CA LYS B 58 -6.53 -3.66 6.99
C LYS B 58 -5.05 -4.05 7.19
N LYS B 59 -4.32 -4.16 6.12
CA LYS B 59 -2.88 -4.55 6.18
C LYS B 59 -2.30 -4.59 4.76
N VAL B 60 -2.99 -5.23 3.86
CA VAL B 60 -2.51 -5.32 2.45
C VAL B 60 -3.69 -5.19 1.47
N SER B 61 -3.44 -4.63 0.32
CA SER B 61 -4.52 -4.46 -0.71
C SER B 61 -3.95 -3.67 -1.89
N LYS B 62 -3.92 -2.37 -1.80
CA LYS B 62 -3.33 -1.54 -2.90
C LYS B 62 -1.91 -2.06 -3.20
N LYS B 63 -1.19 -2.43 -2.17
CA LYS B 63 0.21 -2.95 -2.35
C LYS B 63 0.16 -4.31 -3.09
N ARG B 64 -0.41 -5.33 -2.49
CA ARG B 64 -0.49 -6.67 -3.16
C ARG B 64 -0.92 -6.50 -4.63
N ALA B 65 -1.86 -5.63 -4.90
CA ALA B 65 -2.31 -5.42 -6.30
C ALA B 65 -1.18 -4.72 -7.10
N ALA B 66 -0.57 -3.71 -6.51
CA ALA B 66 0.54 -2.97 -7.21
C ALA B 66 1.75 -3.88 -7.41
N GLU B 67 2.26 -4.47 -6.35
CA GLU B 67 3.45 -5.38 -6.49
C GLU B 67 3.18 -6.39 -7.59
N LYS B 68 1.97 -6.90 -7.65
CA LYS B 68 1.61 -7.87 -8.73
C LYS B 68 1.83 -7.20 -10.10
N MET B 69 1.35 -5.99 -10.27
CA MET B 69 1.56 -5.27 -11.56
C MET B 69 3.06 -5.12 -11.81
N LEU B 70 3.81 -4.74 -10.80
CA LEU B 70 5.28 -4.57 -10.97
C LEU B 70 5.90 -5.89 -11.46
N VAL B 71 5.69 -6.96 -10.76
CA VAL B 71 6.26 -8.27 -11.22
C VAL B 71 5.74 -8.59 -12.63
N GLU B 72 4.59 -8.05 -12.99
CA GLU B 72 4.01 -8.29 -14.34
C GLU B 72 4.72 -7.41 -15.38
N LEU B 73 4.62 -6.11 -15.28
CA LEU B 73 5.31 -5.21 -16.27
C LEU B 73 6.83 -5.37 -16.19
N GLN B 74 7.35 -5.85 -15.08
CA GLN B 74 8.83 -6.03 -14.98
C GLN B 74 9.25 -7.36 -15.66
N LYS B 75 8.40 -7.92 -16.48
CA LYS B 75 8.73 -9.20 -17.17
C LYS B 75 8.74 -9.00 -18.69
N LEU B 76 8.22 -7.89 -19.17
CA LEU B 76 8.20 -7.64 -20.64
C LEU B 76 9.29 -6.61 -21.02
N MET B 1 -16.08 8.77 31.61
CA MET B 1 -17.22 7.80 31.74
C MET B 1 -18.52 8.56 31.96
N ASP B 2 -18.65 9.23 33.06
CA ASP B 2 -19.90 9.97 33.37
C ASP B 2 -19.89 11.37 32.72
N GLU B 3 -19.73 11.43 31.43
CA GLU B 3 -19.72 12.74 30.72
C GLU B 3 -21.00 12.89 29.89
N GLY B 4 -21.18 12.04 28.92
CA GLY B 4 -22.41 12.11 28.05
C GLY B 4 -22.02 11.82 26.61
N ASP B 5 -22.91 12.09 25.68
CA ASP B 5 -22.58 11.83 24.25
C ASP B 5 -22.46 13.19 23.50
N LYS B 6 -22.45 13.18 22.20
CA LYS B 6 -22.31 14.47 21.45
C LYS B 6 -23.60 14.79 20.67
N LYS B 7 -24.75 14.57 21.27
CA LYS B 7 -26.05 14.86 20.55
C LYS B 7 -26.75 16.08 21.18
N SER B 8 -26.10 17.21 21.17
CA SER B 8 -26.73 18.44 21.76
C SER B 8 -26.04 19.70 21.20
N PRO B 9 -26.63 20.30 20.19
CA PRO B 9 -26.08 21.52 19.56
C PRO B 9 -26.31 22.74 20.47
N ILE B 10 -27.54 23.19 20.59
CA ILE B 10 -27.84 24.36 21.49
C ILE B 10 -27.08 25.64 21.06
N SER B 11 -26.31 25.60 20.00
CA SER B 11 -25.53 26.80 19.52
C SER B 11 -26.29 28.11 19.75
N GLN B 12 -27.33 28.36 18.99
CA GLN B 12 -28.10 29.65 19.13
C GLN B 12 -28.29 30.04 20.61
N VAL B 13 -28.61 29.11 21.46
CA VAL B 13 -28.79 29.46 22.92
C VAL B 13 -27.41 29.71 23.54
N HIS B 14 -26.42 28.94 23.18
CA HIS B 14 -25.05 29.15 23.73
C HIS B 14 -24.53 30.51 23.25
N GLU B 15 -24.74 30.82 21.99
CA GLU B 15 -24.30 32.13 21.43
C GLU B 15 -24.88 33.27 22.28
N ILE B 16 -26.17 33.29 22.46
CA ILE B 16 -26.80 34.36 23.29
C ILE B 16 -26.36 34.21 24.76
N GLY B 17 -26.35 33.00 25.27
CA GLY B 17 -25.91 32.79 26.69
C GLY B 17 -24.53 33.41 26.90
N ILE B 18 -23.55 32.98 26.14
CA ILE B 18 -22.19 33.55 26.28
C ILE B 18 -22.23 35.06 25.97
N LYS B 19 -23.06 35.46 25.01
CA LYS B 19 -23.16 36.91 24.68
C LYS B 19 -23.42 37.72 25.95
N ARG B 20 -24.12 37.16 26.90
CA ARG B 20 -24.39 37.90 28.17
C ARG B 20 -23.75 37.17 29.37
N ASN B 21 -22.76 36.33 29.11
CA ASN B 21 -22.10 35.58 30.23
C ASN B 21 -23.15 34.78 31.02
N MET B 22 -24.09 34.19 30.34
CA MET B 22 -25.16 33.42 31.04
C MET B 22 -24.88 31.90 30.96
N THR B 23 -25.14 31.19 32.03
CA THR B 23 -24.90 29.70 32.03
C THR B 23 -26.01 29.00 31.24
N VAL B 24 -25.66 28.31 30.19
CA VAL B 24 -26.69 27.60 29.37
C VAL B 24 -26.61 26.08 29.63
N HIS B 25 -27.61 25.52 30.26
CA HIS B 25 -27.58 24.05 30.55
C HIS B 25 -28.88 23.38 30.05
N PHE B 26 -28.75 22.27 29.37
CA PHE B 26 -29.97 21.57 28.84
C PHE B 26 -30.04 20.13 29.42
N LYS B 27 -31.22 19.68 29.76
CA LYS B 27 -31.35 18.30 30.32
C LYS B 27 -32.79 17.79 30.13
N VAL B 28 -33.01 16.50 30.30
CA VAL B 28 -34.40 15.96 30.12
C VAL B 28 -35.01 15.69 31.51
N LEU B 29 -36.31 15.71 31.61
CA LEU B 29 -36.97 15.47 32.94
C LEU B 29 -37.60 14.06 32.95
N ARG B 30 -38.17 13.65 31.85
CA ARG B 30 -38.80 12.30 31.81
C ARG B 30 -38.56 11.65 30.43
N GLU B 31 -37.86 10.56 30.40
CA GLU B 31 -37.59 9.86 29.10
C GLU B 31 -38.21 8.46 29.15
N GLU B 32 -39.39 8.32 28.59
CA GLU B 32 -40.08 6.99 28.60
C GLU B 32 -39.60 6.12 27.44
N GLY B 33 -40.28 5.02 27.20
CA GLY B 33 -39.87 4.10 26.08
C GLY B 33 -40.24 4.71 24.72
N PRO B 34 -39.36 4.53 23.76
CA PRO B 34 -39.56 5.04 22.39
C PRO B 34 -40.66 4.24 21.67
N ALA B 35 -40.84 3.00 22.04
CA ALA B 35 -41.90 2.17 21.41
C ALA B 35 -43.19 2.22 22.27
N HIS B 36 -43.31 3.23 23.12
CA HIS B 36 -44.52 3.32 24.00
C HIS B 36 -45.00 4.79 24.09
N MET B 37 -44.11 5.70 24.38
CA MET B 37 -44.51 7.14 24.49
C MET B 37 -43.43 8.04 23.88
N LYS B 38 -43.51 8.29 22.60
CA LYS B 38 -42.49 9.17 21.94
C LYS B 38 -42.63 10.64 22.39
N ASN B 39 -42.32 10.91 23.63
CA ASN B 39 -42.42 12.32 24.14
C ASN B 39 -41.26 12.59 25.11
N PHE B 40 -40.35 13.46 24.76
CA PHE B 40 -39.20 13.75 25.66
C PHE B 40 -39.29 15.17 26.22
N ILE B 41 -39.69 15.32 27.46
CA ILE B 41 -39.78 16.67 28.06
C ILE B 41 -38.37 17.16 28.38
N THR B 42 -37.81 18.00 27.55
CA THR B 42 -36.43 18.51 27.79
C THR B 42 -36.48 19.89 28.43
N ALA B 43 -35.79 20.08 29.54
CA ALA B 43 -35.79 21.40 30.21
C ALA B 43 -34.41 22.06 30.03
N CYS B 44 -34.37 23.36 30.00
CA CYS B 44 -33.07 24.07 29.83
C CYS B 44 -33.00 25.28 30.77
N ILE B 45 -31.80 25.69 31.11
CA ILE B 45 -31.64 26.87 32.02
C ILE B 45 -30.59 27.82 31.42
N VAL B 46 -30.87 29.08 31.39
CA VAL B 46 -29.87 30.06 30.82
C VAL B 46 -29.70 31.23 31.80
N GLY B 47 -28.63 31.23 32.54
CA GLY B 47 -28.38 32.33 33.52
C GLY B 47 -29.56 32.46 34.49
N SER B 48 -29.87 31.41 35.22
CA SER B 48 -31.00 31.45 36.21
C SER B 48 -32.37 31.24 35.52
N ILE B 49 -32.53 31.67 34.30
CA ILE B 49 -33.85 31.48 33.61
C ILE B 49 -34.05 30.00 33.25
N VAL B 50 -35.21 29.46 33.51
CA VAL B 50 -35.47 28.02 33.17
C VAL B 50 -36.66 27.90 32.22
N THR B 51 -36.66 26.89 31.38
CA THR B 51 -37.79 26.69 30.42
C THR B 51 -37.80 25.25 29.93
N GLU B 52 -38.95 24.70 29.67
CA GLU B 52 -39.03 23.28 29.21
C GLU B 52 -39.44 23.20 27.72
N GLY B 53 -39.22 22.07 27.11
CA GLY B 53 -39.57 21.92 25.66
C GLY B 53 -40.27 20.57 25.44
N GLU B 54 -41.55 20.60 25.20
CA GLU B 54 -42.34 19.35 24.97
C GLU B 54 -41.98 18.74 23.59
N GLY B 55 -40.77 18.26 23.44
CA GLY B 55 -40.37 17.68 22.11
C GLY B 55 -40.84 16.23 21.94
N ASN B 56 -41.49 15.95 20.84
CA ASN B 56 -41.97 14.57 20.54
C ASN B 56 -41.35 14.10 19.21
N GLY B 57 -40.04 14.12 19.11
CA GLY B 57 -39.38 13.71 17.83
C GLY B 57 -37.85 13.64 18.01
N LYS B 58 -37.17 13.04 17.06
CA LYS B 58 -35.68 12.89 17.13
C LYS B 58 -34.99 14.27 17.34
N LYS B 59 -34.48 14.50 18.53
CA LYS B 59 -33.77 15.79 18.84
C LYS B 59 -34.73 17.00 18.73
N VAL B 60 -36.01 16.77 18.66
CA VAL B 60 -36.98 17.92 18.56
C VAL B 60 -37.10 18.62 19.92
N SER B 61 -37.05 17.87 20.99
CA SER B 61 -37.18 18.46 22.36
C SER B 61 -36.12 19.55 22.57
N LYS B 62 -34.86 19.21 22.49
CA LYS B 62 -33.79 20.23 22.69
C LYS B 62 -34.06 21.47 21.82
N LYS B 63 -34.52 21.28 20.61
CA LYS B 63 -34.83 22.45 19.73
C LYS B 63 -36.09 23.16 20.26
N ARG B 64 -37.21 22.49 20.26
CA ARG B 64 -38.49 23.14 20.77
C ARG B 64 -38.26 23.80 22.15
N ALA B 65 -37.49 23.18 23.01
CA ALA B 65 -37.23 23.80 24.35
C ALA B 65 -36.39 25.08 24.20
N ALA B 66 -35.34 25.01 23.42
CA ALA B 66 -34.47 26.21 23.21
C ALA B 66 -35.23 27.29 22.42
N GLU B 67 -35.90 26.94 21.36
CA GLU B 67 -36.66 27.96 20.57
C GLU B 67 -37.60 28.73 21.50
N LYS B 68 -38.26 28.03 22.40
CA LYS B 68 -39.17 28.71 23.36
C LYS B 68 -38.38 29.69 24.24
N MET B 69 -37.39 29.19 24.94
CA MET B 69 -36.57 30.08 25.83
C MET B 69 -35.92 31.20 25.00
N LEU B 70 -35.43 30.90 23.83
CA LEU B 70 -34.77 31.95 22.99
C LEU B 70 -35.79 33.03 22.57
N VAL B 71 -36.87 32.65 21.95
CA VAL B 71 -37.89 33.66 21.51
C VAL B 71 -38.37 34.47 22.72
N GLU B 72 -38.42 33.87 23.89
CA GLU B 72 -38.87 34.63 25.10
C GLU B 72 -37.70 35.49 25.61
N LEU B 73 -36.53 34.92 25.75
CA LEU B 73 -35.35 35.71 26.24
C LEU B 73 -35.07 36.90 25.31
N GLN B 74 -35.26 36.72 24.02
CA GLN B 74 -35.00 37.84 23.06
C GLN B 74 -36.18 38.83 23.10
N LYS B 75 -37.31 38.42 23.60
CA LYS B 75 -38.49 39.33 23.67
C LYS B 75 -38.63 39.89 25.09
N LEU B 76 -38.04 39.24 26.07
CA LEU B 76 -38.12 39.69 27.47
C LEU B 76 -39.60 39.85 27.88
N MET B 1 24.72 -0.12 -2.24
CA MET B 1 23.23 -0.01 -2.12
C MET B 1 22.87 0.17 -0.65
N ASP B 2 21.77 0.79 -0.37
CA ASP B 2 21.35 1.02 1.04
C ASP B 2 19.92 0.51 1.25
N GLU B 3 19.41 0.60 2.45
CA GLU B 3 18.03 0.11 2.72
C GLU B 3 17.43 0.87 3.94
N GLY B 4 16.47 0.29 4.61
CA GLY B 4 15.86 0.96 5.80
C GLY B 4 14.74 1.93 5.36
N ASP B 5 14.42 1.99 4.09
CA ASP B 5 13.35 2.91 3.61
C ASP B 5 11.97 2.35 4.00
N LYS B 6 10.98 3.20 4.06
CA LYS B 6 9.60 2.75 4.42
C LYS B 6 8.59 3.49 3.55
N LYS B 7 8.00 2.82 2.60
CA LYS B 7 7.00 3.48 1.70
C LYS B 7 5.88 2.48 1.33
N SER B 8 5.03 2.85 0.41
CA SER B 8 3.92 1.93 -0.01
C SER B 8 4.03 1.63 -1.50
N PRO B 9 3.54 0.47 -1.89
CA PRO B 9 3.57 0.02 -3.29
C PRO B 9 2.56 0.80 -4.15
N ILE B 10 1.47 1.25 -3.57
CA ILE B 10 0.46 2.02 -4.36
C ILE B 10 1.13 3.26 -5.00
N SER B 11 1.82 4.04 -4.22
CA SER B 11 2.50 5.25 -4.79
C SER B 11 3.72 4.81 -5.61
N GLN B 12 4.50 3.88 -5.11
CA GLN B 12 5.70 3.41 -5.86
C GLN B 12 5.30 2.75 -7.18
N VAL B 13 4.30 1.90 -7.18
CA VAL B 13 3.88 1.24 -8.46
C VAL B 13 3.43 2.33 -9.45
N HIS B 14 2.64 3.27 -8.98
CA HIS B 14 2.20 4.38 -9.87
C HIS B 14 3.43 5.16 -10.32
N GLU B 15 4.36 5.37 -9.41
CA GLU B 15 5.62 6.10 -9.74
C GLU B 15 6.36 5.35 -10.87
N ILE B 16 6.67 4.10 -10.64
CA ILE B 16 7.37 3.29 -11.69
C ILE B 16 6.59 3.37 -13.01
N GLY B 17 5.29 3.24 -12.95
CA GLY B 17 4.47 3.32 -14.21
C GLY B 17 4.58 4.73 -14.82
N ILE B 18 4.46 5.74 -14.01
CA ILE B 18 4.56 7.16 -14.52
C ILE B 18 6.01 7.47 -14.93
N LYS B 19 6.97 7.07 -14.14
CA LYS B 19 8.41 7.34 -14.48
C LYS B 19 8.80 6.56 -15.75
N ARG B 20 8.13 5.46 -16.03
CA ARG B 20 8.47 4.67 -17.25
C ARG B 20 7.47 4.98 -18.37
N ASN B 21 6.23 4.53 -18.25
CA ASN B 21 5.19 4.80 -19.30
C ASN B 21 3.95 3.93 -19.05
N MET B 22 4.12 2.74 -18.51
CA MET B 22 2.95 1.83 -18.26
C MET B 22 1.93 2.49 -17.32
N THR B 23 0.70 2.59 -17.74
CA THR B 23 -0.36 3.19 -16.87
C THR B 23 -0.76 2.19 -15.78
N VAL B 24 -0.78 2.62 -14.55
CA VAL B 24 -1.15 1.71 -13.43
C VAL B 24 -2.63 1.94 -13.07
N HIS B 25 -3.48 0.97 -13.28
CA HIS B 25 -4.93 1.16 -12.95
C HIS B 25 -5.44 -0.01 -12.10
N PHE B 26 -6.02 0.27 -10.96
CA PHE B 26 -6.56 -0.82 -10.08
C PHE B 26 -8.09 -0.87 -10.17
N LYS B 27 -8.66 -2.04 -10.18
CA LYS B 27 -10.14 -2.17 -10.25
C LYS B 27 -10.60 -3.42 -9.48
N VAL B 28 -11.60 -3.27 -8.64
CA VAL B 28 -12.10 -4.44 -7.86
C VAL B 28 -13.30 -5.07 -8.59
N LEU B 29 -13.49 -6.35 -8.45
CA LEU B 29 -14.64 -7.03 -9.15
C LEU B 29 -15.80 -7.24 -8.17
N ARG B 30 -15.52 -7.85 -7.04
CA ARG B 30 -16.61 -8.10 -6.05
C ARG B 30 -16.03 -8.07 -4.63
N GLU B 31 -16.68 -7.36 -3.73
CA GLU B 31 -16.18 -7.27 -2.33
C GLU B 31 -17.29 -7.71 -1.36
N GLU B 32 -17.11 -8.82 -0.69
CA GLU B 32 -18.16 -9.29 0.28
C GLU B 32 -19.55 -9.28 -0.40
N GLY B 33 -20.50 -8.61 0.19
CA GLY B 33 -21.88 -8.56 -0.39
C GLY B 33 -22.92 -8.74 0.72
N PRO B 34 -23.14 -9.98 1.11
CA PRO B 34 -24.11 -10.32 2.17
C PRO B 34 -23.48 -10.10 3.56
N ALA B 35 -22.67 -11.04 4.01
CA ALA B 35 -22.02 -10.91 5.36
C ALA B 35 -21.35 -12.25 5.74
N HIS B 36 -20.54 -12.77 4.87
CA HIS B 36 -19.85 -14.08 5.17
C HIS B 36 -18.82 -14.41 4.07
N MET B 37 -18.18 -13.42 3.52
CA MET B 37 -17.16 -13.66 2.45
C MET B 37 -16.16 -12.51 2.46
N LYS B 38 -15.44 -12.34 3.54
CA LYS B 38 -14.45 -11.23 3.65
C LYS B 38 -13.27 -11.47 2.69
N ASN B 39 -13.50 -11.33 1.42
CA ASN B 39 -12.40 -11.54 0.42
C ASN B 39 -12.43 -10.40 -0.61
N PHE B 40 -11.53 -9.47 -0.51
CA PHE B 40 -11.51 -8.33 -1.47
C PHE B 40 -10.61 -8.67 -2.67
N ILE B 41 -11.19 -8.99 -3.80
CA ILE B 41 -10.37 -9.34 -4.99
C ILE B 41 -10.09 -8.07 -5.83
N THR B 42 -9.01 -7.41 -5.57
CA THR B 42 -8.67 -6.16 -6.35
C THR B 42 -7.78 -6.52 -7.54
N ALA B 43 -8.20 -6.20 -8.73
CA ALA B 43 -7.37 -6.52 -9.93
C ALA B 43 -6.58 -5.27 -10.35
N CYS B 44 -5.53 -5.44 -11.10
CA CYS B 44 -4.73 -4.25 -11.52
C CYS B 44 -4.21 -4.44 -12.96
N ILE B 45 -4.09 -3.36 -13.69
CA ILE B 45 -3.57 -3.45 -15.09
C ILE B 45 -2.34 -2.54 -15.21
N VAL B 46 -1.38 -2.93 -16.01
CA VAL B 46 -0.15 -2.10 -16.17
C VAL B 46 0.30 -2.14 -17.64
N GLY B 47 0.00 -1.11 -18.38
CA GLY B 47 0.40 -1.06 -19.83
C GLY B 47 -0.30 -2.19 -20.60
N SER B 48 0.39 -3.27 -20.85
CA SER B 48 -0.22 -4.41 -21.59
C SER B 48 -0.28 -5.67 -20.71
N ILE B 49 -0.11 -5.53 -19.42
CA ILE B 49 -0.15 -6.71 -18.51
C ILE B 49 -1.25 -6.52 -17.46
N VAL B 50 -1.90 -7.57 -17.06
CA VAL B 50 -2.99 -7.43 -16.03
C VAL B 50 -2.79 -8.51 -14.95
N THR B 51 -3.08 -8.19 -13.72
CA THR B 51 -2.92 -9.19 -12.62
C THR B 51 -4.00 -8.99 -11.56
N GLU B 52 -4.54 -10.05 -11.02
CA GLU B 52 -5.60 -9.93 -9.98
C GLU B 52 -5.00 -10.09 -8.58
N GLY B 53 -5.49 -9.37 -7.62
CA GLY B 53 -4.94 -9.47 -6.23
C GLY B 53 -6.03 -9.91 -5.25
N GLU B 54 -6.30 -11.19 -5.21
CA GLU B 54 -7.35 -11.74 -4.29
C GLU B 54 -6.95 -11.56 -2.82
N GLY B 55 -6.89 -10.34 -2.35
CA GLY B 55 -6.49 -10.10 -0.92
C GLY B 55 -7.62 -10.50 0.03
N ASN B 56 -7.29 -11.19 1.10
CA ASN B 56 -8.34 -11.62 2.09
C ASN B 56 -8.66 -10.46 3.07
N GLY B 57 -7.68 -9.97 3.78
CA GLY B 57 -7.95 -8.84 4.74
C GLY B 57 -6.76 -8.62 5.68
N LYS B 58 -5.99 -9.63 5.97
CA LYS B 58 -4.80 -9.47 6.88
C LYS B 58 -3.73 -8.64 6.15
N LYS B 59 -3.97 -7.38 5.95
CA LYS B 59 -2.98 -6.50 5.23
C LYS B 59 -2.87 -6.93 3.75
N VAL B 60 -3.85 -7.66 3.27
CA VAL B 60 -3.84 -8.12 1.86
C VAL B 60 -5.00 -7.48 1.09
N SER B 61 -4.89 -7.38 -0.21
CA SER B 61 -5.94 -6.76 -1.07
C SER B 61 -5.58 -5.30 -1.28
N LYS B 62 -5.40 -4.92 -2.50
CA LYS B 62 -4.97 -3.52 -2.83
C LYS B 62 -3.46 -3.47 -2.64
N LYS B 63 -2.99 -3.76 -1.45
CA LYS B 63 -1.52 -3.78 -1.21
C LYS B 63 -0.95 -5.00 -1.96
N ARG B 64 -1.31 -6.20 -1.53
CA ARG B 64 -0.82 -7.43 -2.23
C ARG B 64 -0.99 -7.29 -3.75
N ALA B 65 -2.07 -6.70 -4.19
CA ALA B 65 -2.30 -6.52 -5.65
C ALA B 65 -1.12 -5.73 -6.26
N ALA B 66 -0.77 -4.61 -5.68
CA ALA B 66 0.36 -3.80 -6.22
C ALA B 66 1.70 -4.49 -5.91
N GLU B 67 1.92 -4.91 -4.69
CA GLU B 67 3.21 -5.59 -4.34
C GLU B 67 3.45 -6.76 -5.31
N LYS B 68 2.41 -7.49 -5.60
CA LYS B 68 2.54 -8.64 -6.55
C LYS B 68 2.99 -8.14 -7.93
N MET B 69 2.26 -7.21 -8.50
CA MET B 69 2.64 -6.67 -9.85
C MET B 69 4.04 -6.06 -9.80
N LEU B 70 4.36 -5.37 -8.73
CA LEU B 70 5.71 -4.74 -8.62
C LEU B 70 6.82 -5.79 -8.74
N VAL B 71 6.70 -6.92 -8.09
CA VAL B 71 7.78 -7.95 -8.18
C VAL B 71 7.77 -8.64 -9.56
N GLU B 72 6.62 -8.96 -10.10
CA GLU B 72 6.59 -9.63 -11.44
C GLU B 72 7.06 -8.64 -12.52
N LEU B 73 6.56 -7.43 -12.50
CA LEU B 73 7.01 -6.42 -13.51
C LEU B 73 8.53 -6.22 -13.40
N GLN B 74 9.05 -6.26 -12.20
CA GLN B 74 10.53 -6.09 -12.02
C GLN B 74 11.26 -7.41 -12.34
N LYS B 75 10.55 -8.45 -12.71
CA LYS B 75 11.21 -9.75 -13.03
C LYS B 75 11.06 -10.11 -14.53
N LEU B 76 10.29 -9.36 -15.27
CA LEU B 76 10.12 -9.69 -16.73
C LEU B 76 11.34 -9.20 -17.53
N MET B 1 9.06 3.39 14.04
CA MET B 1 7.65 3.77 13.72
C MET B 1 7.41 3.71 12.21
N ASP B 2 8.00 4.62 11.46
CA ASP B 2 7.79 4.65 9.99
C ASP B 2 9.15 4.59 9.26
N GLU B 3 9.98 3.63 9.60
CA GLU B 3 11.31 3.52 8.95
C GLU B 3 11.24 2.48 7.81
N GLY B 4 11.03 2.91 6.58
CA GLY B 4 10.95 1.93 5.45
C GLY B 4 11.01 2.64 4.09
N ASP B 5 9.90 3.17 3.63
CA ASP B 5 9.86 3.86 2.30
C ASP B 5 10.20 2.85 1.18
N LYS B 6 9.46 1.77 1.08
CA LYS B 6 9.75 0.75 0.02
C LYS B 6 8.44 0.05 -0.38
N LYS B 7 7.88 -0.73 0.50
CA LYS B 7 6.60 -1.44 0.18
C LYS B 7 5.47 -0.42 0.05
N SER B 8 5.27 0.10 -1.14
CA SER B 8 4.19 1.12 -1.34
C SER B 8 2.96 0.49 -2.02
N PRO B 9 1.80 0.97 -1.63
CA PRO B 9 0.51 0.47 -2.16
C PRO B 9 0.21 1.05 -3.55
N ILE B 10 0.11 2.35 -3.68
CA ILE B 10 -0.22 2.96 -5.01
C ILE B 10 0.65 4.20 -5.29
N SER B 11 0.79 5.08 -4.33
CA SER B 11 1.61 6.33 -4.52
C SER B 11 2.95 6.03 -5.21
N GLN B 12 3.88 5.43 -4.52
CA GLN B 12 5.21 5.13 -5.14
C GLN B 12 5.03 4.24 -6.39
N VAL B 13 4.01 3.41 -6.42
CA VAL B 13 3.78 2.57 -7.64
C VAL B 13 3.55 3.50 -8.82
N HIS B 14 2.79 4.56 -8.61
CA HIS B 14 2.56 5.54 -9.71
C HIS B 14 3.89 6.22 -10.03
N GLU B 15 4.72 6.43 -9.03
CA GLU B 15 6.06 7.06 -9.28
C GLU B 15 6.77 6.32 -10.42
N ILE B 16 6.86 5.02 -10.34
CA ILE B 16 7.54 4.25 -11.43
C ILE B 16 6.59 4.09 -12.64
N GLY B 17 5.31 3.86 -12.39
CA GLY B 17 4.34 3.69 -13.52
C GLY B 17 4.35 4.94 -14.43
N ILE B 18 4.26 6.11 -13.84
CA ILE B 18 4.28 7.37 -14.66
C ILE B 18 5.75 7.74 -14.97
N LYS B 19 6.56 6.77 -15.28
CA LYS B 19 7.99 7.05 -15.59
C LYS B 19 8.48 6.09 -16.68
N ARG B 20 8.20 4.82 -16.55
CA ARG B 20 8.64 3.83 -17.58
C ARG B 20 7.49 3.52 -18.55
N ASN B 21 6.67 4.49 -18.86
CA ASN B 21 5.52 4.24 -19.80
C ASN B 21 4.74 2.99 -19.36
N MET B 22 4.56 2.81 -18.08
CA MET B 22 3.82 1.61 -17.59
C MET B 22 2.41 2.01 -17.10
N THR B 23 1.40 1.65 -17.84
CA THR B 23 0.00 1.99 -17.42
C THR B 23 -0.38 1.17 -16.19
N VAL B 24 -0.05 1.67 -15.03
CA VAL B 24 -0.38 0.94 -13.76
C VAL B 24 -1.86 1.15 -13.40
N HIS B 25 -2.65 0.11 -13.47
CA HIS B 25 -4.10 0.25 -13.12
C HIS B 25 -4.50 -0.83 -12.11
N PHE B 26 -5.47 -0.54 -11.28
CA PHE B 26 -5.92 -1.53 -10.25
C PHE B 26 -7.45 -1.69 -10.29
N LYS B 27 -7.94 -2.90 -10.24
CA LYS B 27 -9.41 -3.11 -10.28
C LYS B 27 -9.77 -4.43 -9.58
N VAL B 28 -10.67 -4.39 -8.62
CA VAL B 28 -11.07 -5.65 -7.91
C VAL B 28 -12.00 -6.47 -8.81
N LEU B 29 -11.78 -7.75 -8.90
CA LEU B 29 -12.65 -8.61 -9.77
C LEU B 29 -14.01 -8.80 -9.11
N ARG B 30 -14.04 -9.38 -7.95
CA ARG B 30 -15.34 -9.60 -7.24
C ARG B 30 -15.08 -10.10 -5.80
N GLU B 31 -16.00 -9.84 -4.92
CA GLU B 31 -15.84 -10.28 -3.50
C GLU B 31 -16.77 -11.48 -3.26
N GLU B 32 -16.33 -12.43 -2.46
CA GLU B 32 -17.19 -13.64 -2.18
C GLU B 32 -18.37 -13.26 -1.27
N GLY B 33 -19.24 -12.40 -1.72
CA GLY B 33 -20.41 -11.99 -0.89
C GLY B 33 -20.18 -10.57 -0.31
N PRO B 34 -21.21 -10.02 0.27
CA PRO B 34 -21.15 -8.66 0.87
C PRO B 34 -20.48 -8.71 2.26
N ALA B 35 -20.58 -9.81 2.95
CA ALA B 35 -19.95 -9.92 4.30
C ALA B 35 -19.57 -11.37 4.59
N HIS B 36 -18.83 -11.61 5.66
CA HIS B 36 -18.42 -13.01 6.01
C HIS B 36 -17.46 -13.58 4.94
N MET B 37 -16.95 -12.74 4.06
CA MET B 37 -16.01 -13.24 2.99
C MET B 37 -14.56 -12.94 3.40
N LYS B 38 -14.33 -11.78 3.98
CA LYS B 38 -12.96 -11.40 4.42
C LYS B 38 -11.91 -11.69 3.33
N ASN B 39 -12.26 -11.49 2.08
CA ASN B 39 -11.30 -11.74 0.97
C ASN B 39 -11.65 -10.81 -0.21
N PHE B 40 -10.67 -10.32 -0.92
CA PHE B 40 -10.95 -9.39 -2.05
C PHE B 40 -9.98 -9.65 -3.22
N ILE B 41 -10.46 -10.21 -4.29
CA ILE B 41 -9.56 -10.47 -5.46
C ILE B 41 -9.33 -9.17 -6.25
N THR B 42 -8.23 -8.52 -6.00
CA THR B 42 -7.94 -7.23 -6.73
C THR B 42 -6.93 -7.48 -7.83
N ALA B 43 -7.22 -7.07 -9.03
CA ALA B 43 -6.26 -7.28 -10.16
C ALA B 43 -5.49 -5.98 -10.43
N CYS B 44 -4.28 -6.08 -10.88
CA CYS B 44 -3.47 -4.88 -11.19
C CYS B 44 -2.85 -5.07 -12.56
N ILE B 45 -2.79 -4.04 -13.37
CA ILE B 45 -2.19 -4.18 -14.74
C ILE B 45 -1.09 -3.11 -14.95
N VAL B 46 0.03 -3.50 -15.52
CA VAL B 46 1.13 -2.52 -15.76
C VAL B 46 1.69 -2.70 -17.17
N GLY B 47 2.14 -1.63 -17.78
CA GLY B 47 2.71 -1.72 -19.17
C GLY B 47 3.60 -2.96 -19.34
N SER B 48 3.32 -3.77 -20.33
CA SER B 48 4.11 -5.03 -20.62
C SER B 48 3.44 -6.27 -20.02
N ILE B 49 3.17 -6.30 -18.74
CA ILE B 49 2.52 -7.51 -18.13
C ILE B 49 1.95 -7.16 -16.75
N VAL B 50 1.51 -8.15 -15.98
CA VAL B 50 0.95 -7.86 -14.63
C VAL B 50 0.34 -9.13 -13.99
N THR B 51 -0.50 -8.96 -12.99
CA THR B 51 -1.13 -10.14 -12.32
C THR B 51 -2.25 -9.67 -11.38
N GLU B 52 -2.86 -10.58 -10.66
CA GLU B 52 -3.97 -10.18 -9.73
C GLU B 52 -3.55 -10.46 -8.27
N GLY B 53 -4.43 -10.22 -7.34
CA GLY B 53 -4.08 -10.45 -5.90
C GLY B 53 -5.35 -10.77 -5.10
N GLU B 54 -5.53 -12.02 -4.74
CA GLU B 54 -6.73 -12.41 -3.96
C GLU B 54 -6.49 -12.17 -2.45
N GLY B 55 -6.09 -10.98 -2.09
CA GLY B 55 -5.82 -10.66 -0.65
C GLY B 55 -6.98 -11.15 0.23
N ASN B 56 -6.68 -11.95 1.23
CA ASN B 56 -7.76 -12.48 2.13
C ASN B 56 -7.39 -12.22 3.62
N GLY B 57 -6.81 -11.09 3.92
CA GLY B 57 -6.43 -10.78 5.34
C GLY B 57 -7.01 -9.45 5.78
N LYS B 58 -6.18 -8.46 5.99
CA LYS B 58 -6.67 -7.12 6.42
C LYS B 58 -6.09 -6.04 5.50
N LYS B 59 -6.86 -5.04 5.15
CA LYS B 59 -6.35 -3.98 4.23
C LYS B 59 -5.76 -4.64 2.98
N VAL B 60 -6.36 -5.70 2.52
CA VAL B 60 -5.84 -6.42 1.32
C VAL B 60 -6.69 -6.12 0.08
N SER B 61 -6.06 -6.00 -1.05
CA SER B 61 -6.76 -5.72 -2.35
C SER B 61 -5.78 -4.98 -3.26
N LYS B 62 -5.79 -3.68 -3.21
CA LYS B 62 -4.84 -2.88 -4.06
C LYS B 62 -3.42 -3.15 -3.57
N LYS B 63 -3.17 -3.03 -2.29
CA LYS B 63 -1.81 -3.29 -1.74
C LYS B 63 -1.34 -4.71 -2.10
N ARG B 64 -2.23 -5.68 -2.07
CA ARG B 64 -1.82 -7.07 -2.42
C ARG B 64 -1.48 -7.15 -3.92
N ALA B 65 -2.37 -6.70 -4.77
CA ALA B 65 -2.10 -6.73 -6.23
C ALA B 65 -0.92 -5.79 -6.55
N ALA B 66 -0.88 -4.65 -5.91
CA ALA B 66 0.23 -3.68 -6.15
C ALA B 66 1.58 -4.32 -5.80
N GLU B 67 1.71 -4.88 -4.63
CA GLU B 67 3.00 -5.54 -4.25
C GLU B 67 3.34 -6.61 -5.29
N LYS B 68 2.34 -7.33 -5.75
CA LYS B 68 2.59 -8.39 -6.78
C LYS B 68 3.11 -7.70 -8.06
N MET B 69 2.51 -6.60 -8.44
CA MET B 69 2.97 -5.85 -9.66
C MET B 69 4.37 -5.27 -9.38
N LEU B 70 4.53 -4.57 -8.28
CA LEU B 70 5.85 -3.96 -7.94
C LEU B 70 6.96 -5.03 -8.01
N VAL B 71 6.76 -6.17 -7.41
CA VAL B 71 7.81 -7.23 -7.47
C VAL B 71 7.91 -7.75 -8.91
N GLU B 72 6.81 -7.83 -9.62
CA GLU B 72 6.83 -8.31 -11.03
C GLU B 72 7.69 -7.36 -11.89
N LEU B 73 7.46 -6.07 -11.80
CA LEU B 73 8.26 -5.11 -12.61
C LEU B 73 9.64 -4.86 -11.97
N GLN B 74 9.75 -4.96 -10.66
CA GLN B 74 11.08 -4.74 -10.01
C GLN B 74 12.00 -5.95 -10.24
N LYS B 75 11.58 -6.91 -11.01
CA LYS B 75 12.44 -8.10 -11.28
C LYS B 75 12.91 -8.11 -12.75
N LEU B 76 12.47 -7.18 -13.55
CA LEU B 76 12.88 -7.13 -14.99
C LEU B 76 13.97 -6.06 -15.19
N MET B 1 -33.81 4.71 8.84
CA MET B 1 -33.10 3.38 8.71
C MET B 1 -33.65 2.68 7.49
N ASP B 2 -32.94 2.70 6.41
CA ASP B 2 -33.46 2.09 5.16
C ASP B 2 -32.39 1.19 4.51
N GLU B 3 -32.61 0.78 3.29
CA GLU B 3 -31.62 -0.11 2.61
C GLU B 3 -30.39 0.70 2.15
N GLY B 4 -29.22 0.14 2.26
CA GLY B 4 -27.99 0.89 1.83
C GLY B 4 -26.72 0.10 2.20
N ASP B 5 -25.59 0.61 1.79
CA ASP B 5 -24.28 -0.07 2.07
C ASP B 5 -23.94 0.03 3.57
N LYS B 6 -22.87 -0.61 3.99
CA LYS B 6 -22.47 -0.55 5.43
C LYS B 6 -20.94 -0.44 5.52
N LYS B 7 -20.43 0.62 6.11
CA LYS B 7 -18.95 0.79 6.23
C LYS B 7 -18.34 -0.38 7.02
N SER B 8 -17.17 -0.82 6.63
CA SER B 8 -16.51 -1.95 7.36
C SER B 8 -15.91 -1.46 8.68
N PRO B 9 -16.07 -2.26 9.71
CA PRO B 9 -15.55 -1.92 11.05
C PRO B 9 -14.02 -2.04 11.08
N ILE B 10 -13.45 -2.89 10.27
CA ILE B 10 -11.97 -3.05 10.23
C ILE B 10 -11.33 -1.68 9.91
N SER B 11 -11.90 -0.96 8.99
CA SER B 11 -11.36 0.38 8.63
C SER B 11 -11.68 1.36 9.76
N GLN B 12 -12.95 1.60 10.01
CA GLN B 12 -13.35 2.56 11.09
C GLN B 12 -12.63 2.24 12.41
N VAL B 13 -12.50 0.98 12.77
CA VAL B 13 -11.80 0.65 14.05
C VAL B 13 -10.33 1.05 13.93
N HIS B 14 -9.73 0.80 12.80
CA HIS B 14 -8.30 1.21 12.62
C HIS B 14 -8.26 2.75 12.46
N GLU B 15 -9.32 3.31 11.93
CA GLU B 15 -9.40 4.79 11.74
C GLU B 15 -9.17 5.49 13.09
N ILE B 16 -9.90 5.10 14.11
CA ILE B 16 -9.72 5.74 15.45
C ILE B 16 -8.88 4.83 16.35
N GLY B 17 -9.02 3.54 16.23
CA GLY B 17 -8.21 2.59 17.06
C GLY B 17 -6.73 2.74 16.70
N ILE B 18 -6.43 2.98 15.45
CA ILE B 18 -5.01 3.17 15.05
C ILE B 18 -4.74 4.67 14.92
N LYS B 19 -5.44 5.33 14.02
CA LYS B 19 -5.25 6.82 13.81
C LYS B 19 -3.78 7.21 14.00
N ARG B 20 -3.40 7.64 15.18
CA ARG B 20 -1.98 8.01 15.45
C ARG B 20 -1.73 8.09 16.96
N ASN B 21 -2.49 7.36 17.75
CA ASN B 21 -2.31 7.41 19.23
C ASN B 21 -2.66 6.06 19.90
N MET B 22 -3.11 5.09 19.15
CA MET B 22 -3.46 3.76 19.76
C MET B 22 -2.88 2.64 18.88
N THR B 23 -2.36 1.61 19.49
CA THR B 23 -1.76 0.49 18.68
C THR B 23 -2.79 -0.61 18.42
N VAL B 24 -3.61 -0.44 17.42
CA VAL B 24 -4.62 -1.50 17.09
C VAL B 24 -4.05 -2.40 15.99
N HIS B 25 -3.67 -3.60 16.32
CA HIS B 25 -3.08 -4.51 15.29
C HIS B 25 -3.69 -5.92 15.36
N PHE B 26 -3.84 -6.55 14.23
CA PHE B 26 -4.40 -7.95 14.19
C PHE B 26 -3.38 -8.87 13.49
N LYS B 27 -2.81 -9.79 14.21
CA LYS B 27 -1.81 -10.71 13.61
C LYS B 27 -2.24 -12.18 13.84
N VAL B 28 -2.12 -13.01 12.84
CA VAL B 28 -2.52 -14.44 12.99
C VAL B 28 -1.36 -15.25 13.57
N LEU B 29 -1.64 -16.35 14.20
CA LEU B 29 -0.55 -17.19 14.80
C LEU B 29 -0.22 -18.36 13.86
N ARG B 30 -1.23 -18.92 13.26
CA ARG B 30 -1.00 -20.07 12.33
C ARG B 30 -1.23 -19.64 10.87
N GLU B 31 -0.46 -20.14 9.95
CA GLU B 31 -0.62 -19.79 8.50
C GLU B 31 -0.43 -18.27 8.28
N GLU B 32 -1.49 -17.51 8.09
CA GLU B 32 -1.36 -16.02 7.87
C GLU B 32 -0.75 -15.74 6.48
N GLY B 33 -0.89 -14.54 6.00
CA GLY B 33 -0.30 -14.20 4.65
C GLY B 33 -1.33 -13.43 3.81
N PRO B 34 -0.99 -13.21 2.56
CA PRO B 34 -1.88 -12.49 1.62
C PRO B 34 -3.03 -13.41 1.16
N ALA B 35 -2.76 -14.31 0.28
CA ALA B 35 -3.83 -15.25 -0.20
C ALA B 35 -3.77 -16.58 0.58
N HIS B 36 -2.88 -16.69 1.55
CA HIS B 36 -2.76 -17.96 2.34
C HIS B 36 -3.98 -18.16 3.27
N MET B 37 -5.15 -18.30 2.70
CA MET B 37 -6.41 -18.51 3.51
C MET B 37 -6.25 -17.98 4.95
N LYS B 38 -6.17 -16.69 5.12
CA LYS B 38 -6.02 -16.10 6.49
C LYS B 38 -7.05 -16.73 7.46
N ASN B 39 -6.59 -17.34 8.53
CA ASN B 39 -7.53 -17.97 9.52
C ASN B 39 -6.75 -18.51 10.74
N PHE B 40 -7.43 -19.21 11.63
CA PHE B 40 -6.79 -19.79 12.86
C PHE B 40 -6.66 -18.70 13.94
N ILE B 41 -6.97 -19.04 15.18
CA ILE B 41 -6.87 -18.06 16.33
C ILE B 41 -6.00 -16.85 15.96
N THR B 42 -6.62 -15.72 15.76
CA THR B 42 -5.86 -14.49 15.38
C THR B 42 -5.57 -13.69 16.66
N ALA B 43 -4.36 -13.21 16.80
CA ALA B 43 -4.01 -12.41 18.01
C ALA B 43 -4.19 -10.92 17.70
N CYS B 44 -4.93 -10.22 18.51
CA CYS B 44 -5.14 -8.76 18.26
C CYS B 44 -4.67 -7.93 19.45
N ILE B 45 -4.19 -6.75 19.20
CA ILE B 45 -3.70 -5.87 20.31
C ILE B 45 -4.22 -4.43 20.11
N VAL B 46 -4.51 -3.74 21.18
CA VAL B 46 -5.02 -2.34 21.07
C VAL B 46 -4.41 -1.47 22.18
N GLY B 47 -3.36 -0.75 21.87
CA GLY B 47 -2.72 0.13 22.90
C GLY B 47 -2.03 -0.72 23.97
N SER B 48 -2.70 -0.97 25.07
CA SER B 48 -2.09 -1.79 26.16
C SER B 48 -2.92 -3.06 26.43
N ILE B 49 -3.83 -3.40 25.55
CA ILE B 49 -4.66 -4.62 25.77
C ILE B 49 -4.44 -5.60 24.61
N VAL B 50 -4.26 -6.86 24.92
CA VAL B 50 -4.05 -7.87 23.84
C VAL B 50 -5.00 -9.05 24.04
N THR B 51 -5.51 -9.61 22.97
CA THR B 51 -6.45 -10.76 23.09
C THR B 51 -6.36 -11.62 21.83
N GLU B 52 -6.38 -12.92 21.96
CA GLU B 52 -6.29 -13.78 20.74
C GLU B 52 -7.58 -14.59 20.57
N GLY B 53 -7.93 -14.90 19.35
CA GLY B 53 -9.18 -15.67 19.08
C GLY B 53 -9.64 -15.40 17.64
N GLU B 54 -10.46 -16.26 17.10
CA GLU B 54 -10.94 -16.05 15.69
C GLU B 54 -11.76 -17.28 15.23
N GLY B 55 -11.22 -18.08 14.35
CA GLY B 55 -11.96 -19.28 13.87
C GLY B 55 -11.02 -20.17 13.03
N ASN B 56 -11.58 -20.98 12.17
CA ASN B 56 -10.72 -21.87 11.31
C ASN B 56 -11.61 -22.86 10.55
N GLY B 57 -11.83 -22.64 9.28
CA GLY B 57 -12.68 -23.59 8.51
C GLY B 57 -13.38 -22.88 7.33
N LYS B 58 -13.57 -21.59 7.42
CA LYS B 58 -14.24 -20.85 6.31
C LYS B 58 -13.53 -19.50 6.09
N LYS B 59 -14.14 -18.57 5.41
CA LYS B 59 -13.48 -17.24 5.19
C LYS B 59 -13.53 -16.43 6.50
N VAL B 60 -12.83 -16.90 7.51
CA VAL B 60 -12.82 -16.18 8.82
C VAL B 60 -11.38 -15.85 9.23
N SER B 61 -11.20 -14.71 9.83
CA SER B 61 -9.84 -14.27 10.32
C SER B 61 -9.85 -12.76 10.56
N LYS B 62 -9.48 -11.98 9.59
CA LYS B 62 -9.49 -10.48 9.78
C LYS B 62 -10.87 -10.03 10.26
N LYS B 63 -11.90 -10.80 10.01
CA LYS B 63 -13.27 -10.42 10.46
C LYS B 63 -13.52 -10.96 11.88
N ARG B 64 -13.51 -12.25 12.04
CA ARG B 64 -13.77 -12.87 13.38
C ARG B 64 -12.88 -12.26 14.49
N ALA B 65 -11.58 -12.32 14.34
CA ALA B 65 -10.70 -11.73 15.40
C ALA B 65 -11.12 -10.27 15.66
N ALA B 66 -11.46 -9.56 14.62
CA ALA B 66 -11.91 -8.14 14.78
C ALA B 66 -13.28 -8.11 15.48
N GLU B 67 -14.17 -9.00 15.13
CA GLU B 67 -15.52 -9.04 15.78
C GLU B 67 -15.35 -8.98 17.30
N LYS B 68 -14.47 -9.81 17.82
CA LYS B 68 -14.23 -9.83 19.29
C LYS B 68 -13.64 -8.48 19.75
N MET B 69 -12.66 -7.96 19.04
CA MET B 69 -12.06 -6.64 19.44
C MET B 69 -13.14 -5.54 19.35
N LEU B 70 -13.71 -5.36 18.18
CA LEU B 70 -14.76 -4.30 17.98
C LEU B 70 -15.82 -4.38 19.09
N VAL B 71 -16.40 -5.53 19.32
CA VAL B 71 -17.44 -5.65 20.38
C VAL B 71 -16.82 -5.34 21.77
N GLU B 72 -15.57 -5.65 21.96
CA GLU B 72 -14.92 -5.37 23.28
C GLU B 72 -14.69 -3.87 23.45
N LEU B 73 -14.03 -3.24 22.51
CA LEU B 73 -13.77 -1.76 22.63
C LEU B 73 -15.08 -0.97 22.45
N GLN B 74 -16.03 -1.48 21.71
CA GLN B 74 -17.31 -0.73 21.51
C GLN B 74 -18.27 -0.98 22.69
N LYS B 75 -17.84 -1.69 23.70
CA LYS B 75 -18.73 -1.98 24.86
C LYS B 75 -18.08 -1.51 26.17
N LEU B 76 -16.91 -0.97 26.13
CA LEU B 76 -16.25 -0.52 27.38
C LEU B 76 -16.89 0.78 27.88
N MET B 1 -28.45 11.34 10.36
CA MET B 1 -27.59 10.72 11.42
C MET B 1 -27.63 9.20 11.25
N ASP B 2 -26.70 8.66 10.51
CA ASP B 2 -26.72 7.19 10.22
C ASP B 2 -25.35 6.55 10.55
N GLU B 3 -24.90 6.72 11.77
CA GLU B 3 -23.59 6.10 12.20
C GLU B 3 -22.44 6.52 11.25
N GLY B 4 -21.34 5.80 11.25
CA GLY B 4 -20.19 6.16 10.34
C GLY B 4 -19.44 4.88 9.95
N ASP B 5 -18.90 4.83 8.76
CA ASP B 5 -18.15 3.61 8.28
C ASP B 5 -18.82 2.32 8.80
N LYS B 6 -20.10 2.17 8.61
CA LYS B 6 -20.78 0.92 9.08
C LYS B 6 -20.51 -0.22 8.07
N LYS B 7 -19.28 -0.37 7.64
CA LYS B 7 -18.93 -1.45 6.67
C LYS B 7 -18.43 -2.69 7.43
N SER B 8 -17.68 -2.48 8.49
CA SER B 8 -17.15 -3.64 9.29
C SER B 8 -16.21 -3.12 10.38
N PRO B 9 -15.75 -3.99 11.26
CA PRO B 9 -14.84 -3.60 12.35
C PRO B 9 -13.41 -3.33 11.82
N ILE B 10 -13.20 -2.23 11.15
CA ILE B 10 -11.82 -1.90 10.64
C ILE B 10 -11.51 -0.41 10.84
N SER B 11 -12.00 0.46 9.97
CA SER B 11 -11.71 1.93 10.14
C SER B 11 -12.08 2.36 11.56
N GLN B 12 -13.31 2.18 11.96
CA GLN B 12 -13.73 2.56 13.35
C GLN B 12 -12.71 2.03 14.37
N VAL B 13 -12.25 0.81 14.20
CA VAL B 13 -11.25 0.23 15.14
C VAL B 13 -9.96 1.06 15.06
N HIS B 14 -9.50 1.35 13.87
CA HIS B 14 -8.27 2.17 13.73
C HIS B 14 -8.50 3.55 14.36
N GLU B 15 -9.63 4.15 14.07
CA GLU B 15 -9.97 5.48 14.65
C GLU B 15 -10.01 5.39 16.18
N ILE B 16 -10.74 4.44 16.71
CA ILE B 16 -10.80 4.29 18.20
C ILE B 16 -9.38 4.03 18.74
N GLY B 17 -8.58 3.30 18.01
CA GLY B 17 -7.19 3.01 18.45
C GLY B 17 -6.40 4.32 18.64
N ILE B 18 -6.54 5.27 17.75
CA ILE B 18 -5.80 6.55 17.91
C ILE B 18 -6.62 7.50 18.81
N LYS B 19 -7.93 7.48 18.67
CA LYS B 19 -8.78 8.38 19.52
C LYS B 19 -8.52 8.12 21.01
N ARG B 20 -8.08 6.94 21.37
CA ARG B 20 -7.81 6.64 22.80
C ARG B 20 -6.29 6.50 23.01
N ASN B 21 -5.72 5.40 22.62
CA ASN B 21 -4.23 5.18 22.79
C ASN B 21 -3.89 3.70 22.51
N MET B 22 -4.37 3.16 21.41
CA MET B 22 -4.07 1.73 21.10
C MET B 22 -3.57 1.57 19.66
N THR B 23 -2.36 1.09 19.48
CA THR B 23 -1.83 0.88 18.10
C THR B 23 -2.61 -0.26 17.44
N VAL B 24 -3.46 0.06 16.51
CA VAL B 24 -4.25 -1.02 15.83
C VAL B 24 -3.35 -1.81 14.88
N HIS B 25 -2.95 -3.00 15.27
CA HIS B 25 -2.05 -3.81 14.40
C HIS B 25 -2.70 -5.19 14.13
N PHE B 26 -3.08 -5.43 12.90
CA PHE B 26 -3.73 -6.73 12.54
C PHE B 26 -2.89 -7.48 11.48
N LYS B 27 -2.40 -8.67 11.78
CA LYS B 27 -1.57 -9.41 10.78
C LYS B 27 -1.87 -10.92 10.81
N VAL B 28 -1.89 -11.56 9.67
CA VAL B 28 -2.17 -13.04 9.62
C VAL B 28 -0.91 -13.83 9.98
N LEU B 29 -1.05 -14.90 10.73
CA LEU B 29 0.15 -15.73 11.10
C LEU B 29 0.59 -16.50 9.85
N ARG B 30 -0.37 -17.05 9.13
CA ARG B 30 -0.03 -17.80 7.88
C ARG B 30 -0.31 -16.89 6.66
N GLU B 31 -0.25 -17.43 5.46
CA GLU B 31 -0.49 -16.60 4.24
C GLU B 31 -1.96 -16.69 3.79
N GLU B 32 -2.42 -15.74 3.02
CA GLU B 32 -3.83 -15.80 2.53
C GLU B 32 -3.89 -16.74 1.30
N GLY B 33 -4.40 -17.93 1.50
CA GLY B 33 -4.44 -18.95 0.39
C GLY B 33 -5.14 -18.45 -0.89
N PRO B 34 -4.76 -19.05 -1.99
CA PRO B 34 -5.34 -18.72 -3.32
C PRO B 34 -6.69 -19.41 -3.52
N ALA B 35 -7.77 -18.71 -3.29
CA ALA B 35 -9.14 -19.31 -3.45
C ALA B 35 -9.40 -20.37 -2.36
N HIS B 36 -8.66 -21.44 -2.35
CA HIS B 36 -8.86 -22.49 -1.31
C HIS B 36 -8.32 -21.99 0.04
N MET B 37 -9.20 -21.55 0.91
CA MET B 37 -8.77 -21.02 2.24
C MET B 37 -7.92 -19.75 2.04
N LYS B 38 -8.56 -18.64 1.81
CA LYS B 38 -7.81 -17.35 1.59
C LYS B 38 -7.33 -16.76 2.93
N ASN B 39 -6.98 -17.60 3.89
CA ASN B 39 -6.48 -17.12 5.22
C ASN B 39 -6.46 -18.33 6.18
N PHE B 40 -6.02 -18.14 7.40
CA PHE B 40 -5.99 -19.25 8.40
C PHE B 40 -6.17 -18.69 9.81
N ILE B 41 -5.22 -17.91 10.27
CA ILE B 41 -5.34 -17.32 11.64
C ILE B 41 -4.81 -15.87 11.59
N THR B 42 -5.64 -14.92 11.92
CA THR B 42 -5.19 -13.49 11.90
C THR B 42 -5.01 -12.98 13.33
N ALA B 43 -3.85 -12.52 13.66
CA ALA B 43 -3.60 -12.01 15.04
C ALA B 43 -3.67 -10.47 15.05
N CYS B 44 -4.10 -9.91 16.14
CA CYS B 44 -4.19 -8.41 16.22
C CYS B 44 -3.71 -7.96 17.61
N ILE B 45 -3.09 -6.83 17.68
CA ILE B 45 -2.58 -6.32 19.00
C ILE B 45 -2.93 -4.85 19.17
N VAL B 46 -3.17 -4.41 20.38
CA VAL B 46 -3.50 -2.98 20.64
C VAL B 46 -2.78 -2.51 21.90
N GLY B 47 -2.59 -1.22 22.04
CA GLY B 47 -1.88 -0.67 23.25
C GLY B 47 -2.68 -0.98 24.52
N SER B 48 -2.77 -2.23 24.88
CA SER B 48 -3.53 -2.64 26.10
C SER B 48 -3.65 -4.16 26.16
N ILE B 49 -3.89 -4.81 25.03
CA ILE B 49 -4.02 -6.30 25.04
C ILE B 49 -3.79 -6.86 23.63
N VAL B 50 -3.92 -8.15 23.47
CA VAL B 50 -3.72 -8.80 22.13
C VAL B 50 -4.93 -9.70 21.84
N THR B 51 -5.20 -10.00 20.60
CA THR B 51 -6.38 -10.88 20.27
C THR B 51 -6.11 -11.67 18.99
N GLU B 52 -6.78 -12.79 18.82
CA GLU B 52 -6.58 -13.62 17.59
C GLU B 52 -7.92 -13.79 16.83
N GLY B 53 -7.84 -14.03 15.55
CA GLY B 53 -9.08 -14.21 14.71
C GLY B 53 -8.91 -15.45 13.83
N GLU B 54 -9.65 -16.50 14.11
CA GLU B 54 -9.52 -17.77 13.31
C GLU B 54 -10.04 -17.61 11.87
N GLY B 55 -9.53 -16.66 11.13
CA GLY B 55 -9.99 -16.50 9.70
C GLY B 55 -9.29 -17.56 8.84
N ASN B 56 -9.93 -18.69 8.62
CA ASN B 56 -9.29 -19.78 7.81
C ASN B 56 -10.18 -20.22 6.62
N GLY B 57 -11.44 -20.39 6.84
CA GLY B 57 -12.35 -20.87 5.73
C GLY B 57 -12.79 -19.70 4.83
N LYS B 58 -14.06 -19.58 4.58
CA LYS B 58 -14.57 -18.48 3.71
C LYS B 58 -14.73 -17.20 4.52
N LYS B 59 -14.18 -16.11 4.05
CA LYS B 59 -14.28 -14.81 4.79
C LYS B 59 -13.53 -14.95 6.15
N VAL B 60 -13.89 -14.17 7.13
CA VAL B 60 -13.25 -14.20 8.51
C VAL B 60 -11.71 -14.12 8.45
N SER B 61 -11.17 -13.43 9.42
CA SER B 61 -9.69 -13.23 9.56
C SER B 61 -9.41 -11.82 10.05
N LYS B 62 -9.30 -10.90 9.14
CA LYS B 62 -9.05 -9.47 9.52
C LYS B 62 -10.30 -8.94 10.24
N LYS B 63 -11.46 -9.30 9.75
CA LYS B 63 -12.73 -8.85 10.42
C LYS B 63 -12.87 -9.56 11.77
N ARG B 64 -12.94 -10.88 11.77
CA ARG B 64 -13.07 -11.65 13.06
C ARG B 64 -12.01 -11.18 14.06
N ALA B 65 -10.79 -10.97 13.61
CA ALA B 65 -9.72 -10.50 14.54
C ALA B 65 -10.21 -9.20 15.22
N ALA B 66 -10.81 -8.32 14.45
CA ALA B 66 -11.34 -7.04 15.02
C ALA B 66 -12.64 -7.30 15.80
N GLU B 67 -13.48 -8.18 15.31
CA GLU B 67 -14.75 -8.51 16.04
C GLU B 67 -14.40 -8.80 17.50
N LYS B 68 -13.53 -9.74 17.72
CA LYS B 68 -13.11 -10.09 19.11
C LYS B 68 -12.49 -8.86 19.79
N MET B 69 -11.54 -8.21 19.14
CA MET B 69 -10.90 -7.01 19.75
C MET B 69 -11.96 -6.01 20.25
N LEU B 70 -12.87 -5.62 19.40
CA LEU B 70 -13.94 -4.66 19.83
C LEU B 70 -14.86 -5.33 20.86
N VAL B 71 -15.25 -6.56 20.64
CA VAL B 71 -16.15 -7.27 21.61
C VAL B 71 -15.44 -7.44 22.95
N GLU B 72 -14.14 -7.54 22.95
CA GLU B 72 -13.40 -7.72 24.23
C GLU B 72 -13.05 -6.36 24.82
N LEU B 73 -12.61 -5.42 24.01
CA LEU B 73 -12.26 -4.05 24.53
C LEU B 73 -13.53 -3.30 24.95
N GLN B 74 -14.59 -3.39 24.18
CA GLN B 74 -15.85 -2.67 24.57
C GLN B 74 -16.56 -3.42 25.72
N LYS B 75 -15.92 -4.42 26.27
CA LYS B 75 -16.52 -5.20 27.39
C LYS B 75 -15.58 -5.20 28.61
N LEU B 76 -14.50 -4.46 28.55
CA LEU B 76 -13.54 -4.42 29.69
C LEU B 76 -13.67 -3.08 30.44
N MET B 1 -30.98 7.94 -28.68
CA MET B 1 -31.07 7.28 -30.02
C MET B 1 -29.93 7.80 -30.90
N ASP B 2 -29.75 7.23 -32.07
CA ASP B 2 -28.66 7.70 -33.00
C ASP B 2 -27.28 7.70 -32.29
N GLU B 3 -27.10 6.84 -31.32
CA GLU B 3 -25.79 6.78 -30.60
C GLU B 3 -25.59 5.38 -30.01
N GLY B 4 -24.53 5.19 -29.26
CA GLY B 4 -24.28 3.84 -28.65
C GLY B 4 -23.07 3.88 -27.72
N ASP B 5 -21.89 3.83 -28.28
CA ASP B 5 -20.67 3.88 -27.43
C ASP B 5 -20.14 5.32 -27.34
N LYS B 6 -19.10 5.52 -26.59
CA LYS B 6 -18.51 6.90 -26.43
C LYS B 6 -17.36 6.84 -25.42
N LYS B 7 -17.51 6.05 -24.39
CA LYS B 7 -16.44 5.94 -23.36
C LYS B 7 -15.54 4.74 -23.71
N SER B 8 -14.80 4.83 -24.78
CA SER B 8 -13.89 3.71 -25.18
C SER B 8 -12.42 4.17 -25.09
N PRO B 9 -11.92 4.23 -23.87
CA PRO B 9 -10.52 4.65 -23.62
C PRO B 9 -9.53 3.49 -23.88
N ILE B 10 -9.66 2.42 -23.15
CA ILE B 10 -8.72 1.26 -23.32
C ILE B 10 -9.48 -0.07 -23.29
N SER B 11 -10.44 -0.21 -22.39
CA SER B 11 -11.22 -1.49 -22.29
C SER B 11 -11.65 -1.98 -23.68
N GLN B 12 -12.46 -1.22 -24.38
CA GLN B 12 -12.91 -1.66 -25.75
C GLN B 12 -11.71 -1.94 -26.65
N VAL B 13 -10.63 -1.19 -26.53
CA VAL B 13 -9.43 -1.47 -27.38
C VAL B 13 -8.87 -2.85 -27.00
N HIS B 14 -8.80 -3.13 -25.72
CA HIS B 14 -8.29 -4.46 -25.27
C HIS B 14 -9.30 -5.54 -25.67
N GLU B 15 -10.57 -5.23 -25.56
CA GLU B 15 -11.63 -6.22 -25.95
C GLU B 15 -11.55 -6.47 -27.46
N ILE B 16 -11.47 -5.42 -28.26
CA ILE B 16 -11.37 -5.60 -29.74
C ILE B 16 -10.13 -6.45 -30.07
N GLY B 17 -9.01 -6.15 -29.44
CA GLY B 17 -7.78 -6.96 -29.69
C GLY B 17 -8.04 -8.39 -29.22
N ILE B 18 -8.52 -8.54 -28.01
CA ILE B 18 -8.83 -9.90 -27.47
C ILE B 18 -10.20 -10.33 -28.04
N LYS B 19 -10.29 -10.50 -29.32
CA LYS B 19 -11.57 -10.89 -29.96
C LYS B 19 -11.33 -11.30 -31.41
N ARG B 20 -10.46 -10.62 -32.10
CA ARG B 20 -10.19 -11.00 -33.52
C ARG B 20 -8.79 -11.62 -33.66
N ASN B 21 -7.75 -10.96 -33.18
CA ASN B 21 -6.36 -11.52 -33.28
C ASN B 21 -5.30 -10.42 -33.05
N MET B 22 -5.64 -9.17 -33.18
CA MET B 22 -4.63 -8.09 -33.00
C MET B 22 -4.28 -7.87 -31.52
N THR B 23 -3.02 -7.89 -31.20
CA THR B 23 -2.57 -7.66 -29.78
C THR B 23 -2.62 -6.17 -29.47
N VAL B 24 -3.18 -5.78 -28.36
CA VAL B 24 -3.24 -4.33 -28.01
C VAL B 24 -1.95 -3.91 -27.27
N HIS B 25 -0.95 -3.49 -28.00
CA HIS B 25 0.33 -3.09 -27.34
C HIS B 25 0.50 -1.56 -27.38
N PHE B 26 0.48 -0.91 -26.25
CA PHE B 26 0.65 0.58 -26.21
C PHE B 26 2.05 0.94 -25.68
N LYS B 27 2.61 2.02 -26.15
CA LYS B 27 3.97 2.43 -25.67
C LYS B 27 4.16 3.94 -25.93
N VAL B 28 4.21 4.74 -24.88
CA VAL B 28 4.39 6.21 -25.09
C VAL B 28 5.68 6.47 -25.89
N LEU B 29 5.66 7.47 -26.74
CA LEU B 29 6.90 7.76 -27.55
C LEU B 29 7.96 8.38 -26.65
N ARG B 30 7.59 9.38 -25.91
CA ARG B 30 8.58 10.02 -24.98
C ARG B 30 7.86 10.89 -23.93
N GLU B 31 7.91 10.46 -22.69
CA GLU B 31 7.26 11.23 -21.57
C GLU B 31 5.73 11.27 -21.72
N GLU B 32 5.04 11.60 -20.65
CA GLU B 32 3.55 11.68 -20.68
C GLU B 32 3.04 12.52 -19.49
N GLY B 33 3.87 13.37 -18.96
CA GLY B 33 3.44 14.22 -17.80
C GLY B 33 3.42 13.38 -16.51
N PRO B 34 3.94 13.95 -15.45
CA PRO B 34 3.96 13.29 -14.13
C PRO B 34 2.56 13.34 -13.51
N ALA B 35 1.63 12.62 -14.10
CA ALA B 35 0.21 12.63 -13.60
C ALA B 35 -0.45 13.94 -14.06
N HIS B 36 0.11 15.06 -13.68
CA HIS B 36 -0.46 16.37 -14.12
C HIS B 36 0.25 16.82 -15.41
N MET B 37 -0.30 17.77 -16.11
CA MET B 37 0.34 18.25 -17.38
C MET B 37 0.50 17.09 -18.38
N LYS B 38 -0.49 16.24 -18.49
CA LYS B 38 -0.42 15.09 -19.45
C LYS B 38 -0.39 15.64 -20.88
N ASN B 39 0.63 15.34 -21.63
CA ASN B 39 0.71 15.86 -23.04
C ASN B 39 1.11 14.73 -24.00
N PHE B 40 1.23 15.05 -25.27
CA PHE B 40 1.65 14.03 -26.30
C PHE B 40 0.55 12.97 -26.47
N ILE B 41 0.90 11.75 -26.78
CA ILE B 41 -0.15 10.70 -26.97
C ILE B 41 0.42 9.32 -26.64
N THR B 42 1.21 8.76 -27.53
CA THR B 42 1.82 7.40 -27.32
C THR B 42 1.82 6.61 -28.65
N ALA B 43 2.53 5.52 -28.68
CA ALA B 43 2.57 4.66 -29.89
C ALA B 43 1.76 3.39 -29.60
N CYS B 44 1.22 2.77 -30.62
CA CYS B 44 0.41 1.53 -30.39
C CYS B 44 0.57 0.56 -31.57
N ILE B 45 0.66 -0.71 -31.29
CA ILE B 45 0.81 -1.71 -32.39
C ILE B 45 -0.26 -2.81 -32.24
N VAL B 46 -0.89 -3.19 -33.32
CA VAL B 46 -1.95 -4.25 -33.25
C VAL B 46 -1.64 -5.34 -34.29
N GLY B 47 -1.23 -6.49 -33.83
CA GLY B 47 -0.91 -7.61 -34.76
C GLY B 47 0.21 -7.21 -35.72
N SER B 48 -0.13 -6.93 -36.95
CA SER B 48 0.92 -6.53 -37.95
C SER B 48 0.74 -5.06 -38.37
N ILE B 49 -0.02 -4.29 -37.63
CA ILE B 49 -0.23 -2.86 -38.00
C ILE B 49 0.19 -1.95 -36.84
N VAL B 50 0.93 -0.91 -37.12
CA VAL B 50 1.35 0.02 -36.03
C VAL B 50 0.68 1.38 -36.22
N THR B 51 0.47 2.12 -35.17
CA THR B 51 -0.18 3.45 -35.29
C THR B 51 0.13 4.29 -34.04
N GLU B 52 0.91 5.32 -34.20
CA GLU B 52 1.28 6.18 -33.04
C GLU B 52 0.89 7.63 -33.32
N GLY B 53 0.86 8.46 -32.30
CA GLY B 53 0.48 9.89 -32.50
C GLY B 53 0.96 10.72 -31.31
N GLU B 54 0.92 12.02 -31.43
CA GLU B 54 1.38 12.88 -30.30
C GLU B 54 0.44 14.08 -30.12
N GLY B 55 -0.38 14.05 -29.11
CA GLY B 55 -1.30 15.20 -28.84
C GLY B 55 -0.49 16.34 -28.21
N ASN B 56 -1.03 17.52 -28.10
CA ASN B 56 -0.22 18.62 -27.50
C ASN B 56 -1.06 19.49 -26.55
N GLY B 57 -1.00 19.22 -25.27
CA GLY B 57 -1.76 20.04 -24.29
C GLY B 57 -2.23 19.20 -23.11
N LYS B 58 -2.35 19.80 -21.95
CA LYS B 58 -2.80 19.06 -20.73
C LYS B 58 -4.30 18.67 -20.84
N LYS B 59 -4.65 17.99 -21.89
CA LYS B 59 -6.08 17.57 -22.11
C LYS B 59 -6.11 16.52 -23.23
N VAL B 60 -5.12 15.66 -23.26
CA VAL B 60 -5.03 14.61 -24.33
C VAL B 60 -3.89 13.66 -23.96
N SER B 61 -3.71 12.59 -24.71
CA SER B 61 -2.64 11.60 -24.43
C SER B 61 -3.17 10.53 -23.49
N LYS B 62 -3.08 9.32 -23.92
CA LYS B 62 -3.62 8.15 -23.14
C LYS B 62 -5.15 8.25 -23.15
N LYS B 63 -5.66 8.53 -24.31
CA LYS B 63 -7.12 8.69 -24.55
C LYS B 63 -7.29 8.94 -26.04
N ARG B 64 -6.71 10.02 -26.51
CA ARG B 64 -6.75 10.39 -27.96
C ARG B 64 -6.03 9.32 -28.78
N ALA B 65 -4.93 8.80 -28.29
CA ALA B 65 -4.18 7.77 -29.06
C ALA B 65 -5.11 6.59 -29.40
N ALA B 66 -5.81 6.07 -28.41
CA ALA B 66 -6.76 4.93 -28.64
C ALA B 66 -7.85 5.34 -29.65
N GLU B 67 -8.39 6.52 -29.52
CA GLU B 67 -9.45 6.98 -30.49
C GLU B 67 -8.94 6.81 -31.92
N LYS B 68 -7.75 7.28 -32.20
CA LYS B 68 -7.16 7.13 -33.56
C LYS B 68 -7.00 5.63 -33.88
N MET B 69 -6.38 4.89 -33.00
CA MET B 69 -6.19 3.42 -33.24
C MET B 69 -7.55 2.75 -33.55
N LEU B 70 -8.55 2.99 -32.75
CA LEU B 70 -9.88 2.36 -33.02
C LEU B 70 -10.52 2.96 -34.27
N VAL B 71 -10.61 4.26 -34.36
CA VAL B 71 -11.25 4.88 -35.57
C VAL B 71 -10.51 4.43 -36.84
N GLU B 72 -9.20 4.32 -36.80
CA GLU B 72 -8.44 3.88 -38.01
C GLU B 72 -8.59 2.37 -38.19
N LEU B 73 -8.44 1.60 -37.13
CA LEU B 73 -8.60 0.12 -37.23
C LEU B 73 -10.00 -0.21 -37.74
N GLN B 74 -10.97 0.61 -37.44
CA GLN B 74 -12.37 0.35 -37.93
C GLN B 74 -12.55 0.94 -39.34
N LYS B 75 -11.48 1.38 -39.96
CA LYS B 75 -11.57 1.96 -41.33
C LYS B 75 -10.60 1.27 -42.30
N LEU B 76 -9.79 0.35 -41.82
CA LEU B 76 -8.82 -0.35 -42.71
C LEU B 76 -9.40 -1.69 -43.20
N MET B 1 -30.69 -3.24 0.91
CA MET B 1 -30.43 -3.07 -0.55
C MET B 1 -29.42 -1.92 -0.78
N ASP B 2 -28.15 -2.24 -0.83
CA ASP B 2 -27.11 -1.18 -1.07
C ASP B 2 -27.27 0.00 -0.08
N GLU B 3 -27.38 -0.30 1.20
CA GLU B 3 -27.52 0.78 2.21
C GLU B 3 -26.48 0.60 3.35
N GLY B 4 -26.06 1.67 3.95
CA GLY B 4 -25.07 1.57 5.07
C GLY B 4 -23.65 1.48 4.50
N ASP B 5 -23.11 2.58 4.04
CA ASP B 5 -21.72 2.59 3.46
C ASP B 5 -20.68 2.43 4.59
N LYS B 6 -20.85 1.46 5.44
CA LYS B 6 -19.89 1.24 6.55
C LYS B 6 -19.74 -0.28 6.81
N LYS B 7 -18.61 -0.84 6.49
CA LYS B 7 -18.42 -2.31 6.70
C LYS B 7 -16.99 -2.61 7.22
N SER B 8 -16.21 -1.59 7.50
CA SER B 8 -14.82 -1.82 8.01
C SER B 8 -14.55 -0.87 9.19
N PRO B 9 -14.58 -1.41 10.38
CA PRO B 9 -14.35 -0.63 11.62
C PRO B 9 -12.84 -0.42 11.89
N ILE B 10 -12.01 -0.44 10.87
CA ILE B 10 -10.53 -0.24 11.09
C ILE B 10 -10.24 1.22 11.47
N SER B 11 -10.55 2.15 10.61
CA SER B 11 -10.28 3.60 10.92
C SER B 11 -10.71 3.94 12.35
N GLN B 12 -11.99 3.78 12.66
CA GLN B 12 -12.48 4.10 14.03
C GLN B 12 -11.58 3.47 15.11
N VAL B 13 -11.17 2.23 14.93
CA VAL B 13 -10.29 1.59 15.94
C VAL B 13 -8.98 2.39 16.04
N HIS B 14 -8.42 2.76 14.92
CA HIS B 14 -7.16 3.57 14.94
C HIS B 14 -7.48 4.94 15.56
N GLU B 15 -8.58 5.54 15.17
CA GLU B 15 -8.96 6.86 15.74
C GLU B 15 -9.10 6.75 17.26
N ILE B 16 -9.85 5.79 17.73
CA ILE B 16 -10.03 5.62 19.21
C ILE B 16 -8.68 5.23 19.84
N GLY B 17 -8.01 4.26 19.29
CA GLY B 17 -6.69 3.84 19.86
C GLY B 17 -5.75 5.05 19.94
N ILE B 18 -5.67 5.82 18.89
CA ILE B 18 -4.79 7.03 18.90
C ILE B 18 -5.34 8.07 19.90
N LYS B 19 -6.63 8.28 19.92
CA LYS B 19 -7.22 9.26 20.88
C LYS B 19 -7.16 8.72 22.31
N ARG B 20 -7.15 7.42 22.49
CA ARG B 20 -7.10 6.83 23.86
C ARG B 20 -5.63 6.66 24.30
N ASN B 21 -4.87 5.88 23.56
CA ASN B 21 -3.42 5.60 23.87
C ASN B 21 -3.07 4.16 23.45
N MET B 22 -4.06 3.31 23.33
CA MET B 22 -3.80 1.88 22.96
C MET B 22 -3.06 1.78 21.61
N THR B 23 -2.10 0.89 21.53
CA THR B 23 -1.34 0.71 20.25
C THR B 23 -2.15 -0.15 19.29
N VAL B 24 -2.76 0.45 18.30
CA VAL B 24 -3.56 -0.35 17.31
C VAL B 24 -2.62 -1.08 16.35
N HIS B 25 -2.25 -2.30 16.66
CA HIS B 25 -1.33 -3.05 15.76
C HIS B 25 -2.03 -4.30 15.20
N PHE B 26 -2.40 -4.26 13.95
CA PHE B 26 -3.08 -5.44 13.33
C PHE B 26 -2.03 -6.36 12.69
N LYS B 27 -2.18 -7.66 12.86
CA LYS B 27 -1.20 -8.61 12.27
C LYS B 27 -1.93 -9.85 11.72
N VAL B 28 -1.26 -10.64 10.93
CA VAL B 28 -1.91 -11.87 10.37
C VAL B 28 -0.99 -13.07 10.58
N LEU B 29 -1.53 -14.23 10.84
CA LEU B 29 -0.67 -15.43 11.03
C LEU B 29 -0.38 -16.06 9.67
N ARG B 30 -1.42 -16.46 8.98
CA ARG B 30 -1.25 -17.07 7.62
C ARG B 30 -2.58 -17.68 7.18
N GLU B 31 -2.68 -18.09 5.94
CA GLU B 31 -3.92 -18.70 5.43
C GLU B 31 -3.71 -20.22 5.26
N GLU B 32 -4.79 -20.97 5.20
CA GLU B 32 -4.64 -22.45 5.04
C GLU B 32 -4.69 -22.83 3.55
N GLY B 33 -4.48 -21.88 2.67
CA GLY B 33 -4.51 -22.18 1.21
C GLY B 33 -5.35 -21.14 0.45
N PRO B 34 -4.85 -20.72 -0.69
CA PRO B 34 -5.55 -19.72 -1.54
C PRO B 34 -6.74 -20.37 -2.27
N ALA B 35 -6.68 -21.65 -2.49
CA ALA B 35 -7.81 -22.37 -3.18
C ALA B 35 -8.42 -23.40 -2.21
N HIS B 36 -7.61 -24.28 -1.68
CA HIS B 36 -8.15 -25.31 -0.72
C HIS B 36 -8.05 -24.75 0.71
N MET B 37 -9.05 -24.96 1.52
CA MET B 37 -9.02 -24.43 2.94
C MET B 37 -8.76 -22.92 2.92
N LYS B 38 -9.58 -22.18 2.23
CA LYS B 38 -9.39 -20.71 2.13
C LYS B 38 -9.76 -20.01 3.45
N ASN B 39 -8.94 -20.15 4.46
CA ASN B 39 -9.23 -19.49 5.77
C ASN B 39 -8.14 -18.45 6.05
N PHE B 40 -8.48 -17.35 6.66
CA PHE B 40 -7.45 -16.29 6.95
C PHE B 40 -7.46 -15.92 8.43
N ILE B 41 -6.49 -16.37 9.18
CA ILE B 41 -6.45 -16.04 10.64
C ILE B 41 -5.68 -14.73 10.86
N THR B 42 -6.35 -13.74 11.39
CA THR B 42 -5.68 -12.42 11.64
C THR B 42 -5.57 -12.18 13.16
N ALA B 43 -4.45 -11.68 13.61
CA ALA B 43 -4.26 -11.42 15.07
C ALA B 43 -4.03 -9.92 15.29
N CYS B 44 -4.80 -9.32 16.16
CA CYS B 44 -4.62 -7.85 16.42
C CYS B 44 -4.13 -7.63 17.86
N ILE B 45 -3.19 -6.75 18.05
CA ILE B 45 -2.68 -6.47 19.41
C ILE B 45 -2.97 -5.00 19.76
N VAL B 46 -3.42 -4.75 20.97
CA VAL B 46 -3.73 -3.34 21.38
C VAL B 46 -3.10 -3.06 22.73
N GLY B 47 -2.06 -2.26 22.76
CA GLY B 47 -1.37 -1.91 24.05
C GLY B 47 -0.81 -3.18 24.69
N SER B 48 -1.54 -3.79 25.59
CA SER B 48 -1.04 -5.02 26.27
C SER B 48 -2.06 -6.16 26.12
N ILE B 49 -2.94 -6.08 25.15
CA ILE B 49 -3.96 -7.16 24.96
C ILE B 49 -3.92 -7.66 23.51
N VAL B 50 -4.12 -8.93 23.29
CA VAL B 50 -4.09 -9.47 21.89
C VAL B 50 -5.42 -10.17 21.58
N THR B 51 -5.87 -10.10 20.36
CA THR B 51 -7.15 -10.76 19.98
C THR B 51 -7.02 -11.40 18.59
N GLU B 52 -7.32 -12.66 18.48
CA GLU B 52 -7.23 -13.34 17.16
C GLU B 52 -8.60 -13.35 16.47
N GLY B 53 -8.63 -13.38 15.17
CA GLY B 53 -9.92 -13.40 14.42
C GLY B 53 -9.76 -14.24 13.15
N GLU B 54 -10.57 -15.24 12.99
CA GLU B 54 -10.46 -16.11 11.76
C GLU B 54 -11.40 -15.59 10.67
N GLY B 55 -10.90 -14.79 9.77
CA GLY B 55 -11.77 -14.27 8.67
C GLY B 55 -11.75 -15.24 7.48
N ASN B 56 -12.79 -15.28 6.70
CA ASN B 56 -12.83 -16.22 5.52
C ASN B 56 -12.26 -15.53 4.28
N GLY B 57 -12.80 -14.39 3.92
CA GLY B 57 -12.29 -13.67 2.70
C GLY B 57 -11.31 -12.58 3.11
N LYS B 58 -10.53 -12.09 2.16
CA LYS B 58 -9.53 -11.01 2.46
C LYS B 58 -10.21 -9.83 3.19
N LYS B 59 -11.42 -9.49 2.80
CA LYS B 59 -12.12 -8.35 3.48
C LYS B 59 -12.84 -8.82 4.77
N VAL B 60 -12.61 -10.05 5.19
CA VAL B 60 -13.27 -10.55 6.43
C VAL B 60 -12.23 -10.77 7.53
N SER B 61 -11.05 -11.22 7.19
CA SER B 61 -9.98 -11.45 8.23
C SER B 61 -9.75 -10.19 9.05
N LYS B 62 -9.17 -9.18 8.45
CA LYS B 62 -8.92 -7.90 9.19
C LYS B 62 -10.22 -7.37 9.79
N LYS B 63 -11.31 -7.45 9.06
CA LYS B 63 -12.62 -6.94 9.58
C LYS B 63 -13.06 -7.77 10.81
N ARG B 64 -13.27 -9.06 10.63
CA ARG B 64 -13.69 -9.93 11.78
C ARG B 64 -12.66 -9.83 12.92
N ALA B 65 -11.39 -9.79 12.59
CA ALA B 65 -10.34 -9.68 13.64
C ALA B 65 -10.49 -8.33 14.37
N ALA B 66 -10.70 -7.26 13.63
CA ALA B 66 -10.87 -5.92 14.27
C ALA B 66 -12.17 -5.86 15.07
N GLU B 67 -13.26 -6.33 14.49
CA GLU B 67 -14.57 -6.30 15.22
C GLU B 67 -14.42 -7.05 16.55
N LYS B 68 -13.84 -8.22 16.52
CA LYS B 68 -13.64 -9.00 17.79
C LYS B 68 -12.75 -8.19 18.75
N MET B 69 -11.76 -7.51 18.23
CA MET B 69 -10.87 -6.69 19.11
C MET B 69 -11.69 -5.57 19.75
N LEU B 70 -12.54 -4.92 19.00
CA LEU B 70 -13.36 -3.80 19.56
C LEU B 70 -14.28 -4.32 20.68
N VAL B 71 -15.04 -5.36 20.42
CA VAL B 71 -15.96 -5.90 21.48
C VAL B 71 -15.15 -6.32 22.71
N GLU B 72 -14.00 -6.94 22.52
CA GLU B 72 -13.17 -7.36 23.69
C GLU B 72 -12.58 -6.12 24.38
N LEU B 73 -11.94 -5.25 23.62
CA LEU B 73 -11.33 -4.02 24.21
C LEU B 73 -12.42 -3.04 24.67
N GLN B 74 -13.68 -3.34 24.46
CA GLN B 74 -14.76 -2.41 24.90
C GLN B 74 -14.93 -2.50 26.44
N LYS B 75 -14.46 -3.56 27.04
CA LYS B 75 -14.60 -3.71 28.52
C LYS B 75 -13.23 -3.48 29.20
N LEU B 76 -12.15 -3.79 28.51
CA LEU B 76 -10.80 -3.61 29.09
C LEU B 76 -9.98 -2.65 28.19
N MET B 1 15.19 -4.87 0.93
CA MET B 1 14.65 -5.15 2.30
C MET B 1 13.17 -5.52 2.19
N ASP B 2 12.70 -6.45 2.99
CA ASP B 2 11.26 -6.85 2.91
C ASP B 2 10.68 -7.06 4.31
N GLU B 3 9.42 -7.46 4.39
CA GLU B 3 8.76 -7.70 5.72
C GLU B 3 9.08 -6.54 6.70
N GLY B 4 9.25 -5.35 6.19
CA GLY B 4 9.56 -4.18 7.08
C GLY B 4 8.76 -2.94 6.65
N ASP B 5 7.56 -3.14 6.16
CA ASP B 5 6.74 -1.97 5.73
C ASP B 5 5.29 -2.11 6.23
N LYS B 6 4.58 -1.03 6.23
CA LYS B 6 3.15 -1.01 6.68
C LYS B 6 2.55 0.35 6.28
N LYS B 7 2.94 0.86 5.13
CA LYS B 7 2.44 2.19 4.66
C LYS B 7 1.66 2.04 3.35
N SER B 8 2.12 1.19 2.45
CA SER B 8 1.42 1.00 1.13
C SER B 8 1.77 2.17 0.19
N PRO B 9 2.86 2.02 -0.53
CA PRO B 9 3.33 3.08 -1.47
C PRO B 9 2.49 3.11 -2.77
N ILE B 10 1.37 3.78 -2.75
CA ILE B 10 0.51 3.87 -3.99
C ILE B 10 0.93 5.10 -4.80
N SER B 11 1.08 6.24 -4.17
CA SER B 11 1.49 7.48 -4.91
C SER B 11 2.71 7.18 -5.80
N GLN B 12 3.79 6.76 -5.20
CA GLN B 12 5.03 6.46 -6.00
C GLN B 12 4.70 5.51 -7.16
N VAL B 13 3.82 4.56 -6.96
CA VAL B 13 3.45 3.64 -8.09
C VAL B 13 2.81 4.47 -9.19
N HIS B 14 1.90 5.35 -8.83
CA HIS B 14 1.26 6.23 -9.84
C HIS B 14 2.33 7.16 -10.42
N GLU B 15 3.22 7.64 -9.59
CA GLU B 15 4.31 8.55 -10.06
C GLU B 15 5.16 7.80 -11.11
N ILE B 16 5.67 6.64 -10.76
CA ILE B 16 6.51 5.86 -11.73
C ILE B 16 5.64 5.42 -12.91
N GLY B 17 4.41 5.04 -12.67
CA GLY B 17 3.51 4.62 -13.78
C GLY B 17 3.31 5.79 -14.75
N ILE B 18 2.80 6.89 -14.27
CA ILE B 18 2.61 8.08 -15.16
C ILE B 18 3.98 8.51 -15.72
N LYS B 19 4.99 8.53 -14.89
CA LYS B 19 6.36 8.92 -15.36
C LYS B 19 6.78 7.99 -16.51
N ARG B 20 6.37 6.74 -16.48
CA ARG B 20 6.74 5.79 -17.57
C ARG B 20 5.59 5.68 -18.59
N ASN B 21 4.72 6.68 -18.66
CA ASN B 21 3.59 6.63 -19.64
C ASN B 21 2.71 5.38 -19.40
N MET B 22 2.52 4.99 -18.17
CA MET B 22 1.69 3.78 -17.88
C MET B 22 0.29 4.20 -17.38
N THR B 23 -0.68 3.33 -17.54
CA THR B 23 -2.08 3.66 -17.10
C THR B 23 -2.15 3.77 -15.57
N VAL B 24 -1.75 2.74 -14.87
CA VAL B 24 -1.79 2.75 -13.37
C VAL B 24 -3.26 2.83 -12.90
N HIS B 25 -4.04 1.82 -13.17
CA HIS B 25 -5.47 1.85 -12.72
C HIS B 25 -5.70 0.83 -11.60
N PHE B 26 -5.75 1.31 -10.38
CA PHE B 26 -5.99 0.39 -9.21
C PHE B 26 -7.50 0.29 -8.93
N LYS B 27 -8.06 -0.88 -8.98
CA LYS B 27 -9.53 -1.00 -8.72
C LYS B 27 -9.90 -2.41 -8.23
N VAL B 28 -10.90 -2.51 -7.40
CA VAL B 28 -11.34 -3.84 -6.88
C VAL B 28 -12.52 -4.32 -7.73
N LEU B 29 -12.82 -5.59 -7.73
CA LEU B 29 -13.95 -6.11 -8.55
C LEU B 29 -15.20 -6.27 -7.67
N ARG B 30 -15.19 -7.24 -6.79
CA ARG B 30 -16.35 -7.48 -5.87
C ARG B 30 -16.06 -8.72 -5.03
N GLU B 31 -16.26 -8.64 -3.74
CA GLU B 31 -15.98 -9.82 -2.86
C GLU B 31 -17.14 -10.06 -1.89
N GLU B 32 -17.06 -9.55 -0.69
CA GLU B 32 -18.16 -9.76 0.30
C GLU B 32 -19.46 -9.13 -0.20
N GLY B 33 -20.40 -9.94 -0.58
CA GLY B 33 -21.72 -9.42 -1.05
C GLY B 33 -22.74 -9.57 0.08
N PRO B 34 -23.11 -10.80 0.36
CA PRO B 34 -24.07 -11.12 1.44
C PRO B 34 -23.35 -11.11 2.80
N ALA B 35 -22.50 -12.08 3.05
CA ALA B 35 -21.75 -12.16 4.35
C ALA B 35 -21.12 -13.56 4.51
N HIS B 36 -20.02 -13.81 3.83
CA HIS B 36 -19.36 -15.16 3.95
C HIS B 36 -18.01 -15.16 3.22
N MET B 37 -17.98 -14.74 1.97
CA MET B 37 -16.68 -14.73 1.22
C MET B 37 -15.87 -13.48 1.63
N LYS B 38 -15.50 -13.43 2.88
CA LYS B 38 -14.73 -12.27 3.42
C LYS B 38 -13.30 -12.23 2.85
N ASN B 39 -13.12 -11.54 1.75
CA ASN B 39 -11.77 -11.41 1.13
C ASN B 39 -11.74 -10.14 0.26
N PHE B 40 -10.60 -9.73 -0.23
CA PHE B 40 -10.57 -8.48 -1.07
C PHE B 40 -9.52 -8.56 -2.20
N ILE B 41 -9.92 -9.02 -3.36
CA ILE B 41 -8.96 -9.10 -4.51
C ILE B 41 -8.87 -7.74 -5.21
N THR B 42 -7.80 -7.01 -5.02
CA THR B 42 -7.66 -5.68 -5.69
C THR B 42 -6.90 -5.86 -7.01
N ALA B 43 -7.44 -5.40 -8.10
CA ALA B 43 -6.73 -5.57 -9.41
C ALA B 43 -6.19 -4.23 -9.92
N CYS B 44 -5.01 -4.23 -10.47
CA CYS B 44 -4.42 -2.95 -11.00
C CYS B 44 -3.99 -3.18 -12.47
N ILE B 45 -4.43 -2.34 -13.36
CA ILE B 45 -4.03 -2.51 -14.80
C ILE B 45 -3.00 -1.44 -15.20
N VAL B 46 -1.91 -1.86 -15.77
CA VAL B 46 -0.84 -0.89 -16.19
C VAL B 46 -0.53 -1.08 -17.68
N GLY B 47 -0.92 -0.14 -18.50
CA GLY B 47 -0.65 -0.26 -19.97
C GLY B 47 -1.55 -1.32 -20.59
N SER B 48 -1.14 -2.55 -20.56
CA SER B 48 -1.99 -3.65 -21.14
C SER B 48 -1.93 -4.91 -20.27
N ILE B 49 -1.46 -4.78 -19.04
CA ILE B 49 -1.39 -5.97 -18.14
C ILE B 49 -1.97 -5.61 -16.77
N VAL B 50 -2.68 -6.51 -16.14
CA VAL B 50 -3.25 -6.20 -14.80
C VAL B 50 -2.64 -7.13 -13.75
N THR B 51 -2.70 -6.73 -12.51
CA THR B 51 -2.12 -7.57 -11.41
C THR B 51 -3.12 -7.66 -10.25
N GLU B 52 -3.82 -8.75 -10.15
CA GLU B 52 -4.82 -8.90 -9.04
C GLU B 52 -4.10 -9.20 -7.71
N GLY B 53 -4.58 -8.66 -6.63
CA GLY B 53 -3.94 -8.92 -5.30
C GLY B 53 -5.01 -9.43 -4.34
N GLU B 54 -5.16 -10.72 -4.24
CA GLU B 54 -6.21 -11.31 -3.34
C GLU B 54 -5.84 -11.10 -1.85
N GLY B 55 -5.89 -9.89 -1.38
CA GLY B 55 -5.56 -9.63 0.06
C GLY B 55 -6.81 -9.90 0.92
N ASN B 56 -6.63 -10.31 2.14
CA ASN B 56 -7.82 -10.60 3.02
C ASN B 56 -8.50 -9.31 3.49
N GLY B 57 -7.80 -8.21 3.56
CA GLY B 57 -8.46 -6.92 4.01
C GLY B 57 -7.45 -6.05 4.78
N LYS B 58 -7.36 -6.23 6.07
CA LYS B 58 -6.38 -5.42 6.87
C LYS B 58 -4.97 -5.69 6.38
N LYS B 59 -4.48 -6.90 6.55
CA LYS B 59 -3.12 -7.24 6.04
C LYS B 59 -3.28 -7.60 4.56
N VAL B 60 -2.29 -7.33 3.74
CA VAL B 60 -2.42 -7.66 2.28
C VAL B 60 -3.58 -6.83 1.69
N SER B 61 -3.87 -7.00 0.42
CA SER B 61 -4.98 -6.25 -0.23
C SER B 61 -4.61 -4.79 -0.42
N LYS B 62 -4.49 -4.39 -1.65
CA LYS B 62 -4.11 -2.98 -1.99
C LYS B 62 -2.60 -2.83 -1.77
N LYS B 63 -2.16 -3.06 -0.57
CA LYS B 63 -0.69 -3.00 -0.30
C LYS B 63 -0.06 -4.13 -1.11
N ARG B 64 -0.52 -5.33 -0.88
CA ARG B 64 -0.02 -6.52 -1.63
C ARG B 64 -0.32 -6.34 -3.13
N ALA B 65 -1.44 -5.73 -3.44
CA ALA B 65 -1.78 -5.51 -4.88
C ALA B 65 -0.69 -4.62 -5.51
N ALA B 66 -0.38 -3.51 -4.85
CA ALA B 66 0.68 -2.60 -5.36
C ALA B 66 2.04 -3.30 -5.26
N GLU B 67 2.26 -4.04 -4.20
CA GLU B 67 3.55 -4.78 -4.02
C GLU B 67 3.85 -5.60 -5.29
N LYS B 68 2.93 -6.46 -5.66
CA LYS B 68 3.11 -7.29 -6.88
C LYS B 68 3.34 -6.37 -8.09
N MET B 69 2.67 -5.25 -8.14
CA MET B 69 2.85 -4.30 -9.28
C MET B 69 4.28 -3.71 -9.25
N LEU B 70 4.74 -3.27 -8.10
CA LEU B 70 6.11 -2.67 -8.03
C LEU B 70 7.18 -3.74 -8.23
N VAL B 71 7.08 -4.86 -7.55
CA VAL B 71 8.12 -5.93 -7.70
C VAL B 71 8.22 -6.39 -9.18
N GLU B 72 7.11 -6.44 -9.89
CA GLU B 72 7.17 -6.85 -11.33
C GLU B 72 7.46 -5.64 -12.23
N LEU B 73 6.76 -4.53 -12.03
CA LEU B 73 7.03 -3.30 -12.87
C LEU B 73 8.48 -2.85 -12.73
N GLN B 74 9.15 -3.24 -11.67
CA GLN B 74 10.58 -2.86 -11.50
C GLN B 74 11.47 -4.02 -11.95
N LYS B 75 10.88 -5.04 -12.54
CA LYS B 75 11.66 -6.22 -13.03
C LYS B 75 11.53 -6.33 -14.56
N LEU B 76 10.45 -5.84 -15.11
CA LEU B 76 10.23 -5.89 -16.59
C LEU B 76 10.54 -4.52 -17.21
N MET B 1 -2.66 7.97 19.31
CA MET B 1 -2.81 6.53 18.90
C MET B 1 -1.59 5.73 19.37
N ASP B 2 -0.45 5.91 18.74
CA ASP B 2 0.77 5.16 19.14
C ASP B 2 1.44 5.88 20.34
N GLU B 3 0.71 6.09 21.39
CA GLU B 3 1.29 6.79 22.58
C GLU B 3 2.22 5.83 23.34
N GLY B 4 3.39 5.56 22.79
CA GLY B 4 4.34 4.63 23.49
C GLY B 4 5.70 5.30 23.71
N ASP B 5 6.46 5.52 22.66
CA ASP B 5 7.80 6.16 22.83
C ASP B 5 7.71 7.67 22.62
N LYS B 6 8.66 8.40 23.17
CA LYS B 6 8.66 9.89 23.03
C LYS B 6 9.17 10.30 21.63
N LYS B 7 8.34 10.16 20.63
CA LYS B 7 8.73 10.53 19.23
C LYS B 7 9.68 9.47 18.65
N SER B 8 10.94 9.49 19.01
CA SER B 8 11.91 8.47 18.47
C SER B 8 13.34 8.75 18.97
N PRO B 9 14.08 7.70 19.25
CA PRO B 9 15.47 7.81 19.73
C PRO B 9 16.41 8.25 18.60
N ILE B 10 16.21 9.45 18.11
CA ILE B 10 17.07 9.98 17.00
C ILE B 10 18.03 11.03 17.56
N SER B 11 17.52 12.13 18.06
CA SER B 11 18.42 13.18 18.64
C SER B 11 19.37 12.52 19.64
N GLN B 12 18.87 11.66 20.48
CA GLN B 12 19.75 10.95 21.48
C GLN B 12 20.85 10.18 20.73
N VAL B 13 20.53 9.57 19.61
CA VAL B 13 21.58 8.82 18.83
C VAL B 13 22.63 9.85 18.38
N HIS B 14 22.19 10.97 17.89
CA HIS B 14 23.14 12.04 17.47
C HIS B 14 23.92 12.47 18.73
N GLU B 15 23.23 12.62 19.83
CA GLU B 15 23.84 13.01 21.13
C GLU B 15 24.94 12.03 21.54
N ILE B 16 24.59 10.77 21.71
CA ILE B 16 25.62 9.76 22.12
C ILE B 16 26.82 9.79 21.17
N GLY B 17 26.59 10.01 19.90
CA GLY B 17 27.71 10.08 18.93
C GLY B 17 28.61 11.26 19.30
N ILE B 18 28.06 12.44 19.34
CA ILE B 18 28.87 13.65 19.72
C ILE B 18 29.15 13.61 21.25
N LYS B 19 29.73 12.55 21.70
CA LYS B 19 30.04 12.41 23.16
C LYS B 19 31.20 11.40 23.33
N ARG B 20 31.09 10.24 22.74
CA ARG B 20 32.17 9.21 22.84
C ARG B 20 32.83 9.04 21.44
N ASN B 21 32.01 8.94 20.42
CA ASN B 21 32.53 8.80 19.02
C ASN B 21 31.55 9.50 18.07
N MET B 22 30.58 8.78 17.56
CA MET B 22 29.58 9.39 16.64
C MET B 22 28.53 8.33 16.29
N THR B 23 28.87 7.41 15.42
CA THR B 23 27.92 6.32 15.01
C THR B 23 26.51 6.87 14.82
N VAL B 24 26.23 7.43 13.69
CA VAL B 24 24.84 7.95 13.46
C VAL B 24 23.92 6.75 13.19
N HIS B 25 24.49 5.62 12.82
CA HIS B 25 23.68 4.39 12.59
C HIS B 25 22.72 4.57 11.41
N PHE B 26 21.68 5.33 11.60
CA PHE B 26 20.64 5.56 10.54
C PHE B 26 21.26 5.62 9.12
N LYS B 27 21.07 4.57 8.37
CA LYS B 27 21.62 4.52 6.97
C LYS B 27 20.63 3.76 6.07
N VAL B 28 19.83 4.48 5.32
CA VAL B 28 18.84 3.80 4.42
C VAL B 28 19.52 3.42 3.10
N LEU B 29 20.00 2.20 2.98
CA LEU B 29 20.66 1.77 1.71
C LEU B 29 19.62 1.64 0.59
N ARG B 30 18.42 1.27 0.93
CA ARG B 30 17.34 1.12 -0.08
C ARG B 30 16.00 0.92 0.64
N GLU B 31 14.97 1.59 0.21
CA GLU B 31 13.64 1.45 0.88
C GLU B 31 12.67 0.67 -0.04
N GLU B 32 11.68 0.05 0.53
CA GLU B 32 10.70 -0.74 -0.28
C GLU B 32 9.53 0.16 -0.72
N GLY B 33 9.01 -0.06 -1.89
CA GLY B 33 7.87 0.79 -2.40
C GLY B 33 6.60 0.58 -1.55
N PRO B 34 5.95 1.68 -1.23
CA PRO B 34 4.70 1.67 -0.44
C PRO B 34 3.51 1.29 -1.33
N ALA B 35 2.96 0.12 -1.13
CA ALA B 35 1.79 -0.32 -1.97
C ALA B 35 1.28 -1.69 -1.46
N HIS B 36 2.14 -2.68 -1.41
CA HIS B 36 1.69 -4.03 -0.93
C HIS B 36 2.63 -4.52 0.19
N MET B 37 3.90 -4.68 -0.09
CA MET B 37 4.86 -5.15 0.96
C MET B 37 4.91 -4.15 2.13
N LYS B 38 5.01 -2.89 1.82
CA LYS B 38 5.04 -1.83 2.86
C LYS B 38 6.09 -2.14 3.95
N ASN B 39 7.32 -2.31 3.56
CA ASN B 39 8.41 -2.58 4.55
C ASN B 39 9.54 -1.56 4.35
N PHE B 40 10.46 -1.45 5.28
CA PHE B 40 11.58 -0.46 5.13
C PHE B 40 12.85 -0.99 5.78
N ILE B 41 13.79 -1.45 4.98
CA ILE B 41 15.07 -1.96 5.55
C ILE B 41 15.96 -0.77 5.94
N THR B 42 15.78 -0.25 7.12
CA THR B 42 16.65 0.92 7.53
C THR B 42 17.93 0.39 8.15
N ALA B 43 19.02 0.46 7.43
CA ALA B 43 20.32 -0.05 7.96
C ALA B 43 20.84 0.90 9.06
N CYS B 44 21.63 0.40 9.97
CA CYS B 44 22.16 1.27 11.07
C CYS B 44 23.66 0.98 11.26
N ILE B 45 24.52 1.89 10.89
CA ILE B 45 25.99 1.64 11.03
C ILE B 45 26.51 2.12 12.40
N VAL B 46 27.18 1.26 13.13
CA VAL B 46 27.73 1.63 14.46
C VAL B 46 29.27 1.55 14.45
N GLY B 47 29.93 2.54 13.90
CA GLY B 47 31.43 2.53 13.85
C GLY B 47 31.92 1.48 12.84
N SER B 48 32.50 0.41 13.33
CA SER B 48 33.03 -0.65 12.40
C SER B 48 32.01 -1.80 12.29
N ILE B 49 30.85 -1.68 12.89
CA ILE B 49 29.83 -2.77 12.81
C ILE B 49 28.56 -2.22 12.16
N VAL B 50 27.79 -3.07 11.53
CA VAL B 50 26.53 -2.59 10.88
C VAL B 50 25.38 -3.55 11.18
N THR B 51 24.20 -3.03 11.35
CA THR B 51 23.01 -3.91 11.65
C THR B 51 21.77 -3.28 11.00
N GLU B 52 20.99 -4.06 10.32
CA GLU B 52 19.79 -3.50 9.63
C GLU B 52 18.62 -3.32 10.61
N GLY B 53 17.74 -2.40 10.31
CA GLY B 53 16.55 -2.14 11.18
C GLY B 53 15.30 -2.60 10.43
N GLU B 54 14.70 -3.68 10.86
CA GLU B 54 13.49 -4.19 10.15
C GLU B 54 12.23 -3.45 10.65
N GLY B 55 12.04 -2.25 10.20
CA GLY B 55 10.82 -1.48 10.63
C GLY B 55 9.82 -1.37 9.47
N ASN B 56 8.55 -1.27 9.78
CA ASN B 56 7.50 -1.16 8.71
C ASN B 56 7.76 0.06 7.80
N GLY B 57 8.41 1.08 8.29
CA GLY B 57 8.68 2.28 7.42
C GLY B 57 8.77 3.55 8.26
N LYS B 58 8.18 4.62 7.76
CA LYS B 58 8.22 5.94 8.50
C LYS B 58 7.44 5.84 9.83
N LYS B 59 7.96 5.08 10.76
CA LYS B 59 7.27 4.92 12.09
C LYS B 59 8.08 3.95 12.97
N VAL B 60 8.23 2.73 12.54
CA VAL B 60 8.99 1.73 13.35
C VAL B 60 10.41 1.53 12.79
N SER B 61 10.63 1.80 11.53
CA SER B 61 11.99 1.59 10.92
C SER B 61 13.05 2.42 11.66
N LYS B 62 13.06 3.72 11.51
CA LYS B 62 14.09 4.55 12.21
C LYS B 62 14.05 4.32 13.73
N LYS B 63 12.90 4.00 14.28
CA LYS B 63 12.81 3.75 15.76
C LYS B 63 13.45 2.39 16.09
N ARG B 64 12.94 1.34 15.52
CA ARG B 64 13.52 -0.02 15.77
C ARG B 64 14.99 -0.06 15.34
N ALA B 65 15.31 0.55 14.22
CA ALA B 65 16.72 0.58 13.75
C ALA B 65 17.60 1.24 14.83
N ALA B 66 17.15 2.34 15.37
CA ALA B 66 17.94 3.05 16.43
C ALA B 66 18.00 2.18 17.69
N GLU B 67 16.87 1.74 18.19
CA GLU B 67 16.88 0.89 19.42
C GLU B 67 17.84 -0.29 19.22
N LYS B 68 17.74 -0.96 18.10
CA LYS B 68 18.65 -2.12 17.83
C LYS B 68 20.11 -1.70 18.04
N MET B 69 20.53 -0.63 17.42
CA MET B 69 21.94 -0.17 17.58
C MET B 69 22.16 0.42 18.98
N LEU B 70 21.40 1.42 19.35
CA LEU B 70 21.57 2.05 20.70
C LEU B 70 21.57 0.98 21.80
N VAL B 71 20.64 0.06 21.76
CA VAL B 71 20.60 -1.01 22.80
C VAL B 71 21.91 -1.83 22.76
N GLU B 72 22.34 -2.19 21.58
CA GLU B 72 23.62 -2.99 21.45
C GLU B 72 24.82 -2.15 21.93
N LEU B 73 25.01 -0.97 21.38
CA LEU B 73 26.18 -0.12 21.80
C LEU B 73 25.98 0.49 23.20
N GLN B 74 24.86 0.26 23.84
CA GLN B 74 24.68 0.83 25.21
C GLN B 74 25.61 0.14 26.22
N LYS B 75 26.22 -0.96 25.85
CA LYS B 75 27.14 -1.67 26.79
C LYS B 75 28.51 -1.93 26.12
N LEU B 76 28.69 -1.52 24.90
CA LEU B 76 29.99 -1.76 24.20
C LEU B 76 30.51 -0.44 23.58
N MET B 1 20.06 -5.10 1.88
CA MET B 1 20.62 -3.98 1.06
C MET B 1 19.52 -2.96 0.77
N ASP B 2 19.85 -1.92 0.07
CA ASP B 2 18.85 -0.86 -0.26
C ASP B 2 18.21 -1.18 -1.63
N GLU B 3 19.02 -1.37 -2.64
CA GLU B 3 18.49 -1.67 -4.00
C GLU B 3 17.55 -2.89 -3.95
N GLY B 4 16.32 -2.71 -4.36
CA GLY B 4 15.33 -3.84 -4.34
C GLY B 4 14.17 -3.50 -3.40
N ASP B 5 13.74 -4.45 -2.60
CA ASP B 5 12.61 -4.21 -1.66
C ASP B 5 12.55 -5.37 -0.64
N LYS B 6 11.45 -5.50 0.05
CA LYS B 6 11.31 -6.60 1.06
C LYS B 6 9.91 -6.53 1.70
N LYS B 7 9.41 -5.35 1.96
CA LYS B 7 8.06 -5.20 2.58
C LYS B 7 6.96 -5.12 1.50
N SER B 8 7.29 -4.60 0.34
CA SER B 8 6.28 -4.45 -0.78
C SER B 8 5.31 -3.31 -0.48
N PRO B 9 5.79 -2.10 -0.50
CA PRO B 9 4.97 -0.91 -0.23
C PRO B 9 4.14 -0.53 -1.47
N ILE B 10 2.84 -0.48 -1.32
CA ILE B 10 1.94 -0.11 -2.47
C ILE B 10 2.40 1.22 -3.08
N SER B 11 2.83 2.16 -2.27
CA SER B 11 3.30 3.48 -2.82
C SER B 11 4.35 3.25 -3.90
N GLN B 12 5.46 2.66 -3.55
CA GLN B 12 6.54 2.38 -4.55
C GLN B 12 5.96 1.72 -5.80
N VAL B 13 5.07 0.78 -5.64
CA VAL B 13 4.46 0.11 -6.83
C VAL B 13 3.75 1.15 -7.71
N HIS B 14 2.94 1.98 -7.13
CA HIS B 14 2.24 3.04 -7.92
C HIS B 14 3.28 4.07 -8.41
N GLU B 15 4.26 4.36 -7.59
CA GLU B 15 5.31 5.35 -7.99
C GLU B 15 6.12 4.83 -9.17
N ILE B 16 6.40 3.55 -9.24
CA ILE B 16 7.20 3.02 -10.39
C ILE B 16 6.26 2.86 -11.59
N GLY B 17 5.07 2.37 -11.38
CA GLY B 17 4.10 2.22 -12.51
C GLY B 17 3.72 3.61 -13.03
N ILE B 18 3.22 4.45 -12.16
CA ILE B 18 2.85 5.84 -12.59
C ILE B 18 4.10 6.71 -12.61
N LYS B 19 4.89 6.53 -13.63
CA LYS B 19 6.15 7.33 -13.75
C LYS B 19 6.73 7.12 -15.15
N ARG B 20 6.66 5.90 -15.64
CA ARG B 20 7.19 5.62 -17.01
C ARG B 20 6.02 5.48 -17.99
N ASN B 21 5.12 4.56 -17.73
CA ASN B 21 3.93 4.35 -18.64
C ASN B 21 3.07 3.18 -18.13
N MET B 22 2.63 3.22 -16.90
CA MET B 22 1.79 2.10 -16.37
C MET B 22 0.83 2.59 -15.28
N THR B 23 -0.45 2.52 -15.53
CA THR B 23 -1.45 2.97 -14.50
C THR B 23 -1.66 1.85 -13.48
N VAL B 24 -1.09 1.98 -12.30
CA VAL B 24 -1.26 0.91 -11.27
C VAL B 24 -2.54 1.16 -10.46
N HIS B 25 -3.46 0.21 -10.48
CA HIS B 25 -4.73 0.39 -9.70
C HIS B 25 -5.14 -0.97 -9.10
N PHE B 26 -5.11 -1.07 -7.80
CA PHE B 26 -5.48 -2.37 -7.13
C PHE B 26 -7.01 -2.50 -7.04
N LYS B 27 -7.53 -3.71 -7.07
CA LYS B 27 -9.02 -3.89 -6.99
C LYS B 27 -9.36 -5.22 -6.30
N VAL B 28 -9.66 -5.19 -5.04
CA VAL B 28 -10.02 -6.45 -4.30
C VAL B 28 -11.42 -6.95 -4.71
N LEU B 29 -11.51 -8.20 -5.09
CA LEU B 29 -12.83 -8.78 -5.48
C LEU B 29 -13.63 -9.14 -4.22
N ARG B 30 -12.93 -9.65 -3.23
CA ARG B 30 -13.59 -10.03 -1.92
C ARG B 30 -14.40 -11.33 -2.06
N GLU B 31 -14.80 -11.89 -0.94
CA GLU B 31 -15.59 -13.17 -0.94
C GLU B 31 -16.62 -13.12 0.21
N GLU B 32 -16.13 -13.02 1.42
CA GLU B 32 -17.04 -12.99 2.61
C GLU B 32 -17.60 -11.58 2.82
N GLY B 33 -18.90 -11.44 2.77
CA GLY B 33 -19.54 -10.09 2.97
C GLY B 33 -19.32 -9.21 1.74
N PRO B 34 -20.01 -8.10 1.69
CA PRO B 34 -19.88 -7.14 0.57
C PRO B 34 -18.56 -6.38 0.68
N ALA B 35 -18.28 -5.85 1.85
CA ALA B 35 -17.02 -5.10 2.07
C ALA B 35 -16.56 -5.31 3.53
N HIS B 36 -16.53 -6.55 3.98
CA HIS B 36 -16.12 -6.83 5.40
C HIS B 36 -14.57 -6.84 5.53
N MET B 37 -13.95 -7.99 5.61
CA MET B 37 -12.46 -8.04 5.76
C MET B 37 -11.75 -7.34 4.58
N LYS B 38 -12.42 -7.17 3.46
CA LYS B 38 -11.80 -6.47 2.31
C LYS B 38 -10.52 -7.20 1.85
N ASN B 39 -10.58 -8.49 1.73
CA ASN B 39 -9.39 -9.28 1.28
C ASN B 39 -9.83 -10.32 0.24
N PHE B 40 -9.42 -11.56 0.36
CA PHE B 40 -9.84 -12.62 -0.61
C PHE B 40 -9.20 -12.38 -1.98
N ILE B 41 -9.77 -12.93 -3.04
CA ILE B 41 -9.17 -12.74 -4.40
C ILE B 41 -9.07 -11.24 -4.70
N THR B 42 -7.90 -10.80 -5.10
CA THR B 42 -7.70 -9.35 -5.43
C THR B 42 -7.39 -9.21 -6.93
N ALA B 43 -7.59 -8.05 -7.49
CA ALA B 43 -7.30 -7.86 -8.95
C ALA B 43 -6.73 -6.45 -9.21
N CYS B 44 -5.44 -6.33 -9.39
CA CYS B 44 -4.84 -4.99 -9.66
C CYS B 44 -4.48 -4.87 -11.13
N ILE B 45 -4.47 -3.67 -11.66
CA ILE B 45 -4.11 -3.47 -13.08
C ILE B 45 -2.81 -2.66 -13.15
N VAL B 46 -1.86 -3.10 -13.95
CA VAL B 46 -0.57 -2.35 -14.07
C VAL B 46 -0.08 -2.40 -15.53
N GLY B 47 -0.50 -1.45 -16.32
CA GLY B 47 -0.07 -1.42 -17.76
C GLY B 47 -0.69 -2.59 -18.52
N SER B 48 0.07 -3.63 -18.75
CA SER B 48 -0.47 -4.82 -19.50
C SER B 48 -0.78 -5.98 -18.55
N ILE B 49 -0.18 -6.00 -17.38
CA ILE B 49 -0.46 -7.11 -16.42
C ILE B 49 -1.59 -6.69 -15.47
N VAL B 50 -2.56 -7.54 -15.28
CA VAL B 50 -3.67 -7.21 -14.36
C VAL B 50 -3.90 -8.38 -13.40
N THR B 51 -4.95 -8.34 -12.61
CA THR B 51 -5.21 -9.42 -11.61
C THR B 51 -4.29 -9.17 -10.42
N GLU B 52 -4.60 -9.70 -9.28
CA GLU B 52 -3.70 -9.45 -8.11
C GLU B 52 -3.24 -10.77 -7.53
N GLY B 53 -4.19 -11.57 -7.15
CA GLY B 53 -3.89 -12.90 -6.56
C GLY B 53 -4.96 -13.32 -5.57
N GLU B 54 -4.76 -14.39 -4.87
CA GLU B 54 -5.77 -14.85 -3.88
C GLU B 54 -5.28 -14.51 -2.46
N GLY B 55 -5.50 -13.30 -2.03
CA GLY B 55 -5.03 -12.89 -0.67
C GLY B 55 -6.14 -13.11 0.36
N ASN B 56 -6.29 -14.32 0.84
CA ASN B 56 -7.36 -14.59 1.85
C ASN B 56 -6.85 -14.31 3.27
N GLY B 57 -6.93 -13.08 3.70
CA GLY B 57 -6.44 -12.73 5.07
C GLY B 57 -6.22 -11.23 5.19
N LYS B 58 -6.31 -10.70 6.38
CA LYS B 58 -6.12 -9.23 6.59
C LYS B 58 -4.87 -8.69 5.86
N LYS B 59 -3.80 -9.44 5.83
CA LYS B 59 -2.57 -8.96 5.14
C LYS B 59 -2.16 -9.90 3.99
N VAL B 60 -3.07 -10.64 3.42
CA VAL B 60 -2.68 -11.56 2.31
C VAL B 60 -2.89 -10.86 0.95
N SER B 61 -4.05 -10.30 0.74
CA SER B 61 -4.33 -9.62 -0.57
C SER B 61 -3.31 -8.50 -0.83
N LYS B 62 -3.52 -7.36 -0.24
CA LYS B 62 -2.60 -6.18 -0.44
C LYS B 62 -1.10 -6.60 -0.41
N LYS B 63 -0.76 -7.63 0.32
CA LYS B 63 0.69 -8.05 0.38
C LYS B 63 1.00 -9.11 -0.70
N ARG B 64 0.34 -10.24 -0.67
CA ARG B 64 0.60 -11.31 -1.68
C ARG B 64 0.34 -10.76 -3.10
N ALA B 65 -0.69 -9.98 -3.25
CA ALA B 65 -1.01 -9.40 -4.59
C ALA B 65 0.14 -8.46 -5.01
N ALA B 66 0.47 -7.51 -4.17
CA ALA B 66 1.61 -6.57 -4.49
C ALA B 66 2.88 -7.39 -4.74
N GLU B 67 3.07 -8.43 -3.98
CA GLU B 67 4.26 -9.30 -4.14
C GLU B 67 4.37 -9.76 -5.59
N LYS B 68 3.27 -10.14 -6.18
CA LYS B 68 3.30 -10.61 -7.59
C LYS B 68 3.48 -9.41 -8.52
N MET B 69 2.63 -8.41 -8.39
CA MET B 69 2.74 -7.19 -9.26
C MET B 69 4.20 -6.68 -9.29
N LEU B 70 4.86 -6.59 -8.16
CA LEU B 70 6.26 -6.08 -8.16
C LEU B 70 7.23 -7.10 -8.81
N VAL B 71 7.28 -8.31 -8.32
CA VAL B 71 8.22 -9.32 -8.94
C VAL B 71 7.93 -9.48 -10.43
N GLU B 72 6.68 -9.53 -10.83
CA GLU B 72 6.36 -9.67 -12.29
C GLU B 72 6.82 -8.42 -13.04
N LEU B 73 6.34 -7.26 -12.63
CA LEU B 73 6.74 -6.00 -13.32
C LEU B 73 8.26 -5.83 -13.29
N GLN B 74 8.92 -6.33 -12.27
CA GLN B 74 10.41 -6.21 -12.21
C GLN B 74 10.99 -6.75 -13.52
N LYS B 75 10.39 -7.76 -14.08
CA LYS B 75 10.86 -8.32 -15.37
C LYS B 75 9.75 -9.16 -16.01
N LEU B 76 8.82 -8.51 -16.62
CA LEU B 76 7.70 -9.19 -17.28
C LEU B 76 8.09 -9.60 -18.71
N MET B 1 0.97 20.49 21.00
CA MET B 1 0.00 19.40 21.30
C MET B 1 -0.01 19.15 22.82
N ASP B 2 -0.85 18.26 23.28
CA ASP B 2 -0.90 17.97 24.74
C ASP B 2 0.28 17.05 25.11
N GLU B 3 0.55 16.91 26.39
CA GLU B 3 1.70 16.07 26.85
C GLU B 3 3.03 16.66 26.35
N GLY B 4 3.83 17.16 27.23
CA GLY B 4 5.14 17.79 26.81
C GLY B 4 6.30 16.82 27.04
N ASP B 5 6.32 15.69 26.37
CA ASP B 5 7.44 14.73 26.54
C ASP B 5 8.66 15.21 25.72
N LYS B 6 9.82 14.71 26.03
CA LYS B 6 11.05 15.11 25.28
C LYS B 6 12.01 13.92 25.21
N LYS B 7 11.51 12.73 25.02
CA LYS B 7 12.39 11.53 24.95
C LYS B 7 12.43 10.97 23.52
N SER B 8 13.36 11.43 22.73
CA SER B 8 13.48 10.91 21.33
C SER B 8 14.62 9.88 21.28
N PRO B 9 14.36 8.74 20.68
CA PRO B 9 15.36 7.66 20.56
C PRO B 9 16.48 8.09 19.61
N ILE B 10 16.17 8.53 18.43
CA ILE B 10 17.24 8.99 17.48
C ILE B 10 18.08 10.05 18.20
N SER B 11 17.44 11.05 18.77
CA SER B 11 18.20 12.09 19.51
C SER B 11 19.04 11.44 20.62
N GLN B 12 18.46 10.55 21.39
CA GLN B 12 19.25 9.88 22.47
C GLN B 12 20.41 9.10 21.82
N VAL B 13 20.13 8.40 20.75
CA VAL B 13 21.22 7.66 20.05
C VAL B 13 22.29 8.68 19.64
N HIS B 14 21.86 9.82 19.16
CA HIS B 14 22.82 10.89 18.76
C HIS B 14 23.61 11.34 20.02
N GLU B 15 22.92 11.62 21.09
CA GLU B 15 23.60 12.06 22.36
C GLU B 15 24.71 11.06 22.74
N ILE B 16 24.49 9.79 22.55
CA ILE B 16 25.53 8.78 22.92
C ILE B 16 26.51 8.59 21.75
N GLY B 17 26.03 8.21 20.60
CA GLY B 17 26.93 7.99 19.43
C GLY B 17 27.75 9.26 19.17
N ILE B 18 27.11 10.39 19.12
CA ILE B 18 27.86 11.66 18.89
C ILE B 18 28.46 12.15 20.22
N LYS B 19 29.25 11.34 20.85
CA LYS B 19 29.86 11.74 22.14
C LYS B 19 31.14 10.93 22.36
N ARG B 20 31.00 9.65 22.57
CA ARG B 20 32.18 8.76 22.79
C ARG B 20 31.67 7.32 22.93
N ASN B 21 30.78 6.91 22.06
CA ASN B 21 30.24 5.52 22.14
C ASN B 21 30.52 4.77 20.82
N MET B 22 29.74 5.02 19.80
CA MET B 22 29.95 4.30 18.52
C MET B 22 29.36 5.10 17.35
N THR B 23 29.86 4.89 16.16
CA THR B 23 29.34 5.62 14.96
C THR B 23 27.85 5.30 14.75
N VAL B 24 27.02 6.30 14.71
CA VAL B 24 25.56 6.04 14.51
C VAL B 24 25.19 6.01 13.01
N HIS B 25 25.51 4.95 12.31
CA HIS B 25 25.14 4.91 10.86
C HIS B 25 23.67 4.48 10.73
N PHE B 26 22.77 5.43 10.62
CA PHE B 26 21.33 5.08 10.49
C PHE B 26 20.92 5.10 9.01
N LYS B 27 20.45 4.00 8.48
CA LYS B 27 20.03 3.98 7.04
C LYS B 27 19.19 2.73 6.73
N VAL B 28 18.15 2.90 5.95
CA VAL B 28 17.30 1.74 5.56
C VAL B 28 17.96 1.00 4.39
N LEU B 29 17.72 -0.28 4.25
CA LEU B 29 18.35 -1.02 3.12
C LEU B 29 17.40 -1.06 1.93
N ARG B 30 16.21 -1.57 2.13
CA ARG B 30 15.20 -1.64 1.02
C ARG B 30 13.93 -2.35 1.51
N GLU B 31 12.89 -2.35 0.70
CA GLU B 31 11.62 -3.02 1.11
C GLU B 31 11.67 -4.50 0.73
N GLU B 32 11.07 -5.35 1.55
CA GLU B 32 11.09 -6.81 1.28
C GLU B 32 9.77 -7.25 0.63
N GLY B 33 9.69 -7.22 -0.68
CA GLY B 33 8.43 -7.65 -1.37
C GLY B 33 8.07 -6.70 -2.53
N PRO B 34 7.05 -7.09 -3.26
CA PRO B 34 6.55 -6.31 -4.41
C PRO B 34 5.62 -5.18 -3.97
N ALA B 35 5.64 -4.07 -4.67
CA ALA B 35 4.75 -2.91 -4.32
C ALA B 35 5.13 -2.34 -2.93
N HIS B 36 4.26 -1.57 -2.35
CA HIS B 36 4.55 -0.99 -1.00
C HIS B 36 3.90 -1.85 0.09
N MET B 37 3.78 -1.34 1.30
CA MET B 37 3.16 -2.15 2.40
C MET B 37 4.01 -3.42 2.64
N LYS B 38 5.29 -3.33 2.43
CA LYS B 38 6.17 -4.51 2.63
C LYS B 38 7.13 -4.26 3.80
N ASN B 39 7.91 -5.25 4.17
CA ASN B 39 8.86 -5.06 5.31
C ASN B 39 9.96 -4.08 4.88
N PHE B 40 10.35 -3.20 5.75
CA PHE B 40 11.42 -2.21 5.39
C PHE B 40 12.64 -2.42 6.30
N ILE B 41 13.46 -3.40 5.99
CA ILE B 41 14.67 -3.66 6.84
C ILE B 41 15.48 -2.36 6.99
N THR B 42 15.63 -1.89 8.19
CA THR B 42 16.37 -0.61 8.42
C THR B 42 17.62 -0.88 9.28
N ALA B 43 18.77 -0.43 8.84
CA ALA B 43 20.00 -0.69 9.65
C ALA B 43 20.46 0.59 10.38
N CYS B 44 21.15 0.41 11.46
CA CYS B 44 21.65 1.57 12.23
C CYS B 44 23.05 1.21 12.80
N ILE B 45 23.81 2.20 13.20
CA ILE B 45 25.20 1.93 13.71
C ILE B 45 26.03 1.33 12.57
N VAL B 46 25.83 0.07 12.27
CA VAL B 46 26.55 -0.61 11.13
C VAL B 46 28.09 -0.51 11.18
N GLY B 47 28.65 0.68 11.23
CA GLY B 47 30.14 0.86 11.24
C GLY B 47 30.84 -0.12 12.19
N SER B 48 31.14 -1.31 11.71
CA SER B 48 31.83 -2.34 12.56
C SER B 48 30.96 -2.73 13.78
N ILE B 49 29.75 -2.22 13.88
CA ILE B 49 28.88 -2.57 15.05
C ILE B 49 27.39 -2.53 14.62
N VAL B 50 26.55 -3.18 15.39
CA VAL B 50 25.09 -3.22 15.10
C VAL B 50 24.79 -3.90 13.74
N THR B 51 24.27 -3.17 12.76
CA THR B 51 23.93 -3.74 11.39
C THR B 51 22.45 -3.41 11.05
N GLU B 52 21.83 -4.20 10.20
CA GLU B 52 20.41 -3.94 9.82
C GLU B 52 19.42 -4.31 10.95
N GLY B 53 18.16 -4.03 10.73
CA GLY B 53 17.10 -4.36 11.73
C GLY B 53 15.81 -4.68 10.97
N GLU B 54 15.11 -5.71 11.36
CA GLU B 54 13.86 -6.09 10.63
C GLU B 54 12.68 -5.19 11.06
N GLY B 55 12.61 -4.00 10.51
CA GLY B 55 11.49 -3.06 10.85
C GLY B 55 10.31 -3.27 9.91
N ASN B 56 9.14 -2.85 10.31
CA ASN B 56 7.93 -3.03 9.42
C ASN B 56 7.96 -2.02 8.26
N GLY B 57 7.79 -0.75 8.53
CA GLY B 57 7.79 0.25 7.42
C GLY B 57 8.04 1.67 7.95
N LYS B 58 7.40 2.66 7.35
CA LYS B 58 7.57 4.09 7.78
C LYS B 58 7.00 4.32 9.19
N LYS B 59 7.59 3.69 10.18
CA LYS B 59 7.13 3.83 11.60
C LYS B 59 7.85 2.81 12.47
N VAL B 60 7.62 1.54 12.24
CA VAL B 60 8.28 0.48 13.04
C VAL B 60 9.79 0.42 12.74
N SER B 61 10.15 0.44 11.48
CA SER B 61 11.61 0.37 11.11
C SER B 61 12.39 1.52 11.74
N LYS B 62 11.86 2.71 11.65
CA LYS B 62 12.57 3.90 12.24
C LYS B 62 12.53 3.86 13.78
N LYS B 63 11.68 3.05 14.37
CA LYS B 63 11.61 2.97 15.86
C LYS B 63 12.20 1.65 16.36
N ARG B 64 11.68 0.54 15.89
CA ARG B 64 12.20 -0.78 16.33
C ARG B 64 13.72 -0.87 16.13
N ALA B 65 14.19 -0.55 14.95
CA ALA B 65 15.65 -0.59 14.68
C ALA B 65 16.38 0.41 15.59
N ALA B 66 15.92 1.63 15.66
CA ALA B 66 16.58 2.67 16.52
C ALA B 66 16.61 2.23 17.99
N GLU B 67 15.50 1.83 18.55
CA GLU B 67 15.48 1.39 19.98
C GLU B 67 16.57 0.34 20.22
N LYS B 68 16.62 -0.67 19.39
CA LYS B 68 17.65 -1.73 19.55
C LYS B 68 19.05 -1.06 19.59
N MET B 69 19.25 -0.03 18.81
CA MET B 69 20.57 0.69 18.82
C MET B 69 20.88 1.14 20.25
N LEU B 70 19.94 1.78 20.89
CA LEU B 70 20.16 2.25 22.30
C LEU B 70 20.24 1.02 23.22
N VAL B 71 19.36 0.07 23.06
CA VAL B 71 19.37 -1.16 23.91
C VAL B 71 20.75 -1.85 23.81
N GLU B 72 21.27 -1.99 22.62
CA GLU B 72 22.60 -2.65 22.45
C GLU B 72 23.73 -1.72 22.90
N LEU B 73 23.79 -0.52 22.36
CA LEU B 73 24.88 0.44 22.74
C LEU B 73 24.85 0.74 24.25
N GLN B 74 23.71 0.70 24.87
CA GLN B 74 23.64 0.99 26.34
C GLN B 74 24.12 -0.24 27.15
N LYS B 75 24.37 -1.37 26.53
CA LYS B 75 24.84 -2.58 27.29
C LYS B 75 26.23 -3.03 26.84
N LEU B 76 26.56 -2.85 25.57
CA LEU B 76 27.89 -3.23 25.00
C LEU B 76 28.33 -4.66 25.42
#